data_2K7N
#
_entry.id   2K7N
#
_entity_poly.entity_id   1
_entity_poly.type   'polypeptide(L)'
_entity_poly.pdbx_seq_one_letter_code
;MAAIPPDSWQPPNVYLETSMGIIVLELYWKHAPKTCKNFAELARRGYYNGTKFHRIIKDFMIQGGDPTGTGRGGASIYGK
QFEDELHPDLKFTGAGILAMANAGPDTNGSQFFVTLAPTQWLDGKHTIFGRVCQGIGMVNRVGMVETNSQDRPVDDVKII
KAYPSGGGGSGGGSGGGSGGGSGDGGAFPEIHVAQYPLDMGRK
;
_entity_poly.pdbx_strand_id   A
#
# COMPACT_ATOMS: atom_id res chain seq x y z
N MET A 1 -11.56 24.57 -3.90
CA MET A 1 -12.65 24.14 -3.01
C MET A 1 -12.16 23.03 -2.07
N ALA A 2 -12.34 23.25 -0.77
CA ALA A 2 -11.84 22.30 0.22
C ALA A 2 -12.96 21.76 1.09
N ALA A 3 -13.18 20.46 1.01
CA ALA A 3 -14.17 19.79 1.85
C ALA A 3 -13.57 19.46 3.21
N ILE A 4 -12.32 19.05 3.20
CA ILE A 4 -11.62 18.66 4.41
C ILE A 4 -10.30 19.39 4.50
N PRO A 5 -10.16 20.29 5.49
CA PRO A 5 -8.93 21.04 5.72
C PRO A 5 -7.87 20.18 6.40
N PRO A 6 -6.76 19.89 5.69
CA PRO A 6 -5.64 19.14 6.25
C PRO A 6 -4.88 19.95 7.28
N ASP A 7 -4.55 21.19 6.91
CA ASP A 7 -3.81 22.12 7.77
C ASP A 7 -2.64 21.44 8.47
N SER A 8 -1.67 21.07 7.67
CA SER A 8 -0.48 20.36 8.13
C SER A 8 0.38 20.03 6.91
N TRP A 9 1.44 19.27 7.11
CA TRP A 9 2.26 18.83 6.01
C TRP A 9 1.98 17.36 5.68
N GLN A 10 1.54 17.10 4.47
CA GLN A 10 1.31 15.73 4.02
C GLN A 10 2.36 15.33 2.99
N PRO A 11 3.39 14.59 3.41
CA PRO A 11 4.37 14.02 2.49
C PRO A 11 3.71 13.01 1.56
N PRO A 12 4.16 12.91 0.30
CA PRO A 12 3.60 11.98 -0.68
C PRO A 12 3.93 10.53 -0.34
N ASN A 13 4.74 10.36 0.70
CA ASN A 13 5.26 9.07 1.11
C ASN A 13 5.05 8.90 2.61
N VAL A 14 4.71 7.69 3.04
CA VAL A 14 4.50 7.41 4.44
C VAL A 14 5.17 6.10 4.82
N TYR A 15 5.47 5.93 6.11
CA TYR A 15 6.07 4.69 6.56
C TYR A 15 5.20 4.03 7.62
N LEU A 16 4.94 2.75 7.42
CA LEU A 16 4.12 1.97 8.35
C LEU A 16 4.98 0.96 9.08
N GLU A 17 5.34 1.23 10.32
CA GLU A 17 6.12 0.30 11.10
C GLU A 17 5.20 -0.75 11.69
N THR A 18 5.32 -1.96 11.19
CA THR A 18 4.43 -3.04 11.60
C THR A 18 5.10 -3.93 12.64
N SER A 19 4.38 -4.94 13.08
CA SER A 19 4.91 -5.91 14.03
C SER A 19 6.00 -6.77 13.38
N MET A 20 6.02 -6.76 12.06
CA MET A 20 7.00 -7.54 11.31
C MET A 20 8.22 -6.69 10.95
N GLY A 21 7.98 -5.45 10.57
CA GLY A 21 9.07 -4.57 10.18
C GLY A 21 8.58 -3.19 9.85
N ILE A 22 8.94 -2.69 8.69
CA ILE A 22 8.46 -1.40 8.23
C ILE A 22 8.06 -1.47 6.76
N ILE A 23 6.94 -0.85 6.44
CA ILE A 23 6.45 -0.81 5.08
C ILE A 23 6.30 0.64 4.64
N VAL A 24 7.18 1.08 3.76
CA VAL A 24 7.11 2.44 3.26
C VAL A 24 6.40 2.44 1.92
N LEU A 25 5.43 3.33 1.75
CA LEU A 25 4.71 3.41 0.48
C LEU A 25 4.30 4.83 0.19
N GLU A 26 4.03 5.10 -1.07
CA GLU A 26 3.63 6.43 -1.48
C GLU A 26 2.32 6.37 -2.24
N LEU A 27 1.71 7.53 -2.38
CA LEU A 27 0.43 7.63 -3.06
C LEU A 27 0.63 8.37 -4.36
N TYR A 28 -0.29 8.20 -5.29
CA TYR A 28 -0.19 8.88 -6.56
C TYR A 28 -0.80 10.27 -6.50
N TRP A 29 0.02 11.23 -6.12
CA TRP A 29 -0.37 12.63 -6.15
C TRP A 29 -0.24 13.14 -7.57
N LYS A 30 0.24 12.26 -8.42
CA LYS A 30 0.50 12.56 -9.81
C LYS A 30 -0.77 12.52 -10.64
N HIS A 31 -1.61 11.53 -10.36
CA HIS A 31 -2.78 11.31 -11.21
C HIS A 31 -4.05 11.13 -10.37
N ALA A 32 -3.89 10.85 -9.09
CA ALA A 32 -5.03 10.57 -8.23
C ALA A 32 -5.15 11.58 -7.12
N PRO A 33 -5.85 12.70 -7.37
CA PRO A 33 -5.96 13.80 -6.42
C PRO A 33 -6.82 13.46 -5.20
N LYS A 34 -7.61 12.40 -5.33
CA LYS A 34 -8.45 11.98 -4.21
C LYS A 34 -7.70 10.96 -3.35
N THR A 35 -7.24 9.91 -4.01
CA THR A 35 -6.58 8.81 -3.34
C THR A 35 -5.39 9.28 -2.50
N CYS A 36 -4.59 10.17 -3.08
CA CYS A 36 -3.41 10.68 -2.39
C CYS A 36 -3.81 11.47 -1.15
N LYS A 37 -4.91 12.21 -1.25
CA LYS A 37 -5.38 13.04 -0.15
C LYS A 37 -6.00 12.19 0.94
N ASN A 38 -6.73 11.15 0.53
CA ASN A 38 -7.40 10.27 1.48
C ASN A 38 -6.41 9.61 2.42
N PHE A 39 -5.47 8.87 1.85
CA PHE A 39 -4.47 8.17 2.64
C PHE A 39 -3.63 9.15 3.47
N ALA A 40 -3.21 10.24 2.83
CA ALA A 40 -2.43 11.27 3.52
C ALA A 40 -3.20 11.86 4.69
N GLU A 41 -4.48 12.15 4.48
CA GLU A 41 -5.32 12.70 5.54
C GLU A 41 -5.39 11.77 6.74
N LEU A 42 -5.59 10.49 6.49
CA LEU A 42 -5.68 9.51 7.57
C LEU A 42 -4.30 9.25 8.17
N ALA A 43 -3.26 9.51 7.41
CA ALA A 43 -1.89 9.35 7.88
C ALA A 43 -1.54 10.44 8.90
N ARG A 44 -1.84 11.69 8.56
CA ARG A 44 -1.55 12.81 9.46
C ARG A 44 -2.55 12.85 10.61
N ARG A 45 -3.64 12.10 10.48
CA ARG A 45 -4.60 11.93 11.54
C ARG A 45 -4.02 10.95 12.58
N GLY A 46 -3.60 9.80 12.09
CA GLY A 46 -3.15 8.74 12.96
C GLY A 46 -4.13 7.58 12.98
N TYR A 47 -4.57 7.20 11.79
CA TYR A 47 -5.58 6.16 11.63
C TYR A 47 -4.94 4.78 11.54
N TYR A 48 -3.75 4.72 10.94
CA TYR A 48 -3.08 3.44 10.70
C TYR A 48 -2.55 2.85 12.00
N ASN A 49 -2.50 3.66 13.03
CA ASN A 49 -1.98 3.24 14.34
C ASN A 49 -2.98 2.34 15.07
N GLY A 50 -4.01 1.93 14.35
CA GLY A 50 -4.97 0.98 14.88
C GLY A 50 -5.48 0.05 13.81
N THR A 51 -4.68 -0.14 12.77
CA THR A 51 -5.09 -0.97 11.64
C THR A 51 -4.22 -2.21 11.52
N LYS A 52 -4.71 -3.21 10.81
CA LYS A 52 -4.01 -4.48 10.69
C LYS A 52 -4.12 -5.01 9.28
N PHE A 53 -3.28 -5.96 8.92
CA PHE A 53 -3.42 -6.63 7.63
C PHE A 53 -4.48 -7.72 7.75
N HIS A 54 -5.55 -7.57 6.98
CA HIS A 54 -6.71 -8.40 7.16
C HIS A 54 -6.74 -9.55 6.17
N ARG A 55 -6.09 -9.34 5.02
CA ARG A 55 -6.04 -10.37 3.98
C ARG A 55 -4.63 -10.55 3.47
N ILE A 56 -4.07 -11.72 3.67
CA ILE A 56 -2.71 -12.02 3.26
C ILE A 56 -2.72 -13.27 2.41
N ILE A 57 -2.78 -13.10 1.11
CA ILE A 57 -2.77 -14.22 0.20
C ILE A 57 -1.42 -14.31 -0.50
N LYS A 58 -0.76 -15.46 -0.40
CA LYS A 58 0.54 -15.65 -1.01
C LYS A 58 0.50 -15.45 -2.52
N ASP A 59 1.43 -14.65 -3.02
CA ASP A 59 1.53 -14.35 -4.45
C ASP A 59 0.25 -13.73 -5.00
N PHE A 60 -0.49 -13.05 -4.14
CA PHE A 60 -1.76 -12.48 -4.54
C PHE A 60 -1.79 -11.01 -4.16
N MET A 61 -2.22 -10.75 -2.93
CA MET A 61 -2.35 -9.39 -2.43
C MET A 61 -2.40 -9.41 -0.91
N ILE A 62 -2.06 -8.29 -0.32
CA ILE A 62 -2.06 -8.15 1.13
C ILE A 62 -2.85 -6.91 1.52
N GLN A 63 -4.07 -7.14 1.96
CA GLN A 63 -4.98 -6.07 2.34
C GLN A 63 -4.64 -5.57 3.74
N GLY A 64 -4.44 -4.27 3.87
CA GLY A 64 -4.09 -3.69 5.14
C GLY A 64 -4.99 -2.54 5.52
N GLY A 65 -5.39 -2.52 6.78
CA GLY A 65 -6.21 -1.43 7.28
C GLY A 65 -7.41 -1.93 8.05
N ASP A 66 -8.55 -1.31 7.79
CA ASP A 66 -9.83 -1.67 8.39
C ASP A 66 -9.73 -1.85 9.90
N PRO A 67 -9.81 -0.74 10.65
CA PRO A 67 -9.77 -0.78 12.12
C PRO A 67 -11.04 -1.38 12.70
N THR A 68 -12.07 -1.40 11.90
CA THR A 68 -13.38 -1.86 12.32
C THR A 68 -13.49 -3.37 12.25
N GLY A 69 -12.83 -3.96 11.25
CA GLY A 69 -12.92 -5.38 11.04
C GLY A 69 -14.24 -5.78 10.39
N THR A 70 -14.81 -4.86 9.62
CA THR A 70 -16.12 -5.10 9.01
C THR A 70 -16.05 -5.09 7.48
N GLY A 71 -14.99 -4.54 6.92
CA GLY A 71 -14.84 -4.56 5.47
C GLY A 71 -14.93 -3.18 4.83
N ARG A 72 -15.16 -2.15 5.64
CA ARG A 72 -15.23 -0.79 5.11
C ARG A 72 -14.30 0.16 5.86
N GLY A 73 -13.70 -0.32 6.94
CA GLY A 73 -12.75 0.47 7.70
C GLY A 73 -13.40 1.61 8.48
N GLY A 74 -12.57 2.56 8.91
CA GLY A 74 -13.08 3.73 9.61
C GLY A 74 -13.42 4.85 8.66
N ALA A 75 -12.43 5.68 8.34
CA ALA A 75 -12.57 6.73 7.33
C ALA A 75 -13.68 7.72 7.67
N SER A 76 -13.87 7.95 8.96
CA SER A 76 -14.99 8.75 9.44
C SER A 76 -14.74 10.25 9.27
N ILE A 77 -13.58 10.61 8.71
CA ILE A 77 -13.24 12.02 8.55
C ILE A 77 -14.04 12.66 7.42
N TYR A 78 -14.40 11.86 6.41
CA TYR A 78 -15.19 12.38 5.30
C TYR A 78 -16.62 11.86 5.35
N GLY A 79 -16.89 11.09 6.38
CA GLY A 79 -18.27 10.71 6.68
C GLY A 79 -18.76 9.54 5.86
N LYS A 80 -19.12 9.81 4.63
CA LYS A 80 -19.66 8.80 3.74
C LYS A 80 -18.56 8.14 2.93
N GLN A 81 -18.95 7.34 1.96
CA GLN A 81 -17.99 6.71 1.07
C GLN A 81 -17.83 7.54 -0.20
N PHE A 82 -16.77 7.29 -0.95
CA PHE A 82 -16.42 8.17 -2.07
C PHE A 82 -16.65 7.47 -3.39
N GLU A 83 -16.85 8.28 -4.43
CA GLU A 83 -17.16 7.79 -5.78
C GLU A 83 -16.15 6.77 -6.27
N ASP A 84 -16.58 5.98 -7.24
CA ASP A 84 -15.73 4.98 -7.84
C ASP A 84 -14.73 5.61 -8.79
N GLU A 85 -13.47 5.65 -8.36
CA GLU A 85 -12.39 6.22 -9.16
C GLU A 85 -11.67 5.11 -9.90
N LEU A 86 -12.37 3.99 -10.05
CA LEU A 86 -11.81 2.77 -10.62
C LEU A 86 -11.28 3.00 -12.03
N HIS A 87 -9.99 3.23 -12.13
CA HIS A 87 -9.33 3.43 -13.41
C HIS A 87 -7.82 3.38 -13.22
N PRO A 88 -7.25 2.17 -13.26
CA PRO A 88 -5.80 1.99 -13.23
C PRO A 88 -5.13 2.51 -14.50
N ASP A 89 -4.67 3.76 -14.46
CA ASP A 89 -3.91 4.33 -15.57
C ASP A 89 -2.57 3.64 -15.67
N LEU A 90 -2.11 3.12 -14.54
CA LEU A 90 -0.92 2.31 -14.48
C LEU A 90 -1.28 0.88 -14.86
N LYS A 91 -0.30 0.02 -14.90
CA LYS A 91 -0.58 -1.38 -15.13
C LYS A 91 0.18 -2.26 -14.15
N PHE A 92 -0.29 -3.48 -13.99
CA PHE A 92 0.34 -4.46 -13.11
C PHE A 92 1.65 -4.93 -13.71
N THR A 93 2.66 -4.10 -13.58
CA THR A 93 3.98 -4.36 -14.13
C THR A 93 4.67 -5.51 -13.40
N GLY A 94 4.52 -5.54 -12.08
CA GLY A 94 5.05 -6.62 -11.30
C GLY A 94 4.42 -6.69 -9.92
N ALA A 95 5.20 -7.12 -8.94
CA ALA A 95 4.74 -7.18 -7.56
C ALA A 95 5.08 -5.89 -6.82
N GLY A 96 4.21 -5.49 -5.91
CA GLY A 96 4.46 -4.29 -5.14
C GLY A 96 3.55 -3.17 -5.55
N ILE A 97 2.41 -3.53 -6.13
CA ILE A 97 1.45 -2.55 -6.59
C ILE A 97 0.51 -2.18 -5.47
N LEU A 98 0.62 -0.95 -5.00
CA LEU A 98 -0.22 -0.46 -3.93
C LEU A 98 -1.55 0.04 -4.50
N ALA A 99 -2.63 -0.54 -4.04
CA ALA A 99 -3.95 -0.14 -4.51
C ALA A 99 -4.86 0.20 -3.34
N MET A 100 -5.95 0.88 -3.65
CA MET A 100 -6.91 1.32 -2.65
C MET A 100 -8.00 0.28 -2.49
N ALA A 101 -8.33 -0.03 -1.24
CA ALA A 101 -9.31 -1.06 -0.95
C ALA A 101 -10.68 -0.45 -0.72
N ASN A 102 -11.72 -1.21 -1.03
CA ASN A 102 -13.09 -0.73 -0.97
C ASN A 102 -14.06 -1.87 -0.78
N ALA A 103 -15.25 -1.55 -0.30
CA ALA A 103 -16.26 -2.58 -0.03
C ALA A 103 -17.24 -2.71 -1.18
N GLY A 104 -17.18 -1.73 -2.07
CA GLY A 104 -18.00 -1.75 -3.26
C GLY A 104 -17.44 -0.78 -4.26
N PRO A 105 -18.03 -0.64 -5.45
CA PRO A 105 -17.54 0.26 -6.49
C PRO A 105 -17.28 1.67 -5.95
N ASP A 106 -18.27 2.22 -5.27
CA ASP A 106 -18.15 3.57 -4.70
C ASP A 106 -18.21 3.50 -3.19
N THR A 107 -17.95 2.33 -2.65
CA THR A 107 -17.86 2.18 -1.21
C THR A 107 -16.39 2.13 -0.82
N ASN A 108 -15.66 3.12 -1.32
CA ASN A 108 -14.22 3.23 -1.10
C ASN A 108 -13.94 3.75 0.31
N GLY A 109 -12.99 3.12 0.99
CA GLY A 109 -12.69 3.49 2.35
C GLY A 109 -11.26 3.93 2.53
N SER A 110 -10.76 3.84 3.75
CA SER A 110 -9.41 4.27 4.07
C SER A 110 -8.43 3.10 4.02
N GLN A 111 -8.91 1.97 3.54
CA GLN A 111 -8.11 0.76 3.50
C GLN A 111 -7.34 0.65 2.18
N PHE A 112 -6.27 -0.15 2.20
CA PHE A 112 -5.44 -0.33 1.03
C PHE A 112 -4.97 -1.78 0.94
N PHE A 113 -4.25 -2.11 -0.12
CA PHE A 113 -3.64 -3.42 -0.23
C PHE A 113 -2.49 -3.40 -1.25
N VAL A 114 -1.53 -4.28 -1.05
CA VAL A 114 -0.40 -4.41 -1.96
C VAL A 114 -0.50 -5.73 -2.69
N THR A 115 -0.14 -5.74 -3.96
CA THR A 115 -0.23 -6.94 -4.76
C THR A 115 1.11 -7.65 -4.81
N LEU A 116 1.11 -8.95 -4.54
CA LEU A 116 2.32 -9.75 -4.59
C LEU A 116 2.57 -10.27 -6.01
N ALA A 117 1.61 -10.02 -6.88
CA ALA A 117 1.73 -10.39 -8.29
C ALA A 117 0.88 -9.47 -9.15
N PRO A 118 1.07 -9.47 -10.47
CA PRO A 118 0.26 -8.67 -11.40
C PRO A 118 -1.22 -9.03 -11.31
N THR A 119 -1.98 -8.14 -10.71
CA THR A 119 -3.40 -8.37 -10.46
C THR A 119 -4.27 -7.81 -11.57
N GLN A 120 -4.77 -8.68 -12.43
CA GLN A 120 -5.68 -8.26 -13.50
C GLN A 120 -7.10 -8.68 -13.17
N TRP A 121 -7.25 -9.25 -11.99
CA TRP A 121 -8.54 -9.76 -11.54
C TRP A 121 -9.28 -8.71 -10.71
N LEU A 122 -8.64 -7.58 -10.47
CA LEU A 122 -9.25 -6.50 -9.69
C LEU A 122 -9.05 -5.15 -10.36
N ASP A 123 -8.70 -5.20 -11.64
CA ASP A 123 -8.42 -4.00 -12.44
C ASP A 123 -9.56 -2.98 -12.34
N GLY A 124 -10.79 -3.49 -12.32
CA GLY A 124 -11.95 -2.61 -12.28
C GLY A 124 -12.76 -2.81 -11.03
N LYS A 125 -12.12 -3.34 -10.00
CA LYS A 125 -12.79 -3.61 -8.75
C LYS A 125 -12.16 -2.80 -7.62
N HIS A 126 -10.88 -2.47 -7.80
CA HIS A 126 -10.16 -1.66 -6.83
C HIS A 126 -9.30 -0.62 -7.54
N THR A 127 -9.46 0.64 -7.15
CA THR A 127 -8.66 1.73 -7.71
C THR A 127 -7.19 1.61 -7.29
N ILE A 128 -6.30 1.50 -8.27
CA ILE A 128 -4.88 1.29 -7.98
C ILE A 128 -4.09 2.58 -8.20
N PHE A 129 -3.49 3.09 -7.12
CA PHE A 129 -2.64 4.29 -7.19
C PHE A 129 -1.68 4.34 -5.99
N GLY A 130 -0.62 3.54 -6.05
CA GLY A 130 0.35 3.52 -4.98
C GLY A 130 1.67 2.86 -5.40
N ARG A 131 2.73 3.09 -4.64
CA ARG A 131 4.01 2.42 -4.87
C ARG A 131 4.68 2.10 -3.54
N VAL A 132 5.05 0.84 -3.36
CA VAL A 132 5.75 0.42 -2.15
C VAL A 132 7.26 0.61 -2.30
N CYS A 133 7.92 1.02 -1.22
CA CYS A 133 9.35 1.30 -1.23
C CYS A 133 9.99 0.92 0.09
N GLN A 134 11.25 0.49 0.02
CA GLN A 134 12.06 0.16 1.20
C GLN A 134 11.32 -0.77 2.18
N GLY A 135 10.49 -1.65 1.66
CA GLY A 135 9.77 -2.56 2.51
C GLY A 135 9.19 -3.73 1.75
N ILE A 136 9.69 -3.95 0.54
CA ILE A 136 9.16 -4.99 -0.32
C ILE A 136 9.60 -6.37 0.19
N GLY A 137 10.78 -6.41 0.80
CA GLY A 137 11.27 -7.64 1.36
C GLY A 137 10.39 -8.10 2.49
N MET A 138 9.90 -7.14 3.28
CA MET A 138 8.98 -7.44 4.36
C MET A 138 7.65 -7.90 3.80
N VAL A 139 7.12 -7.14 2.85
CA VAL A 139 5.86 -7.50 2.17
C VAL A 139 5.97 -8.89 1.55
N ASN A 140 7.17 -9.26 1.16
CA ASN A 140 7.43 -10.56 0.53
C ASN A 140 7.38 -11.68 1.57
N ARG A 141 8.14 -11.52 2.63
CA ARG A 141 8.23 -12.54 3.68
C ARG A 141 6.97 -12.57 4.53
N VAL A 142 6.15 -11.52 4.43
CA VAL A 142 4.90 -11.46 5.15
C VAL A 142 3.76 -11.98 4.28
N GLY A 143 3.87 -11.76 2.98
CA GLY A 143 2.82 -12.19 2.08
C GLY A 143 2.95 -13.65 1.69
N MET A 144 4.13 -14.20 1.82
CA MET A 144 4.36 -15.59 1.42
C MET A 144 3.98 -16.56 2.53
N VAL A 145 3.77 -16.05 3.73
CA VAL A 145 3.45 -16.90 4.87
C VAL A 145 1.94 -17.02 5.06
N GLU A 146 1.48 -18.23 5.34
CA GLU A 146 0.08 -18.47 5.63
C GLU A 146 -0.09 -18.97 7.07
N THR A 147 0.72 -19.95 7.46
CA THR A 147 0.62 -20.53 8.79
C THR A 147 1.92 -20.35 9.57
N ASN A 148 1.78 -20.17 10.87
CA ASN A 148 2.94 -20.00 11.75
C ASN A 148 3.35 -21.36 12.31
N SER A 149 2.36 -22.21 12.53
CA SER A 149 2.58 -23.55 13.03
C SER A 149 1.30 -24.35 12.90
N GLN A 150 1.37 -25.64 13.25
CA GLN A 150 0.26 -26.60 13.09
C GLN A 150 -0.82 -26.17 12.10
N ASP A 151 -1.91 -25.61 12.61
CA ASP A 151 -3.00 -25.12 11.76
C ASP A 151 -3.35 -23.69 12.16
N ARG A 152 -2.37 -23.00 12.70
CA ARG A 152 -2.56 -21.62 13.13
C ARG A 152 -1.90 -20.69 12.12
N PRO A 153 -2.70 -19.85 11.46
CA PRO A 153 -2.20 -18.84 10.52
C PRO A 153 -1.19 -17.93 11.20
N VAL A 154 -0.29 -17.34 10.42
CA VAL A 154 0.67 -16.40 10.97
C VAL A 154 -0.07 -15.29 11.68
N ASP A 155 0.18 -15.19 12.99
CA ASP A 155 -0.50 -14.25 13.86
C ASP A 155 -0.59 -12.87 13.24
N ASP A 156 -1.79 -12.29 13.33
CA ASP A 156 -2.13 -11.05 12.65
C ASP A 156 -1.05 -9.98 12.80
N VAL A 157 -0.63 -9.47 11.66
CA VAL A 157 0.35 -8.40 11.60
C VAL A 157 -0.37 -7.06 11.45
N LYS A 158 -0.03 -6.12 12.30
CA LYS A 158 -0.70 -4.84 12.31
C LYS A 158 0.29 -3.71 12.23
N ILE A 159 -0.21 -2.53 11.93
CA ILE A 159 0.62 -1.35 11.83
C ILE A 159 0.77 -0.72 13.21
N ILE A 160 1.94 -0.90 13.80
CA ILE A 160 2.20 -0.44 15.15
C ILE A 160 2.28 1.09 15.18
N LYS A 161 3.17 1.65 14.37
CA LYS A 161 3.31 3.10 14.25
C LYS A 161 3.39 3.50 12.79
N ALA A 162 2.55 4.45 12.40
CA ALA A 162 2.53 4.93 11.03
C ALA A 162 2.55 6.44 11.01
N TYR A 163 3.53 6.99 10.31
CA TYR A 163 3.69 8.43 10.23
C TYR A 163 4.09 8.82 8.82
N PRO A 164 3.60 9.96 8.33
CA PRO A 164 3.95 10.46 7.00
C PRO A 164 5.32 11.13 6.98
N SER A 165 6.18 10.64 6.11
CA SER A 165 7.53 11.15 5.97
C SER A 165 8.11 10.68 4.64
N GLY A 166 8.80 11.57 3.96
CA GLY A 166 9.30 11.27 2.63
C GLY A 166 10.64 10.57 2.65
N GLY A 167 10.64 9.30 2.28
CA GLY A 167 11.87 8.57 2.13
C GLY A 167 12.30 8.52 0.67
N GLY A 168 13.32 9.29 0.33
CA GLY A 168 13.77 9.37 -1.05
C GLY A 168 14.60 8.17 -1.45
N GLY A 169 15.76 8.02 -0.82
CA GLY A 169 16.65 6.93 -1.16
C GLY A 169 17.70 7.35 -2.17
N SER A 170 18.86 6.72 -2.10
CA SER A 170 19.95 7.04 -3.01
C SER A 170 20.85 5.82 -3.18
N GLY A 171 21.32 5.60 -4.41
CA GLY A 171 22.17 4.45 -4.67
C GLY A 171 23.53 4.88 -5.17
N GLY A 172 24.23 3.97 -5.83
CA GLY A 172 25.53 4.30 -6.38
C GLY A 172 26.28 3.08 -6.86
N GLY A 173 27.17 3.28 -7.83
CA GLY A 173 27.97 2.19 -8.36
C GLY A 173 29.01 2.71 -9.33
N SER A 174 29.84 3.62 -8.84
CA SER A 174 30.82 4.29 -9.67
C SER A 174 32.01 3.38 -9.96
N GLY A 175 32.07 2.88 -11.18
CA GLY A 175 33.13 1.96 -11.54
C GLY A 175 32.60 0.58 -11.82
N GLY A 176 31.46 0.26 -11.22
CA GLY A 176 30.86 -1.05 -11.41
C GLY A 176 29.52 -1.16 -10.75
N GLY A 177 28.49 -0.63 -11.41
CA GLY A 177 27.14 -0.72 -10.89
C GLY A 177 26.45 -1.97 -11.37
N SER A 178 27.08 -3.11 -11.15
CA SER A 178 26.57 -4.40 -11.61
C SER A 178 25.26 -4.76 -10.93
N GLY A 179 25.12 -4.34 -9.68
CA GLY A 179 23.90 -4.61 -8.93
C GLY A 179 22.79 -3.66 -9.30
N GLY A 180 22.65 -2.59 -8.54
CA GLY A 180 21.59 -1.63 -8.79
C GLY A 180 20.39 -1.87 -7.92
N GLY A 181 19.88 -0.80 -7.32
CA GLY A 181 18.76 -0.93 -6.42
C GLY A 181 19.22 -1.11 -4.99
N SER A 182 19.92 -0.12 -4.48
CA SER A 182 20.45 -0.16 -3.12
C SER A 182 19.34 0.06 -2.10
N GLY A 183 18.87 -1.02 -1.52
CA GLY A 183 17.78 -0.94 -0.56
C GLY A 183 16.63 -1.83 -0.94
N ASP A 184 15.41 -1.44 -0.58
CA ASP A 184 14.23 -2.20 -0.95
C ASP A 184 13.28 -1.33 -1.76
N GLY A 185 12.29 -1.97 -2.33
CA GLY A 185 11.29 -1.27 -3.11
C GLY A 185 10.56 -2.22 -4.03
N GLY A 186 9.28 -1.95 -4.27
CA GLY A 186 8.50 -2.79 -5.14
C GLY A 186 8.71 -2.44 -6.59
N ALA A 187 7.86 -2.98 -7.45
CA ALA A 187 7.95 -2.70 -8.87
C ALA A 187 7.32 -1.33 -9.16
N PHE A 188 7.55 -0.81 -10.35
CA PHE A 188 7.04 0.50 -10.71
C PHE A 188 6.00 0.37 -11.81
N PRO A 189 4.72 0.50 -11.46
CA PRO A 189 3.63 0.41 -12.42
C PRO A 189 3.43 1.72 -13.18
N GLU A 190 4.10 2.76 -12.69
CA GLU A 190 3.91 4.11 -13.23
C GLU A 190 4.73 4.34 -14.50
N ILE A 191 5.74 3.50 -14.70
CA ILE A 191 6.63 3.64 -15.85
C ILE A 191 6.08 2.87 -17.05
N HIS A 192 5.10 2.00 -16.78
CA HIS A 192 4.37 1.28 -17.81
C HIS A 192 5.23 0.24 -18.51
N VAL A 193 6.20 -0.30 -17.80
CA VAL A 193 7.04 -1.34 -18.37
C VAL A 193 7.13 -2.53 -17.42
N ALA A 194 7.28 -3.72 -17.96
CA ALA A 194 7.28 -4.93 -17.14
C ALA A 194 8.61 -5.11 -16.42
N GLN A 195 8.52 -5.24 -15.09
CA GLN A 195 9.69 -5.53 -14.27
C GLN A 195 9.22 -6.02 -12.90
N TYR A 196 10.04 -6.83 -12.24
CA TYR A 196 9.68 -7.38 -10.95
C TYR A 196 10.64 -6.92 -9.87
N PRO A 197 10.13 -6.73 -8.65
CA PRO A 197 10.94 -6.27 -7.52
C PRO A 197 11.98 -7.32 -7.10
N LEU A 198 11.52 -8.51 -6.74
CA LEU A 198 12.43 -9.58 -6.30
C LEU A 198 11.94 -10.96 -6.75
N ASP A 199 11.39 -11.03 -7.97
CA ASP A 199 11.05 -12.31 -8.62
C ASP A 199 9.78 -12.96 -8.08
N MET A 200 9.35 -12.57 -6.89
CA MET A 200 8.26 -13.30 -6.21
C MET A 200 6.96 -13.32 -7.01
N GLY A 201 6.79 -12.36 -7.91
CA GLY A 201 5.59 -12.33 -8.72
C GLY A 201 5.72 -13.09 -10.02
N ARG A 202 6.96 -13.45 -10.39
CA ARG A 202 7.20 -14.15 -11.64
C ARG A 202 7.63 -15.59 -11.39
N LYS A 203 8.18 -15.83 -10.21
CA LYS A 203 8.59 -17.17 -9.80
C LYS A 203 7.54 -17.78 -8.88
N MET A 1 -14.53 26.78 3.06
CA MET A 1 -15.48 26.47 1.97
C MET A 1 -16.56 25.50 2.45
N ALA A 2 -16.13 24.37 2.97
CA ALA A 2 -17.04 23.35 3.47
C ALA A 2 -16.41 22.64 4.65
N ALA A 3 -17.06 21.60 5.15
CA ALA A 3 -16.53 20.82 6.24
C ALA A 3 -15.28 20.09 5.81
N ILE A 4 -14.22 20.17 6.63
CA ILE A 4 -12.95 19.51 6.36
C ILE A 4 -12.16 20.21 5.28
N PRO A 5 -11.21 21.06 5.68
CA PRO A 5 -10.23 21.63 4.79
C PRO A 5 -8.97 20.78 4.73
N PRO A 6 -8.77 20.06 3.61
CA PRO A 6 -7.62 19.16 3.43
C PRO A 6 -6.31 19.89 3.57
N ASP A 7 -5.35 19.26 4.25
CA ASP A 7 -4.04 19.86 4.46
C ASP A 7 -3.40 20.18 3.12
N SER A 8 -2.65 21.27 3.07
CA SER A 8 -2.10 21.77 1.82
C SER A 8 -0.74 21.14 1.52
N TRP A 9 -0.20 20.41 2.48
CA TRP A 9 1.05 19.70 2.29
C TRP A 9 0.77 18.21 2.14
N GLN A 10 1.15 17.68 1.00
CA GLN A 10 0.91 16.27 0.69
C GLN A 10 2.15 15.44 0.99
N PRO A 11 2.10 14.60 2.03
CA PRO A 11 3.16 13.65 2.32
C PRO A 11 3.26 12.58 1.24
N PRO A 12 4.35 12.58 0.47
CA PRO A 12 4.52 11.68 -0.67
C PRO A 12 4.53 10.21 -0.26
N ASN A 13 5.18 9.92 0.85
CA ASN A 13 5.40 8.55 1.29
C ASN A 13 5.08 8.43 2.78
N VAL A 14 4.64 7.26 3.20
CA VAL A 14 4.38 7.01 4.61
C VAL A 14 5.08 5.75 5.08
N TYR A 15 5.60 5.80 6.29
CA TYR A 15 6.34 4.69 6.87
C TYR A 15 5.44 3.85 7.76
N LEU A 16 5.37 2.56 7.48
CA LEU A 16 4.55 1.64 8.27
C LEU A 16 5.45 0.67 9.04
N GLU A 17 5.64 0.94 10.32
CA GLU A 17 6.38 0.04 11.19
C GLU A 17 5.45 -1.05 11.68
N THR A 18 5.68 -2.27 11.22
CA THR A 18 4.76 -3.37 11.49
C THR A 18 5.34 -4.34 12.52
N SER A 19 4.54 -5.34 12.88
CA SER A 19 4.98 -6.37 13.81
C SER A 19 6.02 -7.27 13.17
N MET A 20 6.06 -7.27 11.84
CA MET A 20 6.99 -8.09 11.10
C MET A 20 8.27 -7.33 10.81
N GLY A 21 8.13 -6.04 10.49
CA GLY A 21 9.28 -5.21 10.21
C GLY A 21 8.87 -3.79 9.91
N ILE A 22 9.31 -3.28 8.78
CA ILE A 22 8.90 -1.96 8.35
C ILE A 22 8.64 -1.96 6.85
N ILE A 23 7.57 -1.31 6.45
CA ILE A 23 7.19 -1.23 5.04
C ILE A 23 6.70 0.18 4.74
N VAL A 24 7.20 0.79 3.69
CA VAL A 24 6.73 2.11 3.32
C VAL A 24 6.12 2.09 1.93
N LEU A 25 5.17 2.98 1.71
CA LEU A 25 4.55 3.11 0.41
C LEU A 25 4.19 4.55 0.15
N GLU A 26 3.98 4.85 -1.11
CA GLU A 26 3.67 6.20 -1.54
C GLU A 26 2.44 6.17 -2.43
N LEU A 27 1.84 7.33 -2.64
CA LEU A 27 0.61 7.41 -3.41
C LEU A 27 0.91 7.90 -4.82
N TYR A 28 -0.02 7.69 -5.73
CA TYR A 28 0.12 8.21 -7.08
C TYR A 28 -0.36 9.64 -7.20
N TRP A 29 0.58 10.56 -7.19
CA TRP A 29 0.25 11.98 -7.30
C TRP A 29 0.04 12.37 -8.76
N LYS A 30 0.22 11.39 -9.65
CA LYS A 30 0.09 11.62 -11.07
C LYS A 30 -1.36 11.91 -11.46
N HIS A 31 -2.21 10.90 -11.33
CA HIS A 31 -3.58 11.02 -11.77
C HIS A 31 -4.57 10.71 -10.64
N ALA A 32 -4.05 10.61 -9.42
CA ALA A 32 -4.89 10.38 -8.26
C ALA A 32 -4.56 11.35 -7.12
N PRO A 33 -4.69 12.67 -7.35
CA PRO A 33 -4.35 13.69 -6.35
C PRO A 33 -5.28 13.65 -5.15
N LYS A 34 -6.58 13.58 -5.43
CA LYS A 34 -7.59 13.51 -4.37
C LYS A 34 -7.43 12.22 -3.58
N THR A 35 -7.14 11.14 -4.30
CA THR A 35 -6.99 9.83 -3.72
C THR A 35 -5.75 9.79 -2.82
N CYS A 36 -4.68 10.42 -3.30
CA CYS A 36 -3.45 10.55 -2.53
C CYS A 36 -3.72 11.29 -1.23
N LYS A 37 -4.43 12.41 -1.32
CA LYS A 37 -4.73 13.23 -0.16
C LYS A 37 -5.61 12.49 0.83
N ASN A 38 -6.51 11.65 0.32
CA ASN A 38 -7.36 10.81 1.16
C ASN A 38 -6.49 9.97 2.10
N PHE A 39 -5.52 9.26 1.52
CA PHE A 39 -4.62 8.42 2.31
C PHE A 39 -3.72 9.29 3.19
N ALA A 40 -3.20 10.34 2.58
CA ALA A 40 -2.32 11.28 3.27
C ALA A 40 -2.96 11.86 4.53
N GLU A 41 -4.22 12.26 4.42
CA GLU A 41 -4.92 12.84 5.55
C GLU A 41 -5.20 11.80 6.63
N LEU A 42 -5.55 10.59 6.20
CA LEU A 42 -5.76 9.50 7.15
C LEU A 42 -4.45 9.14 7.86
N ALA A 43 -3.34 9.41 7.18
CA ALA A 43 -2.02 9.22 7.77
C ALA A 43 -1.78 10.28 8.84
N ARG A 44 -2.11 11.53 8.51
CA ARG A 44 -1.93 12.63 9.44
C ARG A 44 -2.83 12.47 10.66
N ARG A 45 -3.98 11.85 10.47
CA ARG A 45 -4.87 11.55 11.59
C ARG A 45 -4.29 10.40 12.42
N GLY A 46 -3.74 9.41 11.74
CA GLY A 46 -3.03 8.35 12.42
C GLY A 46 -3.86 7.09 12.55
N TYR A 47 -4.74 6.87 11.58
CA TYR A 47 -5.67 5.76 11.64
C TYR A 47 -4.99 4.44 11.29
N TYR A 48 -3.82 4.53 10.67
CA TYR A 48 -3.08 3.34 10.32
C TYR A 48 -2.42 2.68 11.52
N ASN A 49 -2.30 3.42 12.63
CA ASN A 49 -1.66 2.87 13.82
C ASN A 49 -2.54 1.82 14.48
N GLY A 50 -3.77 1.70 13.99
CA GLY A 50 -4.67 0.67 14.48
C GLY A 50 -5.16 -0.23 13.36
N THR A 51 -4.32 -0.43 12.35
CA THR A 51 -4.68 -1.27 11.21
C THR A 51 -3.86 -2.55 11.18
N LYS A 52 -4.41 -3.59 10.57
CA LYS A 52 -3.77 -4.89 10.52
C LYS A 52 -4.09 -5.58 9.21
N PHE A 53 -3.25 -6.53 8.81
CA PHE A 53 -3.48 -7.28 7.58
C PHE A 53 -4.31 -8.51 7.89
N HIS A 54 -5.46 -8.63 7.24
CA HIS A 54 -6.40 -9.70 7.57
C HIS A 54 -6.39 -10.80 6.52
N ARG A 55 -6.22 -10.42 5.25
CA ARG A 55 -6.22 -11.40 4.17
C ARG A 55 -4.84 -11.50 3.54
N ILE A 56 -4.20 -12.64 3.71
CA ILE A 56 -2.85 -12.84 3.21
C ILE A 56 -2.82 -14.09 2.35
N ILE A 57 -2.97 -13.90 1.06
CA ILE A 57 -2.92 -14.99 0.12
C ILE A 57 -1.52 -15.08 -0.47
N LYS A 58 -0.88 -16.23 -0.31
CA LYS A 58 0.48 -16.44 -0.77
C LYS A 58 0.62 -16.09 -2.25
N ASP A 59 1.50 -15.14 -2.53
CA ASP A 59 1.78 -14.70 -3.91
C ASP A 59 0.50 -14.27 -4.62
N PHE A 60 -0.36 -13.56 -3.88
CA PHE A 60 -1.61 -13.06 -4.43
C PHE A 60 -1.78 -11.59 -4.05
N MET A 61 -2.24 -11.38 -2.82
CA MET A 61 -2.44 -10.04 -2.29
C MET A 61 -2.52 -10.10 -0.77
N ILE A 62 -2.25 -8.97 -0.14
CA ILE A 62 -2.29 -8.85 1.30
C ILE A 62 -3.17 -7.68 1.69
N GLN A 63 -4.39 -7.99 2.09
CA GLN A 63 -5.36 -6.97 2.44
C GLN A 63 -5.16 -6.53 3.89
N GLY A 64 -4.92 -5.24 4.07
CA GLY A 64 -4.67 -4.73 5.41
C GLY A 64 -5.27 -3.37 5.62
N GLY A 65 -5.62 -3.07 6.86
CA GLY A 65 -6.15 -1.79 7.18
C GLY A 65 -7.37 -1.88 8.08
N ASP A 66 -8.27 -0.92 7.94
CA ASP A 66 -9.51 -0.86 8.71
C ASP A 66 -9.22 -0.76 10.20
N PRO A 67 -9.15 0.47 10.74
CA PRO A 67 -8.83 0.73 12.15
C PRO A 67 -9.89 0.17 13.10
N THR A 68 -11.09 -0.04 12.56
CA THR A 68 -12.21 -0.53 13.35
C THR A 68 -12.15 -2.04 13.49
N GLY A 69 -11.55 -2.70 12.52
CA GLY A 69 -11.50 -4.15 12.52
C GLY A 69 -12.84 -4.76 12.16
N THR A 70 -13.63 -4.01 11.40
CA THR A 70 -14.96 -4.47 11.02
C THR A 70 -15.09 -4.61 9.50
N GLY A 71 -14.26 -3.87 8.76
CA GLY A 71 -14.28 -3.98 7.30
C GLY A 71 -15.01 -2.82 6.64
N ARG A 72 -15.36 -1.80 7.41
CA ARG A 72 -16.05 -0.64 6.87
C ARG A 72 -15.71 0.62 7.68
N GLY A 73 -14.58 0.57 8.37
CA GLY A 73 -14.17 1.70 9.18
C GLY A 73 -13.06 2.50 8.53
N GLY A 74 -12.57 3.50 9.24
CA GLY A 74 -11.58 4.39 8.67
C GLY A 74 -12.23 5.49 7.84
N ALA A 75 -11.48 6.55 7.59
CA ALA A 75 -11.98 7.70 6.81
C ALA A 75 -13.22 8.32 7.44
N SER A 76 -13.46 7.99 8.72
CA SER A 76 -14.64 8.43 9.43
C SER A 76 -14.61 9.94 9.67
N ILE A 77 -13.44 10.54 9.46
CA ILE A 77 -13.30 11.98 9.62
C ILE A 77 -14.16 12.72 8.59
N TYR A 78 -14.20 12.20 7.38
CA TYR A 78 -14.99 12.81 6.32
C TYR A 78 -16.47 12.52 6.55
N GLY A 79 -16.74 11.36 7.11
CA GLY A 79 -18.10 11.04 7.51
C GLY A 79 -18.61 9.77 6.87
N LYS A 80 -17.96 9.33 5.81
CA LYS A 80 -18.35 8.11 5.13
C LYS A 80 -17.22 7.64 4.23
N GLN A 81 -17.52 6.64 3.42
CA GLN A 81 -16.54 6.10 2.48
C GLN A 81 -16.28 7.08 1.35
N PHE A 82 -15.20 6.86 0.62
CA PHE A 82 -14.78 7.77 -0.43
C PHE A 82 -15.23 7.24 -1.78
N GLU A 83 -15.63 8.14 -2.65
CA GLU A 83 -16.19 7.79 -3.96
C GLU A 83 -15.18 6.97 -4.76
N ASP A 84 -15.69 6.05 -5.57
CA ASP A 84 -14.83 5.17 -6.33
C ASP A 84 -14.05 5.94 -7.38
N GLU A 85 -12.74 5.78 -7.32
CA GLU A 85 -11.82 6.51 -8.18
C GLU A 85 -11.07 5.50 -9.03
N LEU A 86 -11.74 4.40 -9.31
CA LEU A 86 -11.16 3.26 -10.01
C LEU A 86 -10.46 3.72 -11.29
N HIS A 87 -9.14 3.82 -11.22
CA HIS A 87 -8.36 4.28 -12.34
C HIS A 87 -6.99 3.62 -12.37
N PRO A 88 -6.92 2.37 -12.84
CA PRO A 88 -5.65 1.68 -13.07
C PRO A 88 -4.89 2.28 -14.26
N ASP A 89 -4.46 3.52 -14.10
CA ASP A 89 -3.65 4.22 -15.10
C ASP A 89 -2.24 3.67 -15.09
N LEU A 90 -1.88 3.09 -13.96
CA LEU A 90 -0.62 2.41 -13.79
C LEU A 90 -0.81 0.94 -14.18
N LYS A 91 0.28 0.23 -14.36
CA LYS A 91 0.18 -1.16 -14.75
C LYS A 91 0.70 -2.07 -13.63
N PHE A 92 0.01 -3.18 -13.46
CA PHE A 92 0.44 -4.24 -12.55
C PHE A 92 1.67 -4.95 -13.13
N THR A 93 2.76 -4.24 -13.13
CA THR A 93 4.00 -4.72 -13.72
C THR A 93 4.52 -5.97 -13.01
N GLY A 94 4.42 -5.97 -11.69
CA GLY A 94 4.82 -7.14 -10.93
C GLY A 94 4.25 -7.12 -9.54
N ALA A 95 5.00 -7.61 -8.58
CA ALA A 95 4.59 -7.60 -7.19
C ALA A 95 4.98 -6.29 -6.52
N GLY A 96 4.13 -5.82 -5.62
CA GLY A 96 4.41 -4.59 -4.92
C GLY A 96 3.47 -3.48 -5.33
N ILE A 97 2.31 -3.86 -5.86
CA ILE A 97 1.33 -2.88 -6.29
C ILE A 97 0.42 -2.55 -5.12
N LEU A 98 0.50 -1.31 -4.66
CA LEU A 98 -0.30 -0.85 -3.55
C LEU A 98 -1.63 -0.30 -4.06
N ALA A 99 -2.72 -0.89 -3.61
CA ALA A 99 -4.05 -0.44 -3.98
C ALA A 99 -4.89 -0.23 -2.74
N MET A 100 -5.96 0.53 -2.87
CA MET A 100 -6.87 0.75 -1.76
C MET A 100 -7.97 -0.31 -1.77
N ALA A 101 -8.38 -0.75 -0.61
CA ALA A 101 -9.35 -1.82 -0.51
C ALA A 101 -10.75 -1.27 -0.35
N ASN A 102 -11.56 -1.51 -1.35
CA ASN A 102 -12.96 -1.14 -1.30
C ASN A 102 -13.83 -2.37 -1.34
N ALA A 103 -14.98 -2.27 -0.72
CA ALA A 103 -15.90 -3.40 -0.63
C ALA A 103 -16.78 -3.51 -1.87
N GLY A 104 -17.01 -2.37 -2.52
CA GLY A 104 -17.80 -2.35 -3.73
C GLY A 104 -18.21 -0.95 -4.12
N PRO A 105 -19.49 -0.60 -3.97
CA PRO A 105 -20.01 0.72 -4.35
C PRO A 105 -19.35 1.83 -3.57
N ASP A 106 -18.25 2.33 -4.14
CA ASP A 106 -17.49 3.46 -3.60
C ASP A 106 -17.21 3.30 -2.12
N THR A 107 -17.07 2.07 -1.68
CA THR A 107 -16.78 1.79 -0.29
C THR A 107 -15.28 1.85 -0.05
N ASN A 108 -14.68 2.96 -0.47
CA ASN A 108 -13.26 3.20 -0.29
C ASN A 108 -13.04 3.93 1.02
N GLY A 109 -11.78 4.12 1.42
CA GLY A 109 -11.53 4.88 2.62
C GLY A 109 -10.12 4.74 3.16
N SER A 110 -9.93 3.85 4.13
CA SER A 110 -8.67 3.78 4.85
C SER A 110 -8.13 2.35 4.82
N GLN A 111 -8.72 1.54 3.96
CA GLN A 111 -8.30 0.16 3.81
C GLN A 111 -7.45 0.03 2.56
N PHE A 112 -6.48 -0.87 2.58
CA PHE A 112 -5.59 -1.03 1.44
C PHE A 112 -5.15 -2.49 1.30
N PHE A 113 -4.41 -2.77 0.25
CA PHE A 113 -3.83 -4.09 0.07
C PHE A 113 -2.67 -4.02 -0.91
N VAL A 114 -1.73 -4.93 -0.76
CA VAL A 114 -0.59 -5.01 -1.67
C VAL A 114 -0.68 -6.30 -2.46
N THR A 115 -0.37 -6.22 -3.73
CA THR A 115 -0.43 -7.39 -4.59
C THR A 115 0.92 -8.06 -4.65
N LEU A 116 0.94 -9.34 -4.34
CA LEU A 116 2.16 -10.14 -4.39
C LEU A 116 2.38 -10.67 -5.80
N ALA A 117 1.40 -10.45 -6.65
CA ALA A 117 1.47 -10.84 -8.04
C ALA A 117 0.68 -9.86 -8.91
N PRO A 118 0.94 -9.84 -10.23
CA PRO A 118 0.20 -8.97 -11.17
C PRO A 118 -1.28 -9.35 -11.25
N THR A 119 -2.13 -8.45 -10.79
CA THR A 119 -3.55 -8.69 -10.80
C THR A 119 -4.25 -7.90 -11.90
N GLN A 120 -4.61 -8.56 -12.99
CA GLN A 120 -5.24 -7.90 -14.13
C GLN A 120 -6.75 -8.11 -14.07
N TRP A 121 -7.20 -8.57 -12.91
CA TRP A 121 -8.59 -8.85 -12.69
C TRP A 121 -9.20 -7.84 -11.71
N LEU A 122 -8.40 -6.87 -11.30
CA LEU A 122 -8.84 -5.88 -10.32
C LEU A 122 -8.93 -4.50 -10.93
N ASP A 123 -8.74 -4.43 -12.24
CA ASP A 123 -8.75 -3.19 -12.98
C ASP A 123 -10.02 -2.39 -12.72
N GLY A 124 -11.12 -3.08 -12.47
CA GLY A 124 -12.38 -2.42 -12.25
C GLY A 124 -13.01 -2.84 -10.95
N LYS A 125 -12.19 -3.37 -10.05
CA LYS A 125 -12.69 -3.89 -8.78
C LYS A 125 -12.12 -3.09 -7.62
N HIS A 126 -10.90 -2.60 -7.78
CA HIS A 126 -10.24 -1.85 -6.72
C HIS A 126 -9.44 -0.68 -7.28
N THR A 127 -9.47 0.44 -6.57
CA THR A 127 -8.72 1.62 -6.96
C THR A 127 -7.25 1.46 -6.57
N ILE A 128 -6.40 1.33 -7.58
CA ILE A 128 -4.97 1.13 -7.36
C ILE A 128 -4.22 2.45 -7.50
N PHE A 129 -3.50 2.83 -6.46
CA PHE A 129 -2.66 4.04 -6.52
C PHE A 129 -1.58 4.01 -5.43
N GLY A 130 -0.57 3.18 -5.61
CA GLY A 130 0.48 3.10 -4.63
C GLY A 130 1.74 2.43 -5.12
N ARG A 131 2.85 2.75 -4.48
CA ARG A 131 4.12 2.08 -4.73
C ARG A 131 4.81 1.75 -3.40
N VAL A 132 5.10 0.47 -3.20
CA VAL A 132 5.82 0.04 -2.01
C VAL A 132 7.33 0.20 -2.21
N CYS A 133 8.00 0.67 -1.17
CA CYS A 133 9.44 0.87 -1.24
C CYS A 133 10.09 0.45 0.07
N GLN A 134 11.39 0.15 0.02
CA GLN A 134 12.20 -0.25 1.18
C GLN A 134 11.44 -1.11 2.19
N GLY A 135 10.68 -2.07 1.68
CA GLY A 135 9.93 -2.95 2.55
C GLY A 135 9.35 -4.15 1.82
N ILE A 136 9.89 -4.42 0.62
CA ILE A 136 9.33 -5.46 -0.23
C ILE A 136 9.71 -6.83 0.31
N GLY A 137 10.91 -6.94 0.89
CA GLY A 137 11.34 -8.19 1.47
C GLY A 137 10.43 -8.63 2.58
N MET A 138 9.97 -7.67 3.37
CA MET A 138 9.08 -7.96 4.48
C MET A 138 7.72 -8.37 3.95
N VAL A 139 7.16 -7.56 3.05
CA VAL A 139 5.88 -7.90 2.41
C VAL A 139 5.95 -9.26 1.74
N ASN A 140 7.14 -9.61 1.27
CA ASN A 140 7.33 -10.87 0.57
C ASN A 140 7.23 -12.04 1.54
N ARG A 141 8.00 -11.98 2.61
CA ARG A 141 8.00 -13.06 3.59
C ARG A 141 6.73 -13.05 4.43
N VAL A 142 6.01 -11.94 4.40
CA VAL A 142 4.71 -11.85 5.07
C VAL A 142 3.62 -12.42 4.17
N GLY A 143 3.78 -12.23 2.87
CA GLY A 143 2.82 -12.74 1.93
C GLY A 143 3.01 -14.21 1.64
N MET A 144 4.21 -14.71 1.91
CA MET A 144 4.49 -16.13 1.68
C MET A 144 4.02 -16.99 2.86
N VAL A 145 3.91 -16.40 4.05
CA VAL A 145 3.44 -17.16 5.20
C VAL A 145 1.93 -17.31 5.14
N GLU A 146 1.48 -18.56 5.16
CA GLU A 146 0.08 -18.87 4.99
C GLU A 146 -0.64 -18.92 6.33
N THR A 147 -1.84 -19.49 6.33
CA THR A 147 -2.64 -19.57 7.52
C THR A 147 -2.25 -20.78 8.36
N ASN A 148 -2.43 -20.65 9.67
CA ASN A 148 -2.09 -21.71 10.61
C ASN A 148 -2.99 -22.92 10.39
N SER A 149 -4.20 -22.62 9.94
CA SER A 149 -5.14 -23.65 9.54
C SER A 149 -5.92 -23.15 8.33
N GLN A 150 -6.93 -22.34 8.60
CA GLN A 150 -7.73 -21.74 7.55
C GLN A 150 -8.21 -20.35 7.98
N ASP A 151 -7.92 -19.35 7.15
CA ASP A 151 -8.36 -17.97 7.37
C ASP A 151 -7.67 -17.30 8.55
N ARG A 152 -6.98 -18.09 9.36
CA ARG A 152 -6.25 -17.58 10.51
C ARG A 152 -4.75 -17.67 10.22
N PRO A 153 -4.10 -16.52 10.00
CA PRO A 153 -2.67 -16.47 9.64
C PRO A 153 -1.78 -17.06 10.73
N VAL A 154 -0.70 -17.71 10.32
CA VAL A 154 0.26 -18.26 11.28
C VAL A 154 0.82 -17.15 12.15
N ASP A 155 1.35 -16.13 11.50
CA ASP A 155 1.89 -14.98 12.22
C ASP A 155 1.13 -13.73 11.79
N ASP A 156 0.47 -13.10 12.74
CA ASP A 156 -0.41 -11.96 12.44
C ASP A 156 0.40 -10.68 12.35
N VAL A 157 0.10 -9.86 11.35
CA VAL A 157 0.88 -8.66 11.11
C VAL A 157 0.00 -7.41 11.13
N LYS A 158 0.40 -6.46 11.95
CA LYS A 158 -0.33 -5.21 12.09
C LYS A 158 0.59 -4.05 11.80
N ILE A 159 0.01 -2.88 11.56
CA ILE A 159 0.78 -1.66 11.46
C ILE A 159 0.88 -1.06 12.86
N ILE A 160 1.98 -1.33 13.53
CA ILE A 160 2.15 -0.94 14.93
C ILE A 160 2.21 0.57 15.07
N LYS A 161 3.11 1.18 14.31
CA LYS A 161 3.23 2.62 14.27
C LYS A 161 3.54 3.07 12.85
N ALA A 162 2.83 4.08 12.38
CA ALA A 162 3.05 4.59 11.05
C ALA A 162 3.11 6.12 11.07
N TYR A 163 3.93 6.67 10.19
CA TYR A 163 4.19 8.11 10.18
C TYR A 163 4.47 8.56 8.75
N PRO A 164 3.97 9.75 8.36
CA PRO A 164 4.23 10.30 7.04
C PRO A 164 5.61 10.92 6.96
N SER A 165 6.36 10.60 5.91
CA SER A 165 7.71 11.10 5.75
C SER A 165 8.10 11.22 4.27
N GLY A 166 9.39 11.35 4.01
CA GLY A 166 9.88 11.41 2.65
C GLY A 166 11.38 11.27 2.59
N GLY A 167 11.85 10.50 1.63
CA GLY A 167 13.28 10.31 1.47
C GLY A 167 13.78 10.86 0.16
N GLY A 168 14.96 11.46 0.17
CA GLY A 168 15.52 12.02 -1.03
C GLY A 168 16.90 11.48 -1.32
N GLY A 169 17.07 10.91 -2.50
CA GLY A 169 18.36 10.40 -2.89
C GLY A 169 19.22 11.48 -3.49
N SER A 170 20.28 11.86 -2.78
CA SER A 170 21.19 12.90 -3.26
C SER A 170 21.82 12.50 -4.59
N GLY A 171 21.31 13.07 -5.67
CA GLY A 171 21.81 12.77 -6.99
C GLY A 171 21.30 11.45 -7.54
N GLY A 172 21.22 10.45 -6.67
CA GLY A 172 20.83 9.12 -7.09
C GLY A 172 22.01 8.17 -7.09
N GLY A 173 23.18 8.72 -6.82
CA GLY A 173 24.40 7.94 -6.81
C GLY A 173 25.61 8.83 -7.02
N SER A 174 26.48 8.42 -7.94
CA SER A 174 27.68 9.19 -8.24
C SER A 174 28.19 8.83 -9.62
N GLY A 175 28.68 7.60 -9.76
CA GLY A 175 29.18 7.14 -11.03
C GLY A 175 29.97 5.86 -10.88
N GLY A 176 30.54 5.38 -11.98
CA GLY A 176 31.36 4.18 -11.93
C GLY A 176 30.54 2.90 -12.09
N GLY A 177 29.54 2.76 -11.24
CA GLY A 177 28.67 1.60 -11.30
C GLY A 177 27.21 1.98 -11.33
N SER A 178 26.33 0.98 -11.16
CA SER A 178 24.90 1.22 -11.19
C SER A 178 24.41 1.74 -9.84
N GLY A 179 25.13 1.38 -8.77
CA GLY A 179 24.73 1.78 -7.44
C GLY A 179 24.25 0.61 -6.62
N GLY A 180 24.20 0.80 -5.30
CA GLY A 180 23.79 -0.28 -4.43
C GLY A 180 22.96 0.22 -3.26
N GLY A 181 22.62 1.50 -3.28
CA GLY A 181 21.84 2.08 -2.20
C GLY A 181 20.35 1.79 -2.34
N SER A 182 20.02 0.51 -2.49
CA SER A 182 18.63 0.10 -2.62
C SER A 182 18.45 -1.31 -2.05
N GLY A 183 18.08 -1.38 -0.78
CA GLY A 183 17.83 -2.67 -0.16
C GLY A 183 16.54 -3.29 -0.64
N ASP A 184 15.44 -2.62 -0.37
CA ASP A 184 14.14 -3.14 -0.75
C ASP A 184 13.36 -2.14 -1.58
N GLY A 185 12.29 -2.63 -2.17
CA GLY A 185 11.40 -1.81 -2.98
C GLY A 185 10.60 -2.68 -3.92
N GLY A 186 9.34 -2.35 -4.12
CA GLY A 186 8.50 -3.14 -4.98
C GLY A 186 8.73 -2.82 -6.44
N ALA A 187 7.88 -3.35 -7.29
CA ALA A 187 7.97 -3.11 -8.70
C ALA A 187 7.48 -1.70 -9.03
N PHE A 188 7.76 -1.24 -10.24
CA PHE A 188 7.37 0.09 -10.66
C PHE A 188 6.13 0.00 -11.52
N PRO A 189 4.96 0.26 -10.95
CA PRO A 189 3.70 0.17 -11.66
C PRO A 189 3.44 1.40 -12.54
N GLU A 190 4.27 2.43 -12.37
CA GLU A 190 4.07 3.67 -13.11
C GLU A 190 4.48 3.48 -14.56
N ILE A 191 5.48 2.62 -14.76
CA ILE A 191 5.88 2.25 -16.10
C ILE A 191 4.99 1.09 -16.55
N HIS A 192 4.96 0.84 -17.85
CA HIS A 192 4.08 -0.19 -18.38
C HIS A 192 4.87 -1.33 -19.00
N VAL A 193 5.95 -1.72 -18.32
CA VAL A 193 6.74 -2.85 -18.78
C VAL A 193 6.55 -4.02 -17.82
N ALA A 194 7.29 -5.09 -18.01
CA ALA A 194 7.18 -6.27 -17.14
C ALA A 194 8.47 -6.51 -16.38
N GLN A 195 8.41 -6.36 -15.07
CA GLN A 195 9.56 -6.61 -14.21
C GLN A 195 9.09 -6.97 -12.80
N TYR A 196 9.89 -7.74 -12.09
CA TYR A 196 9.53 -8.17 -10.76
C TYR A 196 10.58 -7.71 -9.75
N PRO A 197 10.14 -7.25 -8.57
CA PRO A 197 11.03 -6.71 -7.53
C PRO A 197 12.09 -7.72 -7.09
N LEU A 198 11.62 -8.88 -6.62
CA LEU A 198 12.52 -9.98 -6.31
C LEU A 198 11.99 -11.28 -6.91
N ASP A 199 11.18 -11.13 -7.97
CA ASP A 199 10.64 -12.25 -8.77
C ASP A 199 9.63 -13.07 -7.98
N MET A 200 9.23 -12.56 -6.82
CA MET A 200 8.24 -13.21 -5.97
C MET A 200 6.95 -13.54 -6.73
N GLY A 201 6.51 -12.62 -7.59
CA GLY A 201 5.25 -12.79 -8.29
C GLY A 201 5.33 -13.76 -9.46
N ARG A 202 6.49 -14.36 -9.65
CA ARG A 202 6.67 -15.36 -10.70
C ARG A 202 6.47 -16.76 -10.15
N LYS A 203 6.24 -16.82 -8.83
CA LYS A 203 6.02 -18.07 -8.10
C LYS A 203 5.08 -19.00 -8.85
N MET A 1 -16.07 27.39 1.70
CA MET A 1 -15.65 26.20 2.46
C MET A 1 -16.01 24.92 1.70
N ALA A 2 -15.44 23.81 2.14
CA ALA A 2 -15.73 22.52 1.55
C ALA A 2 -15.59 21.44 2.60
N ALA A 3 -15.83 20.19 2.21
CA ALA A 3 -15.64 19.06 3.10
C ALA A 3 -14.18 18.66 3.12
N ILE A 4 -13.72 18.17 4.27
CA ILE A 4 -12.35 17.71 4.45
C ILE A 4 -11.39 18.90 4.57
N PRO A 5 -10.88 19.15 5.79
CA PRO A 5 -10.05 20.30 6.09
C PRO A 5 -8.59 20.12 5.66
N PRO A 6 -8.16 20.86 4.62
CA PRO A 6 -6.81 20.79 4.10
C PRO A 6 -5.86 21.71 4.86
N ASP A 7 -5.29 21.22 5.94
CA ASP A 7 -4.35 22.02 6.72
C ASP A 7 -3.01 22.14 6.01
N SER A 8 -2.54 21.02 5.47
CA SER A 8 -1.28 20.97 4.75
C SER A 8 -1.50 20.39 3.36
N TRP A 9 -0.41 20.28 2.59
CA TRP A 9 -0.49 19.65 1.28
C TRP A 9 -0.27 18.14 1.40
N GLN A 10 0.41 17.74 2.48
CA GLN A 10 0.69 16.33 2.79
C GLN A 10 1.74 15.74 1.86
N PRO A 11 2.76 15.09 2.45
CA PRO A 11 3.81 14.42 1.70
C PRO A 11 3.26 13.26 0.85
N PRO A 12 3.72 13.14 -0.40
CA PRO A 12 3.25 12.11 -1.33
C PRO A 12 3.60 10.69 -0.88
N ASN A 13 4.62 10.58 -0.04
CA ASN A 13 5.10 9.29 0.43
C ASN A 13 5.10 9.23 1.95
N VAL A 14 4.68 8.09 2.48
CA VAL A 14 4.63 7.87 3.92
C VAL A 14 5.34 6.56 4.26
N TYR A 15 5.79 6.42 5.50
CA TYR A 15 6.50 5.22 5.87
C TYR A 15 5.74 4.42 6.93
N LEU A 16 5.62 3.12 6.68
CA LEU A 16 4.92 2.22 7.58
C LEU A 16 5.90 1.28 8.27
N GLU A 17 6.10 1.49 9.56
CA GLU A 17 6.97 0.65 10.35
C GLU A 17 6.16 -0.50 10.93
N THR A 18 6.44 -1.70 10.47
CA THR A 18 5.68 -2.87 10.90
C THR A 18 6.48 -3.70 11.88
N SER A 19 5.87 -4.78 12.37
CA SER A 19 6.56 -5.69 13.26
C SER A 19 7.46 -6.64 12.47
N MET A 20 7.35 -6.55 11.15
CA MET A 20 8.16 -7.38 10.26
C MET A 20 9.36 -6.57 9.76
N GLY A 21 9.10 -5.31 9.43
CA GLY A 21 10.16 -4.42 9.00
C GLY A 21 9.63 -3.01 8.83
N ILE A 22 9.99 -2.39 7.72
CA ILE A 22 9.52 -1.05 7.41
C ILE A 22 9.24 -0.96 5.91
N ILE A 23 8.07 -0.46 5.57
CA ILE A 23 7.67 -0.33 4.18
C ILE A 23 7.11 1.06 3.92
N VAL A 24 7.67 1.76 2.95
CA VAL A 24 7.14 3.06 2.59
C VAL A 24 6.39 2.97 1.27
N LEU A 25 5.36 3.75 1.12
CA LEU A 25 4.59 3.76 -0.12
C LEU A 25 4.10 5.17 -0.42
N GLU A 26 3.74 5.39 -1.67
CA GLU A 26 3.31 6.70 -2.10
C GLU A 26 2.06 6.59 -2.95
N LEU A 27 1.40 7.72 -3.15
CA LEU A 27 0.12 7.75 -3.85
C LEU A 27 0.29 8.39 -5.23
N TYR A 28 -0.72 8.23 -6.07
CA TYR A 28 -0.68 8.84 -7.41
C TYR A 28 -1.20 10.26 -7.39
N TRP A 29 -0.27 11.20 -7.29
CA TRP A 29 -0.59 12.61 -7.35
C TRP A 29 -0.58 13.08 -8.79
N LYS A 30 -0.33 12.14 -9.69
CA LYS A 30 -0.22 12.44 -11.11
C LYS A 30 -1.59 12.71 -11.72
N HIS A 31 -2.53 11.80 -11.48
CA HIS A 31 -3.83 11.87 -12.14
C HIS A 31 -4.97 11.57 -11.16
N ALA A 32 -4.64 11.47 -9.87
CA ALA A 32 -5.65 11.26 -8.85
C ALA A 32 -5.49 12.26 -7.72
N PRO A 33 -6.08 13.47 -7.86
CA PRO A 33 -5.89 14.57 -6.92
C PRO A 33 -6.68 14.38 -5.62
N LYS A 34 -7.58 13.40 -5.61
CA LYS A 34 -8.37 13.12 -4.42
C LYS A 34 -7.85 11.90 -3.68
N THR A 35 -7.63 10.82 -4.43
CA THR A 35 -7.24 9.54 -3.85
C THR A 35 -5.93 9.67 -3.07
N CYS A 36 -5.03 10.51 -3.57
CA CYS A 36 -3.76 10.77 -2.90
C CYS A 36 -3.96 11.22 -1.47
N LYS A 37 -4.77 12.25 -1.29
CA LYS A 37 -4.91 12.85 0.01
C LYS A 37 -5.87 12.07 0.87
N ASN A 38 -6.75 11.32 0.24
CA ASN A 38 -7.59 10.39 0.98
C ASN A 38 -6.71 9.50 1.85
N PHE A 39 -5.65 8.98 1.24
CA PHE A 39 -4.70 8.15 1.96
C PHE A 39 -3.77 9.01 2.82
N ALA A 40 -3.20 10.04 2.21
CA ALA A 40 -2.27 10.94 2.90
C ALA A 40 -2.88 11.58 4.15
N GLU A 41 -4.17 11.89 4.10
CA GLU A 41 -4.82 12.56 5.22
C GLU A 41 -5.35 11.54 6.24
N LEU A 42 -5.45 10.28 5.84
CA LEU A 42 -5.62 9.21 6.83
C LEU A 42 -4.29 8.96 7.54
N ALA A 43 -3.20 9.39 6.90
CA ALA A 43 -1.86 9.28 7.49
C ALA A 43 -1.67 10.34 8.57
N ARG A 44 -2.13 11.56 8.32
CA ARG A 44 -2.07 12.62 9.34
C ARG A 44 -2.99 12.30 10.50
N ARG A 45 -4.06 11.55 10.23
CA ARG A 45 -4.91 11.06 11.29
C ARG A 45 -4.16 10.01 12.09
N GLY A 46 -3.39 9.18 11.38
CA GLY A 46 -2.55 8.20 12.03
C GLY A 46 -3.31 6.93 12.32
N TYR A 47 -4.24 6.61 11.43
CA TYR A 47 -5.14 5.48 11.63
C TYR A 47 -4.39 4.16 11.47
N TYR A 48 -3.25 4.22 10.78
CA TYR A 48 -2.46 3.04 10.48
C TYR A 48 -1.94 2.38 11.76
N ASN A 49 -1.76 3.18 12.80
CA ASN A 49 -1.25 2.69 14.06
C ASN A 49 -2.30 1.87 14.75
N GLY A 50 -2.26 0.61 14.47
CA GLY A 50 -3.22 -0.33 15.03
C GLY A 50 -3.90 -1.14 13.95
N THR A 51 -3.39 -1.07 12.73
CA THR A 51 -3.95 -1.81 11.61
C THR A 51 -3.14 -3.07 11.34
N LYS A 52 -3.78 -4.06 10.77
CA LYS A 52 -3.13 -5.34 10.53
C LYS A 52 -3.33 -5.79 9.09
N PHE A 53 -2.43 -6.63 8.61
CA PHE A 53 -2.61 -7.27 7.32
C PHE A 53 -3.52 -8.48 7.51
N HIS A 54 -4.73 -8.38 6.99
CA HIS A 54 -5.76 -9.38 7.25
C HIS A 54 -5.76 -10.47 6.18
N ARG A 55 -5.53 -10.09 4.93
CA ARG A 55 -5.47 -11.06 3.85
C ARG A 55 -4.06 -11.15 3.32
N ILE A 56 -3.41 -12.28 3.50
CA ILE A 56 -2.05 -12.46 3.02
C ILE A 56 -2.00 -13.68 2.12
N ILE A 57 -2.25 -13.47 0.85
CA ILE A 57 -2.17 -14.56 -0.10
C ILE A 57 -0.78 -14.59 -0.71
N LYS A 58 -0.12 -15.73 -0.62
CA LYS A 58 1.20 -15.89 -1.19
C LYS A 58 1.22 -15.50 -2.65
N ASP A 59 2.26 -14.74 -3.03
CA ASP A 59 2.46 -14.31 -4.42
C ASP A 59 1.16 -13.83 -5.08
N PHE A 60 0.31 -13.17 -4.30
CA PHE A 60 -0.97 -12.68 -4.79
C PHE A 60 -1.23 -11.24 -4.35
N MET A 61 -1.68 -11.07 -3.11
CA MET A 61 -2.00 -9.75 -2.59
C MET A 61 -2.05 -9.76 -1.06
N ILE A 62 -1.84 -8.59 -0.47
CA ILE A 62 -1.82 -8.44 0.97
C ILE A 62 -2.68 -7.25 1.39
N GLN A 63 -3.84 -7.54 1.95
CA GLN A 63 -4.73 -6.48 2.44
C GLN A 63 -4.32 -6.04 3.83
N GLY A 64 -4.15 -4.75 4.02
CA GLY A 64 -3.77 -4.23 5.32
C GLY A 64 -4.70 -3.14 5.80
N GLY A 65 -5.13 -3.23 7.05
CA GLY A 65 -5.96 -2.20 7.63
C GLY A 65 -6.88 -2.70 8.72
N ASP A 66 -8.19 -2.66 8.42
CA ASP A 66 -9.27 -2.90 9.38
C ASP A 66 -8.93 -2.48 10.82
N PRO A 67 -8.89 -1.17 11.08
CA PRO A 67 -8.70 -0.65 12.43
C PRO A 67 -9.98 -0.71 13.26
N THR A 68 -11.10 -0.89 12.56
CA THR A 68 -12.40 -0.98 13.21
C THR A 68 -12.91 -2.41 13.23
N GLY A 69 -13.02 -3.00 12.05
CA GLY A 69 -13.53 -4.36 11.95
C GLY A 69 -14.95 -4.39 11.43
N THR A 70 -15.50 -3.22 11.15
CA THR A 70 -16.87 -3.10 10.67
C THR A 70 -16.94 -3.37 9.16
N GLY A 71 -15.77 -3.52 8.54
CA GLY A 71 -15.73 -3.83 7.12
C GLY A 71 -15.36 -2.63 6.27
N ARG A 72 -15.65 -1.44 6.79
CA ARG A 72 -15.35 -0.21 6.06
C ARG A 72 -14.00 0.37 6.48
N GLY A 73 -13.63 0.16 7.73
CA GLY A 73 -12.37 0.69 8.23
C GLY A 73 -12.59 1.91 9.10
N GLY A 74 -11.53 2.69 9.31
CA GLY A 74 -11.64 3.91 10.08
C GLY A 74 -12.23 5.05 9.26
N ALA A 75 -11.36 5.75 8.53
CA ALA A 75 -11.77 6.84 7.65
C ALA A 75 -12.44 7.97 8.43
N SER A 76 -11.89 8.23 9.60
CA SER A 76 -12.46 9.18 10.57
C SER A 76 -12.66 10.56 9.96
N ILE A 77 -11.83 10.91 8.99
CA ILE A 77 -11.83 12.25 8.42
C ILE A 77 -13.03 12.49 7.51
N TYR A 78 -13.40 11.51 6.68
CA TYR A 78 -14.52 11.69 5.78
C TYR A 78 -15.75 10.87 6.20
N GLY A 79 -15.58 10.01 7.19
CA GLY A 79 -16.70 9.28 7.77
C GLY A 79 -17.20 8.15 6.89
N LYS A 80 -18.29 8.40 6.17
CA LYS A 80 -18.86 7.41 5.28
C LYS A 80 -17.93 7.21 4.08
N GLN A 81 -18.14 6.12 3.36
CA GLN A 81 -17.31 5.77 2.21
C GLN A 81 -17.29 6.87 1.15
N PHE A 82 -16.46 6.66 0.15
CA PHE A 82 -16.24 7.66 -0.88
C PHE A 82 -16.69 7.10 -2.22
N GLU A 83 -17.02 7.99 -3.14
CA GLU A 83 -17.50 7.60 -4.46
C GLU A 83 -16.47 6.75 -5.19
N ASP A 84 -16.91 6.00 -6.18
CA ASP A 84 -16.03 5.06 -6.88
C ASP A 84 -14.91 5.79 -7.60
N GLU A 85 -13.69 5.56 -7.12
CA GLU A 85 -12.49 6.13 -7.73
C GLU A 85 -11.94 5.17 -8.77
N LEU A 86 -12.75 4.18 -9.14
CA LEU A 86 -12.36 3.17 -10.11
C LEU A 86 -11.95 3.80 -11.43
N HIS A 87 -10.65 3.82 -11.69
CA HIS A 87 -10.11 4.44 -12.89
C HIS A 87 -8.67 3.98 -13.11
N PRO A 88 -8.48 2.71 -13.49
CA PRO A 88 -7.15 2.15 -13.73
C PRO A 88 -6.53 2.60 -15.05
N ASP A 89 -5.95 3.80 -15.04
CA ASP A 89 -5.20 4.28 -16.20
C ASP A 89 -3.80 3.73 -16.18
N LEU A 90 -3.39 3.27 -15.01
CA LEU A 90 -2.12 2.59 -14.84
C LEU A 90 -2.32 1.11 -15.11
N LYS A 91 -1.25 0.34 -15.06
CA LYS A 91 -1.35 -1.08 -15.29
C LYS A 91 -0.50 -1.84 -14.28
N PHE A 92 -1.06 -2.90 -13.73
CA PHE A 92 -0.34 -3.80 -12.85
C PHE A 92 0.78 -4.49 -13.63
N THR A 93 1.92 -3.85 -13.62
CA THR A 93 3.08 -4.31 -14.35
C THR A 93 3.68 -5.55 -13.69
N GLY A 94 3.91 -5.46 -12.40
CA GLY A 94 4.41 -6.59 -11.66
C GLY A 94 3.92 -6.60 -10.24
N ALA A 95 4.83 -6.82 -9.30
CA ALA A 95 4.50 -6.85 -7.89
C ALA A 95 4.82 -5.51 -7.24
N GLY A 96 4.02 -5.14 -6.26
CA GLY A 96 4.25 -3.90 -5.54
C GLY A 96 3.23 -2.86 -5.91
N ILE A 97 2.10 -3.30 -6.42
CA ILE A 97 1.05 -2.39 -6.85
C ILE A 97 0.16 -2.07 -5.66
N LEU A 98 0.23 -0.84 -5.20
CA LEU A 98 -0.52 -0.40 -4.05
C LEU A 98 -1.90 0.10 -4.48
N ALA A 99 -2.94 -0.56 -3.99
CA ALA A 99 -4.29 -0.21 -4.37
C ALA A 99 -5.17 -0.02 -3.16
N MET A 100 -6.39 0.43 -3.41
CA MET A 100 -7.33 0.77 -2.36
C MET A 100 -8.33 -0.35 -2.17
N ALA A 101 -8.49 -0.80 -0.94
CA ALA A 101 -9.41 -1.88 -0.66
C ALA A 101 -10.80 -1.36 -0.33
N ASN A 102 -11.74 -1.68 -1.20
CA ASN A 102 -13.12 -1.27 -1.04
C ASN A 102 -14.03 -2.49 -0.97
N ALA A 103 -15.22 -2.30 -0.44
CA ALA A 103 -16.16 -3.40 -0.27
C ALA A 103 -17.14 -3.47 -1.44
N GLY A 104 -17.34 -2.33 -2.07
CA GLY A 104 -18.22 -2.26 -3.21
C GLY A 104 -17.79 -1.12 -4.12
N PRO A 105 -18.52 -0.85 -5.20
CA PRO A 105 -18.18 0.19 -6.17
C PRO A 105 -17.82 1.51 -5.49
N ASP A 106 -18.70 2.00 -4.65
CA ASP A 106 -18.47 3.25 -3.94
C ASP A 106 -18.39 3.01 -2.44
N THR A 107 -18.20 1.77 -2.05
CA THR A 107 -18.00 1.44 -0.66
C THR A 107 -16.51 1.44 -0.37
N ASN A 108 -15.87 2.56 -0.73
CA ASN A 108 -14.44 2.71 -0.60
C ASN A 108 -14.08 3.21 0.79
N GLY A 109 -13.51 2.33 1.58
CA GLY A 109 -13.07 2.71 2.92
C GLY A 109 -11.60 3.07 2.93
N SER A 110 -11.03 3.16 4.10
CA SER A 110 -9.62 3.49 4.22
C SER A 110 -8.83 2.23 4.45
N GLN A 111 -8.82 1.39 3.43
CA GLN A 111 -8.10 0.13 3.50
C GLN A 111 -7.12 0.03 2.34
N PHE A 112 -6.01 -0.65 2.59
CA PHE A 112 -4.98 -0.79 1.57
C PHE A 112 -4.74 -2.24 1.25
N PHE A 113 -4.22 -2.50 0.06
CA PHE A 113 -3.71 -3.81 -0.25
C PHE A 113 -2.64 -3.72 -1.34
N VAL A 114 -1.62 -4.54 -1.20
CA VAL A 114 -0.53 -4.57 -2.17
C VAL A 114 -0.57 -5.87 -2.93
N THR A 115 -0.27 -5.82 -4.20
CA THR A 115 -0.27 -7.01 -5.03
C THR A 115 1.14 -7.58 -5.12
N LEU A 116 1.26 -8.86 -4.80
CA LEU A 116 2.53 -9.57 -4.92
C LEU A 116 2.70 -10.07 -6.36
N ALA A 117 1.63 -9.94 -7.12
CA ALA A 117 1.64 -10.31 -8.53
C ALA A 117 0.56 -9.51 -9.27
N PRO A 118 0.69 -9.35 -10.60
CA PRO A 118 -0.30 -8.62 -11.40
C PRO A 118 -1.67 -9.29 -11.39
N THR A 119 -2.65 -8.60 -10.82
CA THR A 119 -4.00 -9.13 -10.74
C THR A 119 -4.91 -8.44 -11.75
N GLN A 120 -5.27 -9.14 -12.82
CA GLN A 120 -5.92 -8.53 -13.96
C GLN A 120 -7.42 -8.70 -13.89
N TRP A 121 -7.90 -8.96 -12.69
CA TRP A 121 -9.31 -9.20 -12.46
C TRP A 121 -9.86 -8.23 -11.43
N LEU A 122 -8.98 -7.39 -10.88
CA LEU A 122 -9.34 -6.44 -9.86
C LEU A 122 -9.41 -5.03 -10.41
N ASP A 123 -9.21 -4.93 -11.72
CA ASP A 123 -9.13 -3.63 -12.39
C ASP A 123 -10.45 -2.88 -12.30
N GLY A 124 -11.53 -3.62 -12.09
CA GLY A 124 -12.84 -3.01 -11.98
C GLY A 124 -13.52 -3.39 -10.69
N LYS A 125 -12.72 -3.86 -9.74
CA LYS A 125 -13.24 -4.29 -8.45
C LYS A 125 -12.70 -3.38 -7.36
N HIS A 126 -11.45 -2.97 -7.53
CA HIS A 126 -10.78 -2.11 -6.56
C HIS A 126 -9.92 -1.10 -7.31
N THR A 127 -10.01 0.16 -6.93
CA THR A 127 -9.23 1.19 -7.59
C THR A 127 -7.78 1.10 -7.15
N ILE A 128 -6.87 1.44 -8.06
CA ILE A 128 -5.45 1.32 -7.80
C ILE A 128 -4.76 2.66 -8.02
N PHE A 129 -4.14 3.17 -6.98
CA PHE A 129 -3.38 4.43 -7.08
C PHE A 129 -2.33 4.50 -5.99
N GLY A 130 -1.29 3.71 -6.12
CA GLY A 130 -0.20 3.72 -5.18
C GLY A 130 1.01 2.99 -5.72
N ARG A 131 2.16 3.19 -5.10
CA ARG A 131 3.32 2.37 -5.40
C ARG A 131 4.25 2.29 -4.20
N VAL A 132 4.67 1.08 -3.89
CA VAL A 132 5.55 0.82 -2.76
C VAL A 132 7.00 1.14 -3.13
N CYS A 133 7.74 1.65 -2.16
CA CYS A 133 9.13 2.00 -2.37
C CYS A 133 9.95 1.60 -1.16
N GLN A 134 11.24 1.32 -1.38
CA GLN A 134 12.20 1.07 -0.30
C GLN A 134 11.63 0.12 0.76
N GLY A 135 10.95 -0.92 0.32
CA GLY A 135 10.34 -1.85 1.26
C GLY A 135 9.67 -3.02 0.57
N ILE A 136 10.16 -3.34 -0.61
CA ILE A 136 9.54 -4.39 -1.43
C ILE A 136 9.99 -5.76 -0.95
N GLY A 137 11.23 -5.82 -0.44
CA GLY A 137 11.73 -7.07 0.09
C GLY A 137 10.96 -7.51 1.31
N MET A 138 10.54 -6.53 2.12
CA MET A 138 9.77 -6.83 3.31
C MET A 138 8.40 -7.35 2.93
N VAL A 139 7.72 -6.64 2.03
CA VAL A 139 6.42 -7.09 1.52
C VAL A 139 6.54 -8.49 0.91
N ASN A 140 7.71 -8.79 0.38
CA ASN A 140 7.98 -10.08 -0.23
C ASN A 140 8.06 -11.17 0.85
N ARG A 141 8.88 -10.94 1.85
CA ARG A 141 9.07 -11.90 2.93
C ARG A 141 7.85 -11.94 3.86
N VAL A 142 6.98 -10.94 3.75
CA VAL A 142 5.74 -10.91 4.52
C VAL A 142 4.62 -11.60 3.74
N GLY A 143 4.63 -11.45 2.43
CA GLY A 143 3.59 -12.02 1.60
C GLY A 143 3.80 -13.49 1.31
N MET A 144 4.99 -13.99 1.63
CA MET A 144 5.30 -15.40 1.40
C MET A 144 5.08 -16.22 2.66
N VAL A 145 4.62 -15.58 3.72
CA VAL A 145 4.44 -16.26 5.00
C VAL A 145 3.32 -17.32 4.92
N GLU A 146 3.52 -18.42 5.63
CA GLU A 146 2.52 -19.46 5.72
C GLU A 146 1.83 -19.38 7.07
N THR A 147 1.04 -20.39 7.39
CA THR A 147 0.37 -20.47 8.68
C THR A 147 1.38 -20.49 9.81
N ASN A 148 1.04 -19.83 10.92
CA ASN A 148 1.94 -19.74 12.06
C ASN A 148 2.14 -21.11 12.70
N SER A 149 1.04 -21.69 13.15
CA SER A 149 1.06 -23.00 13.78
C SER A 149 -0.32 -23.62 13.66
N GLN A 150 -0.41 -24.95 13.78
CA GLN A 150 -1.69 -25.65 13.71
C GLN A 150 -2.51 -25.28 12.47
N ASP A 151 -1.81 -24.85 11.42
CA ASP A 151 -2.43 -24.44 10.15
C ASP A 151 -3.39 -23.27 10.35
N ARG A 152 -3.10 -22.44 11.33
CA ARG A 152 -3.82 -21.19 11.50
C ARG A 152 -2.99 -20.06 10.89
N PRO A 153 -3.60 -19.22 10.05
CA PRO A 153 -2.90 -18.11 9.41
C PRO A 153 -2.25 -17.20 10.44
N VAL A 154 -1.09 -16.65 10.10
CA VAL A 154 -0.39 -15.74 11.01
C VAL A 154 -1.32 -14.64 11.47
N ASP A 155 -1.81 -13.84 10.51
CA ASP A 155 -2.82 -12.79 10.74
C ASP A 155 -2.27 -11.62 11.56
N ASP A 156 -1.50 -11.92 12.59
CA ASP A 156 -0.94 -10.91 13.48
C ASP A 156 0.28 -10.25 12.85
N VAL A 157 0.06 -9.56 11.76
CA VAL A 157 1.07 -8.73 11.12
C VAL A 157 0.54 -7.31 11.06
N LYS A 158 1.18 -6.39 11.75
CA LYS A 158 0.55 -5.09 11.98
C LYS A 158 1.47 -3.95 11.60
N ILE A 159 0.85 -2.83 11.30
CA ILE A 159 1.58 -1.59 11.15
C ILE A 159 1.72 -0.94 12.52
N ILE A 160 2.92 -1.03 13.08
CA ILE A 160 3.17 -0.57 14.42
C ILE A 160 3.09 0.95 14.48
N LYS A 161 3.93 1.60 13.69
CA LYS A 161 3.94 3.05 13.61
C LYS A 161 3.94 3.49 12.15
N ALA A 162 3.17 4.52 11.86
CA ALA A 162 3.11 5.06 10.51
C ALA A 162 3.10 6.58 10.54
N TYR A 163 4.00 7.17 9.79
CA TYR A 163 4.12 8.61 9.72
C TYR A 163 4.41 9.01 8.28
N PRO A 164 4.07 10.24 7.88
CA PRO A 164 4.44 10.74 6.56
C PRO A 164 5.93 11.03 6.52
N SER A 165 6.56 10.67 5.41
CA SER A 165 8.01 10.74 5.31
C SER A 165 8.49 12.18 5.12
N GLY A 166 7.77 12.93 4.31
CA GLY A 166 8.17 14.30 4.01
C GLY A 166 8.77 14.42 2.64
N GLY A 167 10.08 14.59 2.58
CA GLY A 167 10.77 14.64 1.31
C GLY A 167 10.97 13.27 0.71
N GLY A 168 11.59 12.38 1.46
CA GLY A 168 11.82 11.04 0.99
C GLY A 168 13.23 10.86 0.46
N GLY A 169 14.08 10.23 1.26
CA GLY A 169 15.46 10.02 0.87
C GLY A 169 16.29 9.50 2.01
N SER A 170 16.09 8.25 2.38
CA SER A 170 16.82 7.64 3.47
C SER A 170 17.76 6.57 2.95
N GLY A 171 18.35 5.81 3.87
CA GLY A 171 19.30 4.78 3.49
C GLY A 171 20.69 5.07 4.02
N GLY A 172 21.04 4.45 5.13
CA GLY A 172 22.35 4.63 5.70
C GLY A 172 23.33 3.56 5.24
N GLY A 173 23.76 3.66 3.99
CA GLY A 173 24.65 2.66 3.42
C GLY A 173 26.11 2.94 3.72
N SER A 174 26.38 3.23 4.99
CA SER A 174 27.74 3.48 5.43
C SER A 174 28.25 2.29 6.25
N GLY A 175 29.09 1.48 5.62
CA GLY A 175 29.61 0.30 6.28
C GLY A 175 29.59 -0.89 5.35
N GLY A 176 29.90 -2.07 5.89
CA GLY A 176 29.91 -3.28 5.09
C GLY A 176 31.11 -3.37 4.17
N GLY A 177 31.10 -2.55 3.13
CA GLY A 177 32.17 -2.55 2.16
C GLY A 177 31.80 -1.79 0.91
N SER A 178 31.21 -2.49 -0.05
CA SER A 178 30.75 -1.87 -1.27
C SER A 178 29.25 -1.55 -1.16
N GLY A 179 28.53 -2.43 -0.49
CA GLY A 179 27.10 -2.25 -0.29
C GLY A 179 26.47 -3.50 0.24
N GLY A 180 25.15 -3.54 0.28
CA GLY A 180 24.46 -4.72 0.77
C GLY A 180 22.96 -4.68 0.53
N GLY A 181 22.57 -4.32 -0.68
CA GLY A 181 21.17 -4.25 -1.01
C GLY A 181 20.94 -4.25 -2.51
N SER A 182 19.69 -4.23 -2.91
CA SER A 182 19.34 -4.25 -4.33
C SER A 182 18.62 -2.97 -4.72
N GLY A 183 18.34 -2.14 -3.72
CA GLY A 183 17.54 -0.95 -3.96
C GLY A 183 16.08 -1.31 -4.05
N ASP A 184 15.35 -1.15 -2.96
CA ASP A 184 13.99 -1.63 -2.89
C ASP A 184 13.05 -0.73 -3.62
N GLY A 185 11.84 -1.23 -3.76
CA GLY A 185 10.82 -0.53 -4.47
C GLY A 185 10.00 -1.47 -5.31
N GLY A 186 8.72 -1.21 -5.38
CA GLY A 186 7.83 -2.05 -6.15
C GLY A 186 7.89 -1.71 -7.62
N ALA A 187 7.25 -2.54 -8.41
CA ALA A 187 7.23 -2.34 -9.85
C ALA A 187 6.46 -1.06 -10.18
N PHE A 188 6.86 -0.41 -11.26
CA PHE A 188 6.22 0.83 -11.67
C PHE A 188 4.93 0.54 -12.41
N PRO A 189 3.78 0.82 -11.77
CA PRO A 189 2.48 0.57 -12.34
C PRO A 189 2.07 1.65 -13.33
N GLU A 190 2.89 2.70 -13.40
CA GLU A 190 2.58 3.85 -14.24
C GLU A 190 2.78 3.50 -15.71
N ILE A 191 3.59 2.48 -15.96
CA ILE A 191 3.82 2.00 -17.31
C ILE A 191 2.93 0.80 -17.58
N HIS A 192 2.89 0.33 -18.81
CA HIS A 192 1.97 -0.73 -19.19
C HIS A 192 2.73 -1.94 -19.72
N VAL A 193 3.97 -2.09 -19.28
CA VAL A 193 4.83 -3.15 -19.77
C VAL A 193 5.10 -4.17 -18.67
N ALA A 194 5.65 -5.31 -19.04
CA ALA A 194 5.91 -6.37 -18.08
C ALA A 194 7.31 -6.22 -17.47
N GLN A 195 7.33 -5.84 -16.19
CA GLN A 195 8.57 -5.75 -15.43
C GLN A 195 8.26 -5.98 -13.96
N TYR A 196 9.22 -6.54 -13.23
CA TYR A 196 9.00 -6.92 -11.85
C TYR A 196 10.04 -6.32 -10.94
N PRO A 197 9.69 -6.08 -9.66
CA PRO A 197 10.62 -5.50 -8.68
C PRO A 197 11.77 -6.47 -8.36
N LEU A 198 11.46 -7.55 -7.66
CA LEU A 198 12.45 -8.58 -7.37
C LEU A 198 12.06 -9.89 -8.06
N ASP A 199 11.15 -9.77 -9.03
CA ASP A 199 10.78 -10.88 -9.93
C ASP A 199 10.00 -11.99 -9.21
N MET A 200 9.61 -11.76 -7.96
CA MET A 200 8.90 -12.78 -7.18
C MET A 200 7.55 -13.15 -7.81
N GLY A 201 6.92 -12.19 -8.49
CA GLY A 201 5.61 -12.42 -9.06
C GLY A 201 5.65 -13.16 -10.37
N ARG A 202 6.87 -13.49 -10.83
CA ARG A 202 7.04 -14.23 -12.06
C ARG A 202 6.84 -15.73 -11.83
N LYS A 203 6.99 -16.14 -10.59
CA LYS A 203 6.89 -17.54 -10.22
C LYS A 203 5.50 -18.10 -10.51
N MET A 1 -20.08 26.79 6.36
CA MET A 1 -19.50 25.45 6.62
C MET A 1 -18.76 24.93 5.39
N ALA A 2 -17.58 24.41 5.61
CA ALA A 2 -16.82 23.79 4.53
C ALA A 2 -16.53 22.33 4.88
N ALA A 3 -16.67 21.45 3.90
CA ALA A 3 -16.51 20.02 4.16
C ALA A 3 -15.06 19.59 3.99
N ILE A 4 -14.28 19.76 5.05
CA ILE A 4 -12.92 19.25 5.14
C ILE A 4 -11.98 19.95 4.14
N PRO A 5 -11.15 20.89 4.63
CA PRO A 5 -10.13 21.53 3.81
C PRO A 5 -8.94 20.60 3.59
N PRO A 6 -8.68 20.21 2.32
CA PRO A 6 -7.61 19.30 1.97
C PRO A 6 -6.24 19.98 1.95
N ASP A 7 -6.09 20.99 2.78
CA ASP A 7 -4.87 21.77 2.87
C ASP A 7 -3.81 20.99 3.63
N SER A 8 -2.81 20.49 2.92
CA SER A 8 -1.82 19.62 3.53
C SER A 8 -0.42 19.88 2.97
N TRP A 9 0.53 20.07 3.88
CA TRP A 9 1.93 20.23 3.49
C TRP A 9 2.66 18.91 3.59
N GLN A 10 1.93 17.88 4.02
CA GLN A 10 2.48 16.54 4.19
C GLN A 10 3.05 15.99 2.89
N PRO A 11 4.11 15.17 2.97
CA PRO A 11 4.72 14.52 1.80
C PRO A 11 3.82 13.43 1.21
N PRO A 12 3.98 13.13 -0.08
CA PRO A 12 3.21 12.09 -0.77
C PRO A 12 3.61 10.68 -0.35
N ASN A 13 4.60 10.59 0.51
CA ASN A 13 5.16 9.31 0.93
C ASN A 13 5.04 9.16 2.45
N VAL A 14 4.80 7.94 2.90
CA VAL A 14 4.62 7.67 4.32
C VAL A 14 5.40 6.44 4.76
N TYR A 15 5.81 6.43 6.03
CA TYR A 15 6.54 5.31 6.60
C TYR A 15 5.64 4.46 7.48
N LEU A 16 5.50 3.20 7.13
CA LEU A 16 4.71 2.26 7.93
C LEU A 16 5.60 1.26 8.63
N GLU A 17 5.78 1.44 9.92
CA GLU A 17 6.54 0.51 10.73
C GLU A 17 5.61 -0.56 11.27
N THR A 18 5.86 -1.80 10.90
CA THR A 18 4.98 -2.88 11.27
C THR A 18 5.60 -3.78 12.33
N SER A 19 4.86 -4.78 12.77
CA SER A 19 5.37 -5.76 13.73
C SER A 19 6.24 -6.80 13.02
N MET A 20 6.50 -6.57 11.74
CA MET A 20 7.38 -7.42 10.96
C MET A 20 8.63 -6.66 10.57
N GLY A 21 8.45 -5.39 10.24
CA GLY A 21 9.57 -4.56 9.86
C GLY A 21 9.12 -3.15 9.58
N ILE A 22 9.58 -2.59 8.47
CA ILE A 22 9.17 -1.26 8.07
C ILE A 22 8.94 -1.24 6.56
N ILE A 23 7.82 -0.68 6.18
CA ILE A 23 7.46 -0.56 4.77
C ILE A 23 7.20 0.89 4.42
N VAL A 24 7.91 1.38 3.43
CA VAL A 24 7.73 2.74 2.95
C VAL A 24 6.85 2.72 1.70
N LEU A 25 5.87 3.59 1.64
CA LEU A 25 4.97 3.60 0.50
C LEU A 25 4.59 5.02 0.13
N GLU A 26 4.10 5.19 -1.08
CA GLU A 26 3.60 6.49 -1.52
C GLU A 26 2.30 6.30 -2.27
N LEU A 27 1.61 7.40 -2.47
CA LEU A 27 0.36 7.37 -3.20
C LEU A 27 0.56 8.00 -4.56
N TYR A 28 -0.34 7.72 -5.48
CA TYR A 28 -0.23 8.33 -6.79
C TYR A 28 -0.88 9.71 -6.79
N TRP A 29 -0.04 10.71 -6.63
CA TRP A 29 -0.45 12.11 -6.71
C TRP A 29 -0.32 12.53 -8.16
N LYS A 30 -0.08 11.53 -8.99
CA LYS A 30 0.17 11.70 -10.39
C LYS A 30 -1.13 11.92 -11.16
N HIS A 31 -2.07 11.00 -11.00
CA HIS A 31 -3.35 11.11 -11.70
C HIS A 31 -4.53 10.86 -10.77
N ALA A 32 -4.27 10.64 -9.50
CA ALA A 32 -5.35 10.45 -8.52
C ALA A 32 -5.27 11.51 -7.42
N PRO A 33 -5.71 12.74 -7.71
CA PRO A 33 -5.56 13.88 -6.80
C PRO A 33 -6.49 13.82 -5.60
N LYS A 34 -7.43 12.89 -5.63
CA LYS A 34 -8.38 12.75 -4.53
C LYS A 34 -7.96 11.60 -3.63
N THR A 35 -7.73 10.46 -4.25
CA THR A 35 -7.41 9.23 -3.54
C THR A 35 -6.11 9.38 -2.73
N CYS A 36 -5.13 10.04 -3.32
CA CYS A 36 -3.85 10.28 -2.64
C CYS A 36 -4.06 11.10 -1.37
N LYS A 37 -4.91 12.13 -1.46
CA LYS A 37 -5.17 12.99 -0.31
C LYS A 37 -5.81 12.21 0.82
N ASN A 38 -6.74 11.34 0.47
CA ASN A 38 -7.47 10.58 1.46
C ASN A 38 -6.52 9.72 2.29
N PHE A 39 -5.62 9.01 1.63
CA PHE A 39 -4.64 8.19 2.31
C PHE A 39 -3.69 9.08 3.11
N ALA A 40 -3.12 10.06 2.44
CA ALA A 40 -2.14 10.98 3.03
C ALA A 40 -2.69 11.68 4.27
N GLU A 41 -3.91 12.20 4.18
CA GLU A 41 -4.48 12.96 5.27
C GLU A 41 -4.97 12.06 6.40
N LEU A 42 -5.29 10.80 6.08
CA LEU A 42 -5.59 9.83 7.12
C LEU A 42 -4.30 9.40 7.81
N ALA A 43 -3.19 9.47 7.08
CA ALA A 43 -1.89 9.16 7.62
C ALA A 43 -1.44 10.24 8.60
N ARG A 44 -1.68 11.50 8.25
CA ARG A 44 -1.35 12.61 9.14
C ARG A 44 -2.40 12.77 10.22
N ARG A 45 -3.55 12.15 10.03
CA ARG A 45 -4.58 12.08 11.05
C ARG A 45 -4.17 11.08 12.13
N GLY A 46 -3.45 10.05 11.69
CA GLY A 46 -2.95 9.05 12.63
C GLY A 46 -3.83 7.83 12.66
N TYR A 47 -4.45 7.53 11.52
CA TYR A 47 -5.40 6.44 11.42
C TYR A 47 -4.70 5.10 11.36
N TYR A 48 -3.58 5.05 10.65
CA TYR A 48 -2.92 3.80 10.35
C TYR A 48 -2.19 3.22 11.55
N ASN A 49 -1.97 4.05 12.57
CA ASN A 49 -1.36 3.57 13.80
C ASN A 49 -2.38 2.80 14.60
N GLY A 50 -2.40 1.53 14.35
CA GLY A 50 -3.32 0.63 15.02
C GLY A 50 -4.12 -0.21 14.04
N THR A 51 -3.76 -0.14 12.77
CA THR A 51 -4.42 -0.90 11.73
C THR A 51 -3.64 -2.17 11.44
N LYS A 52 -4.30 -3.16 10.86
CA LYS A 52 -3.63 -4.44 10.60
C LYS A 52 -3.98 -4.95 9.21
N PHE A 53 -3.25 -5.94 8.76
CA PHE A 53 -3.53 -6.59 7.50
C PHE A 53 -4.61 -7.65 7.70
N HIS A 54 -5.74 -7.48 7.02
CA HIS A 54 -6.90 -8.32 7.25
C HIS A 54 -6.87 -9.51 6.29
N ARG A 55 -6.34 -9.28 5.09
CA ARG A 55 -6.27 -10.33 4.07
C ARG A 55 -4.81 -10.55 3.66
N ILE A 56 -4.31 -11.76 3.84
CA ILE A 56 -2.94 -12.07 3.48
C ILE A 56 -2.91 -13.36 2.69
N ILE A 57 -2.90 -13.22 1.37
CA ILE A 57 -2.81 -14.37 0.50
C ILE A 57 -1.39 -14.51 -0.03
N LYS A 58 -0.78 -15.67 0.19
CA LYS A 58 0.56 -15.93 -0.29
C LYS A 58 0.67 -15.68 -1.78
N ASP A 59 1.73 -14.98 -2.17
CA ASP A 59 2.01 -14.62 -3.58
C ASP A 59 0.75 -14.18 -4.32
N PHE A 60 -0.05 -13.35 -3.67
CA PHE A 60 -1.29 -12.87 -4.25
C PHE A 60 -1.46 -11.38 -3.93
N MET A 61 -1.94 -11.10 -2.72
CA MET A 61 -2.23 -9.74 -2.28
C MET A 61 -2.32 -9.68 -0.76
N ILE A 62 -2.10 -8.49 -0.21
CA ILE A 62 -2.16 -8.28 1.24
C ILE A 62 -2.94 -7.01 1.54
N GLN A 63 -4.16 -7.19 2.01
CA GLN A 63 -5.04 -6.07 2.33
C GLN A 63 -4.74 -5.55 3.73
N GLY A 64 -4.54 -4.25 3.83
CA GLY A 64 -4.22 -3.64 5.12
C GLY A 64 -5.16 -2.53 5.49
N GLY A 65 -5.39 -2.37 6.78
CA GLY A 65 -6.24 -1.32 7.29
C GLY A 65 -7.12 -1.80 8.40
N ASP A 66 -8.43 -1.59 8.24
CA ASP A 66 -9.46 -2.07 9.17
C ASP A 66 -9.08 -1.87 10.64
N PRO A 67 -9.33 -0.67 11.17
CA PRO A 67 -9.04 -0.35 12.57
C PRO A 67 -10.11 -0.91 13.50
N THR A 68 -11.31 -1.05 12.96
CA THR A 68 -12.45 -1.48 13.74
C THR A 68 -12.52 -3.00 13.83
N GLY A 69 -12.18 -3.67 12.74
CA GLY A 69 -12.35 -5.11 12.69
C GLY A 69 -13.62 -5.47 11.95
N THR A 70 -14.10 -4.54 11.13
CA THR A 70 -15.35 -4.70 10.39
C THR A 70 -15.08 -4.79 8.91
N GLY A 71 -13.96 -4.20 8.49
CA GLY A 71 -13.61 -4.18 7.08
C GLY A 71 -14.03 -2.90 6.41
N ARG A 72 -14.87 -2.14 7.10
CA ARG A 72 -15.37 -0.87 6.59
C ARG A 72 -15.13 0.24 7.61
N GLY A 73 -14.27 -0.05 8.57
CA GLY A 73 -13.95 0.92 9.59
C GLY A 73 -12.98 1.97 9.08
N GLY A 74 -12.80 3.00 9.88
CA GLY A 74 -11.98 4.13 9.47
C GLY A 74 -12.62 4.94 8.35
N ALA A 75 -11.89 5.94 7.86
CA ALA A 75 -12.34 6.81 6.76
C ALA A 75 -13.67 7.49 7.07
N SER A 76 -14.00 7.55 8.33
CA SER A 76 -15.25 8.09 8.78
C SER A 76 -15.17 9.62 8.90
N ILE A 77 -13.99 10.15 8.62
CA ILE A 77 -13.74 11.59 8.71
C ILE A 77 -14.64 12.37 7.73
N TYR A 78 -14.85 11.81 6.55
CA TYR A 78 -15.70 12.45 5.56
C TYR A 78 -17.06 11.78 5.49
N GLY A 79 -17.27 10.83 6.38
CA GLY A 79 -18.57 10.19 6.51
C GLY A 79 -18.57 8.78 5.97
N LYS A 80 -19.24 8.59 4.85
CA LYS A 80 -19.31 7.30 4.20
C LYS A 80 -18.17 7.14 3.21
N GLN A 81 -18.28 6.13 2.36
CA GLN A 81 -17.37 5.98 1.24
C GLN A 81 -17.45 7.20 0.32
N PHE A 82 -16.44 7.39 -0.50
CA PHE A 82 -16.30 8.63 -1.24
C PHE A 82 -16.77 8.46 -2.67
N GLU A 83 -15.99 7.74 -3.45
CA GLU A 83 -16.23 7.54 -4.86
C GLU A 83 -15.64 6.18 -5.22
N ASP A 84 -15.53 5.88 -6.50
CA ASP A 84 -14.64 4.81 -6.93
C ASP A 84 -13.90 5.27 -8.15
N GLU A 85 -12.59 5.30 -8.00
CA GLU A 85 -11.71 5.93 -8.97
C GLU A 85 -11.08 4.89 -9.87
N LEU A 86 -11.81 3.81 -10.09
CA LEU A 86 -11.37 2.70 -10.93
C LEU A 86 -10.84 3.18 -12.27
N HIS A 87 -9.52 3.26 -12.34
CA HIS A 87 -8.82 3.70 -13.53
C HIS A 87 -7.34 3.44 -13.35
N PRO A 88 -6.89 2.21 -13.64
CA PRO A 88 -5.48 1.86 -13.59
C PRO A 88 -4.69 2.61 -14.67
N ASP A 89 -4.30 3.83 -14.35
CA ASP A 89 -3.52 4.66 -15.25
C ASP A 89 -2.08 4.16 -15.24
N LEU A 90 -1.77 3.41 -14.20
CA LEU A 90 -0.51 2.71 -14.10
C LEU A 90 -0.73 1.24 -14.39
N LYS A 91 0.35 0.51 -14.62
CA LYS A 91 0.24 -0.89 -14.99
C LYS A 91 0.96 -1.73 -13.95
N PHE A 92 0.43 -2.91 -13.68
CA PHE A 92 1.11 -3.83 -12.79
C PHE A 92 2.32 -4.38 -13.53
N THR A 93 3.49 -4.06 -13.02
CA THR A 93 4.72 -4.46 -13.67
C THR A 93 5.30 -5.69 -12.97
N GLY A 94 5.04 -5.78 -11.68
CA GLY A 94 5.43 -6.93 -10.91
C GLY A 94 4.77 -6.92 -9.55
N ALA A 95 5.45 -7.47 -8.55
CA ALA A 95 4.97 -7.43 -7.18
C ALA A 95 5.33 -6.11 -6.51
N GLY A 96 4.44 -5.62 -5.66
CA GLY A 96 4.70 -4.39 -4.95
C GLY A 96 3.78 -3.28 -5.39
N ILE A 97 2.64 -3.65 -5.94
CA ILE A 97 1.70 -2.67 -6.44
C ILE A 97 0.70 -2.31 -5.34
N LEU A 98 0.74 -1.06 -4.90
CA LEU A 98 -0.21 -0.58 -3.91
C LEU A 98 -1.51 -0.16 -4.55
N ALA A 99 -2.61 -0.74 -4.09
CA ALA A 99 -3.92 -0.40 -4.60
C ALA A 99 -4.91 -0.15 -3.47
N MET A 100 -6.10 0.32 -3.84
CA MET A 100 -7.15 0.63 -2.88
C MET A 100 -7.99 -0.62 -2.59
N ALA A 101 -8.31 -0.80 -1.33
CA ALA A 101 -9.19 -1.89 -0.95
C ALA A 101 -10.64 -1.41 -0.91
N ASN A 102 -11.43 -1.96 -1.82
CA ASN A 102 -12.82 -1.59 -1.97
C ASN A 102 -13.61 -2.79 -2.44
N ALA A 103 -14.85 -2.57 -2.84
CA ALA A 103 -15.64 -3.64 -3.40
C ALA A 103 -15.85 -3.44 -4.90
N GLY A 104 -16.10 -2.21 -5.29
CA GLY A 104 -16.33 -1.91 -6.69
C GLY A 104 -17.27 -0.75 -6.90
N PRO A 105 -18.49 -0.80 -6.32
CA PRO A 105 -19.40 0.34 -6.35
C PRO A 105 -19.01 1.42 -5.35
N ASP A 106 -17.99 2.20 -5.72
CA ASP A 106 -17.57 3.37 -4.94
C ASP A 106 -17.48 3.08 -3.46
N THR A 107 -16.84 1.96 -3.12
CA THR A 107 -16.80 1.51 -1.74
C THR A 107 -15.39 1.64 -1.16
N ASN A 108 -14.65 2.60 -1.65
CA ASN A 108 -13.26 2.78 -1.23
C ASN A 108 -13.18 3.79 -0.08
N GLY A 109 -12.06 3.76 0.63
CA GLY A 109 -11.89 4.64 1.77
C GLY A 109 -10.44 4.71 2.22
N SER A 110 -10.19 4.29 3.44
CA SER A 110 -8.83 4.34 3.98
C SER A 110 -8.23 2.92 4.01
N GLN A 111 -8.85 2.03 3.26
CA GLN A 111 -8.37 0.65 3.15
C GLN A 111 -7.46 0.52 1.94
N PHE A 112 -6.43 -0.31 2.03
CA PHE A 112 -5.50 -0.49 0.93
C PHE A 112 -5.02 -1.94 0.88
N PHE A 113 -4.31 -2.29 -0.19
CA PHE A 113 -3.70 -3.61 -0.27
C PHE A 113 -2.53 -3.60 -1.24
N VAL A 114 -1.58 -4.51 -1.00
CA VAL A 114 -0.42 -4.67 -1.89
C VAL A 114 -0.57 -5.96 -2.68
N THR A 115 -0.09 -5.97 -3.90
CA THR A 115 -0.11 -7.16 -4.72
C THR A 115 1.25 -7.84 -4.70
N LEU A 116 1.25 -9.11 -4.31
CA LEU A 116 2.47 -9.90 -4.26
C LEU A 116 2.78 -10.52 -5.62
N ALA A 117 1.85 -10.40 -6.53
CA ALA A 117 2.01 -10.96 -7.86
C ALA A 117 1.32 -10.08 -8.90
N PRO A 118 1.59 -10.30 -10.20
CA PRO A 118 0.91 -9.59 -11.30
C PRO A 118 -0.60 -9.83 -11.29
N THR A 119 -1.35 -8.78 -11.01
CA THR A 119 -2.79 -8.89 -10.88
C THR A 119 -3.51 -8.27 -12.07
N GLN A 120 -3.98 -9.12 -12.97
CA GLN A 120 -4.70 -8.67 -14.16
C GLN A 120 -6.17 -9.01 -14.03
N TRP A 121 -6.58 -9.27 -12.81
CA TRP A 121 -7.95 -9.67 -12.52
C TRP A 121 -8.67 -8.61 -11.70
N LEU A 122 -7.97 -7.55 -11.30
CA LEU A 122 -8.55 -6.56 -10.42
C LEU A 122 -8.44 -5.16 -10.99
N ASP A 123 -8.03 -5.07 -12.25
CA ASP A 123 -7.87 -3.80 -12.95
C ASP A 123 -9.15 -2.96 -12.86
N GLY A 124 -10.28 -3.65 -12.85
CA GLY A 124 -11.56 -3.00 -12.78
C GLY A 124 -12.33 -3.41 -11.55
N LYS A 125 -11.61 -3.88 -10.55
CA LYS A 125 -12.21 -4.31 -9.30
C LYS A 125 -11.76 -3.40 -8.17
N HIS A 126 -10.49 -3.02 -8.23
CA HIS A 126 -9.89 -2.16 -7.22
C HIS A 126 -9.04 -1.12 -7.92
N THR A 127 -9.22 0.16 -7.59
CA THR A 127 -8.40 1.19 -8.19
C THR A 127 -7.01 1.16 -7.56
N ILE A 128 -6.01 1.46 -8.36
CA ILE A 128 -4.63 1.29 -7.93
C ILE A 128 -3.91 2.64 -7.88
N PHE A 129 -3.32 2.95 -6.73
CA PHE A 129 -2.58 4.20 -6.57
C PHE A 129 -1.51 4.07 -5.47
N GLY A 130 -0.45 3.36 -5.76
CA GLY A 130 0.60 3.23 -4.78
C GLY A 130 1.90 2.68 -5.31
N ARG A 131 2.97 2.94 -4.57
CA ARG A 131 4.27 2.34 -4.85
C ARG A 131 4.97 2.01 -3.55
N VAL A 132 5.40 0.76 -3.41
CA VAL A 132 6.13 0.34 -2.22
C VAL A 132 7.64 0.50 -2.42
N CYS A 133 8.31 1.03 -1.41
CA CYS A 133 9.73 1.28 -1.48
C CYS A 133 10.38 0.96 -0.13
N GLN A 134 11.63 0.50 -0.18
CA GLN A 134 12.42 0.24 1.03
C GLN A 134 11.68 -0.66 2.03
N GLY A 135 10.92 -1.61 1.50
CA GLY A 135 10.21 -2.55 2.37
C GLY A 135 9.50 -3.63 1.60
N ILE A 136 10.02 -3.96 0.43
CA ILE A 136 9.37 -4.96 -0.42
C ILE A 136 9.63 -6.36 0.12
N GLY A 137 10.84 -6.59 0.62
CA GLY A 137 11.18 -7.87 1.19
C GLY A 137 10.34 -8.19 2.40
N MET A 138 9.95 -7.15 3.15
CA MET A 138 9.11 -7.33 4.32
C MET A 138 7.72 -7.76 3.90
N VAL A 139 7.11 -7.01 2.99
CA VAL A 139 5.80 -7.36 2.46
C VAL A 139 5.85 -8.74 1.81
N ASN A 140 7.01 -9.10 1.30
CA ASN A 140 7.19 -10.39 0.67
C ASN A 140 7.10 -11.50 1.70
N ARG A 141 7.92 -11.40 2.74
CA ARG A 141 7.97 -12.42 3.78
C ARG A 141 6.73 -12.35 4.67
N VAL A 142 5.99 -11.25 4.57
CA VAL A 142 4.71 -11.12 5.25
C VAL A 142 3.64 -11.87 4.47
N GLY A 143 3.73 -11.77 3.16
CA GLY A 143 2.76 -12.43 2.32
C GLY A 143 3.05 -13.91 2.14
N MET A 144 4.30 -14.30 2.36
CA MET A 144 4.72 -15.69 2.21
C MET A 144 4.17 -16.57 3.34
N VAL A 145 3.74 -15.95 4.43
CA VAL A 145 3.27 -16.72 5.57
C VAL A 145 1.75 -16.94 5.51
N GLU A 146 1.35 -18.19 5.65
CA GLU A 146 -0.07 -18.54 5.66
C GLU A 146 -0.48 -19.04 7.05
N THR A 147 0.14 -20.11 7.53
CA THR A 147 -0.16 -20.62 8.85
C THR A 147 1.08 -20.69 9.72
N ASN A 148 0.87 -20.61 11.03
CA ASN A 148 1.97 -20.58 12.00
C ASN A 148 2.58 -21.97 12.16
N SER A 149 1.70 -22.94 12.35
CA SER A 149 2.11 -24.31 12.56
C SER A 149 0.90 -25.22 12.42
N GLN A 150 -0.12 -24.96 13.23
CA GLN A 150 -1.34 -25.72 13.20
C GLN A 150 -2.34 -25.08 12.23
N ASP A 151 -3.62 -25.34 12.45
CA ASP A 151 -4.69 -24.90 11.55
C ASP A 151 -5.01 -23.41 11.71
N ARG A 152 -4.02 -22.63 12.08
CA ARG A 152 -4.24 -21.21 12.33
C ARG A 152 -3.14 -20.37 11.69
N PRO A 153 -3.50 -19.20 11.16
CA PRO A 153 -2.53 -18.26 10.57
C PRO A 153 -1.45 -17.86 11.57
N VAL A 154 -0.28 -17.52 11.05
CA VAL A 154 0.86 -17.12 11.90
C VAL A 154 0.46 -16.03 12.90
N ASP A 155 0.18 -14.85 12.38
CA ASP A 155 -0.19 -13.72 13.21
C ASP A 155 -0.69 -12.61 12.30
N ASP A 156 -1.59 -11.78 12.80
CA ASP A 156 -2.08 -10.67 12.01
C ASP A 156 -1.04 -9.57 12.00
N VAL A 157 -0.48 -9.30 10.84
CA VAL A 157 0.54 -8.26 10.72
C VAL A 157 -0.12 -6.89 10.80
N LYS A 158 0.36 -6.06 11.69
CA LYS A 158 -0.27 -4.76 11.89
C LYS A 158 0.73 -3.63 11.77
N ILE A 159 0.20 -2.45 11.49
CA ILE A 159 0.99 -1.23 11.37
C ILE A 159 1.14 -0.60 12.73
N ILE A 160 2.33 -0.71 13.30
CA ILE A 160 2.61 -0.18 14.62
C ILE A 160 2.67 1.35 14.59
N LYS A 161 3.50 1.88 13.70
CA LYS A 161 3.65 3.31 13.51
C LYS A 161 3.53 3.66 12.04
N ALA A 162 2.82 4.73 11.72
CA ALA A 162 2.71 5.17 10.35
C ALA A 162 2.63 6.69 10.27
N TYR A 163 3.69 7.28 9.75
CA TYR A 163 3.78 8.74 9.66
C TYR A 163 4.36 9.15 8.30
N PRO A 164 3.83 10.23 7.72
CA PRO A 164 4.34 10.78 6.45
C PRO A 164 5.73 11.36 6.59
N SER A 165 6.62 11.04 5.65
CA SER A 165 7.99 11.50 5.72
C SER A 165 8.67 11.34 4.36
N GLY A 166 9.97 11.58 4.31
CA GLY A 166 10.69 11.48 3.06
C GLY A 166 11.30 10.11 2.85
N GLY A 167 10.62 9.28 2.06
CA GLY A 167 11.14 7.95 1.77
C GLY A 167 11.85 7.90 0.44
N GLY A 168 13.17 7.75 0.48
CA GLY A 168 13.95 7.71 -0.74
C GLY A 168 15.24 6.92 -0.57
N GLY A 169 15.87 6.59 -1.67
CA GLY A 169 17.10 5.82 -1.62
C GLY A 169 18.24 6.52 -2.33
N SER A 170 19.43 6.42 -1.77
CA SER A 170 20.60 7.07 -2.34
C SER A 170 21.26 6.18 -3.39
N GLY A 171 21.17 6.57 -4.64
CA GLY A 171 21.75 5.79 -5.72
C GLY A 171 20.68 5.19 -6.61
N GLY A 172 20.93 3.99 -7.12
CA GLY A 172 19.95 3.34 -7.96
C GLY A 172 20.55 2.19 -8.74
N GLY A 173 20.23 2.13 -10.02
CA GLY A 173 20.70 1.04 -10.86
C GLY A 173 22.19 1.14 -11.16
N SER A 174 22.98 0.30 -10.49
CA SER A 174 24.42 0.25 -10.72
C SER A 174 24.73 0.05 -12.20
N GLY A 175 24.08 -0.95 -12.80
CA GLY A 175 24.29 -1.22 -14.21
C GLY A 175 24.08 -2.67 -14.56
N GLY A 176 25.12 -3.47 -14.45
CA GLY A 176 25.05 -4.87 -14.81
C GLY A 176 25.27 -5.78 -13.62
N GLY A 177 24.92 -5.28 -12.45
CA GLY A 177 25.07 -6.05 -11.23
C GLY A 177 24.30 -5.43 -10.09
N SER A 178 24.14 -6.18 -9.00
CA SER A 178 23.43 -5.70 -7.84
C SER A 178 24.31 -4.76 -7.02
N GLY A 179 23.78 -3.59 -6.71
CA GLY A 179 24.53 -2.61 -5.95
C GLY A 179 23.90 -1.25 -6.06
N GLY A 180 24.01 -0.45 -5.00
CA GLY A 180 23.43 0.88 -4.98
C GLY A 180 22.02 0.89 -4.43
N GLY A 181 21.52 2.07 -4.11
CA GLY A 181 20.19 2.19 -3.57
C GLY A 181 20.19 2.24 -2.06
N SER A 182 19.03 2.05 -1.45
CA SER A 182 18.92 2.07 0.00
C SER A 182 17.73 1.23 0.45
N GLY A 183 17.99 0.23 1.27
CA GLY A 183 16.93 -0.57 1.83
C GLY A 183 16.38 -1.60 0.87
N ASP A 184 15.34 -1.21 0.13
CA ASP A 184 14.60 -2.14 -0.69
C ASP A 184 13.70 -1.37 -1.66
N GLY A 185 12.73 -2.06 -2.24
CA GLY A 185 11.77 -1.39 -3.10
C GLY A 185 11.05 -2.35 -4.01
N GLY A 186 9.75 -2.13 -4.21
CA GLY A 186 8.98 -3.01 -5.07
C GLY A 186 9.13 -2.63 -6.54
N ALA A 187 8.22 -3.13 -7.35
CA ALA A 187 8.24 -2.86 -8.77
C ALA A 187 7.71 -1.46 -9.06
N PHE A 188 8.03 -0.94 -10.22
CA PHE A 188 7.62 0.41 -10.60
C PHE A 188 6.52 0.36 -11.63
N PRO A 189 5.28 0.54 -11.19
CA PRO A 189 4.10 0.38 -12.04
C PRO A 189 3.87 1.56 -12.97
N GLU A 190 4.66 2.61 -12.82
CA GLU A 190 4.47 3.83 -13.58
C GLU A 190 5.09 3.71 -14.97
N ILE A 191 6.14 2.93 -15.09
CA ILE A 191 6.90 2.85 -16.34
C ILE A 191 6.19 2.00 -17.39
N HIS A 192 5.24 1.18 -16.94
CA HIS A 192 4.37 0.40 -17.82
C HIS A 192 5.14 -0.68 -18.57
N VAL A 193 5.96 -1.43 -17.85
CA VAL A 193 6.73 -2.50 -18.47
C VAL A 193 7.01 -3.61 -17.46
N ALA A 194 6.96 -4.85 -17.90
CA ALA A 194 7.12 -5.99 -17.01
C ALA A 194 8.51 -6.02 -16.37
N GLN A 195 8.54 -5.93 -15.04
CA GLN A 195 9.78 -5.98 -14.29
C GLN A 195 9.46 -6.27 -12.82
N TYR A 196 10.23 -7.16 -12.22
CA TYR A 196 9.94 -7.62 -10.86
C TYR A 196 10.96 -7.09 -9.87
N PRO A 197 10.52 -6.82 -8.62
CA PRO A 197 11.38 -6.30 -7.57
C PRO A 197 12.48 -7.28 -7.16
N LEU A 198 12.07 -8.44 -6.63
CA LEU A 198 13.03 -9.48 -6.25
C LEU A 198 12.57 -10.85 -6.74
N ASP A 199 11.78 -10.86 -7.82
CA ASP A 199 11.30 -12.11 -8.44
C ASP A 199 10.32 -12.85 -7.53
N MET A 200 9.85 -12.16 -6.50
CA MET A 200 8.90 -12.75 -5.54
C MET A 200 7.60 -13.20 -6.19
N GLY A 201 7.27 -12.61 -7.34
CA GLY A 201 6.03 -12.93 -8.00
C GLY A 201 6.25 -13.61 -9.34
N ARG A 202 7.45 -14.13 -9.53
CA ARG A 202 7.78 -14.86 -10.76
C ARG A 202 6.97 -16.14 -10.85
N LYS A 203 6.72 -16.76 -9.70
CA LYS A 203 6.02 -18.02 -9.66
C LYS A 203 4.58 -17.80 -9.22
N MET A 1 -12.81 26.86 5.58
CA MET A 1 -13.17 25.51 5.09
C MET A 1 -13.99 24.77 6.13
N ALA A 2 -14.69 23.73 5.70
CA ALA A 2 -15.54 22.96 6.60
C ALA A 2 -14.72 21.93 7.37
N ALA A 3 -14.07 21.05 6.62
CA ALA A 3 -13.23 20.02 7.21
C ALA A 3 -12.16 19.59 6.20
N ILE A 4 -11.05 19.07 6.71
CA ILE A 4 -9.96 18.59 5.86
C ILE A 4 -9.29 19.76 5.12
N PRO A 5 -8.13 20.19 5.63
CA PRO A 5 -7.46 21.39 5.13
C PRO A 5 -6.76 21.18 3.78
N PRO A 6 -7.00 22.10 2.82
CA PRO A 6 -6.31 22.09 1.55
C PRO A 6 -4.84 22.50 1.70
N ASP A 7 -4.05 22.31 0.65
CA ASP A 7 -2.60 22.53 0.73
C ASP A 7 -2.00 21.61 1.78
N SER A 8 -2.57 20.42 1.89
CA SER A 8 -2.16 19.43 2.88
C SER A 8 -0.66 19.16 2.78
N TRP A 9 0.05 19.51 3.84
CA TRP A 9 1.52 19.49 3.84
C TRP A 9 2.07 18.10 4.14
N GLN A 10 1.20 17.11 4.16
CA GLN A 10 1.60 15.73 4.37
C GLN A 10 2.47 15.24 3.23
N PRO A 11 3.68 14.74 3.56
CA PRO A 11 4.62 14.19 2.58
C PRO A 11 3.98 13.17 1.63
N PRO A 12 4.49 13.09 0.40
CA PRO A 12 3.93 12.22 -0.64
C PRO A 12 4.17 10.73 -0.39
N ASN A 13 4.98 10.44 0.62
CA ASN A 13 5.31 9.07 0.98
C ASN A 13 4.95 8.83 2.45
N VAL A 14 4.56 7.61 2.77
CA VAL A 14 4.24 7.26 4.15
C VAL A 14 4.99 6.00 4.56
N TYR A 15 5.37 5.91 5.83
CA TYR A 15 6.08 4.74 6.31
C TYR A 15 5.16 3.90 7.19
N LEU A 16 5.08 2.62 6.88
CA LEU A 16 4.29 1.68 7.66
C LEU A 16 5.22 0.77 8.47
N GLU A 17 5.38 1.10 9.73
CA GLU A 17 6.20 0.30 10.63
C GLU A 17 5.32 -0.78 11.24
N THR A 18 5.61 -2.03 10.93
CA THR A 18 4.76 -3.12 11.34
C THR A 18 5.40 -3.98 12.42
N SER A 19 4.63 -4.97 12.88
CA SER A 19 5.11 -5.93 13.87
C SER A 19 6.14 -6.88 13.25
N MET A 20 6.25 -6.82 11.93
CA MET A 20 7.20 -7.66 11.22
C MET A 20 8.45 -6.87 10.88
N GLY A 21 8.26 -5.63 10.46
CA GLY A 21 9.38 -4.78 10.10
C GLY A 21 8.91 -3.39 9.74
N ILE A 22 9.34 -2.90 8.60
CA ILE A 22 8.87 -1.61 8.11
C ILE A 22 8.74 -1.65 6.60
N ILE A 23 7.65 -1.10 6.11
CA ILE A 23 7.41 -1.00 4.68
C ILE A 23 6.89 0.40 4.37
N VAL A 24 7.57 1.12 3.51
CA VAL A 24 7.09 2.44 3.14
C VAL A 24 6.43 2.39 1.76
N LEU A 25 5.48 3.27 1.56
CA LEU A 25 4.80 3.36 0.29
C LEU A 25 4.49 4.80 -0.03
N GLU A 26 4.24 5.06 -1.28
CA GLU A 26 3.88 6.40 -1.72
C GLU A 26 2.76 6.30 -2.72
N LEU A 27 2.07 7.39 -2.93
CA LEU A 27 0.87 7.37 -3.75
C LEU A 27 1.19 7.83 -5.17
N TYR A 28 0.21 7.71 -6.05
CA TYR A 28 0.36 8.25 -7.39
C TYR A 28 -0.16 9.66 -7.48
N TRP A 29 0.74 10.60 -7.35
CA TRP A 29 0.39 12.01 -7.38
C TRP A 29 0.28 12.50 -8.83
N LYS A 30 0.62 11.61 -9.76
CA LYS A 30 0.60 11.93 -11.17
C LYS A 30 -0.83 12.14 -11.67
N HIS A 31 -1.69 11.16 -11.43
CA HIS A 31 -3.04 11.22 -11.97
C HIS A 31 -4.08 10.99 -10.88
N ALA A 32 -3.62 10.91 -9.63
CA ALA A 32 -4.51 10.81 -8.50
C ALA A 32 -4.18 11.85 -7.44
N PRO A 33 -4.52 13.12 -7.70
CA PRO A 33 -4.19 14.24 -6.81
C PRO A 33 -5.07 14.29 -5.58
N LYS A 34 -6.27 13.76 -5.68
CA LYS A 34 -7.20 13.76 -4.56
C LYS A 34 -7.01 12.51 -3.73
N THR A 35 -6.86 11.39 -4.41
CA THR A 35 -6.71 10.09 -3.77
C THR A 35 -5.49 10.04 -2.85
N CYS A 36 -4.38 10.61 -3.33
CA CYS A 36 -3.14 10.58 -2.57
C CYS A 36 -3.25 11.37 -1.26
N LYS A 37 -4.05 12.44 -1.28
CA LYS A 37 -4.22 13.26 -0.10
C LYS A 37 -5.17 12.61 0.90
N ASN A 38 -6.14 11.86 0.41
CA ASN A 38 -7.06 11.15 1.29
C ASN A 38 -6.29 10.12 2.12
N PHE A 39 -5.39 9.39 1.46
CA PHE A 39 -4.54 8.43 2.14
C PHE A 39 -3.61 9.15 3.11
N ALA A 40 -3.00 10.22 2.63
CA ALA A 40 -2.08 11.03 3.44
C ALA A 40 -2.74 11.55 4.72
N GLU A 41 -3.92 12.15 4.58
CA GLU A 41 -4.62 12.72 5.74
C GLU A 41 -5.10 11.61 6.69
N LEU A 42 -5.39 10.44 6.15
CA LEU A 42 -5.74 9.30 6.99
C LEU A 42 -4.51 8.82 7.77
N ALA A 43 -3.36 8.88 7.11
CA ALA A 43 -2.11 8.48 7.73
C ALA A 43 -1.74 9.41 8.88
N ARG A 44 -1.84 10.71 8.63
CA ARG A 44 -1.50 11.72 9.66
C ARG A 44 -2.50 11.69 10.81
N ARG A 45 -3.74 11.32 10.51
CA ARG A 45 -4.77 11.24 11.53
C ARG A 45 -4.44 10.10 12.50
N GLY A 46 -3.86 9.03 11.95
CA GLY A 46 -3.35 7.97 12.79
C GLY A 46 -4.22 6.74 12.78
N TYR A 47 -4.97 6.55 11.69
CA TYR A 47 -5.92 5.46 11.62
C TYR A 47 -5.23 4.16 11.23
N TYR A 48 -4.15 4.25 10.46
CA TYR A 48 -3.42 3.06 10.05
C TYR A 48 -2.60 2.50 11.20
N ASN A 49 -2.40 3.32 12.23
CA ASN A 49 -1.66 2.89 13.41
C ASN A 49 -2.47 1.87 14.20
N GLY A 50 -3.73 1.73 13.83
CA GLY A 50 -4.58 0.75 14.47
C GLY A 50 -5.12 -0.27 13.49
N THR A 51 -4.49 -0.34 12.31
CA THR A 51 -4.93 -1.27 11.28
C THR A 51 -4.09 -2.54 11.30
N LYS A 52 -4.63 -3.60 10.72
CA LYS A 52 -3.98 -4.90 10.73
C LYS A 52 -4.19 -5.61 9.40
N PHE A 53 -3.30 -6.52 9.05
CA PHE A 53 -3.43 -7.29 7.83
C PHE A 53 -4.34 -8.48 8.08
N HIS A 54 -5.37 -8.63 7.27
CA HIS A 54 -6.36 -9.67 7.50
C HIS A 54 -6.55 -10.56 6.27
N ARG A 55 -6.04 -10.13 5.12
CA ARG A 55 -6.07 -10.97 3.93
C ARG A 55 -4.65 -11.17 3.43
N ILE A 56 -4.09 -12.32 3.72
CA ILE A 56 -2.71 -12.62 3.34
C ILE A 56 -2.71 -13.87 2.49
N ILE A 57 -2.78 -13.69 1.19
CA ILE A 57 -2.75 -14.80 0.28
C ILE A 57 -1.36 -14.93 -0.30
N LYS A 58 -0.75 -16.09 -0.09
CA LYS A 58 0.57 -16.39 -0.63
C LYS A 58 0.62 -16.07 -2.12
N ASP A 59 1.68 -15.35 -2.52
CA ASP A 59 1.92 -14.93 -3.91
C ASP A 59 0.66 -14.38 -4.58
N PHE A 60 -0.12 -13.61 -3.82
CA PHE A 60 -1.35 -13.04 -4.35
C PHE A 60 -1.46 -11.57 -3.95
N MET A 61 -1.92 -11.33 -2.73
CA MET A 61 -2.10 -9.97 -2.23
C MET A 61 -2.19 -9.96 -0.71
N ILE A 62 -1.85 -8.83 -0.11
CA ILE A 62 -1.87 -8.67 1.33
C ILE A 62 -2.73 -7.47 1.70
N GLN A 63 -3.95 -7.73 2.14
CA GLN A 63 -4.86 -6.68 2.54
C GLN A 63 -4.66 -6.29 4.00
N GLY A 64 -4.39 -5.01 4.21
CA GLY A 64 -4.23 -4.50 5.55
C GLY A 64 -5.06 -3.26 5.78
N GLY A 65 -5.69 -3.19 6.94
CA GLY A 65 -6.49 -2.04 7.25
C GLY A 65 -7.54 -2.31 8.31
N ASP A 66 -8.59 -1.50 8.29
CA ASP A 66 -9.70 -1.58 9.22
C ASP A 66 -9.25 -1.48 10.68
N PRO A 67 -9.19 -0.25 11.20
CA PRO A 67 -8.90 0.00 12.62
C PRO A 67 -10.04 -0.44 13.53
N THR A 68 -11.21 -0.63 12.95
CA THR A 68 -12.43 -0.86 13.72
C THR A 68 -12.77 -2.36 13.82
N GLY A 69 -12.58 -3.08 12.73
CA GLY A 69 -12.98 -4.48 12.71
C GLY A 69 -14.43 -4.61 12.25
N THR A 70 -14.90 -3.63 11.51
CA THR A 70 -16.28 -3.59 11.04
C THR A 70 -16.37 -4.03 9.59
N GLY A 71 -15.23 -4.02 8.94
CA GLY A 71 -15.18 -4.38 7.54
C GLY A 71 -15.00 -3.19 6.64
N ARG A 72 -15.28 -2.00 7.17
CA ARG A 72 -15.12 -0.76 6.43
C ARG A 72 -13.90 0.01 6.93
N GLY A 73 -13.65 -0.08 8.23
CA GLY A 73 -12.56 0.67 8.82
C GLY A 73 -12.99 2.06 9.24
N GLY A 74 -12.02 2.95 9.39
CA GLY A 74 -12.32 4.32 9.74
C GLY A 74 -12.60 5.17 8.52
N ALA A 75 -11.72 6.13 8.26
CA ALA A 75 -11.79 6.97 7.05
C ALA A 75 -13.13 7.70 6.95
N SER A 76 -13.63 8.18 8.08
CA SER A 76 -14.88 8.89 8.10
C SER A 76 -14.63 10.38 8.39
N ILE A 77 -13.40 10.82 8.11
CA ILE A 77 -13.01 12.21 8.36
C ILE A 77 -13.68 13.16 7.37
N TYR A 78 -14.08 12.61 6.23
CA TYR A 78 -14.75 13.40 5.19
C TYR A 78 -16.24 13.08 5.13
N GLY A 79 -16.67 12.26 6.08
CA GLY A 79 -18.07 11.89 6.17
C GLY A 79 -18.29 10.44 5.81
N LYS A 80 -19.06 10.21 4.75
CA LYS A 80 -19.24 8.88 4.20
C LYS A 80 -18.13 8.64 3.18
N GLN A 81 -18.33 7.64 2.31
CA GLN A 81 -17.38 7.39 1.24
C GLN A 81 -17.34 8.59 0.29
N PHE A 82 -16.26 8.69 -0.46
CA PHE A 82 -16.00 9.88 -1.26
C PHE A 82 -16.49 9.70 -2.68
N GLU A 83 -15.84 8.82 -3.42
CA GLU A 83 -16.11 8.62 -4.83
C GLU A 83 -15.38 7.38 -5.31
N ASP A 84 -15.91 6.73 -6.33
CA ASP A 84 -15.20 5.65 -6.98
C ASP A 84 -14.13 6.24 -7.89
N GLU A 85 -12.89 6.14 -7.46
CA GLU A 85 -11.78 6.70 -8.21
C GLU A 85 -11.06 5.59 -8.94
N LEU A 86 -11.77 4.50 -9.16
CA LEU A 86 -11.24 3.34 -9.84
C LEU A 86 -10.72 3.71 -11.22
N HIS A 87 -9.41 3.94 -11.31
CA HIS A 87 -8.80 4.34 -12.56
C HIS A 87 -7.28 4.23 -12.44
N PRO A 88 -6.74 3.03 -12.60
CA PRO A 88 -5.29 2.81 -12.59
C PRO A 88 -4.61 3.45 -13.79
N ASP A 89 -3.91 4.55 -13.56
CA ASP A 89 -3.06 5.13 -14.59
C ASP A 89 -1.88 4.20 -14.81
N LEU A 90 -1.56 3.49 -13.75
CA LEU A 90 -0.55 2.45 -13.77
C LEU A 90 -1.16 1.15 -14.27
N LYS A 91 -0.36 0.11 -14.36
CA LYS A 91 -0.90 -1.21 -14.68
C LYS A 91 -0.16 -2.27 -13.87
N PHE A 92 -0.71 -3.48 -13.85
CA PHE A 92 -0.04 -4.59 -13.21
C PHE A 92 1.27 -4.89 -13.94
N THR A 93 2.36 -4.87 -13.21
CA THR A 93 3.68 -5.09 -13.78
C THR A 93 4.37 -6.26 -13.10
N GLY A 94 4.22 -6.32 -11.79
CA GLY A 94 4.74 -7.43 -11.02
C GLY A 94 4.28 -7.38 -9.59
N ALA A 95 5.10 -7.86 -8.68
CA ALA A 95 4.79 -7.80 -7.26
C ALA A 95 5.24 -6.47 -6.67
N GLY A 96 4.39 -5.88 -5.84
CA GLY A 96 4.71 -4.61 -5.21
C GLY A 96 3.76 -3.52 -5.63
N ILE A 97 2.59 -3.90 -6.12
CA ILE A 97 1.61 -2.92 -6.55
C ILE A 97 0.76 -2.51 -5.36
N LEU A 98 0.91 -1.26 -4.94
CA LEU A 98 0.16 -0.77 -3.80
C LEU A 98 -1.20 -0.21 -4.25
N ALA A 99 -2.26 -0.76 -3.68
CA ALA A 99 -3.60 -0.30 -3.97
C ALA A 99 -4.38 -0.10 -2.67
N MET A 100 -5.52 0.56 -2.76
CA MET A 100 -6.35 0.80 -1.60
C MET A 100 -7.56 -0.11 -1.64
N ALA A 101 -8.00 -0.59 -0.49
CA ALA A 101 -9.11 -1.53 -0.42
C ALA A 101 -10.42 -0.79 -0.15
N ASN A 102 -11.52 -1.47 -0.41
CA ASN A 102 -12.83 -0.84 -0.38
C ASN A 102 -13.92 -1.88 -0.20
N ALA A 103 -15.10 -1.43 0.19
CA ALA A 103 -16.23 -2.33 0.42
C ALA A 103 -17.12 -2.34 -0.82
N GLY A 104 -16.96 -1.31 -1.61
CA GLY A 104 -17.66 -1.19 -2.87
C GLY A 104 -16.87 -0.28 -3.79
N PRO A 105 -17.27 -0.16 -5.06
CA PRO A 105 -16.55 0.66 -6.04
C PRO A 105 -16.27 2.07 -5.53
N ASP A 106 -17.27 2.68 -4.92
CA ASP A 106 -17.15 4.02 -4.37
C ASP A 106 -16.83 3.99 -2.89
N THR A 107 -17.07 2.85 -2.27
CA THR A 107 -16.93 2.73 -0.84
C THR A 107 -15.48 2.45 -0.47
N ASN A 108 -14.60 3.24 -1.07
CA ASN A 108 -13.18 3.22 -0.76
C ASN A 108 -12.98 3.65 0.68
N GLY A 109 -12.22 2.87 1.44
CA GLY A 109 -12.16 3.10 2.88
C GLY A 109 -10.75 3.23 3.42
N SER A 110 -10.57 2.76 4.65
CA SER A 110 -9.34 2.96 5.38
C SER A 110 -8.47 1.70 5.29
N GLN A 111 -8.65 0.97 4.21
CA GLN A 111 -7.93 -0.27 4.01
C GLN A 111 -7.06 -0.18 2.77
N PHE A 112 -5.98 -0.92 2.75
CA PHE A 112 -5.10 -0.95 1.58
C PHE A 112 -4.62 -2.38 1.36
N PHE A 113 -3.98 -2.63 0.24
CA PHE A 113 -3.41 -3.95 0.00
C PHE A 113 -2.28 -3.87 -1.02
N VAL A 114 -1.33 -4.78 -0.87
CA VAL A 114 -0.23 -4.89 -1.81
C VAL A 114 -0.33 -6.21 -2.55
N THR A 115 -0.03 -6.19 -3.83
CA THR A 115 -0.11 -7.40 -4.64
C THR A 115 1.25 -8.07 -4.71
N LEU A 116 1.26 -9.35 -4.35
CA LEU A 116 2.46 -10.17 -4.43
C LEU A 116 2.61 -10.76 -5.82
N ALA A 117 1.59 -10.56 -6.63
CA ALA A 117 1.56 -11.03 -8.01
C ALA A 117 0.76 -10.06 -8.87
N PRO A 118 0.95 -10.09 -10.20
CA PRO A 118 0.21 -9.22 -11.12
C PRO A 118 -1.26 -9.60 -11.22
N THR A 119 -2.13 -8.71 -10.77
CA THR A 119 -3.56 -8.94 -10.81
C THR A 119 -4.21 -8.09 -11.90
N GLN A 120 -4.80 -8.73 -12.89
CA GLN A 120 -5.39 -8.01 -14.02
C GLN A 120 -6.91 -8.06 -13.95
N TRP A 121 -7.42 -8.35 -12.76
CA TRP A 121 -8.85 -8.47 -12.56
C TRP A 121 -9.31 -7.59 -11.39
N LEU A 122 -8.39 -6.81 -10.84
CA LEU A 122 -8.70 -5.91 -9.74
C LEU A 122 -8.62 -4.46 -10.16
N ASP A 123 -8.25 -4.23 -11.43
CA ASP A 123 -8.04 -2.87 -11.93
C ASP A 123 -9.36 -2.12 -12.06
N GLY A 124 -10.46 -2.84 -11.90
CA GLY A 124 -11.77 -2.20 -11.91
C GLY A 124 -12.56 -2.55 -10.67
N LYS A 125 -11.86 -3.02 -9.65
CA LYS A 125 -12.50 -3.42 -8.40
C LYS A 125 -11.91 -2.63 -7.24
N HIS A 126 -10.65 -2.22 -7.40
CA HIS A 126 -9.96 -1.45 -6.36
C HIS A 126 -9.13 -0.35 -7.01
N THR A 127 -9.22 0.85 -6.44
CA THR A 127 -8.39 1.96 -6.91
C THR A 127 -6.93 1.71 -6.55
N ILE A 128 -6.10 1.50 -7.56
CA ILE A 128 -4.68 1.24 -7.36
C ILE A 128 -3.87 2.51 -7.58
N PHE A 129 -3.17 2.95 -6.55
CA PHE A 129 -2.34 4.15 -6.64
C PHE A 129 -1.23 4.13 -5.58
N GLY A 130 -0.21 3.31 -5.79
CA GLY A 130 0.85 3.25 -4.82
C GLY A 130 2.12 2.61 -5.34
N ARG A 131 3.22 2.95 -4.68
CA ARG A 131 4.52 2.35 -4.93
C ARG A 131 5.07 1.80 -3.62
N VAL A 132 5.43 0.54 -3.57
CA VAL A 132 6.10 0.01 -2.39
C VAL A 132 7.62 0.20 -2.52
N CYS A 133 8.24 0.70 -1.46
CA CYS A 133 9.67 0.99 -1.50
C CYS A 133 10.34 0.60 -0.19
N GLN A 134 11.64 0.26 -0.28
CA GLN A 134 12.50 -0.07 0.87
C GLN A 134 11.80 -0.96 1.91
N GLY A 135 10.94 -1.85 1.43
CA GLY A 135 10.22 -2.74 2.32
C GLY A 135 9.71 -3.97 1.62
N ILE A 136 10.23 -4.24 0.43
CA ILE A 136 9.72 -5.32 -0.40
C ILE A 136 10.12 -6.68 0.19
N GLY A 137 11.30 -6.73 0.80
CA GLY A 137 11.74 -7.94 1.45
C GLY A 137 10.80 -8.35 2.55
N MET A 138 10.26 -7.36 3.26
CA MET A 138 9.32 -7.64 4.33
C MET A 138 7.99 -8.09 3.76
N VAL A 139 7.47 -7.34 2.80
CA VAL A 139 6.22 -7.72 2.12
C VAL A 139 6.32 -9.12 1.54
N ASN A 140 7.52 -9.50 1.14
CA ASN A 140 7.75 -10.82 0.58
C ASN A 140 7.63 -11.90 1.64
N ARG A 141 8.34 -11.71 2.74
CA ARG A 141 8.35 -12.69 3.82
C ARG A 141 7.05 -12.62 4.64
N VAL A 142 6.28 -11.55 4.45
CA VAL A 142 4.98 -11.43 5.10
C VAL A 142 3.89 -11.99 4.20
N GLY A 143 4.14 -11.96 2.91
CA GLY A 143 3.18 -12.49 1.95
C GLY A 143 3.45 -13.93 1.59
N MET A 144 4.58 -14.46 2.04
CA MET A 144 4.90 -15.85 1.77
C MET A 144 4.27 -16.76 2.81
N VAL A 145 3.75 -16.15 3.88
CA VAL A 145 3.11 -16.91 4.94
C VAL A 145 1.70 -17.31 4.56
N GLU A 146 1.17 -18.29 5.26
CA GLU A 146 -0.20 -18.71 5.06
C GLU A 146 -0.83 -19.08 6.40
N THR A 147 -0.06 -19.75 7.25
CA THR A 147 -0.53 -20.12 8.56
C THR A 147 0.40 -19.58 9.64
N ASN A 148 -0.20 -19.08 10.72
CA ASN A 148 0.57 -18.51 11.82
C ASN A 148 0.73 -19.53 12.93
N SER A 149 0.23 -20.72 12.66
CA SER A 149 0.26 -21.82 13.59
C SER A 149 -0.01 -23.11 12.83
N GLN A 150 -0.48 -24.13 13.55
CA GLN A 150 -0.66 -25.47 12.98
C GLN A 150 -1.34 -25.46 11.61
N ASP A 151 -2.57 -24.98 11.52
CA ASP A 151 -3.30 -24.98 10.25
C ASP A 151 -4.15 -23.72 10.12
N ARG A 152 -3.93 -22.77 11.00
CA ARG A 152 -4.75 -21.56 11.04
C ARG A 152 -4.07 -20.43 10.29
N PRO A 153 -4.82 -19.72 9.43
CA PRO A 153 -4.28 -18.65 8.60
C PRO A 153 -3.68 -17.51 9.42
N VAL A 154 -2.63 -16.90 8.88
CA VAL A 154 -2.01 -15.75 9.53
C VAL A 154 -2.99 -14.60 9.69
N ASP A 155 -3.39 -14.34 10.93
CA ASP A 155 -4.40 -13.32 11.22
C ASP A 155 -3.75 -12.14 11.95
N ASP A 156 -2.62 -12.39 12.60
CA ASP A 156 -2.01 -11.39 13.46
C ASP A 156 -0.78 -10.74 12.83
N VAL A 157 -1.03 -9.72 12.02
CA VAL A 157 0.02 -8.85 11.50
C VAL A 157 -0.49 -7.42 11.53
N LYS A 158 0.20 -6.52 12.22
CA LYS A 158 -0.36 -5.22 12.51
C LYS A 158 0.57 -4.09 12.09
N ILE A 159 -0.03 -2.95 11.78
CA ILE A 159 0.73 -1.74 11.53
C ILE A 159 0.90 -1.01 12.85
N ILE A 160 2.13 -0.98 13.34
CA ILE A 160 2.43 -0.40 14.64
C ILE A 160 2.44 1.12 14.55
N LYS A 161 3.22 1.63 13.60
CA LYS A 161 3.31 3.06 13.35
C LYS A 161 3.15 3.34 11.86
N ALA A 162 2.28 4.28 11.53
CA ALA A 162 2.08 4.66 10.14
C ALA A 162 1.87 6.14 10.02
N TYR A 163 2.85 6.82 9.44
CA TYR A 163 2.82 8.26 9.29
C TYR A 163 3.50 8.65 7.97
N PRO A 164 3.14 9.81 7.41
CA PRO A 164 3.80 10.33 6.21
C PRO A 164 5.23 10.75 6.50
N SER A 165 6.15 10.43 5.60
CA SER A 165 7.55 10.73 5.80
C SER A 165 8.18 11.28 4.52
N GLY A 166 9.18 12.12 4.70
CA GLY A 166 9.88 12.67 3.55
C GLY A 166 11.15 11.90 3.24
N GLY A 167 11.57 11.95 2.00
CA GLY A 167 12.77 11.24 1.59
C GLY A 167 13.54 11.98 0.53
N GLY A 168 14.53 12.74 0.94
CA GLY A 168 15.33 13.50 0.00
C GLY A 168 16.48 12.68 -0.56
N GLY A 169 16.69 12.79 -1.85
CA GLY A 169 17.76 12.04 -2.49
C GLY A 169 18.98 12.90 -2.75
N SER A 170 20.15 12.27 -2.76
CA SER A 170 21.40 12.97 -2.99
C SER A 170 22.40 12.03 -3.65
N GLY A 171 23.00 12.50 -4.74
CA GLY A 171 23.97 11.70 -5.45
C GLY A 171 23.89 11.89 -6.95
N GLY A 172 25.03 11.91 -7.61
CA GLY A 172 25.06 12.07 -9.05
C GLY A 172 26.07 11.14 -9.71
N GLY A 173 25.63 9.94 -10.02
CA GLY A 173 26.51 8.98 -10.68
C GLY A 173 27.21 8.07 -9.68
N SER A 174 27.40 6.82 -10.05
CA SER A 174 28.09 5.87 -9.19
C SER A 174 29.59 6.16 -9.20
N GLY A 175 30.08 6.65 -10.33
CA GLY A 175 31.46 7.06 -10.44
C GLY A 175 32.35 5.91 -10.87
N GLY A 176 33.11 5.37 -9.94
CA GLY A 176 34.01 4.28 -10.23
C GLY A 176 33.32 2.93 -10.14
N GLY A 177 32.32 2.74 -10.97
CA GLY A 177 31.57 1.50 -10.97
C GLY A 177 30.14 1.70 -11.42
N SER A 178 29.36 0.64 -11.38
CA SER A 178 27.95 0.69 -11.76
C SER A 178 27.11 -0.14 -10.79
N GLY A 179 25.83 0.19 -10.69
CA GLY A 179 24.94 -0.56 -9.82
C GLY A 179 24.79 0.10 -8.46
N GLY A 180 25.13 -0.64 -7.42
CA GLY A 180 25.02 -0.13 -6.07
C GLY A 180 23.80 -0.66 -5.36
N GLY A 181 22.62 -0.26 -5.84
CA GLY A 181 21.39 -0.75 -5.26
C GLY A 181 20.64 0.33 -4.51
N SER A 182 19.37 0.10 -4.25
CA SER A 182 18.56 1.02 -3.49
C SER A 182 18.00 0.33 -2.23
N GLY A 183 18.62 -0.78 -1.86
CA GLY A 183 18.16 -1.55 -0.72
C GLY A 183 16.96 -2.42 -1.07
N ASP A 184 15.77 -1.88 -0.86
CA ASP A 184 14.54 -2.59 -1.18
C ASP A 184 13.65 -1.75 -2.07
N GLY A 185 12.59 -2.36 -2.53
CA GLY A 185 11.62 -1.67 -3.36
C GLY A 185 10.87 -2.65 -4.23
N GLY A 186 9.59 -2.38 -4.46
CA GLY A 186 8.81 -3.28 -5.27
C GLY A 186 9.02 -3.06 -6.75
N ALA A 187 8.15 -3.62 -7.56
CA ALA A 187 8.21 -3.43 -9.00
C ALA A 187 7.64 -2.07 -9.35
N PHE A 188 7.70 -1.70 -10.63
CA PHE A 188 7.27 -0.38 -11.04
C PHE A 188 6.01 -0.49 -11.88
N PRO A 189 4.85 -0.18 -11.28
CA PRO A 189 3.57 -0.19 -11.97
C PRO A 189 3.37 1.07 -12.80
N GLU A 190 4.23 2.05 -12.53
CA GLU A 190 4.13 3.37 -13.15
C GLU A 190 4.49 3.27 -14.61
N ILE A 191 5.45 2.41 -14.90
CA ILE A 191 5.78 2.08 -16.27
C ILE A 191 4.97 0.85 -16.66
N HIS A 192 4.74 0.66 -17.94
CA HIS A 192 3.90 -0.44 -18.38
C HIS A 192 4.74 -1.55 -18.98
N VAL A 193 5.42 -2.29 -18.13
CA VAL A 193 6.22 -3.43 -18.55
C VAL A 193 6.24 -4.46 -17.42
N ALA A 194 6.33 -5.73 -17.75
CA ALA A 194 6.31 -6.77 -16.74
C ALA A 194 7.70 -7.01 -16.16
N GLN A 195 7.84 -6.79 -14.87
CA GLN A 195 9.13 -7.01 -14.20
C GLN A 195 8.87 -7.35 -12.74
N TYR A 196 9.80 -8.08 -12.15
CA TYR A 196 9.64 -8.54 -10.77
C TYR A 196 10.77 -8.02 -9.90
N PRO A 197 10.43 -7.56 -8.68
CA PRO A 197 11.39 -6.95 -7.77
C PRO A 197 12.50 -7.92 -7.35
N LEU A 198 12.13 -9.07 -6.81
CA LEU A 198 13.10 -10.06 -6.37
C LEU A 198 12.66 -11.48 -6.70
N ASP A 199 11.67 -11.61 -7.60
CA ASP A 199 11.02 -12.90 -7.85
C ASP A 199 10.35 -13.39 -6.58
N MET A 200 9.17 -12.85 -6.34
CA MET A 200 8.36 -13.24 -5.20
C MET A 200 6.94 -13.56 -5.64
N GLY A 201 6.64 -13.24 -6.89
CA GLY A 201 5.33 -13.50 -7.42
C GLY A 201 5.34 -13.95 -8.85
N ARG A 202 6.51 -14.34 -9.37
CA ARG A 202 6.57 -14.79 -10.76
C ARG A 202 6.53 -16.31 -10.84
N LYS A 203 7.14 -16.97 -9.86
CA LYS A 203 7.19 -18.42 -9.83
C LYS A 203 7.19 -18.90 -8.38
N MET A 1 -19.44 17.70 -4.61
CA MET A 1 -18.00 17.36 -4.71
C MET A 1 -17.18 18.28 -3.80
N ALA A 2 -16.99 17.84 -2.56
CA ALA A 2 -16.20 18.59 -1.58
C ALA A 2 -16.04 17.75 -0.31
N ALA A 3 -14.85 17.21 -0.12
CA ALA A 3 -14.56 16.38 1.05
C ALA A 3 -13.07 16.30 1.30
N ILE A 4 -12.72 16.06 2.56
CA ILE A 4 -11.33 15.90 2.99
C ILE A 4 -10.53 17.19 2.78
N PRO A 5 -10.57 18.10 3.76
CA PRO A 5 -9.71 19.26 3.80
C PRO A 5 -8.49 19.01 4.69
N PRO A 6 -7.37 18.58 4.08
CA PRO A 6 -6.17 18.17 4.81
C PRO A 6 -5.46 19.33 5.48
N ASP A 7 -5.29 20.42 4.74
CA ASP A 7 -4.56 21.61 5.20
C ASP A 7 -3.09 21.24 5.47
N SER A 8 -2.66 20.15 4.86
CA SER A 8 -1.30 19.67 4.98
C SER A 8 -0.85 19.05 3.66
N TRP A 9 0.25 19.55 3.14
CA TRP A 9 0.81 19.04 1.90
C TRP A 9 1.43 17.67 2.12
N GLN A 10 2.41 17.62 3.02
CA GLN A 10 3.04 16.36 3.44
C GLN A 10 3.96 15.80 2.36
N PRO A 11 5.00 15.05 2.78
CA PRO A 11 5.89 14.36 1.85
C PRO A 11 5.14 13.37 0.98
N PRO A 12 5.56 13.20 -0.28
CA PRO A 12 4.88 12.33 -1.25
C PRO A 12 4.97 10.84 -0.89
N ASN A 13 5.77 10.54 0.12
CA ASN A 13 6.09 9.16 0.49
C ASN A 13 5.94 8.95 1.98
N VAL A 14 5.43 7.80 2.37
CA VAL A 14 5.21 7.46 3.77
C VAL A 14 5.78 6.08 4.07
N TYR A 15 6.09 5.80 5.32
CA TYR A 15 6.63 4.50 5.68
C TYR A 15 5.74 3.82 6.71
N LEU A 16 5.54 2.53 6.53
CA LEU A 16 4.73 1.73 7.44
C LEU A 16 5.62 0.69 8.13
N GLU A 17 5.95 0.94 9.38
CA GLU A 17 6.76 0.01 10.15
C GLU A 17 5.86 -1.01 10.82
N THR A 18 5.97 -2.26 10.42
CA THR A 18 5.11 -3.29 10.92
C THR A 18 5.84 -4.16 11.94
N SER A 19 5.12 -5.10 12.52
CA SER A 19 5.72 -6.03 13.48
C SER A 19 6.65 -7.02 12.78
N MET A 20 6.49 -7.18 11.47
CA MET A 20 7.32 -8.12 10.72
C MET A 20 8.50 -7.41 10.08
N GLY A 21 8.30 -6.15 9.67
CA GLY A 21 9.37 -5.38 9.11
C GLY A 21 9.00 -3.94 8.91
N ILE A 22 9.41 -3.38 7.78
CA ILE A 22 9.08 -2.02 7.45
C ILE A 22 8.85 -1.91 5.94
N ILE A 23 7.74 -1.32 5.58
CA ILE A 23 7.38 -1.15 4.18
C ILE A 23 7.14 0.32 3.86
N VAL A 24 7.87 0.83 2.88
CA VAL A 24 7.73 2.21 2.47
C VAL A 24 6.92 2.29 1.18
N LEU A 25 6.02 3.24 1.07
CA LEU A 25 5.24 3.41 -0.14
C LEU A 25 4.86 4.87 -0.35
N GLU A 26 4.43 5.19 -1.55
CA GLU A 26 4.07 6.56 -1.88
C GLU A 26 2.78 6.57 -2.67
N LEU A 27 2.17 7.74 -2.80
CA LEU A 27 0.89 7.87 -3.46
C LEU A 27 1.07 8.45 -4.86
N TYR A 28 0.06 8.28 -5.70
CA TYR A 28 0.09 8.86 -7.04
C TYR A 28 -0.32 10.32 -7.02
N TRP A 29 0.66 11.20 -7.03
CA TRP A 29 0.40 12.63 -7.06
C TRP A 29 0.17 13.11 -8.49
N LYS A 30 0.30 12.19 -9.43
CA LYS A 30 0.20 12.52 -10.84
C LYS A 30 -1.25 12.66 -11.27
N HIS A 31 -2.02 11.59 -11.16
CA HIS A 31 -3.40 11.59 -11.63
C HIS A 31 -4.36 11.17 -10.53
N ALA A 32 -3.93 11.23 -9.27
CA ALA A 32 -4.78 10.83 -8.16
C ALA A 32 -4.58 11.75 -6.96
N PRO A 33 -5.08 13.00 -7.06
CA PRO A 33 -4.87 14.03 -6.03
C PRO A 33 -5.68 13.77 -4.76
N LYS A 34 -6.94 13.39 -4.91
CA LYS A 34 -7.85 13.26 -3.78
C LYS A 34 -7.51 12.01 -2.98
N THR A 35 -7.12 10.96 -3.68
CA THR A 35 -6.76 9.70 -3.04
C THR A 35 -5.48 9.85 -2.24
N CYS A 36 -4.50 10.54 -2.85
CA CYS A 36 -3.25 10.84 -2.19
C CYS A 36 -3.48 11.54 -0.87
N LYS A 37 -4.29 12.60 -0.90
CA LYS A 37 -4.60 13.37 0.30
C LYS A 37 -5.27 12.51 1.36
N ASN A 38 -6.11 11.58 0.93
CA ASN A 38 -6.81 10.69 1.85
C ASN A 38 -5.81 9.84 2.62
N PHE A 39 -4.98 9.11 1.89
CA PHE A 39 -4.00 8.21 2.51
C PHE A 39 -2.95 9.00 3.28
N ALA A 40 -2.50 10.11 2.72
CA ALA A 40 -1.52 10.96 3.39
C ALA A 40 -2.02 11.45 4.73
N GLU A 41 -3.28 11.89 4.76
CA GLU A 41 -3.89 12.37 6.00
C GLU A 41 -3.94 11.27 7.06
N LEU A 42 -4.41 10.09 6.70
CA LEU A 42 -4.50 9.01 7.67
C LEU A 42 -3.11 8.57 8.13
N ALA A 43 -2.11 8.79 7.29
CA ALA A 43 -0.74 8.46 7.63
C ALA A 43 -0.19 9.42 8.67
N ARG A 44 -0.25 10.71 8.36
CA ARG A 44 0.38 11.71 9.19
C ARG A 44 -0.46 12.06 10.44
N ARG A 45 -1.78 11.92 10.34
CA ARG A 45 -2.66 12.31 11.44
C ARG A 45 -2.56 11.29 12.57
N GLY A 46 -2.76 10.03 12.24
CA GLY A 46 -2.61 8.99 13.23
C GLY A 46 -3.63 7.88 13.08
N TYR A 47 -3.79 7.37 11.87
CA TYR A 47 -4.72 6.28 11.62
C TYR A 47 -4.00 4.96 11.48
N TYR A 48 -2.98 4.92 10.61
CA TYR A 48 -2.30 3.67 10.32
C TYR A 48 -1.49 3.19 11.53
N ASN A 49 -1.23 4.10 12.46
CA ASN A 49 -0.66 3.69 13.74
C ASN A 49 -1.73 3.04 14.57
N GLY A 50 -1.90 1.77 14.32
CA GLY A 50 -2.93 0.98 14.97
C GLY A 50 -3.77 0.22 13.96
N THR A 51 -3.19 -0.03 12.80
CA THR A 51 -3.88 -0.76 11.74
C THR A 51 -3.29 -2.13 11.58
N LYS A 52 -4.04 -3.05 11.01
CA LYS A 52 -3.60 -4.42 10.89
C LYS A 52 -3.93 -5.00 9.53
N PHE A 53 -3.21 -6.04 9.14
CA PHE A 53 -3.47 -6.72 7.89
C PHE A 53 -4.58 -7.74 8.10
N HIS A 54 -5.65 -7.60 7.33
CA HIS A 54 -6.84 -8.40 7.54
C HIS A 54 -6.84 -9.60 6.60
N ARG A 55 -6.43 -9.38 5.35
CA ARG A 55 -6.44 -10.43 4.36
C ARG A 55 -5.05 -10.62 3.77
N ILE A 56 -4.44 -11.77 4.02
CA ILE A 56 -3.12 -12.05 3.52
C ILE A 56 -3.19 -13.27 2.62
N ILE A 57 -3.41 -13.03 1.34
CA ILE A 57 -3.50 -14.11 0.39
C ILE A 57 -2.16 -14.31 -0.30
N LYS A 58 -1.61 -15.51 -0.15
CA LYS A 58 -0.36 -15.86 -0.79
C LYS A 58 -0.41 -15.59 -2.29
N ASP A 59 0.60 -14.88 -2.78
CA ASP A 59 0.76 -14.58 -4.22
C ASP A 59 -0.44 -13.83 -4.78
N PHE A 60 -1.15 -13.11 -3.93
CA PHE A 60 -2.35 -12.41 -4.35
C PHE A 60 -2.29 -10.95 -3.94
N MET A 61 -2.67 -10.70 -2.70
CA MET A 61 -2.72 -9.35 -2.17
C MET A 61 -2.73 -9.39 -0.65
N ILE A 62 -2.25 -8.32 -0.05
CA ILE A 62 -2.22 -8.19 1.40
C ILE A 62 -3.04 -6.99 1.80
N GLN A 63 -4.26 -7.25 2.23
CA GLN A 63 -5.17 -6.18 2.63
C GLN A 63 -4.90 -5.79 4.07
N GLY A 64 -4.63 -4.52 4.28
CA GLY A 64 -4.41 -4.02 5.62
C GLY A 64 -5.12 -2.71 5.87
N GLY A 65 -5.48 -2.46 7.10
CA GLY A 65 -6.10 -1.19 7.42
C GLY A 65 -6.97 -1.22 8.67
N ASP A 66 -8.17 -1.77 8.54
CA ASP A 66 -9.22 -1.60 9.55
C ASP A 66 -8.73 -1.83 10.98
N PRO A 67 -8.65 -0.73 11.75
CA PRO A 67 -8.21 -0.74 13.15
C PRO A 67 -9.27 -1.30 14.07
N THR A 68 -10.48 -1.39 13.53
CA THR A 68 -11.63 -1.82 14.30
C THR A 68 -11.74 -3.34 14.35
N GLY A 69 -11.24 -4.00 13.31
CA GLY A 69 -11.36 -5.44 13.22
C GLY A 69 -12.69 -5.85 12.67
N THR A 70 -13.50 -4.86 12.31
CA THR A 70 -14.85 -5.08 11.83
C THR A 70 -14.85 -5.28 10.33
N GLY A 71 -13.82 -4.74 9.68
CA GLY A 71 -13.74 -4.79 8.24
C GLY A 71 -14.08 -3.46 7.61
N ARG A 72 -14.71 -2.58 8.38
CA ARG A 72 -15.03 -1.23 7.90
C ARG A 72 -13.81 -0.32 8.04
N GLY A 73 -13.20 -0.37 9.22
CA GLY A 73 -12.07 0.49 9.51
C GLY A 73 -12.46 1.74 10.28
N GLY A 74 -11.50 2.62 10.46
CA GLY A 74 -11.76 3.90 11.11
C GLY A 74 -12.22 4.94 10.10
N ALA A 75 -11.28 5.72 9.57
CA ALA A 75 -11.54 6.66 8.48
C ALA A 75 -12.56 7.72 8.88
N SER A 76 -12.40 8.24 10.08
CA SER A 76 -13.36 9.17 10.64
C SER A 76 -13.03 10.61 10.22
N ILE A 77 -12.35 10.75 9.10
CA ILE A 77 -12.00 12.07 8.59
C ILE A 77 -12.94 12.53 7.49
N TYR A 78 -13.66 11.59 6.90
CA TYR A 78 -14.62 11.94 5.85
C TYR A 78 -16.04 11.50 6.20
N GLY A 79 -16.17 10.53 7.09
CA GLY A 79 -17.48 9.99 7.41
C GLY A 79 -18.01 9.10 6.30
N LYS A 80 -18.88 9.64 5.47
CA LYS A 80 -19.32 8.92 4.28
C LYS A 80 -18.27 9.03 3.19
N GLN A 81 -18.35 8.14 2.21
CA GLN A 81 -17.37 8.11 1.14
C GLN A 81 -17.45 9.37 0.28
N PHE A 82 -16.49 9.51 -0.62
CA PHE A 82 -16.43 10.66 -1.49
C PHE A 82 -17.09 10.34 -2.81
N GLU A 83 -16.42 9.52 -3.59
CA GLU A 83 -16.95 9.01 -4.83
C GLU A 83 -16.03 7.90 -5.31
N ASP A 84 -16.41 7.19 -6.34
CA ASP A 84 -15.54 6.16 -6.88
C ASP A 84 -14.44 6.80 -7.71
N GLU A 85 -13.23 6.79 -7.18
CA GLU A 85 -12.09 7.41 -7.85
C GLU A 85 -11.42 6.38 -8.75
N LEU A 86 -12.18 5.34 -9.06
CA LEU A 86 -11.70 4.23 -9.87
C LEU A 86 -11.22 4.74 -11.22
N HIS A 87 -9.91 4.85 -11.37
CA HIS A 87 -9.32 5.33 -12.61
C HIS A 87 -7.89 4.84 -12.72
N PRO A 88 -7.72 3.55 -13.05
CA PRO A 88 -6.40 2.95 -13.20
C PRO A 88 -5.65 3.53 -14.40
N ASP A 89 -4.88 4.57 -14.13
CA ASP A 89 -4.00 5.16 -15.13
C ASP A 89 -2.71 4.34 -15.20
N LEU A 90 -2.52 3.53 -14.18
CA LEU A 90 -1.37 2.66 -14.09
C LEU A 90 -1.72 1.28 -14.64
N LYS A 91 -0.73 0.41 -14.70
CA LYS A 91 -0.93 -0.95 -15.17
C LYS A 91 -0.31 -1.93 -14.19
N PHE A 92 -0.92 -3.11 -14.05
CA PHE A 92 -0.36 -4.14 -13.20
C PHE A 92 0.89 -4.69 -13.84
N THR A 93 2.02 -4.13 -13.44
CA THR A 93 3.29 -4.46 -14.03
C THR A 93 3.84 -5.74 -13.39
N GLY A 94 3.69 -5.84 -12.09
CA GLY A 94 4.08 -7.03 -11.37
C GLY A 94 3.57 -7.02 -9.95
N ALA A 95 4.46 -7.31 -9.01
CA ALA A 95 4.11 -7.32 -7.60
C ALA A 95 4.51 -6.00 -6.95
N GLY A 96 3.69 -5.54 -6.03
CA GLY A 96 3.99 -4.31 -5.32
C GLY A 96 3.06 -3.19 -5.71
N ILE A 97 1.86 -3.55 -6.18
CA ILE A 97 0.89 -2.54 -6.60
C ILE A 97 0.08 -2.10 -5.39
N LEU A 98 0.31 -0.88 -4.96
CA LEU A 98 -0.37 -0.34 -3.79
C LEU A 98 -1.71 0.27 -4.19
N ALA A 99 -2.79 -0.35 -3.75
CA ALA A 99 -4.13 0.14 -4.05
C ALA A 99 -4.94 0.29 -2.77
N MET A 100 -6.12 0.89 -2.88
CA MET A 100 -6.97 1.10 -1.72
C MET A 100 -7.99 -0.03 -1.62
N ALA A 101 -8.37 -0.37 -0.40
CA ALA A 101 -9.36 -1.40 -0.18
C ALA A 101 -10.75 -0.80 -0.03
N ASN A 102 -11.67 -1.27 -0.85
CA ASN A 102 -13.04 -0.80 -0.82
C ASN A 102 -14.00 -1.93 -1.13
N ALA A 103 -15.27 -1.72 -0.81
CA ALA A 103 -16.29 -2.73 -1.03
C ALA A 103 -16.58 -2.89 -2.51
N GLY A 104 -16.71 -1.76 -3.19
CA GLY A 104 -16.99 -1.77 -4.61
C GLY A 104 -17.56 -0.45 -5.10
N PRO A 105 -18.89 -0.35 -5.22
CA PRO A 105 -19.54 0.88 -5.68
C PRO A 105 -19.29 2.05 -4.74
N ASP A 106 -18.19 2.75 -5.00
CA ASP A 106 -17.80 4.00 -4.32
C ASP A 106 -17.76 3.88 -2.81
N THR A 107 -17.80 2.67 -2.29
CA THR A 107 -17.65 2.47 -0.87
C THR A 107 -16.17 2.32 -0.54
N ASN A 108 -15.42 3.37 -0.84
CA ASN A 108 -13.98 3.40 -0.59
C ASN A 108 -13.68 3.74 0.85
N GLY A 109 -12.64 3.11 1.38
CA GLY A 109 -12.26 3.32 2.76
C GLY A 109 -10.82 3.75 2.89
N SER A 110 -10.34 3.82 4.12
CA SER A 110 -8.97 4.22 4.39
C SER A 110 -8.04 3.02 4.36
N GLN A 111 -8.61 1.88 4.03
CA GLN A 111 -7.85 0.63 3.98
C GLN A 111 -7.07 0.54 2.68
N PHE A 112 -6.05 -0.28 2.65
CA PHE A 112 -5.22 -0.45 1.47
C PHE A 112 -4.86 -1.91 1.30
N PHE A 113 -4.31 -2.25 0.16
CA PHE A 113 -3.78 -3.59 -0.05
C PHE A 113 -2.67 -3.56 -1.07
N VAL A 114 -1.70 -4.43 -0.88
CA VAL A 114 -0.60 -4.57 -1.82
C VAL A 114 -0.73 -5.89 -2.55
N THR A 115 -0.55 -5.86 -3.84
CA THR A 115 -0.69 -7.05 -4.65
C THR A 115 0.65 -7.75 -4.81
N LEU A 116 0.67 -9.02 -4.45
CA LEU A 116 1.87 -9.84 -4.56
C LEU A 116 2.04 -10.36 -5.98
N ALA A 117 1.01 -10.15 -6.78
CA ALA A 117 1.04 -10.54 -8.19
C ALA A 117 0.10 -9.64 -9.00
N PRO A 118 0.32 -9.55 -10.33
CA PRO A 118 -0.55 -8.79 -11.22
C PRO A 118 -1.99 -9.29 -11.19
N THR A 119 -2.91 -8.40 -10.87
CA THR A 119 -4.31 -8.76 -10.73
C THR A 119 -5.18 -7.83 -11.56
N GLN A 120 -5.40 -8.20 -12.82
CA GLN A 120 -5.95 -7.27 -13.80
C GLN A 120 -7.46 -7.41 -13.86
N TRP A 121 -8.00 -7.89 -12.76
CA TRP A 121 -9.42 -8.08 -12.61
C TRP A 121 -9.93 -7.17 -11.49
N LEU A 122 -9.00 -6.43 -10.88
CA LEU A 122 -9.33 -5.52 -9.80
C LEU A 122 -9.24 -4.07 -10.27
N ASP A 123 -8.91 -3.91 -11.53
CA ASP A 123 -8.66 -2.59 -12.11
C ASP A 123 -9.94 -1.78 -12.19
N GLY A 124 -11.07 -2.44 -12.05
CA GLY A 124 -12.34 -1.74 -12.05
C GLY A 124 -13.09 -1.96 -10.77
N LYS A 125 -12.39 -2.46 -9.76
CA LYS A 125 -13.01 -2.80 -8.49
C LYS A 125 -12.43 -1.94 -7.37
N HIS A 126 -11.13 -1.67 -7.45
CA HIS A 126 -10.44 -0.92 -6.40
C HIS A 126 -9.56 0.15 -7.03
N THR A 127 -9.69 1.38 -6.55
CA THR A 127 -8.84 2.48 -7.01
C THR A 127 -7.38 2.21 -6.60
N ILE A 128 -6.49 2.26 -7.57
CA ILE A 128 -5.08 2.02 -7.31
C ILE A 128 -4.30 3.32 -7.39
N PHE A 129 -3.53 3.61 -6.36
CA PHE A 129 -2.70 4.81 -6.34
C PHE A 129 -1.57 4.68 -5.32
N GLY A 130 -0.60 3.82 -5.63
CA GLY A 130 0.52 3.65 -4.74
C GLY A 130 1.69 2.94 -5.39
N ARG A 131 2.89 3.19 -4.86
CA ARG A 131 4.08 2.49 -5.29
C ARG A 131 4.91 2.10 -4.07
N VAL A 132 5.14 0.80 -3.88
CA VAL A 132 5.96 0.33 -2.76
C VAL A 132 7.45 0.44 -3.08
N CYS A 133 8.23 0.91 -2.12
CA CYS A 133 9.66 1.10 -2.30
C CYS A 133 10.39 0.79 -1.01
N GLN A 134 11.63 0.30 -1.13
CA GLN A 134 12.50 0.01 0.02
C GLN A 134 11.75 -0.79 1.10
N GLY A 135 11.15 -1.88 0.70
CA GLY A 135 10.46 -2.72 1.65
C GLY A 135 9.75 -3.88 0.97
N ILE A 136 10.25 -4.27 -0.19
CA ILE A 136 9.61 -5.29 -0.98
C ILE A 136 9.95 -6.67 -0.43
N GLY A 137 11.14 -6.78 0.15
CA GLY A 137 11.55 -8.02 0.77
C GLY A 137 10.65 -8.38 1.92
N MET A 138 10.17 -7.37 2.64
CA MET A 138 9.27 -7.60 3.75
C MET A 138 7.90 -8.03 3.23
N VAL A 139 7.34 -7.26 2.31
CA VAL A 139 6.05 -7.59 1.70
C VAL A 139 6.07 -9.01 1.14
N ASN A 140 7.23 -9.45 0.70
CA ASN A 140 7.38 -10.76 0.11
C ASN A 140 7.29 -11.85 1.18
N ARG A 141 8.05 -11.68 2.24
CA ARG A 141 8.07 -12.66 3.32
C ARG A 141 6.85 -12.52 4.23
N VAL A 142 6.12 -11.41 4.06
CA VAL A 142 4.88 -11.21 4.80
C VAL A 142 3.69 -11.73 4.00
N GLY A 143 3.78 -11.66 2.69
CA GLY A 143 2.70 -12.09 1.85
C GLY A 143 2.74 -13.58 1.53
N MET A 144 3.89 -14.20 1.74
CA MET A 144 4.04 -15.61 1.43
C MET A 144 3.65 -16.49 2.62
N VAL A 145 3.50 -15.88 3.79
CA VAL A 145 3.16 -16.65 4.98
C VAL A 145 1.71 -17.09 4.94
N GLU A 146 1.47 -18.30 5.37
CA GLU A 146 0.12 -18.82 5.48
C GLU A 146 -0.10 -19.39 6.88
N THR A 147 0.91 -20.06 7.39
CA THR A 147 0.81 -20.73 8.67
C THR A 147 2.08 -20.51 9.49
N ASN A 148 1.95 -20.55 10.81
CA ASN A 148 3.09 -20.27 11.68
C ASN A 148 4.05 -21.46 11.77
N SER A 149 3.61 -22.55 12.37
CA SER A 149 4.43 -23.75 12.48
C SER A 149 3.57 -25.00 12.28
N GLN A 150 2.26 -24.80 12.22
CA GLN A 150 1.32 -25.88 12.02
C GLN A 150 0.37 -25.52 10.90
N ASP A 151 -0.73 -26.26 10.75
CA ASP A 151 -1.69 -25.96 9.69
C ASP A 151 -2.63 -24.84 10.12
N ARG A 152 -2.19 -24.07 11.13
CA ARG A 152 -2.95 -22.94 11.63
C ARG A 152 -2.30 -21.64 11.17
N PRO A 153 -3.11 -20.71 10.64
CA PRO A 153 -2.62 -19.44 10.10
C PRO A 153 -1.84 -18.62 11.13
N VAL A 154 -0.94 -17.78 10.64
CA VAL A 154 -0.15 -16.88 11.49
C VAL A 154 -1.07 -15.88 12.20
N ASP A 155 -0.61 -15.33 13.31
CA ASP A 155 -1.42 -14.42 14.13
C ASP A 155 -1.50 -13.03 13.48
N ASP A 156 -1.97 -12.06 14.25
CA ASP A 156 -2.25 -10.72 13.75
C ASP A 156 -0.97 -9.93 13.48
N VAL A 157 -0.72 -9.65 12.20
CA VAL A 157 0.36 -8.76 11.81
C VAL A 157 -0.21 -7.37 11.52
N LYS A 158 0.44 -6.36 12.04
CA LYS A 158 -0.12 -5.02 12.06
C LYS A 158 0.94 -3.96 11.88
N ILE A 159 0.49 -2.74 11.62
CA ILE A 159 1.36 -1.60 11.43
C ILE A 159 1.62 -0.93 12.77
N ILE A 160 2.87 -1.01 13.20
CA ILE A 160 3.27 -0.45 14.48
C ILE A 160 3.36 1.06 14.40
N LYS A 161 4.24 1.56 13.55
CA LYS A 161 4.42 3.00 13.35
C LYS A 161 4.26 3.34 11.87
N ALA A 162 3.45 4.35 11.60
CA ALA A 162 3.21 4.77 10.23
C ALA A 162 3.21 6.29 10.14
N TYR A 163 4.20 6.82 9.43
CA TYR A 163 4.35 8.27 9.28
C TYR A 163 4.97 8.59 7.93
N PRO A 164 4.75 9.80 7.42
CA PRO A 164 5.36 10.24 6.17
C PRO A 164 6.86 10.47 6.31
N SER A 165 7.63 9.97 5.36
CA SER A 165 9.08 10.04 5.46
C SER A 165 9.60 11.35 4.88
N GLY A 166 10.43 12.02 5.66
CA GLY A 166 10.95 13.30 5.27
C GLY A 166 12.42 13.25 4.97
N GLY A 167 12.96 12.05 4.87
CA GLY A 167 14.37 11.88 4.58
C GLY A 167 14.63 10.71 3.67
N GLY A 168 15.90 10.39 3.46
CA GLY A 168 16.25 9.28 2.60
C GLY A 168 17.69 8.82 2.82
N GLY A 169 18.54 9.10 1.85
CA GLY A 169 19.92 8.68 1.96
C GLY A 169 20.79 9.31 0.87
N SER A 170 21.98 9.76 1.26
CA SER A 170 22.89 10.38 0.32
C SER A 170 23.54 9.34 -0.58
N GLY A 171 23.81 8.17 -0.02
CA GLY A 171 24.39 7.09 -0.77
C GLY A 171 24.15 5.76 -0.10
N GLY A 172 24.21 4.69 -0.87
CA GLY A 172 23.95 3.38 -0.32
C GLY A 172 24.36 2.27 -1.26
N GLY A 173 24.25 1.03 -0.79
CA GLY A 173 24.64 -0.11 -1.59
C GLY A 173 26.11 -0.41 -1.46
N SER A 174 26.75 -0.73 -2.58
CA SER A 174 28.18 -0.99 -2.58
C SER A 174 28.91 0.18 -3.23
N GLY A 175 28.25 0.82 -4.19
CA GLY A 175 28.83 1.97 -4.84
C GLY A 175 29.73 1.60 -6.00
N GLY A 176 30.75 2.41 -6.23
CA GLY A 176 31.66 2.17 -7.33
C GLY A 176 31.49 3.19 -8.45
N GLY A 177 30.26 3.62 -8.65
CA GLY A 177 29.96 4.60 -9.67
C GLY A 177 28.47 4.89 -9.74
N SER A 178 27.91 4.79 -10.93
CA SER A 178 26.48 4.97 -11.12
C SER A 178 25.76 3.64 -10.92
N GLY A 179 24.84 3.61 -9.96
CA GLY A 179 24.12 2.39 -9.66
C GLY A 179 24.16 2.04 -8.19
N GLY A 180 23.62 2.92 -7.36
CA GLY A 180 23.62 2.70 -5.94
C GLY A 180 22.52 3.48 -5.24
N GLY A 181 21.97 2.90 -4.18
CA GLY A 181 20.90 3.56 -3.46
C GLY A 181 19.58 2.85 -3.63
N SER A 182 19.51 1.99 -4.62
CA SER A 182 18.29 1.23 -4.89
C SER A 182 18.52 -0.25 -4.60
N GLY A 183 17.91 -0.72 -3.52
CA GLY A 183 18.01 -2.13 -3.16
C GLY A 183 16.67 -2.81 -3.21
N ASP A 184 15.73 -2.30 -2.42
CA ASP A 184 14.39 -2.82 -2.40
C ASP A 184 13.45 -1.94 -3.19
N GLY A 185 12.24 -2.43 -3.34
CA GLY A 185 11.22 -1.72 -4.06
C GLY A 185 10.37 -2.67 -4.88
N GLY A 186 9.11 -2.33 -5.04
CA GLY A 186 8.23 -3.16 -5.81
C GLY A 186 8.32 -2.84 -7.28
N ALA A 187 7.39 -3.35 -8.06
CA ALA A 187 7.35 -3.06 -9.47
C ALA A 187 6.81 -1.65 -9.68
N PHE A 188 6.98 -1.11 -10.87
CA PHE A 188 6.56 0.26 -11.15
C PHE A 188 5.32 0.27 -12.02
N PRO A 189 4.13 0.34 -11.41
CA PRO A 189 2.86 0.28 -12.14
C PRO A 189 2.58 1.56 -12.92
N GLU A 190 3.36 2.59 -12.64
CA GLU A 190 3.13 3.90 -13.25
C GLU A 190 3.51 3.85 -14.73
N ILE A 191 4.58 3.13 -15.01
CA ILE A 191 4.98 2.87 -16.37
C ILE A 191 4.27 1.61 -16.84
N HIS A 192 4.07 1.47 -18.13
CA HIS A 192 3.33 0.33 -18.62
C HIS A 192 4.28 -0.69 -19.24
N VAL A 193 4.70 -1.65 -18.43
CA VAL A 193 5.58 -2.73 -18.87
C VAL A 193 5.58 -3.86 -17.85
N ALA A 194 5.72 -5.10 -18.30
CA ALA A 194 5.67 -6.25 -17.40
C ALA A 194 7.01 -6.45 -16.70
N GLN A 195 7.05 -6.15 -15.41
CA GLN A 195 8.27 -6.26 -14.63
C GLN A 195 7.96 -6.83 -13.25
N TYR A 196 8.85 -7.68 -12.75
CA TYR A 196 8.70 -8.23 -11.42
C TYR A 196 9.79 -7.71 -10.49
N PRO A 197 9.41 -7.32 -9.26
CA PRO A 197 10.35 -6.75 -8.28
C PRO A 197 11.44 -7.76 -7.88
N LEU A 198 11.03 -8.84 -7.22
CA LEU A 198 11.96 -9.92 -6.87
C LEU A 198 11.46 -11.25 -7.40
N ASP A 199 10.54 -11.16 -8.38
CA ASP A 199 10.03 -12.33 -9.11
C ASP A 199 9.11 -13.21 -8.27
N MET A 200 8.73 -12.76 -7.08
CA MET A 200 7.89 -13.57 -6.21
C MET A 200 6.51 -13.82 -6.82
N GLY A 201 6.05 -12.87 -7.65
CA GLY A 201 4.74 -13.01 -8.27
C GLY A 201 4.76 -13.90 -9.49
N ARG A 202 5.95 -14.39 -9.83
CA ARG A 202 6.12 -15.34 -10.92
C ARG A 202 5.93 -16.75 -10.41
N LYS A 203 6.81 -17.11 -9.48
CA LYS A 203 6.93 -18.46 -8.94
C LYS A 203 6.52 -19.54 -9.96
N MET A 1 -13.47 24.02 -0.34
CA MET A 1 -13.87 22.60 -0.19
C MET A 1 -15.02 22.49 0.79
N ALA A 2 -15.99 21.62 0.48
CA ALA A 2 -17.15 21.42 1.34
C ALA A 2 -16.75 20.64 2.59
N ALA A 3 -15.76 19.78 2.41
CA ALA A 3 -15.24 18.99 3.51
C ALA A 3 -13.74 18.85 3.37
N ILE A 4 -13.04 18.77 4.50
CA ILE A 4 -11.58 18.63 4.51
C ILE A 4 -10.91 19.89 3.99
N PRO A 5 -10.52 20.79 4.92
CA PRO A 5 -9.88 22.05 4.58
C PRO A 5 -8.48 21.86 4.01
N PRO A 6 -8.12 22.65 2.98
CA PRO A 6 -6.79 22.60 2.37
C PRO A 6 -5.71 23.20 3.28
N ASP A 7 -5.58 22.62 4.46
CA ASP A 7 -4.62 23.06 5.47
C ASP A 7 -3.19 22.99 4.94
N SER A 8 -2.83 21.86 4.35
CA SER A 8 -1.51 21.67 3.81
C SER A 8 -1.58 20.88 2.51
N TRP A 9 -0.43 20.62 1.90
CA TRP A 9 -0.39 19.80 0.70
C TRP A 9 -0.26 18.32 1.07
N GLN A 10 0.26 18.07 2.27
CA GLN A 10 0.46 16.72 2.82
C GLN A 10 1.62 16.00 2.13
N PRO A 11 2.52 15.38 2.92
CA PRO A 11 3.69 14.66 2.41
C PRO A 11 3.31 13.50 1.48
N PRO A 12 4.20 13.16 0.53
CA PRO A 12 3.94 12.15 -0.50
C PRO A 12 4.20 10.72 -0.04
N ASN A 13 4.85 10.57 1.11
CA ASN A 13 5.31 9.26 1.56
C ASN A 13 4.91 9.00 3.01
N VAL A 14 4.68 7.74 3.35
CA VAL A 14 4.29 7.38 4.71
C VAL A 14 5.10 6.20 5.21
N TYR A 15 5.36 6.20 6.51
CA TYR A 15 6.06 5.09 7.16
C TYR A 15 5.08 4.25 7.95
N LEU A 16 4.97 2.97 7.59
CA LEU A 16 4.09 2.05 8.29
C LEU A 16 4.90 1.09 9.15
N GLU A 17 4.99 1.40 10.43
CA GLU A 17 5.74 0.55 11.35
C GLU A 17 4.82 -0.50 11.94
N THR A 18 5.06 -1.75 11.59
CA THR A 18 4.18 -2.85 11.97
C THR A 18 4.81 -3.68 13.08
N SER A 19 4.08 -4.68 13.54
CA SER A 19 4.57 -5.60 14.56
C SER A 19 5.60 -6.57 13.97
N MET A 20 5.65 -6.64 12.65
CA MET A 20 6.59 -7.52 11.97
C MET A 20 7.81 -6.76 11.49
N GLY A 21 7.63 -5.49 11.13
CA GLY A 21 8.75 -4.66 10.73
C GLY A 21 8.30 -3.25 10.40
N ILE A 22 8.78 -2.73 9.30
CA ILE A 22 8.41 -1.41 8.85
C ILE A 22 8.34 -1.39 7.33
N ILE A 23 7.24 -0.87 6.81
CA ILE A 23 7.01 -0.80 5.38
C ILE A 23 6.78 0.66 4.96
N VAL A 24 7.52 1.10 3.96
CA VAL A 24 7.41 2.47 3.47
C VAL A 24 6.79 2.49 2.08
N LEU A 25 5.95 3.47 1.81
CA LEU A 25 5.31 3.57 0.51
C LEU A 25 4.89 5.01 0.21
N GLU A 26 4.56 5.25 -1.04
CA GLU A 26 4.10 6.56 -1.47
C GLU A 26 2.80 6.41 -2.24
N LEU A 27 2.20 7.54 -2.58
CA LEU A 27 0.99 7.53 -3.39
C LEU A 27 1.30 8.13 -4.76
N TYR A 28 0.44 7.86 -5.72
CA TYR A 28 0.62 8.41 -7.06
C TYR A 28 0.14 9.84 -7.17
N TRP A 29 1.09 10.76 -7.14
CA TRP A 29 0.83 12.17 -7.36
C TRP A 29 0.77 12.45 -8.86
N LYS A 30 1.04 11.41 -9.63
CA LYS A 30 1.17 11.55 -11.07
C LYS A 30 -0.20 11.81 -11.71
N HIS A 31 -1.15 10.91 -11.51
CA HIS A 31 -2.48 11.08 -12.06
C HIS A 31 -3.57 10.73 -11.06
N ALA A 32 -3.24 10.75 -9.77
CA ALA A 32 -4.23 10.47 -8.74
C ALA A 32 -4.12 11.48 -7.60
N PRO A 33 -4.44 12.76 -7.87
CA PRO A 33 -4.25 13.85 -6.91
C PRO A 33 -5.07 13.67 -5.63
N LYS A 34 -6.36 13.42 -5.78
CA LYS A 34 -7.25 13.32 -4.62
C LYS A 34 -7.19 11.92 -4.04
N THR A 35 -6.85 10.95 -4.87
CA THR A 35 -6.66 9.59 -4.43
C THR A 35 -5.48 9.53 -3.45
N CYS A 36 -4.37 10.12 -3.87
CA CYS A 36 -3.21 10.31 -3.01
C CYS A 36 -3.59 11.10 -1.77
N LYS A 37 -4.36 12.16 -1.98
CA LYS A 37 -4.79 13.02 -0.91
C LYS A 37 -5.59 12.23 0.12
N ASN A 38 -6.43 11.31 -0.35
CA ASN A 38 -7.24 10.48 0.54
C ASN A 38 -6.35 9.75 1.54
N PHE A 39 -5.32 9.09 1.04
CA PHE A 39 -4.36 8.40 1.90
C PHE A 39 -3.59 9.39 2.76
N ALA A 40 -3.17 10.49 2.15
CA ALA A 40 -2.47 11.56 2.88
C ALA A 40 -3.31 12.10 4.03
N GLU A 41 -4.60 12.31 3.75
CA GLU A 41 -5.56 12.77 4.74
C GLU A 41 -5.63 11.81 5.91
N LEU A 42 -5.74 10.52 5.61
CA LEU A 42 -5.79 9.49 6.63
C LEU A 42 -4.48 9.33 7.37
N ALA A 43 -3.39 9.60 6.66
CA ALA A 43 -2.05 9.51 7.23
C ALA A 43 -1.83 10.57 8.28
N ARG A 44 -2.17 11.81 7.96
CA ARG A 44 -2.03 12.90 8.92
C ARG A 44 -3.13 12.83 9.98
N ARG A 45 -4.16 12.04 9.69
CA ARG A 45 -5.22 11.79 10.65
C ARG A 45 -4.74 10.78 11.69
N GLY A 46 -4.23 9.67 11.20
CA GLY A 46 -3.67 8.66 12.07
C GLY A 46 -4.57 7.44 12.20
N TYR A 47 -5.36 7.19 11.17
CA TYR A 47 -6.35 6.12 11.21
C TYR A 47 -5.74 4.79 10.78
N TYR A 48 -4.42 4.75 10.68
CA TYR A 48 -3.72 3.50 10.39
C TYR A 48 -3.14 2.91 11.67
N ASN A 49 -3.09 3.72 12.72
CA ASN A 49 -2.50 3.30 13.98
C ASN A 49 -3.51 2.48 14.75
N GLY A 50 -3.35 1.19 14.65
CA GLY A 50 -4.22 0.26 15.32
C GLY A 50 -4.92 -0.65 14.34
N THR A 51 -4.51 -0.57 13.08
CA THR A 51 -5.10 -1.39 12.04
C THR A 51 -4.37 -2.71 11.92
N LYS A 52 -4.96 -3.67 11.22
CA LYS A 52 -4.38 -5.00 11.11
C LYS A 52 -4.53 -5.54 9.70
N PHE A 53 -3.71 -6.50 9.33
CA PHE A 53 -3.82 -7.12 8.03
C PHE A 53 -4.91 -8.18 8.00
N HIS A 54 -5.73 -8.13 6.96
CA HIS A 54 -6.87 -9.01 6.80
C HIS A 54 -6.49 -10.22 5.97
N ARG A 55 -6.00 -9.95 4.78
CA ARG A 55 -5.76 -10.99 3.78
C ARG A 55 -4.28 -11.12 3.50
N ILE A 56 -3.71 -12.24 3.88
CA ILE A 56 -2.30 -12.48 3.67
C ILE A 56 -2.14 -13.76 2.86
N ILE A 57 -2.13 -13.62 1.56
CA ILE A 57 -1.97 -14.76 0.69
C ILE A 57 -0.56 -14.79 0.14
N LYS A 58 0.12 -15.92 0.29
CA LYS A 58 1.50 -16.07 -0.15
C LYS A 58 1.60 -15.85 -1.66
N ASP A 59 2.56 -14.99 -2.04
CA ASP A 59 2.82 -14.67 -3.45
C ASP A 59 1.55 -14.18 -4.15
N PHE A 60 0.68 -13.52 -3.40
CA PHE A 60 -0.59 -13.05 -3.94
C PHE A 60 -0.80 -11.58 -3.59
N MET A 61 -1.31 -11.35 -2.39
CA MET A 61 -1.64 -10.01 -1.93
C MET A 61 -1.73 -9.98 -0.41
N ILE A 62 -1.53 -8.80 0.16
CA ILE A 62 -1.63 -8.59 1.59
C ILE A 62 -2.47 -7.35 1.87
N GLN A 63 -3.71 -7.57 2.25
CA GLN A 63 -4.64 -6.47 2.53
C GLN A 63 -4.55 -6.05 3.99
N GLY A 64 -4.36 -4.77 4.24
CA GLY A 64 -4.27 -4.27 5.59
C GLY A 64 -5.16 -3.06 5.83
N GLY A 65 -5.44 -2.80 7.09
CA GLY A 65 -6.21 -1.63 7.45
C GLY A 65 -7.25 -1.93 8.51
N ASP A 66 -8.34 -1.17 8.48
CA ASP A 66 -9.46 -1.35 9.42
C ASP A 66 -9.11 -0.97 10.84
N PRO A 67 -9.43 0.26 11.25
CA PRO A 67 -9.43 0.64 12.66
C PRO A 67 -10.71 0.16 13.32
N THR A 68 -11.68 -0.16 12.47
CA THR A 68 -13.03 -0.52 12.89
C THR A 68 -13.18 -2.03 13.05
N GLY A 69 -12.72 -2.79 12.05
CA GLY A 69 -12.94 -4.21 12.05
C GLY A 69 -14.20 -4.60 11.30
N THR A 70 -14.58 -3.76 10.34
CA THR A 70 -15.83 -3.97 9.61
C THR A 70 -15.58 -4.35 8.14
N GLY A 71 -14.48 -3.87 7.58
CA GLY A 71 -14.15 -4.19 6.21
C GLY A 71 -14.09 -2.97 5.31
N ARG A 72 -14.74 -1.90 5.74
CA ARG A 72 -14.70 -0.65 4.99
C ARG A 72 -13.75 0.36 5.67
N GLY A 73 -13.62 0.25 6.98
CA GLY A 73 -12.67 1.09 7.69
C GLY A 73 -13.32 2.20 8.48
N GLY A 74 -12.50 3.12 8.96
CA GLY A 74 -12.98 4.17 9.84
C GLY A 74 -12.55 5.54 9.38
N ALA A 75 -12.53 5.74 8.09
CA ALA A 75 -12.16 7.00 7.49
C ALA A 75 -13.29 8.01 7.61
N SER A 76 -13.68 8.29 8.84
CA SER A 76 -14.75 9.22 9.12
C SER A 76 -14.20 10.64 9.17
N ILE A 77 -12.95 10.77 8.76
CA ILE A 77 -12.27 12.06 8.72
C ILE A 77 -12.99 12.99 7.75
N TYR A 78 -13.45 12.44 6.64
CA TYR A 78 -14.19 13.20 5.65
C TYR A 78 -15.64 12.77 5.63
N GLY A 79 -16.01 12.02 6.66
CA GLY A 79 -17.37 11.55 6.79
C GLY A 79 -17.59 10.23 6.07
N LYS A 80 -17.78 10.29 4.77
CA LYS A 80 -18.04 9.11 3.97
C LYS A 80 -17.18 9.12 2.72
N GLN A 81 -17.33 8.09 1.91
CA GLN A 81 -16.63 7.99 0.64
C GLN A 81 -17.22 8.97 -0.37
N PHE A 82 -16.61 9.06 -1.54
CA PHE A 82 -17.02 10.04 -2.54
C PHE A 82 -17.53 9.33 -3.79
N GLU A 83 -16.61 8.61 -4.43
CA GLU A 83 -16.90 7.83 -5.60
C GLU A 83 -15.76 6.83 -5.77
N ASP A 84 -15.85 5.95 -6.75
CA ASP A 84 -14.81 4.95 -6.91
C ASP A 84 -13.62 5.54 -7.64
N GLU A 85 -12.43 5.21 -7.16
CA GLU A 85 -11.20 5.83 -7.63
C GLU A 85 -10.50 4.93 -8.64
N LEU A 86 -11.23 3.92 -9.12
CA LEU A 86 -10.69 2.95 -10.08
C LEU A 86 -10.05 3.66 -11.26
N HIS A 87 -8.73 3.75 -11.23
CA HIS A 87 -7.98 4.46 -12.24
C HIS A 87 -6.50 4.10 -12.11
N PRO A 88 -6.10 2.93 -12.64
CA PRO A 88 -4.71 2.50 -12.62
C PRO A 88 -3.82 3.37 -13.51
N ASP A 89 -3.07 4.25 -12.87
CA ASP A 89 -2.09 5.08 -13.59
C ASP A 89 -0.86 4.23 -13.90
N LEU A 90 -0.80 3.10 -13.24
CA LEU A 90 0.26 2.14 -13.41
C LEU A 90 -0.29 0.87 -14.04
N LYS A 91 0.55 -0.14 -14.17
CA LYS A 91 0.09 -1.46 -14.56
C LYS A 91 0.87 -2.50 -13.77
N PHE A 92 0.40 -3.73 -13.78
CA PHE A 92 1.11 -4.81 -13.12
C PHE A 92 2.47 -5.04 -13.78
N THR A 93 3.51 -4.94 -12.97
CA THR A 93 4.86 -5.15 -13.45
C THR A 93 5.53 -6.27 -12.66
N GLY A 94 5.35 -6.22 -11.35
CA GLY A 94 5.89 -7.26 -10.49
C GLY A 94 5.24 -7.23 -9.12
N ALA A 95 6.03 -7.55 -8.10
CA ALA A 95 5.54 -7.56 -6.73
C ALA A 95 5.85 -6.23 -6.05
N GLY A 96 4.93 -5.77 -5.21
CA GLY A 96 5.14 -4.53 -4.49
C GLY A 96 4.20 -3.45 -4.95
N ILE A 97 3.09 -3.86 -5.54
CA ILE A 97 2.12 -2.92 -6.05
C ILE A 97 1.19 -2.51 -4.92
N LEU A 98 1.29 -1.25 -4.51
CA LEU A 98 0.47 -0.74 -3.43
C LEU A 98 -0.87 -0.25 -3.98
N ALA A 99 -1.95 -0.78 -3.45
CA ALA A 99 -3.28 -0.41 -3.91
C ALA A 99 -4.20 -0.12 -2.73
N MET A 100 -5.37 0.39 -3.06
CA MET A 100 -6.36 0.72 -2.05
C MET A 100 -7.51 -0.28 -2.11
N ALA A 101 -7.89 -0.79 -0.95
CA ALA A 101 -8.98 -1.75 -0.89
C ALA A 101 -10.28 -1.05 -0.55
N ASN A 102 -11.38 -1.73 -0.80
CA ASN A 102 -12.71 -1.15 -0.63
C ASN A 102 -13.73 -2.26 -0.47
N ALA A 103 -14.93 -1.89 0.00
CA ALA A 103 -15.95 -2.89 0.25
C ALA A 103 -16.72 -3.22 -1.01
N GLY A 104 -16.48 -2.45 -2.05
CA GLY A 104 -17.08 -2.72 -3.34
C GLY A 104 -17.34 -1.47 -4.11
N PRO A 105 -18.52 -1.36 -4.73
CA PRO A 105 -18.88 -0.22 -5.58
C PRO A 105 -18.73 1.10 -4.85
N ASP A 106 -17.58 1.72 -5.09
CA ASP A 106 -17.24 3.07 -4.61
C ASP A 106 -17.29 3.19 -3.10
N THR A 107 -17.35 2.05 -2.43
CA THR A 107 -17.35 2.05 -0.98
C THR A 107 -15.93 1.99 -0.47
N ASN A 108 -15.15 3.00 -0.84
CA ASN A 108 -13.78 3.11 -0.37
C ASN A 108 -13.74 3.79 0.99
N GLY A 109 -12.72 3.46 1.76
CA GLY A 109 -12.58 4.03 3.09
C GLY A 109 -11.12 4.03 3.56
N SER A 110 -10.81 3.19 4.53
CA SER A 110 -9.45 3.13 5.06
C SER A 110 -8.91 1.71 4.96
N GLN A 111 -8.82 1.24 3.73
CA GLN A 111 -8.29 -0.06 3.44
C GLN A 111 -7.19 0.06 2.38
N PHE A 112 -6.19 -0.79 2.48
CA PHE A 112 -5.12 -0.81 1.49
C PHE A 112 -4.58 -2.24 1.36
N PHE A 113 -3.83 -2.51 0.31
CA PHE A 113 -3.20 -3.81 0.16
C PHE A 113 -2.01 -3.75 -0.78
N VAL A 114 -1.06 -4.64 -0.56
CA VAL A 114 0.10 -4.77 -1.43
C VAL A 114 0.04 -6.10 -2.15
N THR A 115 0.47 -6.13 -3.39
CA THR A 115 0.44 -7.35 -4.16
C THR A 115 1.83 -8.00 -4.15
N LEU A 116 1.87 -9.28 -3.85
CA LEU A 116 3.11 -10.04 -3.85
C LEU A 116 3.40 -10.59 -5.24
N ALA A 117 2.46 -10.40 -6.14
CA ALA A 117 2.62 -10.80 -7.53
C ALA A 117 1.84 -9.85 -8.45
N PRO A 118 2.13 -9.87 -9.77
CA PRO A 118 1.42 -9.04 -10.74
C PRO A 118 -0.04 -9.46 -10.90
N THR A 119 -0.95 -8.55 -10.61
CA THR A 119 -2.37 -8.84 -10.66
C THR A 119 -3.03 -8.23 -11.90
N GLN A 120 -4.16 -8.80 -12.30
CA GLN A 120 -4.98 -8.24 -13.36
C GLN A 120 -6.44 -8.66 -13.20
N TRP A 121 -6.75 -9.20 -12.03
CA TRP A 121 -8.10 -9.68 -11.73
C TRP A 121 -8.81 -8.82 -10.69
N LEU A 122 -8.08 -7.93 -10.02
CA LEU A 122 -8.67 -7.12 -8.96
C LEU A 122 -8.35 -5.64 -9.15
N ASP A 123 -7.60 -5.38 -10.20
CA ASP A 123 -7.06 -4.06 -10.48
C ASP A 123 -8.14 -3.12 -10.99
N GLY A 124 -9.28 -3.71 -11.36
CA GLY A 124 -10.43 -2.92 -11.73
C GLY A 124 -11.54 -3.06 -10.72
N LYS A 125 -11.23 -3.69 -9.60
CA LYS A 125 -12.18 -3.88 -8.51
C LYS A 125 -11.71 -3.11 -7.29
N HIS A 126 -10.40 -2.87 -7.27
CA HIS A 126 -9.77 -2.03 -6.26
C HIS A 126 -8.79 -1.11 -6.97
N THR A 127 -8.81 0.17 -6.62
CA THR A 127 -7.93 1.13 -7.26
C THR A 127 -6.50 0.95 -6.78
N ILE A 128 -5.55 1.22 -7.65
CA ILE A 128 -4.14 1.02 -7.35
C ILE A 128 -3.35 2.31 -7.56
N PHE A 129 -2.68 2.78 -6.52
CA PHE A 129 -1.87 3.98 -6.62
C PHE A 129 -0.83 4.04 -5.50
N GLY A 130 0.20 3.22 -5.59
CA GLY A 130 1.23 3.26 -4.59
C GLY A 130 2.51 2.58 -5.03
N ARG A 131 3.60 2.96 -4.39
CA ARG A 131 4.89 2.30 -4.61
C ARG A 131 5.54 1.99 -3.26
N VAL A 132 5.79 0.72 -2.99
CA VAL A 132 6.47 0.33 -1.75
C VAL A 132 7.98 0.48 -1.89
N CYS A 133 8.62 1.00 -0.86
CA CYS A 133 10.05 1.26 -0.89
C CYS A 133 10.67 0.94 0.46
N GLN A 134 11.97 0.58 0.44
CA GLN A 134 12.78 0.28 1.62
C GLN A 134 12.02 -0.53 2.69
N GLY A 135 11.23 -1.48 2.23
CA GLY A 135 10.47 -2.31 3.15
C GLY A 135 9.77 -3.45 2.43
N ILE A 136 10.39 -3.94 1.37
CA ILE A 136 9.80 -5.00 0.57
C ILE A 136 10.11 -6.35 1.20
N GLY A 137 11.27 -6.42 1.86
CA GLY A 137 11.67 -7.64 2.53
C GLY A 137 10.71 -8.03 3.63
N MET A 138 10.18 -7.03 4.32
CA MET A 138 9.21 -7.27 5.37
C MET A 138 7.92 -7.79 4.77
N VAL A 139 7.42 -7.09 3.76
CA VAL A 139 6.23 -7.53 3.02
C VAL A 139 6.40 -8.95 2.50
N ASN A 140 7.64 -9.31 2.19
CA ASN A 140 7.95 -10.62 1.62
C ASN A 140 7.84 -11.70 2.68
N ARG A 141 8.54 -11.50 3.79
CA ARG A 141 8.55 -12.50 4.86
C ARG A 141 7.24 -12.49 5.63
N VAL A 142 6.44 -11.46 5.43
CA VAL A 142 5.10 -11.38 6.02
C VAL A 142 4.08 -12.04 5.11
N GLY A 143 4.24 -11.83 3.81
CA GLY A 143 3.31 -12.37 2.86
C GLY A 143 3.51 -13.85 2.60
N MET A 144 4.72 -14.34 2.84
CA MET A 144 5.02 -15.74 2.62
C MET A 144 4.50 -16.61 3.76
N VAL A 145 4.19 -16.00 4.90
CA VAL A 145 3.69 -16.77 6.03
C VAL A 145 2.16 -16.75 6.06
N GLU A 146 1.59 -17.93 5.88
CA GLU A 146 0.14 -18.07 5.86
C GLU A 146 -0.31 -18.87 7.08
N THR A 147 0.27 -20.03 7.25
CA THR A 147 -0.05 -20.90 8.36
C THR A 147 1.23 -21.38 9.04
N ASN A 148 1.18 -21.54 10.35
CA ASN A 148 2.34 -22.04 11.09
C ASN A 148 2.30 -23.55 11.14
N SER A 149 1.15 -24.11 10.78
CA SER A 149 0.97 -25.55 10.73
C SER A 149 -0.36 -25.85 10.03
N GLN A 150 -0.84 -27.07 10.19
CA GLN A 150 -2.06 -27.53 9.54
C GLN A 150 -3.28 -26.67 9.91
N ASP A 151 -3.76 -25.92 8.92
CA ASP A 151 -4.97 -25.09 9.04
C ASP A 151 -4.95 -24.23 10.30
N ARG A 152 -3.85 -23.54 10.51
CA ARG A 152 -3.74 -22.58 11.59
C ARG A 152 -2.81 -21.46 11.16
N PRO A 153 -3.36 -20.25 10.99
CA PRO A 153 -2.65 -19.13 10.39
C PRO A 153 -1.68 -18.43 11.34
N VAL A 154 -0.75 -17.70 10.76
CA VAL A 154 0.18 -16.87 11.52
C VAL A 154 -0.32 -15.42 11.51
N ASP A 155 -1.63 -15.27 11.45
CA ASP A 155 -2.26 -13.97 11.32
C ASP A 155 -2.01 -13.13 12.57
N ASP A 156 -1.71 -11.86 12.34
CA ASP A 156 -1.41 -10.93 13.42
C ASP A 156 -1.21 -9.54 12.89
N VAL A 157 -0.17 -9.45 12.09
CA VAL A 157 0.46 -8.20 11.64
C VAL A 157 -0.44 -6.98 11.73
N LYS A 158 -0.05 -6.09 12.63
CA LYS A 158 -0.79 -4.86 12.86
C LYS A 158 0.09 -3.68 12.53
N ILE A 159 -0.53 -2.61 12.08
CA ILE A 159 0.17 -1.37 11.86
C ILE A 159 0.24 -0.62 13.18
N ILE A 160 1.40 -0.71 13.83
CA ILE A 160 1.57 -0.15 15.16
C ILE A 160 1.59 1.36 15.12
N LYS A 161 2.51 1.93 14.34
CA LYS A 161 2.58 3.36 14.16
C LYS A 161 2.80 3.72 12.71
N ALA A 162 1.94 4.58 12.20
CA ALA A 162 2.00 5.02 10.82
C ALA A 162 2.02 6.54 10.75
N TYR A 163 3.07 7.08 10.16
CA TYR A 163 3.25 8.52 10.10
C TYR A 163 3.77 8.93 8.73
N PRO A 164 3.22 9.99 8.15
CA PRO A 164 3.68 10.52 6.86
C PRO A 164 4.99 11.30 7.00
N SER A 165 5.95 11.00 6.13
CA SER A 165 7.25 11.62 6.20
C SER A 165 7.88 11.70 4.81
N GLY A 166 9.13 12.16 4.74
CA GLY A 166 9.81 12.25 3.47
C GLY A 166 10.87 11.18 3.31
N GLY A 167 10.85 10.48 2.19
CA GLY A 167 11.82 9.44 1.96
C GLY A 167 11.80 8.97 0.51
N GLY A 168 12.41 7.83 0.26
CA GLY A 168 12.44 7.29 -1.09
C GLY A 168 13.86 7.07 -1.56
N GLY A 169 14.10 7.32 -2.84
CA GLY A 169 15.43 7.16 -3.39
C GLY A 169 15.50 7.69 -4.81
N SER A 170 16.71 7.80 -5.34
CA SER A 170 16.90 8.28 -6.69
C SER A 170 18.08 7.55 -7.36
N GLY A 171 18.01 7.42 -8.67
CA GLY A 171 19.08 6.79 -9.41
C GLY A 171 19.14 7.29 -10.83
N GLY A 172 18.97 6.38 -11.79
CA GLY A 172 19.00 6.76 -13.19
C GLY A 172 19.88 5.84 -14.00
N GLY A 173 20.73 6.43 -14.83
CA GLY A 173 21.63 5.64 -15.65
C GLY A 173 22.88 5.26 -14.90
N SER A 174 22.80 4.19 -14.13
CA SER A 174 23.94 3.68 -13.38
C SER A 174 23.83 2.18 -13.20
N GLY A 175 24.91 1.48 -13.53
CA GLY A 175 24.92 0.04 -13.40
C GLY A 175 24.43 -0.65 -14.66
N GLY A 176 23.22 -1.18 -14.60
CA GLY A 176 22.65 -1.87 -15.75
C GLY A 176 21.16 -2.05 -15.62
N GLY A 177 20.76 -3.10 -14.91
CA GLY A 177 19.35 -3.35 -14.69
C GLY A 177 18.85 -2.68 -13.43
N SER A 178 19.46 -3.00 -12.30
CA SER A 178 19.10 -2.40 -11.03
C SER A 178 20.18 -1.42 -10.58
N GLY A 179 19.84 -0.14 -10.62
CA GLY A 179 20.78 0.89 -10.21
C GLY A 179 20.07 2.06 -9.55
N GLY A 180 20.53 2.42 -8.37
CA GLY A 180 19.91 3.50 -7.64
C GLY A 180 20.29 3.49 -6.16
N GLY A 181 20.24 4.65 -5.54
CA GLY A 181 20.62 4.77 -4.14
C GLY A 181 19.53 4.34 -3.19
N SER A 182 19.17 3.06 -3.27
CA SER A 182 18.17 2.50 -2.37
C SER A 182 18.58 1.09 -1.98
N GLY A 183 18.16 0.67 -0.80
CA GLY A 183 18.46 -0.67 -0.34
C GLY A 183 17.36 -1.64 -0.72
N ASP A 184 16.21 -1.47 -0.11
CA ASP A 184 15.05 -2.31 -0.40
C ASP A 184 14.09 -1.58 -1.32
N GLY A 185 12.93 -2.15 -1.52
CA GLY A 185 11.93 -1.53 -2.35
C GLY A 185 11.21 -2.53 -3.23
N GLY A 186 9.97 -2.22 -3.57
CA GLY A 186 9.20 -3.10 -4.41
C GLY A 186 9.45 -2.84 -5.88
N ALA A 187 8.61 -3.39 -6.72
CA ALA A 187 8.73 -3.20 -8.15
C ALA A 187 8.14 -1.84 -8.55
N PHE A 188 8.40 -1.43 -9.77
CA PHE A 188 7.95 -0.14 -10.25
C PHE A 188 6.91 -0.31 -11.34
N PRO A 189 5.63 -0.22 -10.98
CA PRO A 189 4.53 -0.33 -11.92
C PRO A 189 4.32 0.96 -12.73
N GLU A 190 5.02 1.99 -12.30
CA GLU A 190 4.88 3.33 -12.86
C GLU A 190 5.55 3.43 -14.23
N ILE A 191 6.66 2.72 -14.39
CA ILE A 191 7.43 2.78 -15.63
C ILE A 191 6.73 2.02 -16.76
N HIS A 192 5.81 1.14 -16.38
CA HIS A 192 4.96 0.40 -17.31
C HIS A 192 5.75 -0.68 -18.04
N VAL A 193 6.74 -1.22 -17.37
CA VAL A 193 7.54 -2.30 -17.94
C VAL A 193 7.83 -3.35 -16.86
N ALA A 194 7.92 -4.60 -17.27
CA ALA A 194 8.03 -5.70 -16.32
C ALA A 194 9.42 -5.80 -15.68
N GLN A 195 9.42 -5.91 -14.36
CA GLN A 195 10.62 -6.18 -13.58
C GLN A 195 10.19 -6.52 -12.15
N TYR A 196 11.03 -7.22 -11.41
CA TYR A 196 10.65 -7.70 -10.09
C TYR A 196 11.58 -7.16 -9.02
N PRO A 197 11.06 -6.98 -7.79
CA PRO A 197 11.85 -6.49 -6.66
C PRO A 197 12.86 -7.54 -6.20
N LEU A 198 12.37 -8.55 -5.48
CA LEU A 198 13.23 -9.66 -5.06
C LEU A 198 12.80 -10.96 -5.74
N ASP A 199 12.06 -10.80 -6.83
CA ASP A 199 11.68 -11.93 -7.71
C ASP A 199 10.63 -12.85 -7.12
N MET A 200 10.15 -12.56 -5.91
CA MET A 200 9.17 -13.43 -5.24
C MET A 200 7.87 -13.53 -6.06
N GLY A 201 7.56 -12.47 -6.81
CA GLY A 201 6.32 -12.45 -7.57
C GLY A 201 6.40 -13.27 -8.85
N ARG A 202 7.57 -13.82 -9.14
CA ARG A 202 7.76 -14.67 -10.30
C ARG A 202 7.24 -16.06 -10.01
N LYS A 203 7.42 -16.47 -8.76
CA LYS A 203 7.02 -17.78 -8.29
C LYS A 203 7.42 -18.87 -9.28
N MET A 1 -18.76 21.22 0.60
CA MET A 1 -18.00 20.78 -0.59
C MET A 1 -16.71 20.09 -0.18
N ALA A 2 -15.90 20.80 0.59
CA ALA A 2 -14.60 20.28 0.99
C ALA A 2 -14.63 19.73 2.41
N ALA A 3 -14.82 18.43 2.51
CA ALA A 3 -14.73 17.75 3.80
C ALA A 3 -13.28 17.63 4.22
N ILE A 4 -12.44 17.20 3.28
CA ILE A 4 -11.02 17.06 3.51
C ILE A 4 -10.23 17.73 2.39
N PRO A 5 -9.96 19.03 2.55
CA PRO A 5 -9.23 19.82 1.56
C PRO A 5 -7.72 19.80 1.77
N PRO A 6 -6.94 20.11 0.72
CA PRO A 6 -5.49 20.18 0.83
C PRO A 6 -5.01 21.36 1.68
N ASP A 7 -4.75 21.08 2.95
CA ASP A 7 -4.22 22.09 3.86
C ASP A 7 -2.82 22.50 3.43
N SER A 8 -1.85 21.63 3.66
CA SER A 8 -0.51 21.84 3.19
C SER A 8 -0.30 21.04 1.91
N TRP A 9 0.94 20.64 1.63
CA TRP A 9 1.20 19.80 0.47
C TRP A 9 0.99 18.33 0.82
N GLN A 10 1.03 18.03 2.12
CA GLN A 10 0.91 16.65 2.64
C GLN A 10 2.09 15.79 2.22
N PRO A 11 2.54 14.89 3.11
CA PRO A 11 3.67 13.99 2.85
C PRO A 11 3.40 13.03 1.69
N PRO A 12 4.31 13.00 0.70
CA PRO A 12 4.19 12.12 -0.46
C PRO A 12 4.48 10.65 -0.12
N ASN A 13 5.18 10.46 0.98
CA ASN A 13 5.65 9.13 1.38
C ASN A 13 5.48 8.97 2.89
N VAL A 14 5.17 7.76 3.34
CA VAL A 14 4.92 7.52 4.76
C VAL A 14 5.54 6.20 5.23
N TYR A 15 5.66 6.06 6.55
CA TYR A 15 6.21 4.86 7.15
C TYR A 15 5.10 4.01 7.78
N LEU A 16 5.02 2.76 7.38
CA LEU A 16 4.14 1.82 8.04
C LEU A 16 4.95 0.76 8.77
N GLU A 17 5.17 0.98 10.06
CA GLU A 17 5.99 0.08 10.85
C GLU A 17 5.10 -0.99 11.46
N THR A 18 5.28 -2.22 11.01
CA THR A 18 4.42 -3.30 11.44
C THR A 18 5.06 -4.09 12.58
N SER A 19 4.36 -5.12 13.03
CA SER A 19 4.85 -5.98 14.08
C SER A 19 6.06 -6.79 13.58
N MET A 20 6.05 -7.08 12.28
CA MET A 20 7.09 -7.90 11.69
C MET A 20 8.30 -7.05 11.25
N GLY A 21 8.04 -5.84 10.79
CA GLY A 21 9.13 -4.96 10.40
C GLY A 21 8.63 -3.57 10.05
N ILE A 22 9.10 -3.04 8.94
CA ILE A 22 8.65 -1.74 8.48
C ILE A 22 8.49 -1.72 6.97
N ILE A 23 7.40 -1.13 6.50
CA ILE A 23 7.13 -1.01 5.09
C ILE A 23 6.88 0.45 4.73
N VAL A 24 7.61 0.95 3.75
CA VAL A 24 7.45 2.32 3.30
C VAL A 24 6.73 2.34 1.95
N LEU A 25 5.86 3.32 1.75
CA LEU A 25 5.16 3.44 0.48
C LEU A 25 4.81 4.89 0.18
N GLU A 26 4.48 5.15 -1.06
CA GLU A 26 4.11 6.49 -1.50
C GLU A 26 2.81 6.44 -2.29
N LEU A 27 2.20 7.59 -2.48
CA LEU A 27 0.93 7.67 -3.18
C LEU A 27 1.13 8.18 -4.60
N TYR A 28 0.20 7.89 -5.48
CA TYR A 28 0.27 8.39 -6.86
C TYR A 28 -0.19 9.84 -6.96
N TRP A 29 0.77 10.74 -7.08
CA TRP A 29 0.48 12.15 -7.23
C TRP A 29 0.16 12.48 -8.68
N LYS A 30 0.17 11.46 -9.52
CA LYS A 30 -0.09 11.64 -10.94
C LYS A 30 -1.54 11.98 -11.20
N HIS A 31 -2.44 11.04 -10.93
CA HIS A 31 -3.84 11.22 -11.26
C HIS A 31 -4.73 10.98 -10.05
N ALA A 32 -4.10 10.86 -8.87
CA ALA A 32 -4.86 10.63 -7.64
C ALA A 32 -4.45 11.63 -6.56
N PRO A 33 -4.72 12.94 -6.76
CA PRO A 33 -4.36 13.98 -5.80
C PRO A 33 -5.18 13.91 -4.52
N LYS A 34 -6.49 13.74 -4.68
CA LYS A 34 -7.39 13.69 -3.52
C LYS A 34 -7.20 12.37 -2.79
N THR A 35 -6.94 11.32 -3.55
CA THR A 35 -6.70 10.00 -2.99
C THR A 35 -5.40 10.01 -2.17
N CYS A 36 -4.36 10.61 -2.74
CA CYS A 36 -3.09 10.80 -2.04
C CYS A 36 -3.32 11.54 -0.73
N LYS A 37 -4.05 12.65 -0.81
CA LYS A 37 -4.33 13.48 0.36
C LYS A 37 -5.10 12.69 1.42
N ASN A 38 -5.98 11.81 0.97
CA ASN A 38 -6.81 11.04 1.88
C ASN A 38 -5.96 10.07 2.68
N PHE A 39 -5.00 9.47 2.01
CA PHE A 39 -4.08 8.53 2.66
C PHE A 39 -3.14 9.30 3.58
N ALA A 40 -2.58 10.38 3.05
CA ALA A 40 -1.65 11.24 3.78
C ALA A 40 -2.28 11.76 5.07
N GLU A 41 -3.50 12.28 4.98
CA GLU A 41 -4.20 12.79 6.15
C GLU A 41 -4.40 11.71 7.23
N LEU A 42 -4.70 10.50 6.79
CA LEU A 42 -4.85 9.40 7.73
C LEU A 42 -3.51 9.02 8.35
N ALA A 43 -2.45 9.24 7.59
CA ALA A 43 -1.10 8.99 8.06
C ALA A 43 -0.66 10.05 9.06
N ARG A 44 -0.99 11.31 8.79
CA ARG A 44 -0.60 12.39 9.69
C ARG A 44 -1.43 12.38 10.96
N ARG A 45 -2.68 11.91 10.87
CA ARG A 45 -3.49 11.75 12.07
C ARG A 45 -3.01 10.54 12.86
N GLY A 46 -2.77 9.44 12.17
CA GLY A 46 -2.27 8.25 12.82
C GLY A 46 -3.35 7.19 12.95
N TYR A 47 -4.12 7.01 11.89
CA TYR A 47 -5.22 6.06 11.88
C TYR A 47 -4.68 4.63 11.74
N TYR A 48 -3.53 4.52 11.10
CA TYR A 48 -2.96 3.20 10.81
C TYR A 48 -2.30 2.62 12.05
N ASN A 49 -2.28 3.38 13.13
CA ASN A 49 -1.71 2.91 14.40
C ASN A 49 -2.65 1.91 15.06
N GLY A 50 -3.78 1.64 14.42
CA GLY A 50 -4.70 0.65 14.91
C GLY A 50 -5.13 -0.32 13.82
N THR A 51 -4.49 -0.22 12.66
CA THR A 51 -4.85 -1.04 11.51
C THR A 51 -4.12 -2.38 11.52
N LYS A 52 -4.75 -3.40 10.98
CA LYS A 52 -4.16 -4.74 10.97
C LYS A 52 -4.43 -5.42 9.64
N PHE A 53 -3.60 -6.41 9.31
CA PHE A 53 -3.76 -7.15 8.07
C PHE A 53 -4.75 -8.30 8.26
N HIS A 54 -5.72 -8.41 7.36
CA HIS A 54 -6.78 -9.39 7.49
C HIS A 54 -6.64 -10.49 6.46
N ARG A 55 -6.26 -10.13 5.24
CA ARG A 55 -6.11 -11.10 4.17
C ARG A 55 -4.66 -11.19 3.73
N ILE A 56 -4.06 -12.36 3.90
CA ILE A 56 -2.67 -12.58 3.53
C ILE A 56 -2.57 -13.84 2.70
N ILE A 57 -2.62 -13.68 1.39
CA ILE A 57 -2.50 -14.81 0.50
C ILE A 57 -1.12 -14.83 -0.13
N LYS A 58 -0.45 -15.97 -0.05
CA LYS A 58 0.90 -16.10 -0.59
C LYS A 58 0.93 -15.82 -2.09
N ASP A 59 1.84 -14.93 -2.47
CA ASP A 59 2.01 -14.51 -3.86
C ASP A 59 0.69 -14.01 -4.46
N PHE A 60 -0.12 -13.36 -3.65
CA PHE A 60 -1.40 -12.85 -4.12
C PHE A 60 -1.59 -11.41 -3.69
N MET A 61 -2.03 -11.23 -2.45
CA MET A 61 -2.29 -9.89 -1.93
C MET A 61 -2.29 -9.91 -0.40
N ILE A 62 -2.09 -8.75 0.19
CA ILE A 62 -2.10 -8.58 1.63
C ILE A 62 -3.01 -7.40 1.98
N GLN A 63 -4.22 -7.70 2.41
CA GLN A 63 -5.18 -6.66 2.77
C GLN A 63 -4.99 -6.25 4.22
N GLY A 64 -4.85 -4.95 4.44
CA GLY A 64 -4.73 -4.45 5.79
C GLY A 64 -5.51 -3.18 6.01
N GLY A 65 -5.98 -2.98 7.22
CA GLY A 65 -6.65 -1.75 7.54
C GLY A 65 -7.69 -1.89 8.64
N ASP A 66 -8.80 -2.55 8.31
CA ASP A 66 -10.00 -2.58 9.16
C ASP A 66 -9.67 -2.77 10.64
N PRO A 67 -9.80 -1.69 11.43
CA PRO A 67 -9.59 -1.73 12.86
C PRO A 67 -10.87 -2.13 13.61
N THR A 68 -11.98 -1.99 12.91
CA THR A 68 -13.28 -2.22 13.51
C THR A 68 -13.70 -3.70 13.38
N GLY A 69 -13.29 -4.33 12.29
CA GLY A 69 -13.73 -5.68 12.01
C GLY A 69 -15.17 -5.69 11.55
N THR A 70 -15.55 -4.62 10.87
CA THR A 70 -16.93 -4.47 10.39
C THR A 70 -17.01 -4.76 8.90
N GLY A 71 -15.94 -4.47 8.20
CA GLY A 71 -15.90 -4.66 6.78
C GLY A 71 -15.75 -3.34 6.03
N ARG A 72 -15.75 -2.24 6.79
CA ARG A 72 -15.59 -0.92 6.20
C ARG A 72 -14.33 -0.22 6.74
N GLY A 73 -13.98 -0.52 7.98
CA GLY A 73 -12.83 0.13 8.60
C GLY A 73 -13.22 1.34 9.44
N GLY A 74 -12.22 2.10 9.86
CA GLY A 74 -12.46 3.31 10.64
C GLY A 74 -12.48 4.56 9.79
N ALA A 75 -11.39 5.36 9.88
CA ALA A 75 -11.18 6.53 9.04
C ALA A 75 -12.43 7.40 8.89
N SER A 76 -13.05 7.70 10.01
CA SER A 76 -14.30 8.41 10.02
C SER A 76 -14.09 9.91 9.84
N ILE A 77 -12.88 10.29 9.45
CA ILE A 77 -12.55 11.70 9.27
C ILE A 77 -13.19 12.24 8.00
N TYR A 78 -13.55 11.34 7.09
CA TYR A 78 -14.20 11.75 5.85
C TYR A 78 -15.70 11.51 5.91
N GLY A 79 -16.15 10.95 7.03
CA GLY A 79 -17.57 10.77 7.25
C GLY A 79 -18.12 9.54 6.55
N LYS A 80 -18.60 9.73 5.32
CA LYS A 80 -19.27 8.65 4.59
C LYS A 80 -18.56 8.36 3.27
N GLN A 81 -19.22 7.59 2.42
CA GLN A 81 -18.65 7.21 1.13
C GLN A 81 -18.54 8.39 0.18
N PHE A 82 -17.92 8.13 -0.96
CA PHE A 82 -17.72 9.15 -1.99
C PHE A 82 -17.95 8.50 -3.36
N GLU A 83 -17.46 9.15 -4.40
CA GLU A 83 -17.52 8.59 -5.74
C GLU A 83 -16.55 7.42 -5.84
N ASP A 84 -16.76 6.55 -6.82
CA ASP A 84 -15.81 5.47 -7.09
C ASP A 84 -14.47 6.07 -7.49
N GLU A 85 -13.40 5.52 -6.94
CA GLU A 85 -12.06 6.03 -7.20
C GLU A 85 -11.34 5.18 -8.23
N LEU A 86 -12.10 4.38 -8.97
CA LEU A 86 -11.52 3.41 -9.89
C LEU A 86 -10.90 4.08 -11.11
N HIS A 87 -9.60 4.30 -11.05
CA HIS A 87 -8.84 4.81 -12.17
C HIS A 87 -7.40 4.33 -12.12
N PRO A 88 -7.16 3.07 -12.53
CA PRO A 88 -5.81 2.53 -12.64
C PRO A 88 -5.03 3.14 -13.81
N ASP A 89 -4.33 4.23 -13.53
CA ASP A 89 -3.49 4.89 -14.53
C ASP A 89 -2.10 4.26 -14.55
N LEU A 90 -1.98 3.15 -13.87
CA LEU A 90 -0.73 2.41 -13.79
C LEU A 90 -0.94 0.99 -14.29
N LYS A 91 0.09 0.17 -14.20
CA LYS A 91 0.01 -1.21 -14.62
C LYS A 91 0.39 -2.16 -13.51
N PHE A 92 -0.28 -3.29 -13.46
CA PHE A 92 0.09 -4.38 -12.57
C PHE A 92 1.38 -5.05 -13.06
N THR A 93 2.46 -4.30 -12.96
CA THR A 93 3.74 -4.72 -13.51
C THR A 93 4.29 -5.94 -12.80
N GLY A 94 4.13 -5.98 -11.48
CA GLY A 94 4.60 -7.12 -10.72
C GLY A 94 4.12 -7.10 -9.30
N ALA A 95 5.02 -7.43 -8.38
CA ALA A 95 4.69 -7.45 -6.96
C ALA A 95 5.07 -6.14 -6.29
N GLY A 96 4.24 -5.68 -5.39
CA GLY A 96 4.52 -4.44 -4.69
C GLY A 96 3.58 -3.34 -5.11
N ILE A 97 2.41 -3.72 -5.59
CA ILE A 97 1.42 -2.75 -6.04
C ILE A 97 0.54 -2.35 -4.86
N LEU A 98 0.71 -1.12 -4.39
CA LEU A 98 -0.06 -0.62 -3.27
C LEU A 98 -1.39 -0.06 -3.76
N ALA A 99 -2.49 -0.64 -3.28
CA ALA A 99 -3.82 -0.23 -3.69
C ALA A 99 -4.73 -0.01 -2.50
N MET A 100 -5.93 0.48 -2.77
CA MET A 100 -6.91 0.78 -1.74
C MET A 100 -8.03 -0.26 -1.76
N ALA A 101 -8.51 -0.64 -0.59
CA ALA A 101 -9.52 -1.66 -0.48
C ALA A 101 -10.89 -1.06 -0.22
N ASN A 102 -11.80 -1.29 -1.16
CA ASN A 102 -13.16 -0.80 -1.05
C ASN A 102 -14.12 -1.98 -0.98
N ALA A 103 -15.36 -1.71 -0.59
CA ALA A 103 -16.36 -2.76 -0.45
C ALA A 103 -17.17 -2.85 -1.74
N GLY A 104 -17.40 -1.69 -2.32
CA GLY A 104 -18.02 -1.58 -3.61
C GLY A 104 -17.32 -0.50 -4.38
N PRO A 105 -17.65 -0.29 -5.66
CA PRO A 105 -17.01 0.72 -6.50
C PRO A 105 -16.88 2.08 -5.82
N ASP A 106 -17.97 2.55 -5.24
CA ASP A 106 -17.98 3.86 -4.59
C ASP A 106 -17.91 3.72 -3.07
N THR A 107 -18.08 2.50 -2.58
CA THR A 107 -18.00 2.26 -1.16
C THR A 107 -16.54 2.05 -0.77
N ASN A 108 -15.72 3.02 -1.14
CA ASN A 108 -14.31 3.01 -0.83
C ASN A 108 -14.13 3.02 0.68
N GLY A 109 -13.53 1.96 1.21
CA GLY A 109 -13.43 1.80 2.65
C GLY A 109 -12.18 2.41 3.22
N SER A 110 -11.91 2.11 4.48
CA SER A 110 -10.76 2.64 5.17
C SER A 110 -9.61 1.63 5.17
N GLN A 111 -9.69 0.69 4.24
CA GLN A 111 -8.72 -0.39 4.15
C GLN A 111 -7.85 -0.23 2.92
N PHE A 112 -6.68 -0.87 2.92
CA PHE A 112 -5.78 -0.86 1.78
C PHE A 112 -5.17 -2.24 1.62
N PHE A 113 -4.41 -2.47 0.56
CA PHE A 113 -3.76 -3.75 0.36
C PHE A 113 -2.59 -3.65 -0.61
N VAL A 114 -1.65 -4.58 -0.45
CA VAL A 114 -0.53 -4.69 -1.36
C VAL A 114 -0.62 -6.00 -2.13
N THR A 115 -0.20 -5.99 -3.37
CA THR A 115 -0.28 -7.18 -4.19
C THR A 115 1.10 -7.86 -4.27
N LEU A 116 1.12 -9.15 -4.03
CA LEU A 116 2.34 -9.94 -4.10
C LEU A 116 2.57 -10.47 -5.50
N ALA A 117 1.60 -10.24 -6.36
CA ALA A 117 1.70 -10.65 -7.76
C ALA A 117 0.91 -9.69 -8.63
N PRO A 118 1.13 -9.70 -9.97
CA PRO A 118 0.39 -8.87 -10.91
C PRO A 118 -1.10 -9.19 -10.88
N THR A 119 -1.87 -8.28 -10.30
CA THR A 119 -3.30 -8.49 -10.14
C THR A 119 -4.08 -7.82 -11.27
N GLN A 120 -4.43 -8.60 -12.28
CA GLN A 120 -5.12 -8.06 -13.45
C GLN A 120 -6.61 -8.34 -13.37
N TRP A 121 -7.02 -8.80 -12.21
CA TRP A 121 -8.38 -9.22 -11.98
C TRP A 121 -9.13 -8.24 -11.09
N LEU A 122 -8.39 -7.32 -10.45
CA LEU A 122 -9.00 -6.38 -9.52
C LEU A 122 -8.90 -4.95 -10.03
N ASP A 123 -8.46 -4.83 -11.28
CA ASP A 123 -8.27 -3.53 -11.92
C ASP A 123 -9.57 -2.71 -11.87
N GLY A 124 -10.69 -3.41 -11.98
CA GLY A 124 -11.98 -2.75 -11.97
C GLY A 124 -12.75 -3.04 -10.70
N LYS A 125 -12.06 -3.55 -9.70
CA LYS A 125 -12.68 -3.92 -8.45
C LYS A 125 -12.20 -3.02 -7.32
N HIS A 126 -10.93 -2.64 -7.39
CA HIS A 126 -10.31 -1.82 -6.36
C HIS A 126 -9.39 -0.81 -7.00
N THR A 127 -9.40 0.42 -6.49
CA THR A 127 -8.53 1.45 -7.02
C THR A 127 -7.11 1.26 -6.52
N ILE A 128 -6.14 1.65 -7.33
CA ILE A 128 -4.74 1.43 -7.02
C ILE A 128 -3.97 2.74 -7.11
N PHE A 129 -3.31 3.13 -6.03
CA PHE A 129 -2.48 4.33 -6.04
C PHE A 129 -1.36 4.25 -5.00
N GLY A 130 -0.36 3.43 -5.25
CA GLY A 130 0.73 3.31 -4.32
C GLY A 130 1.96 2.67 -4.90
N ARG A 131 3.11 3.03 -4.35
CA ARG A 131 4.39 2.40 -4.68
C ARG A 131 5.11 2.01 -3.40
N VAL A 132 5.33 0.72 -3.21
CA VAL A 132 6.04 0.26 -2.02
C VAL A 132 7.56 0.44 -2.22
N CYS A 133 8.22 0.94 -1.20
CA CYS A 133 9.65 1.23 -1.29
C CYS A 133 10.31 0.94 0.05
N GLN A 134 11.55 0.45 0.00
CA GLN A 134 12.36 0.18 1.20
C GLN A 134 11.58 -0.68 2.21
N GLY A 135 10.86 -1.67 1.72
CA GLY A 135 10.13 -2.57 2.61
C GLY A 135 9.55 -3.74 1.88
N ILE A 136 10.16 -4.09 0.76
CA ILE A 136 9.64 -5.16 -0.08
C ILE A 136 10.01 -6.51 0.49
N GLY A 137 11.16 -6.59 1.14
CA GLY A 137 11.59 -7.83 1.74
C GLY A 137 10.63 -8.26 2.83
N MET A 138 10.11 -7.27 3.57
CA MET A 138 9.14 -7.54 4.60
C MET A 138 7.84 -8.00 3.99
N VAL A 139 7.30 -7.19 3.09
CA VAL A 139 6.04 -7.54 2.40
C VAL A 139 6.14 -8.95 1.79
N ASN A 140 7.34 -9.31 1.40
CA ASN A 140 7.58 -10.61 0.80
C ASN A 140 7.42 -11.73 1.83
N ARG A 141 8.19 -11.64 2.91
CA ARG A 141 8.16 -12.68 3.94
C ARG A 141 6.87 -12.62 4.76
N VAL A 142 6.17 -11.50 4.65
CA VAL A 142 4.85 -11.36 5.27
C VAL A 142 3.81 -12.05 4.41
N GLY A 143 3.92 -11.84 3.10
CA GLY A 143 2.95 -12.41 2.19
C GLY A 143 3.19 -13.89 1.96
N MET A 144 4.44 -14.33 2.13
CA MET A 144 4.78 -15.73 1.96
C MET A 144 4.27 -16.59 3.12
N VAL A 145 3.82 -15.95 4.19
CA VAL A 145 3.28 -16.67 5.32
C VAL A 145 1.79 -16.41 5.49
N GLU A 146 1.00 -17.46 5.35
CA GLU A 146 -0.43 -17.35 5.51
C GLU A 146 -0.86 -18.03 6.81
N THR A 147 -1.21 -19.30 6.71
CA THR A 147 -1.58 -20.09 7.86
C THR A 147 -0.59 -21.23 8.04
N ASN A 148 -0.36 -21.65 9.27
CA ASN A 148 0.58 -22.72 9.54
C ASN A 148 -0.10 -24.08 9.36
N SER A 149 0.31 -25.08 10.15
CA SER A 149 -0.29 -26.41 10.06
C SER A 149 -1.78 -26.33 10.36
N GLN A 150 -2.16 -25.42 11.24
CA GLN A 150 -3.58 -25.19 11.53
C GLN A 150 -4.08 -24.01 10.71
N ASP A 151 -5.37 -23.76 10.73
CA ASP A 151 -5.93 -22.65 9.98
C ASP A 151 -5.91 -21.40 10.85
N ARG A 152 -4.71 -20.98 11.18
CA ARG A 152 -4.49 -19.76 11.92
C ARG A 152 -3.29 -19.02 11.32
N PRO A 153 -3.34 -17.69 11.29
CA PRO A 153 -2.25 -16.88 10.73
C PRO A 153 -0.94 -17.16 11.45
N VAL A 154 0.11 -17.43 10.68
CA VAL A 154 1.43 -17.73 11.23
C VAL A 154 1.87 -16.61 12.18
N ASP A 155 1.68 -15.37 11.75
CA ASP A 155 2.00 -14.23 12.58
C ASP A 155 0.91 -13.17 12.41
N ASP A 156 0.37 -12.69 13.52
CA ASP A 156 -0.66 -11.66 13.45
C ASP A 156 -0.01 -10.30 13.28
N VAL A 157 0.21 -9.93 12.03
CA VAL A 157 0.88 -8.67 11.72
C VAL A 157 -0.11 -7.51 11.62
N LYS A 158 0.18 -6.47 12.37
CA LYS A 158 -0.57 -5.23 12.29
C LYS A 158 0.39 -4.06 12.16
N ILE A 159 -0.14 -2.88 11.92
CA ILE A 159 0.69 -1.69 11.81
C ILE A 159 0.86 -1.08 13.18
N ILE A 160 2.04 -1.26 13.75
CA ILE A 160 2.33 -0.82 15.09
C ILE A 160 2.51 0.70 15.13
N LYS A 161 3.31 1.22 14.21
CA LYS A 161 3.54 2.66 14.11
C LYS A 161 3.38 3.12 12.67
N ALA A 162 2.54 4.13 12.46
CA ALA A 162 2.40 4.71 11.14
C ALA A 162 2.51 6.22 11.21
N TYR A 163 3.46 6.77 10.47
CA TYR A 163 3.74 8.19 10.50
C TYR A 163 4.40 8.62 9.20
N PRO A 164 4.19 9.88 8.79
CA PRO A 164 4.77 10.41 7.55
C PRO A 164 6.27 10.61 7.64
N SER A 165 6.98 10.18 6.60
CA SER A 165 8.41 10.40 6.50
C SER A 165 8.68 11.80 5.97
N GLY A 166 7.97 12.16 4.91
CA GLY A 166 8.15 13.45 4.30
C GLY A 166 9.13 13.39 3.13
N GLY A 167 10.41 13.33 3.45
CA GLY A 167 11.43 13.29 2.42
C GLY A 167 11.92 11.88 2.14
N GLY A 168 10.99 11.00 1.77
CA GLY A 168 11.37 9.66 1.40
C GLY A 168 11.78 9.58 -0.06
N GLY A 169 12.69 8.67 -0.39
CA GLY A 169 13.15 8.57 -1.76
C GLY A 169 14.08 7.40 -1.97
N SER A 170 14.17 6.97 -3.23
CA SER A 170 15.05 5.88 -3.61
C SER A 170 15.39 6.00 -5.09
N GLY A 171 16.64 5.72 -5.44
CA GLY A 171 17.07 5.86 -6.81
C GLY A 171 18.53 6.24 -6.90
N GLY A 172 19.25 5.59 -7.80
CA GLY A 172 20.66 5.85 -7.96
C GLY A 172 21.50 4.62 -7.67
N GLY A 173 22.68 4.82 -7.12
CA GLY A 173 23.54 3.72 -6.77
C GLY A 173 24.33 3.20 -7.94
N SER A 174 24.95 4.12 -8.68
CA SER A 174 25.79 3.74 -9.81
C SER A 174 27.19 3.37 -9.30
N GLY A 175 27.38 2.09 -9.01
CA GLY A 175 28.65 1.65 -8.49
C GLY A 175 29.11 0.34 -9.11
N GLY A 176 30.06 0.44 -10.03
CA GLY A 176 30.64 -0.74 -10.63
C GLY A 176 29.73 -1.41 -11.63
N GLY A 177 29.95 -2.70 -11.86
CA GLY A 177 29.12 -3.44 -12.80
C GLY A 177 28.16 -4.36 -12.10
N SER A 178 28.17 -4.35 -10.77
CA SER A 178 27.27 -5.16 -9.99
C SER A 178 27.11 -4.56 -8.59
N GLY A 179 25.99 -4.84 -7.95
CA GLY A 179 25.73 -4.30 -6.63
C GLY A 179 24.64 -3.25 -6.66
N GLY A 180 24.96 -2.10 -7.23
CA GLY A 180 23.99 -1.04 -7.35
C GLY A 180 23.82 -0.27 -6.06
N GLY A 181 22.70 0.45 -5.95
CA GLY A 181 22.43 1.24 -4.77
C GLY A 181 20.96 1.25 -4.43
N SER A 182 20.37 0.08 -4.35
CA SER A 182 18.96 -0.05 -4.03
C SER A 182 18.78 -1.11 -2.95
N GLY A 183 18.37 -0.67 -1.77
CA GLY A 183 18.12 -1.60 -0.67
C GLY A 183 16.88 -2.42 -0.93
N ASP A 184 15.71 -1.84 -0.64
CA ASP A 184 14.45 -2.50 -0.87
C ASP A 184 13.54 -1.64 -1.72
N GLY A 185 12.44 -2.23 -2.14
CA GLY A 185 11.48 -1.53 -2.96
C GLY A 185 10.72 -2.49 -3.84
N GLY A 186 9.46 -2.19 -4.10
CA GLY A 186 8.65 -3.06 -4.91
C GLY A 186 8.84 -2.79 -6.39
N ALA A 187 7.95 -3.33 -7.19
CA ALA A 187 8.00 -3.14 -8.62
C ALA A 187 7.53 -1.74 -8.98
N PHE A 188 7.71 -1.36 -10.23
CA PHE A 188 7.38 -0.02 -10.67
C PHE A 188 6.18 -0.02 -11.59
N PRO A 189 4.98 0.16 -11.03
CA PRO A 189 3.73 0.09 -11.77
C PRO A 189 3.50 1.32 -12.62
N GLU A 190 4.28 2.35 -12.34
CA GLU A 190 4.12 3.66 -12.95
C GLU A 190 4.71 3.69 -14.36
N ILE A 191 5.81 2.96 -14.53
CA ILE A 191 6.57 3.02 -15.78
C ILE A 191 5.93 2.16 -16.87
N HIS A 192 4.97 1.34 -16.46
CA HIS A 192 4.18 0.52 -17.37
C HIS A 192 5.07 -0.46 -18.14
N VAL A 193 5.65 -1.43 -17.44
CA VAL A 193 6.48 -2.43 -18.09
C VAL A 193 6.69 -3.62 -17.15
N ALA A 194 6.93 -4.80 -17.72
CA ALA A 194 7.04 -6.01 -16.94
C ALA A 194 8.38 -6.12 -16.23
N GLN A 195 8.34 -6.07 -14.90
CA GLN A 195 9.52 -6.23 -14.05
C GLN A 195 9.08 -6.57 -12.64
N TYR A 196 9.97 -7.18 -11.89
CA TYR A 196 9.65 -7.57 -10.54
C TYR A 196 10.65 -6.98 -9.55
N PRO A 197 10.25 -6.83 -8.28
CA PRO A 197 11.13 -6.28 -7.24
C PRO A 197 12.27 -7.23 -6.88
N LEU A 198 11.94 -8.35 -6.23
CA LEU A 198 12.91 -9.39 -5.94
C LEU A 198 12.50 -10.70 -6.59
N ASP A 199 11.68 -10.58 -7.65
CA ASP A 199 11.23 -11.72 -8.46
C ASP A 199 10.29 -12.64 -7.67
N MET A 200 9.80 -12.14 -6.54
CA MET A 200 8.90 -12.90 -5.67
C MET A 200 7.69 -13.44 -6.44
N GLY A 201 7.08 -12.62 -7.27
CA GLY A 201 5.87 -13.02 -7.97
C GLY A 201 6.14 -13.86 -9.20
N ARG A 202 7.43 -14.08 -9.51
CA ARG A 202 7.81 -14.92 -10.62
C ARG A 202 7.73 -16.38 -10.22
N LYS A 203 7.88 -16.61 -8.94
CA LYS A 203 7.84 -17.95 -8.39
C LYS A 203 6.39 -18.40 -8.23
N MET A 1 -17.59 23.13 16.67
CA MET A 1 -17.25 24.31 15.84
C MET A 1 -16.47 23.89 14.59
N ALA A 2 -16.22 22.59 14.45
CA ALA A 2 -15.44 22.09 13.33
C ALA A 2 -15.69 20.60 13.11
N ALA A 3 -16.00 20.22 11.88
CA ALA A 3 -16.22 18.82 11.54
C ALA A 3 -14.91 18.16 11.15
N ILE A 4 -14.29 18.71 10.11
CA ILE A 4 -13.03 18.18 9.60
C ILE A 4 -12.03 19.30 9.34
N PRO A 5 -11.06 19.49 10.24
CA PRO A 5 -10.01 20.47 10.08
C PRO A 5 -8.83 19.90 9.29
N PRO A 6 -8.57 20.42 8.08
CA PRO A 6 -7.47 19.95 7.23
C PRO A 6 -6.12 20.34 7.79
N ASP A 7 -5.14 19.44 7.65
CA ASP A 7 -3.79 19.68 8.15
C ASP A 7 -2.94 20.40 7.10
N SER A 8 -3.61 20.89 6.05
CA SER A 8 -2.99 21.56 4.91
C SER A 8 -2.01 20.65 4.14
N TRP A 9 -0.89 20.31 4.76
CA TRP A 9 0.10 19.45 4.15
C TRP A 9 -0.48 18.04 3.95
N GLN A 10 -0.53 17.59 2.71
CA GLN A 10 -1.04 16.26 2.41
C GLN A 10 0.13 15.33 2.17
N PRO A 11 0.38 14.40 3.11
CA PRO A 11 1.48 13.44 3.03
C PRO A 11 1.56 12.72 1.69
N PRO A 12 2.60 13.00 0.90
CA PRO A 12 2.82 12.36 -0.40
C PRO A 12 3.41 10.96 -0.22
N ASN A 13 4.19 10.81 0.83
CA ASN A 13 4.84 9.54 1.15
C ASN A 13 4.86 9.36 2.67
N VAL A 14 4.61 8.14 3.12
CA VAL A 14 4.52 7.85 4.55
C VAL A 14 5.27 6.57 4.89
N TYR A 15 5.52 6.35 6.17
CA TYR A 15 6.18 5.14 6.60
C TYR A 15 5.33 4.41 7.64
N LEU A 16 5.20 3.10 7.46
CA LEU A 16 4.46 2.26 8.37
C LEU A 16 5.40 1.36 9.16
N GLU A 17 5.51 1.63 10.44
CA GLU A 17 6.28 0.81 11.35
C GLU A 17 5.40 -0.33 11.83
N THR A 18 5.72 -1.55 11.41
CA THR A 18 4.88 -2.68 11.73
C THR A 18 5.49 -3.54 12.82
N SER A 19 4.80 -4.62 13.18
CA SER A 19 5.26 -5.55 14.19
C SER A 19 6.30 -6.52 13.61
N MET A 20 6.55 -6.38 12.32
CA MET A 20 7.56 -7.19 11.64
C MET A 20 8.77 -6.34 11.30
N GLY A 21 8.50 -5.15 10.79
CA GLY A 21 9.55 -4.23 10.42
C GLY A 21 8.97 -2.89 10.06
N ILE A 22 9.53 -2.25 9.05
CA ILE A 22 9.07 -0.95 8.64
C ILE A 22 8.90 -0.92 7.12
N ILE A 23 7.76 -0.42 6.69
CA ILE A 23 7.43 -0.36 5.26
C ILE A 23 7.06 1.05 4.85
N VAL A 24 7.70 1.55 3.80
CA VAL A 24 7.42 2.88 3.28
C VAL A 24 6.75 2.77 1.91
N LEU A 25 5.82 3.66 1.61
CA LEU A 25 5.19 3.68 0.30
C LEU A 25 4.71 5.08 -0.06
N GLU A 26 4.49 5.28 -1.34
CA GLU A 26 4.03 6.57 -1.84
C GLU A 26 2.77 6.38 -2.65
N LEU A 27 2.12 7.48 -2.98
CA LEU A 27 0.92 7.45 -3.79
C LEU A 27 1.24 8.01 -5.16
N TYR A 28 0.38 7.74 -6.13
CA TYR A 28 0.62 8.24 -7.46
C TYR A 28 0.15 9.67 -7.64
N TRP A 29 1.02 10.60 -7.35
CA TRP A 29 0.77 12.01 -7.67
C TRP A 29 1.07 12.20 -9.15
N LYS A 30 1.61 11.14 -9.73
CA LYS A 30 2.04 11.11 -11.11
C LYS A 30 0.85 11.22 -12.05
N HIS A 31 -0.22 10.50 -11.73
CA HIS A 31 -1.37 10.42 -12.62
C HIS A 31 -2.69 10.46 -11.84
N ALA A 32 -2.62 10.53 -10.51
CA ALA A 32 -3.83 10.54 -9.69
C ALA A 32 -3.75 11.59 -8.59
N PRO A 33 -4.17 12.83 -8.87
CA PRO A 33 -4.10 13.93 -7.91
C PRO A 33 -5.17 13.83 -6.81
N LYS A 34 -6.06 12.86 -6.95
CA LYS A 34 -7.11 12.63 -5.96
C LYS A 34 -6.73 11.47 -5.04
N THR A 35 -6.43 10.33 -5.63
CA THR A 35 -6.12 9.12 -4.89
C THR A 35 -5.00 9.34 -3.86
N CYS A 36 -4.04 10.17 -4.22
CA CYS A 36 -2.93 10.48 -3.32
C CYS A 36 -3.40 11.26 -2.09
N LYS A 37 -4.49 12.01 -2.25
CA LYS A 37 -5.04 12.80 -1.16
C LYS A 37 -5.87 11.93 -0.25
N ASN A 38 -6.54 10.95 -0.84
CA ASN A 38 -7.36 10.01 -0.10
C ASN A 38 -6.53 9.29 0.95
N PHE A 39 -5.42 8.71 0.51
CA PHE A 39 -4.49 8.04 1.41
C PHE A 39 -3.93 9.03 2.42
N ALA A 40 -3.43 10.14 1.89
CA ALA A 40 -2.85 11.20 2.70
C ALA A 40 -3.80 11.65 3.80
N GLU A 41 -5.08 11.78 3.46
CA GLU A 41 -6.12 12.16 4.41
C GLU A 41 -6.11 11.22 5.62
N LEU A 42 -6.08 9.92 5.36
CA LEU A 42 -6.10 8.95 6.44
C LEU A 42 -4.74 8.86 7.14
N ALA A 43 -3.67 9.14 6.41
CA ALA A 43 -2.33 9.08 6.97
C ALA A 43 -2.06 10.26 7.90
N ARG A 44 -2.56 11.45 7.53
CA ARG A 44 -2.35 12.64 8.36
C ARG A 44 -3.27 12.62 9.57
N ARG A 45 -4.35 11.85 9.47
CA ARG A 45 -5.26 11.68 10.58
C ARG A 45 -4.66 10.70 11.57
N GLY A 46 -4.14 9.60 11.06
CA GLY A 46 -3.54 8.59 11.92
C GLY A 46 -4.39 7.35 11.99
N TYR A 47 -5.01 7.01 10.88
CA TYR A 47 -5.91 5.87 10.80
C TYR A 47 -5.10 4.58 10.87
N TYR A 48 -3.89 4.63 10.37
CA TYR A 48 -3.05 3.44 10.27
C TYR A 48 -2.42 3.09 11.62
N ASN A 49 -2.59 3.97 12.60
CA ASN A 49 -2.02 3.76 13.93
C ASN A 49 -2.76 2.66 14.69
N GLY A 50 -3.88 2.21 14.12
CA GLY A 50 -4.64 1.15 14.75
C GLY A 50 -5.15 0.15 13.74
N THR A 51 -4.41 -0.05 12.67
CA THR A 51 -4.84 -0.94 11.59
C THR A 51 -4.04 -2.24 11.58
N LYS A 52 -4.68 -3.30 11.11
CA LYS A 52 -4.04 -4.61 11.05
C LYS A 52 -4.02 -5.07 9.61
N PHE A 53 -3.30 -6.15 9.33
CA PHE A 53 -3.38 -6.78 8.03
C PHE A 53 -4.51 -7.80 8.03
N HIS A 54 -5.50 -7.60 7.18
CA HIS A 54 -6.73 -8.37 7.23
C HIS A 54 -6.63 -9.57 6.29
N ARG A 55 -5.86 -9.42 5.23
CA ARG A 55 -5.69 -10.50 4.26
C ARG A 55 -4.22 -10.60 3.85
N ILE A 56 -3.56 -11.67 4.28
CA ILE A 56 -2.16 -11.86 3.93
C ILE A 56 -2.03 -13.10 3.05
N ILE A 57 -2.33 -12.95 1.78
CA ILE A 57 -2.29 -14.06 0.85
C ILE A 57 -0.88 -14.23 0.30
N LYS A 58 -0.40 -15.46 0.27
CA LYS A 58 0.97 -15.73 -0.13
C LYS A 58 1.13 -15.59 -1.63
N ASP A 59 2.12 -14.80 -2.03
CA ASP A 59 2.39 -14.52 -3.45
C ASP A 59 1.16 -13.92 -4.13
N PHE A 60 0.38 -13.16 -3.38
CA PHE A 60 -0.83 -12.58 -3.92
C PHE A 60 -0.95 -11.11 -3.53
N MET A 61 -1.44 -10.87 -2.33
CA MET A 61 -1.73 -9.51 -1.88
C MET A 61 -1.83 -9.48 -0.36
N ILE A 62 -1.58 -8.31 0.20
CA ILE A 62 -1.63 -8.11 1.63
C ILE A 62 -2.47 -6.87 1.94
N GLN A 63 -3.69 -7.10 2.38
CA GLN A 63 -4.60 -6.00 2.73
C GLN A 63 -4.29 -5.47 4.11
N GLY A 64 -4.09 -4.17 4.20
CA GLY A 64 -3.79 -3.55 5.47
C GLY A 64 -4.79 -2.47 5.82
N GLY A 65 -5.34 -2.54 7.01
CA GLY A 65 -6.27 -1.53 7.45
C GLY A 65 -7.50 -2.11 8.12
N ASP A 66 -8.62 -1.42 7.95
CA ASP A 66 -9.91 -1.81 8.52
C ASP A 66 -9.81 -2.04 10.03
N PRO A 67 -9.86 -0.95 10.80
CA PRO A 67 -9.81 -1.00 12.26
C PRO A 67 -11.12 -1.55 12.82
N THR A 68 -12.18 -1.40 12.06
CA THR A 68 -13.50 -1.82 12.46
C THR A 68 -13.71 -3.32 12.24
N GLY A 69 -13.33 -3.79 11.06
CA GLY A 69 -13.61 -5.15 10.69
C GLY A 69 -14.86 -5.23 9.83
N THR A 70 -15.15 -4.15 9.11
CA THR A 70 -16.31 -4.11 8.24
C THR A 70 -15.92 -3.64 6.83
N GLY A 71 -14.77 -2.98 6.72
CA GLY A 71 -14.29 -2.54 5.42
C GLY A 71 -14.57 -1.07 5.14
N ARG A 72 -15.49 -0.48 5.89
CA ARG A 72 -15.84 0.92 5.71
C ARG A 72 -15.38 1.76 6.90
N GLY A 73 -14.68 1.13 7.82
CA GLY A 73 -14.23 1.82 9.02
C GLY A 73 -12.91 2.53 8.83
N GLY A 74 -12.48 3.24 9.86
CA GLY A 74 -11.25 4.01 9.78
C GLY A 74 -11.46 5.37 9.19
N ALA A 75 -12.21 5.41 8.11
CA ALA A 75 -12.56 6.64 7.43
C ALA A 75 -13.64 7.42 8.17
N SER A 76 -13.70 7.18 9.47
CA SER A 76 -14.71 7.76 10.35
C SER A 76 -14.63 9.29 10.32
N ILE A 77 -13.45 9.80 9.98
CA ILE A 77 -13.21 11.23 9.90
C ILE A 77 -14.21 11.90 8.94
N TYR A 78 -14.36 11.34 7.74
CA TYR A 78 -15.29 11.91 6.76
C TYR A 78 -16.52 11.03 6.58
N GLY A 79 -16.52 9.87 7.20
CA GLY A 79 -17.71 9.04 7.24
C GLY A 79 -17.63 7.84 6.33
N LYS A 80 -18.18 7.98 5.13
CA LYS A 80 -18.29 6.85 4.21
C LYS A 80 -17.41 7.02 3.00
N GLN A 81 -17.55 6.08 2.07
CA GLN A 81 -16.95 6.16 0.76
C GLN A 81 -17.85 6.97 -0.15
N PHE A 82 -17.41 7.24 -1.37
CA PHE A 82 -18.18 8.09 -2.26
C PHE A 82 -18.31 7.48 -3.65
N GLU A 83 -17.18 7.26 -4.31
CA GLU A 83 -17.17 6.86 -5.70
C GLU A 83 -16.01 5.92 -5.97
N ASP A 84 -15.91 5.44 -7.20
CA ASP A 84 -14.79 4.62 -7.61
C ASP A 84 -13.82 5.44 -8.46
N GLU A 85 -12.55 5.10 -8.39
CA GLU A 85 -11.55 5.71 -9.22
C GLU A 85 -10.85 4.64 -10.04
N LEU A 86 -11.55 3.52 -10.22
CA LEU A 86 -10.98 2.34 -10.87
C LEU A 86 -10.52 2.67 -12.29
N HIS A 87 -9.22 2.83 -12.47
CA HIS A 87 -8.66 3.05 -13.80
C HIS A 87 -7.17 2.76 -13.80
N PRO A 88 -6.80 1.48 -13.92
CA PRO A 88 -5.40 1.08 -14.09
C PRO A 88 -4.86 1.53 -15.45
N ASP A 89 -4.47 2.80 -15.52
CA ASP A 89 -3.90 3.35 -16.75
C ASP A 89 -2.42 3.04 -16.82
N LEU A 90 -1.94 2.43 -15.74
CA LEU A 90 -0.58 1.94 -15.66
C LEU A 90 -0.57 0.46 -16.05
N LYS A 91 0.39 -0.30 -15.54
CA LYS A 91 0.39 -1.74 -15.77
C LYS A 91 1.09 -2.47 -14.65
N PHE A 92 0.54 -3.63 -14.29
CA PHE A 92 1.21 -4.53 -13.37
C PHE A 92 2.55 -4.96 -13.96
N THR A 93 3.60 -4.72 -13.20
CA THR A 93 4.94 -5.01 -13.68
C THR A 93 5.60 -6.09 -12.83
N GLY A 94 5.38 -6.02 -11.53
CA GLY A 94 5.91 -7.03 -10.63
C GLY A 94 5.24 -7.00 -9.27
N ALA A 95 6.01 -7.25 -8.23
CA ALA A 95 5.49 -7.22 -6.87
C ALA A 95 5.79 -5.88 -6.22
N GLY A 96 4.94 -5.48 -5.29
CA GLY A 96 5.13 -4.22 -4.62
C GLY A 96 4.19 -3.17 -5.13
N ILE A 97 3.08 -3.62 -5.69
CA ILE A 97 2.11 -2.71 -6.27
C ILE A 97 1.10 -2.30 -5.20
N LEU A 98 1.16 -1.04 -4.83
CA LEU A 98 0.29 -0.51 -3.79
C LEU A 98 -1.03 -0.04 -4.41
N ALA A 99 -2.13 -0.63 -3.97
CA ALA A 99 -3.43 -0.32 -4.52
C ALA A 99 -4.47 -0.12 -3.41
N MET A 100 -5.66 0.31 -3.81
CA MET A 100 -6.74 0.57 -2.86
C MET A 100 -7.58 -0.67 -2.66
N ALA A 101 -8.01 -0.89 -1.42
CA ALA A 101 -8.86 -2.02 -1.10
C ALA A 101 -10.28 -1.54 -0.86
N ASN A 102 -11.24 -2.44 -1.03
CA ASN A 102 -12.65 -2.08 -0.87
C ASN A 102 -13.49 -3.32 -0.63
N ALA A 103 -14.70 -3.11 -0.14
CA ALA A 103 -15.62 -4.19 0.14
C ALA A 103 -16.44 -4.53 -1.10
N GLY A 104 -16.82 -3.49 -1.83
CA GLY A 104 -17.56 -3.70 -3.05
C GLY A 104 -18.10 -2.42 -3.64
N PRO A 105 -19.22 -1.90 -3.12
CA PRO A 105 -19.86 -0.69 -3.64
C PRO A 105 -19.03 0.56 -3.42
N ASP A 106 -18.12 0.80 -4.36
CA ASP A 106 -17.31 2.03 -4.43
C ASP A 106 -16.62 2.33 -3.10
N THR A 107 -16.23 1.27 -2.39
CA THR A 107 -15.65 1.40 -1.06
C THR A 107 -14.19 1.88 -1.10
N ASN A 108 -13.90 2.80 -2.01
CA ASN A 108 -12.56 3.35 -2.13
C ASN A 108 -12.38 4.49 -1.14
N GLY A 109 -11.22 4.55 -0.51
CA GLY A 109 -10.94 5.66 0.38
C GLY A 109 -9.87 5.36 1.40
N SER A 110 -10.18 4.47 2.34
CA SER A 110 -9.33 4.28 3.49
C SER A 110 -8.59 2.94 3.46
N GLN A 111 -9.13 1.97 2.74
CA GLN A 111 -8.54 0.64 2.75
C GLN A 111 -7.53 0.51 1.61
N PHE A 112 -6.38 -0.11 1.89
CA PHE A 112 -5.34 -0.28 0.88
C PHE A 112 -4.68 -1.65 1.02
N PHE A 113 -3.90 -2.04 0.02
CA PHE A 113 -3.20 -3.31 0.05
C PHE A 113 -2.02 -3.30 -0.92
N VAL A 114 -1.07 -4.19 -0.68
CA VAL A 114 0.07 -4.35 -1.58
C VAL A 114 -0.01 -5.71 -2.26
N THR A 115 0.45 -5.79 -3.50
CA THR A 115 0.43 -7.04 -4.22
C THR A 115 1.81 -7.70 -4.17
N LEU A 116 1.84 -8.98 -3.84
CA LEU A 116 3.07 -9.76 -3.82
C LEU A 116 3.39 -10.31 -5.20
N ALA A 117 2.46 -10.15 -6.11
CA ALA A 117 2.65 -10.57 -7.49
C ALA A 117 1.81 -9.71 -8.43
N PRO A 118 2.18 -9.65 -9.72
CA PRO A 118 1.41 -8.90 -10.71
C PRO A 118 0.10 -9.58 -11.05
N THR A 119 -1.00 -8.84 -10.89
CA THR A 119 -2.32 -9.39 -11.12
C THR A 119 -2.94 -8.81 -12.38
N GLN A 120 -3.91 -9.51 -12.94
CA GLN A 120 -4.66 -9.01 -14.08
C GLN A 120 -6.14 -9.33 -13.95
N TRP A 121 -6.57 -9.56 -12.72
CA TRP A 121 -7.97 -9.92 -12.47
C TRP A 121 -8.61 -9.01 -11.42
N LEU A 122 -7.84 -8.10 -10.84
CA LEU A 122 -8.37 -7.22 -9.81
C LEU A 122 -8.02 -5.76 -10.09
N ASP A 123 -7.39 -5.52 -11.21
CA ASP A 123 -7.00 -4.18 -11.63
C ASP A 123 -8.22 -3.32 -11.89
N GLY A 124 -9.31 -3.97 -12.28
CA GLY A 124 -10.56 -3.27 -12.50
C GLY A 124 -11.53 -3.50 -11.36
N LYS A 125 -11.00 -4.03 -10.26
CA LYS A 125 -11.79 -4.26 -9.07
C LYS A 125 -11.25 -3.41 -7.94
N HIS A 126 -9.99 -3.03 -8.07
CA HIS A 126 -9.33 -2.17 -7.10
C HIS A 126 -8.53 -1.09 -7.82
N THR A 127 -8.66 0.14 -7.35
CA THR A 127 -7.91 1.26 -7.91
C THR A 127 -6.44 1.17 -7.51
N ILE A 128 -5.55 1.10 -8.49
CA ILE A 128 -4.13 0.93 -8.19
C ILE A 128 -3.34 2.20 -8.48
N PHE A 129 -2.79 2.79 -7.42
CA PHE A 129 -1.93 3.97 -7.55
C PHE A 129 -1.01 4.09 -6.35
N GLY A 130 0.04 3.27 -6.31
CA GLY A 130 0.99 3.34 -5.24
C GLY A 130 2.30 2.65 -5.57
N ARG A 131 3.37 3.03 -4.87
CA ARG A 131 4.67 2.37 -5.00
C ARG A 131 5.28 2.15 -3.62
N VAL A 132 5.63 0.91 -3.32
CA VAL A 132 6.34 0.61 -2.08
C VAL A 132 7.83 0.93 -2.22
N CYS A 133 8.40 1.51 -1.17
CA CYS A 133 9.78 1.98 -1.20
C CYS A 133 10.49 1.66 0.11
N GLN A 134 11.78 1.32 0.02
CA GLN A 134 12.64 1.01 1.16
C GLN A 134 11.95 0.15 2.23
N GLY A 135 11.17 -0.82 1.77
CA GLY A 135 10.50 -1.73 2.69
C GLY A 135 9.82 -2.87 1.96
N ILE A 136 10.47 -3.40 0.94
CA ILE A 136 9.87 -4.44 0.11
C ILE A 136 10.17 -5.82 0.69
N GLY A 137 11.35 -5.98 1.26
CA GLY A 137 11.74 -7.24 1.84
C GLY A 137 10.81 -7.64 2.97
N MET A 138 10.38 -6.64 3.73
CA MET A 138 9.50 -6.88 4.87
C MET A 138 8.15 -7.36 4.39
N VAL A 139 7.54 -6.62 3.47
CA VAL A 139 6.28 -7.02 2.86
C VAL A 139 6.37 -8.42 2.28
N ASN A 140 7.55 -8.76 1.79
CA ASN A 140 7.78 -10.07 1.19
C ASN A 140 7.76 -11.15 2.24
N ARG A 141 8.55 -10.96 3.29
CA ARG A 141 8.66 -11.95 4.36
C ARG A 141 7.44 -11.91 5.29
N VAL A 142 6.61 -10.89 5.12
CA VAL A 142 5.34 -10.84 5.85
C VAL A 142 4.26 -11.58 5.06
N GLY A 143 4.30 -11.43 3.75
CA GLY A 143 3.32 -12.08 2.91
C GLY A 143 3.61 -13.55 2.70
N MET A 144 4.89 -13.89 2.64
CA MET A 144 5.30 -15.25 2.31
C MET A 144 5.16 -16.20 3.50
N VAL A 145 5.09 -15.66 4.71
CA VAL A 145 4.96 -16.52 5.89
C VAL A 145 3.53 -17.03 6.02
N GLU A 146 3.39 -18.34 6.11
CA GLU A 146 2.08 -18.96 6.14
C GLU A 146 1.45 -18.86 7.52
N THR A 147 0.30 -19.50 7.68
CA THR A 147 -0.40 -19.50 8.94
C THR A 147 0.14 -20.60 9.85
N ASN A 148 -0.13 -20.46 11.14
CA ASN A 148 0.26 -21.47 12.11
C ASN A 148 -0.64 -22.68 11.94
N SER A 149 -1.90 -22.37 11.70
CA SER A 149 -2.91 -23.36 11.38
C SER A 149 -4.04 -22.67 10.65
N GLN A 150 -4.57 -23.35 9.64
CA GLN A 150 -5.68 -22.85 8.84
C GLN A 150 -5.56 -21.37 8.47
N ASP A 151 -6.17 -20.48 9.26
CA ASP A 151 -6.19 -19.06 8.94
C ASP A 151 -5.62 -18.21 10.07
N ARG A 152 -5.00 -18.85 11.06
CA ARG A 152 -4.41 -18.12 12.17
C ARG A 152 -2.92 -17.92 11.90
N PRO A 153 -2.50 -16.66 11.66
CA PRO A 153 -1.14 -16.35 11.24
C PRO A 153 -0.09 -16.70 12.29
N VAL A 154 1.09 -17.10 11.84
CA VAL A 154 2.20 -17.39 12.74
C VAL A 154 2.59 -16.13 13.49
N ASP A 155 2.87 -15.08 12.74
CA ASP A 155 3.17 -13.79 13.32
C ASP A 155 1.95 -12.88 13.20
N ASP A 156 1.62 -12.22 14.29
CA ASP A 156 0.47 -11.32 14.33
C ASP A 156 0.89 -9.92 13.86
N VAL A 157 0.59 -9.61 12.61
CA VAL A 157 1.16 -8.42 11.98
C VAL A 157 0.16 -7.28 11.87
N LYS A 158 0.54 -6.15 12.45
CA LYS A 158 -0.27 -4.95 12.43
C LYS A 158 0.61 -3.74 12.21
N ILE A 159 0.01 -2.60 11.98
CA ILE A 159 0.76 -1.37 11.86
C ILE A 159 0.86 -0.73 13.24
N ILE A 160 2.05 -0.81 13.81
CA ILE A 160 2.29 -0.31 15.15
C ILE A 160 2.32 1.22 15.16
N LYS A 161 3.14 1.76 14.28
CA LYS A 161 3.25 3.22 14.12
C LYS A 161 3.15 3.56 12.64
N ALA A 162 2.51 4.67 12.34
CA ALA A 162 2.43 5.14 10.96
C ALA A 162 2.42 6.66 10.94
N TYR A 163 3.32 7.22 10.16
CA TYR A 163 3.51 8.67 10.12
C TYR A 163 3.95 9.08 8.72
N PRO A 164 3.69 10.34 8.34
CA PRO A 164 4.13 10.87 7.06
C PRO A 164 5.55 11.41 7.13
N SER A 165 6.36 11.01 6.17
CA SER A 165 7.76 11.43 6.13
C SER A 165 7.98 12.41 4.98
N GLY A 166 7.18 12.29 3.95
CA GLY A 166 7.28 13.18 2.81
C GLY A 166 7.94 12.53 1.62
N GLY A 167 8.94 11.70 1.90
CA GLY A 167 9.66 11.02 0.84
C GLY A 167 10.76 10.12 1.36
N GLY A 168 10.37 9.03 1.99
CA GLY A 168 11.33 8.07 2.47
C GLY A 168 11.86 7.18 1.36
N GLY A 169 13.15 7.26 1.12
CA GLY A 169 13.76 6.49 0.05
C GLY A 169 14.12 7.35 -1.14
N SER A 170 14.98 6.83 -1.99
CA SER A 170 15.43 7.56 -3.17
C SER A 170 15.56 6.64 -4.36
N GLY A 171 15.44 7.19 -5.56
CA GLY A 171 15.50 6.37 -6.75
C GLY A 171 16.24 7.04 -7.88
N GLY A 172 17.45 7.49 -7.60
CA GLY A 172 18.27 8.12 -8.62
C GLY A 172 19.42 7.23 -9.05
N GLY A 173 19.19 6.46 -10.10
CA GLY A 173 20.21 5.57 -10.60
C GLY A 173 19.66 4.56 -11.59
N SER A 174 20.56 3.92 -12.32
CA SER A 174 20.18 2.90 -13.28
C SER A 174 21.37 2.00 -13.59
N GLY A 175 21.37 0.80 -13.02
CA GLY A 175 22.46 -0.12 -13.23
C GLY A 175 22.61 -1.09 -12.07
N GLY A 176 23.81 -1.61 -11.89
CA GLY A 176 24.07 -2.53 -10.79
C GLY A 176 23.61 -3.94 -11.09
N GLY A 177 22.33 -4.08 -11.42
CA GLY A 177 21.78 -5.38 -11.74
C GLY A 177 21.28 -6.09 -10.51
N SER A 178 22.20 -6.48 -9.64
CA SER A 178 21.87 -7.14 -8.39
C SER A 178 22.70 -6.57 -7.25
N GLY A 179 23.25 -5.39 -7.49
CA GLY A 179 24.08 -4.74 -6.49
C GLY A 179 24.27 -3.28 -6.80
N GLY A 180 25.06 -2.59 -5.99
CA GLY A 180 25.30 -1.17 -6.19
C GLY A 180 24.97 -0.37 -4.95
N GLY A 181 24.54 -1.06 -3.91
CA GLY A 181 24.17 -0.38 -2.67
C GLY A 181 22.68 -0.18 -2.58
N SER A 182 21.93 -1.16 -3.05
CA SER A 182 20.48 -1.07 -3.10
C SER A 182 19.87 -1.57 -1.79
N GLY A 183 19.12 -0.70 -1.13
CA GLY A 183 18.39 -1.09 0.05
C GLY A 183 17.13 -1.85 -0.31
N ASP A 184 15.99 -1.20 -0.23
CA ASP A 184 14.72 -1.81 -0.57
C ASP A 184 13.92 -0.95 -1.53
N GLY A 185 12.84 -1.51 -2.02
CA GLY A 185 11.96 -0.83 -2.94
C GLY A 185 11.25 -1.83 -3.84
N GLY A 186 9.96 -1.62 -4.06
CA GLY A 186 9.21 -2.54 -4.89
C GLY A 186 9.46 -2.34 -6.36
N ALA A 187 8.55 -2.85 -7.18
CA ALA A 187 8.68 -2.72 -8.62
C ALA A 187 8.14 -1.37 -9.09
N PHE A 188 8.34 -1.06 -10.36
CA PHE A 188 7.88 0.21 -10.90
C PHE A 188 6.67 -0.01 -11.79
N PRO A 189 5.46 0.21 -11.26
CA PRO A 189 4.23 0.03 -12.01
C PRO A 189 3.91 1.24 -12.88
N GLU A 190 4.68 2.31 -12.68
CA GLU A 190 4.46 3.55 -13.41
C GLU A 190 5.07 3.46 -14.80
N ILE A 191 6.09 2.64 -14.94
CA ILE A 191 6.64 2.33 -16.24
C ILE A 191 5.99 1.05 -16.74
N HIS A 192 5.90 0.90 -18.04
CA HIS A 192 5.15 -0.22 -18.60
C HIS A 192 6.09 -1.31 -19.09
N VAL A 193 6.82 -1.91 -18.16
CA VAL A 193 7.70 -3.01 -18.49
C VAL A 193 7.76 -4.01 -17.35
N ALA A 194 7.68 -5.29 -17.68
CA ALA A 194 7.72 -6.35 -16.70
C ALA A 194 9.10 -6.44 -16.05
N GLN A 195 9.16 -6.06 -14.78
CA GLN A 195 10.39 -6.15 -14.02
C GLN A 195 10.05 -6.38 -12.54
N TYR A 196 10.91 -7.07 -11.83
CA TYR A 196 10.59 -7.51 -10.48
C TYR A 196 11.54 -6.93 -9.45
N PRO A 197 11.02 -6.62 -8.25
CA PRO A 197 11.83 -6.07 -7.16
C PRO A 197 12.89 -7.05 -6.68
N LEU A 198 12.45 -8.22 -6.21
CA LEU A 198 13.38 -9.24 -5.72
C LEU A 198 12.88 -10.64 -6.07
N ASP A 199 12.30 -10.79 -7.26
CA ASP A 199 11.92 -12.12 -7.82
C ASP A 199 10.69 -12.70 -7.13
N MET A 200 10.30 -12.15 -5.99
CA MET A 200 9.20 -12.67 -5.17
C MET A 200 7.92 -12.92 -5.98
N GLY A 201 7.68 -12.12 -7.01
CA GLY A 201 6.44 -12.24 -7.77
C GLY A 201 6.57 -13.11 -9.00
N ARG A 202 7.77 -13.61 -9.26
CA ARG A 202 8.00 -14.46 -10.42
C ARG A 202 8.50 -15.83 -10.01
N LYS A 203 8.78 -15.95 -8.73
CA LYS A 203 9.25 -17.19 -8.14
C LYS A 203 8.22 -18.30 -8.35
N MET A 1 -15.65 26.48 2.29
CA MET A 1 -15.78 25.02 2.49
C MET A 1 -16.62 24.75 3.73
N ALA A 2 -17.48 23.74 3.64
CA ALA A 2 -18.43 23.47 4.72
C ALA A 2 -17.99 22.30 5.60
N ALA A 3 -16.99 21.57 5.16
CA ALA A 3 -16.51 20.41 5.91
C ALA A 3 -15.09 20.03 5.51
N ILE A 4 -14.39 19.38 6.44
CA ILE A 4 -13.05 18.82 6.18
C ILE A 4 -12.00 19.94 6.12
N PRO A 5 -10.95 19.82 6.96
CA PRO A 5 -9.86 20.79 7.02
C PRO A 5 -8.72 20.45 6.06
N PRO A 6 -8.62 21.18 4.94
CA PRO A 6 -7.58 20.98 3.95
C PRO A 6 -6.28 21.67 4.33
N ASP A 7 -5.30 20.90 4.75
CA ASP A 7 -3.99 21.45 5.12
C ASP A 7 -3.18 21.69 3.84
N SER A 8 -1.98 22.22 4.00
CA SER A 8 -1.17 22.57 2.86
C SER A 8 -0.03 21.57 2.67
N TRP A 9 0.27 20.79 3.70
CA TRP A 9 1.33 19.80 3.61
C TRP A 9 0.80 18.39 3.81
N GLN A 10 0.63 17.70 2.70
CA GLN A 10 0.16 16.32 2.71
C GLN A 10 1.30 15.36 2.42
N PRO A 11 1.59 14.44 3.35
CA PRO A 11 2.70 13.49 3.25
C PRO A 11 2.63 12.64 1.98
N PRO A 12 3.71 12.65 1.17
CA PRO A 12 3.79 11.87 -0.06
C PRO A 12 4.15 10.41 0.20
N ASN A 13 4.77 10.16 1.35
CA ASN A 13 5.24 8.83 1.72
C ASN A 13 5.02 8.63 3.22
N VAL A 14 4.74 7.41 3.64
CA VAL A 14 4.47 7.14 5.05
C VAL A 14 5.14 5.86 5.52
N TYR A 15 5.45 5.83 6.81
CA TYR A 15 6.07 4.67 7.44
C TYR A 15 5.02 3.82 8.14
N LEU A 16 4.93 2.55 7.77
CA LEU A 16 4.04 1.63 8.46
C LEU A 16 4.84 0.54 9.15
N GLU A 17 5.07 0.70 10.44
CA GLU A 17 5.77 -0.32 11.21
C GLU A 17 4.78 -1.42 11.59
N THR A 18 5.10 -2.65 11.25
CA THR A 18 4.19 -3.75 11.51
C THR A 18 4.75 -4.69 12.56
N SER A 19 3.97 -5.70 12.88
CA SER A 19 4.37 -6.71 13.86
C SER A 19 5.39 -7.68 13.25
N MET A 20 5.62 -7.54 11.95
CA MET A 20 6.60 -8.35 11.26
C MET A 20 7.88 -7.55 11.02
N GLY A 21 7.70 -6.30 10.61
CA GLY A 21 8.84 -5.44 10.35
C GLY A 21 8.41 -4.02 10.10
N ILE A 22 8.91 -3.43 9.03
CA ILE A 22 8.49 -2.09 8.64
C ILE A 22 8.16 -2.06 7.15
N ILE A 23 7.08 -1.38 6.83
CA ILE A 23 6.62 -1.27 5.45
C ILE A 23 6.39 0.18 5.10
N VAL A 24 7.12 0.73 4.15
CA VAL A 24 6.85 2.09 3.75
C VAL A 24 6.33 2.11 2.32
N LEU A 25 5.46 3.06 2.03
CA LEU A 25 4.88 3.17 0.72
C LEU A 25 4.55 4.61 0.40
N GLU A 26 4.33 4.86 -0.87
CA GLU A 26 4.02 6.19 -1.35
C GLU A 26 2.79 6.14 -2.23
N LEU A 27 2.23 7.30 -2.52
CA LEU A 27 1.06 7.37 -3.37
C LEU A 27 1.45 7.87 -4.75
N TYR A 28 0.58 7.68 -5.71
CA TYR A 28 0.84 8.20 -7.05
C TYR A 28 0.48 9.66 -7.16
N TRP A 29 1.48 10.52 -7.05
CA TRP A 29 1.27 11.95 -7.12
C TRP A 29 1.24 12.40 -8.58
N LYS A 30 1.40 11.45 -9.48
CA LYS A 30 1.46 11.74 -10.90
C LYS A 30 0.08 11.95 -11.49
N HIS A 31 -0.81 10.99 -11.28
CA HIS A 31 -2.14 11.05 -11.88
C HIS A 31 -3.23 10.75 -10.88
N ALA A 32 -2.90 10.79 -9.59
CA ALA A 32 -3.89 10.64 -8.53
C ALA A 32 -3.70 11.72 -7.47
N PRO A 33 -3.95 13.00 -7.84
CA PRO A 33 -3.69 14.14 -6.98
C PRO A 33 -4.60 14.16 -5.74
N LYS A 34 -5.87 13.89 -5.96
CA LYS A 34 -6.86 13.92 -4.88
C LYS A 34 -6.71 12.68 -4.01
N THR A 35 -6.59 11.53 -4.68
CA THR A 35 -6.51 10.26 -3.99
C THR A 35 -5.27 10.16 -3.12
N CYS A 36 -4.19 10.82 -3.54
CA CYS A 36 -2.97 10.91 -2.74
C CYS A 36 -3.26 11.59 -1.41
N LYS A 37 -4.03 12.67 -1.45
CA LYS A 37 -4.33 13.45 -0.24
C LYS A 37 -5.25 12.64 0.67
N ASN A 38 -6.10 11.83 0.06
CA ASN A 38 -7.01 10.95 0.79
C ASN A 38 -6.20 10.06 1.73
N PHE A 39 -5.28 9.29 1.16
CA PHE A 39 -4.46 8.36 1.92
C PHE A 39 -3.51 9.12 2.84
N ALA A 40 -3.01 10.25 2.36
CA ALA A 40 -2.12 11.10 3.15
C ALA A 40 -2.82 11.61 4.41
N GLU A 41 -4.07 12.03 4.28
CA GLU A 41 -4.85 12.54 5.39
C GLU A 41 -5.02 11.50 6.49
N LEU A 42 -5.32 10.26 6.08
CA LEU A 42 -5.48 9.18 7.04
C LEU A 42 -4.16 8.87 7.74
N ALA A 43 -3.06 9.20 7.08
CA ALA A 43 -1.74 9.04 7.66
C ALA A 43 -1.44 10.22 8.59
N ARG A 44 -2.00 11.36 8.24
CA ARG A 44 -1.86 12.57 9.05
C ARG A 44 -2.46 12.38 10.43
N ARG A 45 -3.66 11.82 10.48
CA ARG A 45 -4.30 11.55 11.77
C ARG A 45 -3.66 10.35 12.46
N GLY A 46 -3.51 9.26 11.72
CA GLY A 46 -2.94 8.05 12.30
C GLY A 46 -3.91 6.88 12.23
N TYR A 47 -4.45 6.67 11.04
CA TYR A 47 -5.47 5.65 10.82
C TYR A 47 -4.87 4.25 10.89
N TYR A 48 -3.61 4.14 10.54
CA TYR A 48 -2.99 2.85 10.35
C TYR A 48 -2.53 2.23 11.67
N ASN A 49 -2.66 2.98 12.76
CA ASN A 49 -2.26 2.47 14.07
C ASN A 49 -3.30 1.47 14.59
N GLY A 50 -4.41 1.35 13.87
CA GLY A 50 -5.42 0.38 14.23
C GLY A 50 -5.76 -0.54 13.06
N THR A 51 -4.90 -0.52 12.05
CA THR A 51 -5.15 -1.31 10.85
C THR A 51 -4.48 -2.67 10.93
N LYS A 52 -5.14 -3.67 10.40
CA LYS A 52 -4.66 -5.02 10.47
C LYS A 52 -4.92 -5.74 9.16
N PHE A 53 -4.01 -6.64 8.80
CA PHE A 53 -4.17 -7.43 7.59
C PHE A 53 -5.12 -8.59 7.86
N HIS A 54 -6.18 -8.69 7.07
CA HIS A 54 -7.21 -9.70 7.30
C HIS A 54 -7.31 -10.66 6.12
N ARG A 55 -6.83 -10.24 4.95
CA ARG A 55 -6.80 -11.12 3.78
C ARG A 55 -5.38 -11.26 3.27
N ILE A 56 -4.77 -12.40 3.52
CA ILE A 56 -3.38 -12.60 3.14
C ILE A 56 -3.26 -13.80 2.21
N ILE A 57 -3.54 -13.57 0.94
CA ILE A 57 -3.49 -14.63 -0.04
C ILE A 57 -2.09 -14.71 -0.62
N LYS A 58 -1.56 -15.92 -0.69
CA LYS A 58 -0.18 -16.12 -1.10
C LYS A 58 -0.03 -15.83 -2.57
N ASP A 59 1.03 -15.06 -2.90
CA ASP A 59 1.26 -14.53 -4.25
C ASP A 59 -0.04 -14.01 -4.88
N PHE A 60 -0.83 -13.31 -4.09
CA PHE A 60 -2.06 -12.71 -4.56
C PHE A 60 -2.14 -11.26 -4.11
N MET A 61 -2.61 -11.06 -2.90
CA MET A 61 -2.77 -9.74 -2.32
C MET A 61 -2.87 -9.82 -0.80
N ILE A 62 -2.55 -8.73 -0.14
CA ILE A 62 -2.64 -8.64 1.31
C ILE A 62 -3.51 -7.47 1.70
N GLN A 63 -4.74 -7.77 2.04
CA GLN A 63 -5.71 -6.76 2.42
C GLN A 63 -5.58 -6.42 3.89
N GLY A 64 -5.29 -5.16 4.16
CA GLY A 64 -5.16 -4.70 5.52
C GLY A 64 -5.80 -3.35 5.73
N GLY A 65 -6.45 -3.17 6.86
CA GLY A 65 -7.09 -1.89 7.12
C GLY A 65 -8.11 -1.92 8.24
N ASP A 66 -9.36 -2.16 7.86
CA ASP A 66 -10.54 -1.90 8.71
C ASP A 66 -10.27 -1.99 10.21
N PRO A 67 -10.18 -0.81 10.86
CA PRO A 67 -10.00 -0.67 12.31
C PRO A 67 -11.31 -0.82 13.07
N THR A 68 -12.42 -0.78 12.35
CA THR A 68 -13.73 -0.75 12.95
C THR A 68 -14.43 -2.11 12.86
N GLY A 69 -14.15 -2.85 11.80
CA GLY A 69 -14.82 -4.11 11.56
C GLY A 69 -16.24 -3.89 11.06
N THR A 70 -16.44 -2.76 10.39
CA THR A 70 -17.76 -2.37 9.93
C THR A 70 -17.92 -2.61 8.44
N GLY A 71 -16.83 -2.41 7.71
CA GLY A 71 -16.87 -2.48 6.27
C GLY A 71 -16.32 -1.22 5.63
N ARG A 72 -16.46 -0.10 6.31
CA ARG A 72 -15.94 1.17 5.80
C ARG A 72 -14.45 1.28 6.10
N GLY A 73 -14.05 0.79 7.28
CA GLY A 73 -12.66 0.79 7.66
C GLY A 73 -12.09 2.18 7.83
N GLY A 74 -12.38 2.79 8.97
CA GLY A 74 -11.90 4.13 9.24
C GLY A 74 -12.54 5.16 8.34
N ALA A 75 -11.70 6.01 7.75
CA ALA A 75 -12.14 7.11 6.88
C ALA A 75 -13.13 8.03 7.59
N SER A 76 -13.10 7.99 8.91
CA SER A 76 -14.07 8.70 9.73
C SER A 76 -13.81 10.21 9.69
N ILE A 77 -12.65 10.59 9.17
CA ILE A 77 -12.31 12.00 9.06
C ILE A 77 -13.15 12.68 7.98
N TYR A 78 -13.17 12.10 6.78
CA TYR A 78 -14.03 12.60 5.72
C TYR A 78 -15.45 12.15 5.96
N GLY A 79 -15.56 10.97 6.53
CA GLY A 79 -16.85 10.39 6.81
C GLY A 79 -17.17 9.23 5.89
N LYS A 80 -17.59 9.53 4.68
CA LYS A 80 -18.01 8.49 3.74
C LYS A 80 -17.44 8.75 2.36
N GLN A 81 -17.94 8.02 1.37
CA GLN A 81 -17.46 8.11 0.00
C GLN A 81 -17.96 9.37 -0.69
N PHE A 82 -17.35 9.69 -1.83
CA PHE A 82 -17.71 10.89 -2.59
C PHE A 82 -17.89 10.54 -4.06
N GLU A 83 -16.97 9.76 -4.59
CA GLU A 83 -16.92 9.44 -6.01
C GLU A 83 -16.02 8.22 -6.21
N ASP A 84 -16.22 7.49 -7.29
CA ASP A 84 -15.35 6.35 -7.59
C ASP A 84 -14.00 6.87 -8.09
N GLU A 85 -12.94 6.45 -7.44
CA GLU A 85 -11.61 6.94 -7.78
C GLU A 85 -10.89 5.95 -8.69
N LEU A 86 -11.68 5.11 -9.35
CA LEU A 86 -11.15 4.06 -10.22
C LEU A 86 -10.51 4.67 -11.46
N HIS A 87 -9.19 4.76 -11.46
CA HIS A 87 -8.45 5.28 -12.59
C HIS A 87 -7.02 4.76 -12.57
N PRO A 88 -6.83 3.49 -12.98
CA PRO A 88 -5.50 2.89 -13.08
C PRO A 88 -4.68 3.53 -14.20
N ASP A 89 -3.88 4.53 -13.83
CA ASP A 89 -2.97 5.18 -14.77
C ASP A 89 -1.68 4.35 -14.88
N LEU A 90 -1.57 3.39 -13.98
CA LEU A 90 -0.45 2.49 -13.95
C LEU A 90 -0.88 1.11 -14.42
N LYS A 91 0.07 0.20 -14.56
CA LYS A 91 -0.24 -1.14 -15.03
C LYS A 91 0.40 -2.17 -14.12
N PHE A 92 -0.27 -3.29 -13.92
CA PHE A 92 0.30 -4.41 -13.21
C PHE A 92 1.61 -4.82 -13.88
N THR A 93 2.65 -4.88 -13.09
CA THR A 93 3.97 -5.18 -13.60
C THR A 93 4.60 -6.33 -12.84
N GLY A 94 4.46 -6.27 -11.52
CA GLY A 94 4.95 -7.33 -10.67
C GLY A 94 4.30 -7.30 -9.31
N ALA A 95 5.06 -7.65 -8.29
CA ALA A 95 4.56 -7.63 -6.93
C ALA A 95 4.95 -6.35 -6.22
N GLY A 96 4.08 -5.86 -5.35
CA GLY A 96 4.37 -4.65 -4.61
C GLY A 96 3.49 -3.51 -5.04
N ILE A 97 2.35 -3.84 -5.64
CA ILE A 97 1.43 -2.82 -6.12
C ILE A 97 0.49 -2.43 -4.99
N LEU A 98 0.65 -1.21 -4.51
CA LEU A 98 -0.16 -0.70 -3.41
C LEU A 98 -1.45 -0.10 -3.95
N ALA A 99 -2.57 -0.63 -3.50
CA ALA A 99 -3.87 -0.15 -3.93
C ALA A 99 -4.79 0.11 -2.74
N MET A 100 -5.93 0.73 -2.99
CA MET A 100 -6.85 1.09 -1.93
C MET A 100 -8.02 0.13 -1.90
N ALA A 101 -8.51 -0.17 -0.70
CA ALA A 101 -9.62 -1.09 -0.56
C ALA A 101 -10.93 -0.33 -0.38
N ASN A 102 -12.01 -0.96 -0.80
CA ASN A 102 -13.31 -0.30 -0.86
C ASN A 102 -14.41 -1.34 -0.91
N ALA A 103 -15.65 -0.92 -0.76
CA ALA A 103 -16.78 -1.86 -0.71
C ALA A 103 -17.44 -1.98 -2.07
N GLY A 104 -17.33 -0.92 -2.83
CA GLY A 104 -17.86 -0.89 -4.18
C GLY A 104 -17.09 0.10 -5.01
N PRO A 105 -17.36 0.20 -6.30
CA PRO A 105 -16.65 1.10 -7.22
C PRO A 105 -16.50 2.52 -6.66
N ASP A 106 -17.60 3.06 -6.15
CA ASP A 106 -17.59 4.40 -5.59
C ASP A 106 -17.52 4.38 -4.08
N THR A 107 -17.75 3.21 -3.48
CA THR A 107 -17.76 3.08 -2.04
C THR A 107 -16.33 2.93 -1.53
N ASN A 108 -15.47 3.84 -1.99
CA ASN A 108 -14.07 3.82 -1.63
C ASN A 108 -13.87 4.23 -0.18
N GLY A 109 -12.93 3.55 0.48
CA GLY A 109 -12.62 3.84 1.85
C GLY A 109 -11.15 4.07 2.05
N SER A 110 -10.68 4.14 3.29
CA SER A 110 -9.28 4.41 3.57
C SER A 110 -8.49 3.14 3.76
N GLN A 111 -9.13 2.00 3.52
CA GLN A 111 -8.48 0.72 3.63
C GLN A 111 -7.51 0.52 2.46
N PHE A 112 -6.56 -0.39 2.59
CA PHE A 112 -5.60 -0.60 1.52
C PHE A 112 -5.27 -2.08 1.35
N PHE A 113 -4.53 -2.40 0.30
CA PHE A 113 -4.03 -3.76 0.11
C PHE A 113 -2.86 -3.74 -0.86
N VAL A 114 -1.96 -4.69 -0.69
CA VAL A 114 -0.80 -4.81 -1.57
C VAL A 114 -0.90 -6.09 -2.37
N THR A 115 -0.51 -6.05 -3.62
CA THR A 115 -0.57 -7.22 -4.47
C THR A 115 0.78 -7.94 -4.47
N LEU A 116 0.74 -9.23 -4.21
CA LEU A 116 1.92 -10.07 -4.25
C LEU A 116 2.18 -10.59 -5.66
N ALA A 117 1.27 -10.26 -6.56
CA ALA A 117 1.41 -10.65 -7.96
C ALA A 117 0.65 -9.66 -8.84
N PRO A 118 0.92 -9.66 -10.16
CA PRO A 118 0.20 -8.82 -11.12
C PRO A 118 -1.28 -9.19 -11.20
N THR A 119 -2.14 -8.21 -11.00
CA THR A 119 -3.57 -8.44 -11.00
C THR A 119 -4.24 -7.72 -12.17
N GLN A 120 -5.22 -8.37 -12.78
CA GLN A 120 -6.02 -7.74 -13.83
C GLN A 120 -7.50 -8.06 -13.67
N TRP A 121 -7.90 -8.37 -12.45
CA TRP A 121 -9.28 -8.73 -12.15
C TRP A 121 -9.93 -7.79 -11.13
N LEU A 122 -9.14 -6.92 -10.52
CA LEU A 122 -9.64 -6.08 -9.43
C LEU A 122 -9.35 -4.60 -9.67
N ASP A 123 -8.79 -4.32 -10.82
CA ASP A 123 -8.37 -2.96 -11.18
C ASP A 123 -9.60 -2.10 -11.44
N GLY A 124 -10.70 -2.75 -11.78
CA GLY A 124 -11.95 -2.05 -11.97
C GLY A 124 -12.85 -2.21 -10.77
N LYS A 125 -12.30 -2.79 -9.71
CA LYS A 125 -13.03 -2.99 -8.48
C LYS A 125 -12.42 -2.12 -7.39
N HIS A 126 -11.11 -1.92 -7.48
CA HIS A 126 -10.37 -1.14 -6.50
C HIS A 126 -9.41 -0.21 -7.22
N THR A 127 -9.32 1.03 -6.78
CA THR A 127 -8.36 1.94 -7.37
C THR A 127 -6.96 1.66 -6.84
N ILE A 128 -5.96 1.87 -7.68
CA ILE A 128 -4.59 1.55 -7.34
C ILE A 128 -3.72 2.80 -7.46
N PHE A 129 -3.02 3.13 -6.39
CA PHE A 129 -2.12 4.28 -6.41
C PHE A 129 -1.07 4.18 -5.30
N GLY A 130 -0.11 3.29 -5.47
CA GLY A 130 0.92 3.17 -4.47
C GLY A 130 2.14 2.41 -4.94
N ARG A 131 3.26 2.66 -4.28
CA ARG A 131 4.47 1.88 -4.47
C ARG A 131 5.11 1.58 -3.13
N VAL A 132 5.32 0.30 -2.84
CA VAL A 132 6.00 -0.10 -1.61
C VAL A 132 7.52 0.01 -1.77
N CYS A 133 8.18 0.46 -0.70
CA CYS A 133 9.62 0.64 -0.72
C CYS A 133 10.23 0.13 0.58
N GLN A 134 11.50 -0.30 0.51
CA GLN A 134 12.28 -0.81 1.66
C GLN A 134 11.46 -1.71 2.60
N GLY A 135 10.50 -2.43 2.05
CA GLY A 135 9.67 -3.28 2.87
C GLY A 135 9.07 -4.43 2.09
N ILE A 136 9.59 -4.66 0.88
CA ILE A 136 9.02 -5.66 0.00
C ILE A 136 9.33 -7.07 0.51
N GLY A 137 10.49 -7.24 1.12
CA GLY A 137 10.84 -8.53 1.69
C GLY A 137 9.92 -8.89 2.83
N MET A 138 9.53 -7.87 3.60
CA MET A 138 8.63 -8.08 4.72
C MET A 138 7.23 -8.39 4.20
N VAL A 139 6.76 -7.61 3.23
CA VAL A 139 5.48 -7.90 2.58
C VAL A 139 5.48 -9.31 1.99
N ASN A 140 6.66 -9.74 1.56
CA ASN A 140 6.82 -11.07 0.99
C ASN A 140 6.63 -12.12 2.08
N ARG A 141 7.37 -11.96 3.16
CA ARG A 141 7.35 -12.93 4.26
C ARG A 141 6.06 -12.80 5.08
N VAL A 142 5.29 -11.76 4.80
CA VAL A 142 3.96 -11.63 5.37
C VAL A 142 2.94 -12.34 4.49
N GLY A 143 3.08 -12.14 3.19
CA GLY A 143 2.15 -12.72 2.26
C GLY A 143 2.39 -14.19 2.01
N MET A 144 3.67 -14.57 1.96
CA MET A 144 4.04 -15.93 1.61
C MET A 144 3.73 -16.91 2.74
N VAL A 145 3.75 -16.44 3.99
CA VAL A 145 3.56 -17.34 5.11
C VAL A 145 2.14 -17.85 5.18
N GLU A 146 1.99 -19.15 5.04
CA GLU A 146 0.70 -19.80 5.08
C GLU A 146 0.35 -20.14 6.51
N THR A 147 1.02 -21.14 7.04
CA THR A 147 0.76 -21.62 8.38
C THR A 147 2.04 -21.55 9.22
N ASN A 148 1.88 -21.37 10.53
CA ASN A 148 3.03 -21.22 11.42
C ASN A 148 3.75 -22.56 11.62
N SER A 149 2.98 -23.62 11.85
CA SER A 149 3.53 -24.95 12.09
C SER A 149 2.47 -26.01 11.78
N GLN A 150 1.30 -25.84 12.39
CA GLN A 150 0.18 -26.76 12.17
C GLN A 150 -0.69 -26.24 11.05
N ASP A 151 -1.84 -26.91 10.84
CA ASP A 151 -2.81 -26.45 9.86
C ASP A 151 -3.60 -25.26 10.42
N ARG A 152 -2.86 -24.24 10.81
CA ARG A 152 -3.42 -22.99 11.28
C ARG A 152 -2.58 -21.83 10.77
N PRO A 153 -3.18 -20.95 9.97
CA PRO A 153 -2.47 -19.81 9.38
C PRO A 153 -1.95 -18.85 10.44
N VAL A 154 -0.89 -18.13 10.08
CA VAL A 154 -0.37 -17.08 10.96
C VAL A 154 -1.38 -15.94 11.00
N ASP A 155 -2.28 -16.01 11.96
CA ASP A 155 -3.48 -15.17 11.97
C ASP A 155 -3.27 -13.87 12.72
N ASP A 156 -2.03 -13.43 12.89
CA ASP A 156 -1.77 -12.14 13.51
C ASP A 156 -0.68 -11.37 12.78
N VAL A 157 -1.09 -10.31 12.09
CA VAL A 157 -0.17 -9.37 11.49
C VAL A 157 -0.88 -8.05 11.24
N LYS A 158 -0.39 -7.02 11.89
CA LYS A 158 -1.03 -5.73 11.88
C LYS A 158 0.00 -4.61 11.92
N ILE A 159 -0.45 -3.38 11.69
CA ILE A 159 0.43 -2.23 11.74
C ILE A 159 0.49 -1.71 13.16
N ILE A 160 1.67 -1.80 13.75
CA ILE A 160 1.88 -1.43 15.13
C ILE A 160 1.89 0.10 15.30
N LYS A 161 2.84 0.75 14.66
CA LYS A 161 2.91 2.21 14.66
C LYS A 161 3.06 2.74 13.24
N ALA A 162 2.30 3.77 12.92
CA ALA A 162 2.35 4.36 11.60
C ALA A 162 2.47 5.88 11.67
N TYR A 163 3.38 6.43 10.88
CA TYR A 163 3.61 7.86 10.88
C TYR A 163 4.14 8.32 9.52
N PRO A 164 3.80 9.54 9.10
CA PRO A 164 4.18 10.07 7.79
C PRO A 164 5.67 10.38 7.69
N SER A 165 6.19 10.31 6.46
CA SER A 165 7.57 10.67 6.19
C SER A 165 7.68 12.16 5.91
N GLY A 166 8.83 12.74 6.20
CA GLY A 166 9.02 14.16 6.03
C GLY A 166 9.61 14.52 4.67
N GLY A 167 8.98 14.04 3.61
CA GLY A 167 9.44 14.37 2.27
C GLY A 167 9.95 13.15 1.54
N GLY A 168 11.23 13.17 1.20
CA GLY A 168 11.83 12.07 0.46
C GLY A 168 13.33 12.02 0.63
N GLY A 169 13.97 11.07 -0.03
CA GLY A 169 15.41 10.91 0.09
C GLY A 169 16.15 11.67 -1.01
N SER A 170 16.71 12.81 -0.66
CA SER A 170 17.43 13.62 -1.62
C SER A 170 18.92 13.29 -1.56
N GLY A 171 19.34 12.35 -2.41
CA GLY A 171 20.75 11.99 -2.48
C GLY A 171 21.50 12.85 -3.47
N GLY A 172 21.44 12.47 -4.74
CA GLY A 172 22.12 13.22 -5.77
C GLY A 172 23.57 12.80 -5.94
N GLY A 173 24.42 13.75 -6.28
CA GLY A 173 25.81 13.44 -6.54
C GLY A 173 26.01 12.78 -7.89
N SER A 174 27.07 12.00 -8.01
CA SER A 174 27.34 11.28 -9.25
C SER A 174 27.63 9.82 -8.95
N GLY A 175 26.85 8.94 -9.54
CA GLY A 175 27.06 7.51 -9.38
C GLY A 175 27.33 6.85 -10.71
N GLY A 176 27.70 7.64 -11.70
CA GLY A 176 27.95 7.13 -13.03
C GLY A 176 26.66 6.69 -13.72
N GLY A 177 26.32 5.42 -13.56
CA GLY A 177 25.11 4.89 -14.16
C GLY A 177 24.60 3.68 -13.41
N SER A 178 24.91 3.61 -12.12
CA SER A 178 24.49 2.50 -11.28
C SER A 178 24.51 2.93 -9.81
N GLY A 179 23.69 2.27 -9.00
CA GLY A 179 23.66 2.59 -7.58
C GLY A 179 22.24 2.75 -7.07
N GLY A 180 21.96 2.14 -5.94
CA GLY A 180 20.64 2.23 -5.35
C GLY A 180 20.56 1.47 -4.04
N GLY A 181 21.43 1.83 -3.11
CA GLY A 181 21.48 1.14 -1.84
C GLY A 181 20.44 1.63 -0.85
N SER A 182 19.18 1.48 -1.22
CA SER A 182 18.08 1.82 -0.33
C SER A 182 17.60 0.58 0.42
N GLY A 183 18.00 -0.58 -0.08
CA GLY A 183 17.62 -1.83 0.55
C GLY A 183 16.57 -2.56 -0.24
N ASP A 184 15.34 -2.51 0.25
CA ASP A 184 14.23 -3.22 -0.39
C ASP A 184 13.40 -2.27 -1.23
N GLY A 185 12.38 -2.82 -1.89
CA GLY A 185 11.46 -2.04 -2.67
C GLY A 185 10.62 -2.92 -3.58
N GLY A 186 9.36 -2.56 -3.75
CA GLY A 186 8.49 -3.34 -4.61
C GLY A 186 8.73 -3.06 -6.07
N ALA A 187 7.87 -3.59 -6.90
CA ALA A 187 7.99 -3.40 -8.34
C ALA A 187 7.47 -2.02 -8.73
N PHE A 188 7.76 -1.61 -9.95
CA PHE A 188 7.35 -0.29 -10.41
C PHE A 188 6.26 -0.38 -11.48
N PRO A 189 4.99 -0.24 -11.07
CA PRO A 189 3.86 -0.34 -11.98
C PRO A 189 3.70 0.90 -12.88
N GLU A 190 4.54 1.90 -12.64
CA GLU A 190 4.45 3.17 -13.38
C GLU A 190 5.03 3.01 -14.78
N ILE A 191 6.03 2.15 -14.91
CA ILE A 191 6.75 1.99 -16.18
C ILE A 191 5.99 1.13 -17.18
N HIS A 192 5.02 0.36 -16.67
CA HIS A 192 4.12 -0.43 -17.51
C HIS A 192 4.85 -1.58 -18.20
N VAL A 193 5.86 -2.12 -17.54
CA VAL A 193 6.63 -3.22 -18.11
C VAL A 193 6.89 -4.31 -17.07
N ALA A 194 7.00 -5.55 -17.52
CA ALA A 194 7.15 -6.70 -16.64
C ALA A 194 8.50 -6.72 -15.94
N GLN A 195 8.46 -6.59 -14.62
CA GLN A 195 9.62 -6.69 -13.77
C GLN A 195 9.18 -7.09 -12.37
N TYR A 196 10.08 -7.62 -11.57
CA TYR A 196 9.70 -8.13 -10.27
C TYR A 196 10.64 -7.65 -9.18
N PRO A 197 10.10 -7.40 -7.98
CA PRO A 197 10.90 -6.95 -6.84
C PRO A 197 11.86 -8.04 -6.36
N LEU A 198 11.31 -9.12 -5.79
CA LEU A 198 12.11 -10.25 -5.35
C LEU A 198 11.60 -11.55 -5.96
N ASP A 199 10.93 -11.43 -7.11
CA ASP A 199 10.54 -12.57 -7.96
C ASP A 199 9.36 -13.37 -7.40
N MET A 200 8.94 -13.09 -6.16
CA MET A 200 7.88 -13.88 -5.51
C MET A 200 6.59 -13.93 -6.35
N GLY A 201 6.36 -12.88 -7.15
CA GLY A 201 5.15 -12.80 -7.94
C GLY A 201 5.23 -13.57 -9.24
N ARG A 202 6.37 -14.19 -9.49
CA ARG A 202 6.55 -15.01 -10.69
C ARG A 202 5.90 -16.36 -10.54
N LYS A 203 5.90 -16.88 -9.32
CA LYS A 203 5.42 -18.21 -9.04
C LYS A 203 3.91 -18.22 -8.97
N MET A 1 -18.43 23.26 3.18
CA MET A 1 -18.62 22.40 4.37
C MET A 1 -17.33 22.24 5.16
N ALA A 2 -16.22 22.05 4.42
CA ALA A 2 -14.92 21.82 5.03
C ALA A 2 -14.91 20.52 5.85
N ALA A 3 -14.82 19.40 5.15
CA ALA A 3 -14.80 18.08 5.77
C ALA A 3 -13.51 17.36 5.46
N ILE A 4 -13.24 17.21 4.17
CA ILE A 4 -12.06 16.52 3.71
C ILE A 4 -11.15 17.51 3.01
N PRO A 5 -9.94 17.73 3.58
CA PRO A 5 -9.02 18.79 3.13
C PRO A 5 -8.64 18.71 1.66
N PRO A 6 -8.97 19.76 0.90
CA PRO A 6 -8.51 19.91 -0.48
C PRO A 6 -7.07 20.42 -0.54
N ASP A 7 -6.67 21.12 0.51
CA ASP A 7 -5.34 21.72 0.58
C ASP A 7 -4.40 20.92 1.48
N SER A 8 -4.56 19.60 1.45
CA SER A 8 -3.68 18.72 2.22
C SER A 8 -2.22 18.97 1.87
N TRP A 9 -1.48 19.52 2.83
CA TRP A 9 -0.07 19.84 2.64
C TRP A 9 0.81 18.66 3.03
N GLN A 10 0.17 17.54 3.29
CA GLN A 10 0.85 16.31 3.67
C GLN A 10 1.81 15.85 2.57
N PRO A 11 2.98 15.31 2.97
CA PRO A 11 3.95 14.75 2.02
C PRO A 11 3.38 13.57 1.24
N PRO A 12 3.85 13.36 0.00
CA PRO A 12 3.34 12.32 -0.89
C PRO A 12 3.75 10.91 -0.49
N ASN A 13 4.58 10.79 0.52
CA ASN A 13 5.11 9.51 0.96
C ASN A 13 4.92 9.32 2.46
N VAL A 14 4.65 8.08 2.88
CA VAL A 14 4.43 7.77 4.27
C VAL A 14 5.14 6.47 4.65
N TYR A 15 5.60 6.41 5.90
CA TYR A 15 6.31 5.24 6.40
C TYR A 15 5.40 4.41 7.30
N LEU A 16 5.39 3.11 7.07
CA LEU A 16 4.61 2.18 7.88
C LEU A 16 5.55 1.24 8.63
N GLU A 17 5.71 1.47 9.92
CA GLU A 17 6.59 0.65 10.72
C GLU A 17 5.78 -0.49 11.34
N THR A 18 6.10 -1.71 10.96
CA THR A 18 5.29 -2.85 11.37
C THR A 18 6.00 -3.70 12.43
N SER A 19 5.33 -4.76 12.87
CA SER A 19 5.90 -5.70 13.82
C SER A 19 6.91 -6.62 13.12
N MET A 20 6.93 -6.55 11.80
CA MET A 20 7.87 -7.32 11.02
C MET A 20 9.10 -6.50 10.72
N GLY A 21 8.87 -5.24 10.38
CA GLY A 21 9.95 -4.35 10.03
C GLY A 21 9.44 -2.98 9.68
N ILE A 22 9.65 -2.57 8.44
CA ILE A 22 9.15 -1.29 7.98
C ILE A 22 8.86 -1.34 6.48
N ILE A 23 7.74 -0.75 6.10
CA ILE A 23 7.34 -0.69 4.70
C ILE A 23 6.93 0.74 4.36
N VAL A 24 7.51 1.28 3.31
CA VAL A 24 7.22 2.63 2.90
C VAL A 24 6.51 2.62 1.55
N LEU A 25 5.62 3.58 1.32
CA LEU A 25 4.98 3.72 0.03
C LEU A 25 4.55 5.16 -0.20
N GLU A 26 4.27 5.48 -1.45
CA GLU A 26 3.81 6.81 -1.82
C GLU A 26 2.57 6.72 -2.67
N LEU A 27 1.86 7.84 -2.77
CA LEU A 27 0.56 7.87 -3.46
C LEU A 27 0.70 8.54 -4.82
N TYR A 28 -0.27 8.32 -5.68
CA TYR A 28 -0.27 8.95 -6.99
C TYR A 28 -0.95 10.30 -6.97
N TRP A 29 -0.15 11.35 -6.93
CA TRP A 29 -0.65 12.70 -7.05
C TRP A 29 -0.75 13.06 -8.52
N LYS A 30 -0.52 12.05 -9.36
CA LYS A 30 -0.50 12.23 -10.81
C LYS A 30 -1.92 12.30 -11.38
N HIS A 31 -2.71 11.26 -11.11
CA HIS A 31 -4.07 11.19 -11.64
C HIS A 31 -5.07 10.80 -10.56
N ALA A 32 -4.65 10.88 -9.30
CA ALA A 32 -5.55 10.62 -8.19
C ALA A 32 -5.47 11.75 -7.18
N PRO A 33 -6.17 12.86 -7.45
CA PRO A 33 -6.03 14.09 -6.66
C PRO A 33 -6.68 14.01 -5.28
N LYS A 34 -7.67 13.15 -5.11
CA LYS A 34 -8.32 13.02 -3.83
C LYS A 34 -7.81 11.82 -3.05
N THR A 35 -7.49 10.74 -3.76
CA THR A 35 -6.99 9.53 -3.13
C THR A 35 -5.66 9.78 -2.43
N CYS A 36 -4.77 10.50 -3.10
CA CYS A 36 -3.45 10.81 -2.55
C CYS A 36 -3.58 11.54 -1.22
N LYS A 37 -4.37 12.60 -1.20
CA LYS A 37 -4.58 13.40 0.01
C LYS A 37 -5.33 12.59 1.05
N ASN A 38 -6.34 11.84 0.61
CA ASN A 38 -7.14 11.02 1.52
C ASN A 38 -6.24 10.07 2.32
N PHE A 39 -5.34 9.39 1.64
CA PHE A 39 -4.42 8.46 2.28
C PHE A 39 -3.44 9.22 3.17
N ALA A 40 -2.82 10.23 2.59
CA ALA A 40 -1.84 11.05 3.29
C ALA A 40 -2.41 11.69 4.55
N GLU A 41 -3.65 12.18 4.43
CA GLU A 41 -4.34 12.82 5.53
C GLU A 41 -4.54 11.86 6.69
N LEU A 42 -5.01 10.66 6.37
CA LEU A 42 -5.25 9.64 7.38
C LEU A 42 -3.94 9.16 8.00
N ALA A 43 -2.87 9.26 7.22
CA ALA A 43 -1.55 8.82 7.67
C ALA A 43 -1.01 9.74 8.75
N ARG A 44 -1.06 11.05 8.49
CA ARG A 44 -0.59 12.02 9.47
C ARG A 44 -1.59 12.13 10.62
N ARG A 45 -2.85 11.82 10.33
CA ARG A 45 -3.89 11.73 11.35
C ARG A 45 -3.52 10.66 12.37
N GLY A 46 -3.13 9.50 11.86
CA GLY A 46 -2.55 8.49 12.73
C GLY A 46 -3.42 7.25 12.87
N TYR A 47 -4.33 7.05 11.92
CA TYR A 47 -5.24 5.92 12.01
C TYR A 47 -4.57 4.63 11.56
N TYR A 48 -3.40 4.74 10.97
CA TYR A 48 -2.65 3.58 10.53
C TYR A 48 -1.81 3.02 11.68
N ASN A 49 -1.81 3.72 12.81
CA ASN A 49 -1.12 3.22 14.00
C ASN A 49 -1.96 2.14 14.68
N GLY A 50 -3.06 1.79 14.04
CA GLY A 50 -3.90 0.72 14.54
C GLY A 50 -4.42 -0.15 13.41
N THR A 51 -3.72 -0.12 12.28
CA THR A 51 -4.12 -0.91 11.12
C THR A 51 -3.35 -2.22 11.07
N LYS A 52 -3.95 -3.23 10.47
CA LYS A 52 -3.39 -4.57 10.47
C LYS A 52 -3.45 -5.19 9.08
N PHE A 53 -2.58 -6.14 8.82
CA PHE A 53 -2.65 -6.92 7.58
C PHE A 53 -3.47 -8.18 7.83
N HIS A 54 -4.63 -8.28 7.19
CA HIS A 54 -5.54 -9.37 7.47
C HIS A 54 -5.69 -10.34 6.29
N ARG A 55 -5.42 -9.86 5.07
CA ARG A 55 -5.48 -10.75 3.92
C ARG A 55 -4.10 -10.92 3.31
N ILE A 56 -3.50 -12.07 3.52
CA ILE A 56 -2.16 -12.32 3.04
C ILE A 56 -2.16 -13.56 2.17
N ILE A 57 -2.32 -13.37 0.88
CA ILE A 57 -2.29 -14.48 -0.05
C ILE A 57 -0.91 -14.57 -0.67
N LYS A 58 -0.26 -15.72 -0.52
CA LYS A 58 1.08 -15.92 -1.02
C LYS A 58 1.16 -15.67 -2.52
N ASP A 59 2.11 -14.82 -2.90
CA ASP A 59 2.34 -14.45 -4.29
C ASP A 59 1.08 -13.89 -4.95
N PHE A 60 0.27 -13.21 -4.16
CA PHE A 60 -0.98 -12.65 -4.67
C PHE A 60 -1.11 -11.19 -4.27
N MET A 61 -1.57 -10.97 -3.04
CA MET A 61 -1.79 -9.62 -2.53
C MET A 61 -1.87 -9.65 -1.01
N ILE A 62 -1.61 -8.51 -0.40
CA ILE A 62 -1.62 -8.38 1.04
C ILE A 62 -2.42 -7.16 1.44
N GLN A 63 -3.60 -7.38 1.99
CA GLN A 63 -4.44 -6.29 2.46
C GLN A 63 -3.95 -5.81 3.82
N GLY A 64 -3.66 -4.53 3.90
CA GLY A 64 -3.19 -3.95 5.14
C GLY A 64 -3.90 -2.66 5.45
N GLY A 65 -4.45 -2.57 6.64
CA GLY A 65 -5.10 -1.35 7.04
C GLY A 65 -6.37 -1.62 7.81
N ASP A 66 -7.27 -0.64 7.77
CA ASP A 66 -8.57 -0.70 8.45
C ASP A 66 -8.43 -1.02 9.94
N PRO A 67 -8.43 0.02 10.79
CA PRO A 67 -8.35 -0.17 12.24
C PRO A 67 -9.61 -0.81 12.82
N THR A 68 -10.69 -0.80 12.05
CA THR A 68 -11.96 -1.36 12.51
C THR A 68 -12.09 -2.82 12.08
N GLY A 69 -11.59 -3.11 10.88
CA GLY A 69 -11.63 -4.48 10.37
C GLY A 69 -13.00 -4.87 9.84
N THR A 70 -13.83 -3.87 9.54
CA THR A 70 -15.17 -4.15 9.05
C THR A 70 -15.33 -3.73 7.59
N GLY A 71 -14.35 -3.01 7.05
CA GLY A 71 -14.42 -2.61 5.66
C GLY A 71 -14.68 -1.12 5.49
N ARG A 72 -15.03 -0.44 6.57
CA ARG A 72 -15.22 1.00 6.52
C ARG A 72 -13.92 1.73 6.74
N GLY A 73 -13.19 1.32 7.75
CA GLY A 73 -11.98 2.01 8.14
C GLY A 73 -12.24 2.94 9.30
N GLY A 74 -11.18 3.54 9.83
CA GLY A 74 -11.32 4.41 10.98
C GLY A 74 -11.46 5.85 10.58
N ALA A 75 -11.23 6.11 9.31
CA ALA A 75 -11.32 7.44 8.75
C ALA A 75 -12.68 8.08 8.99
N SER A 76 -13.67 7.65 8.21
CA SER A 76 -15.04 8.15 8.33
C SER A 76 -15.10 9.66 8.11
N ILE A 77 -14.04 10.22 7.55
CA ILE A 77 -13.92 11.66 7.29
C ILE A 77 -14.89 12.07 6.21
N TYR A 78 -15.36 11.08 5.46
CA TYR A 78 -16.25 11.27 4.34
C TYR A 78 -17.72 11.10 4.74
N GLY A 79 -17.92 10.57 5.95
CA GLY A 79 -19.27 10.35 6.45
C GLY A 79 -19.94 9.15 5.81
N LYS A 80 -20.39 9.34 4.57
CA LYS A 80 -21.01 8.28 3.80
C LYS A 80 -19.94 7.50 3.05
N GLN A 81 -20.33 6.85 1.97
CA GLN A 81 -19.36 6.22 1.08
C GLN A 81 -18.45 7.27 0.44
N PHE A 82 -17.46 6.81 -0.29
CA PHE A 82 -16.44 7.69 -0.82
C PHE A 82 -16.45 7.66 -2.35
N GLU A 83 -15.50 8.35 -2.96
CA GLU A 83 -15.39 8.40 -4.41
C GLU A 83 -14.81 7.11 -4.95
N ASP A 84 -15.55 6.44 -5.82
CA ASP A 84 -15.00 5.30 -6.54
C ASP A 84 -14.10 5.80 -7.66
N GLU A 85 -12.85 6.02 -7.31
CA GLU A 85 -11.89 6.61 -8.23
C GLU A 85 -11.22 5.50 -9.03
N LEU A 86 -12.03 4.53 -9.40
CA LEU A 86 -11.58 3.34 -10.10
C LEU A 86 -11.14 3.69 -11.52
N HIS A 87 -9.84 3.85 -11.69
CA HIS A 87 -9.27 4.21 -12.97
C HIS A 87 -7.79 3.88 -12.99
N PRO A 88 -7.45 2.62 -13.30
CA PRO A 88 -6.06 2.17 -13.43
C PRO A 88 -5.34 2.89 -14.58
N ASP A 89 -4.85 4.08 -14.28
CA ASP A 89 -4.06 4.85 -15.21
C ASP A 89 -2.64 4.29 -15.29
N LEU A 90 -2.24 3.64 -14.21
CA LEU A 90 -0.96 2.97 -14.14
C LEU A 90 -1.09 1.57 -14.73
N LYS A 91 0.00 0.82 -14.73
CA LYS A 91 -0.05 -0.56 -15.14
C LYS A 91 0.51 -1.47 -14.05
N PHE A 92 -0.14 -2.61 -13.87
CA PHE A 92 0.32 -3.64 -12.94
C PHE A 92 1.58 -4.31 -13.47
N THR A 93 2.67 -3.57 -13.42
CA THR A 93 3.92 -3.96 -14.05
C THR A 93 4.54 -5.20 -13.39
N GLY A 94 4.43 -5.30 -12.07
CA GLY A 94 4.97 -6.45 -11.37
C GLY A 94 4.47 -6.56 -9.94
N ALA A 95 5.37 -6.97 -9.05
CA ALA A 95 5.04 -7.05 -7.63
C ALA A 95 5.36 -5.76 -6.92
N GLY A 96 4.48 -5.33 -6.05
CA GLY A 96 4.68 -4.10 -5.33
C GLY A 96 3.70 -3.02 -5.74
N ILE A 97 2.57 -3.46 -6.28
CA ILE A 97 1.56 -2.52 -6.73
C ILE A 97 0.67 -2.13 -5.56
N LEU A 98 0.80 -0.90 -5.09
CA LEU A 98 0.03 -0.44 -3.95
C LEU A 98 -1.33 0.09 -4.42
N ALA A 99 -2.39 -0.55 -3.95
CA ALA A 99 -3.73 -0.14 -4.30
C ALA A 99 -4.56 0.13 -3.07
N MET A 100 -5.72 0.74 -3.26
CA MET A 100 -6.60 1.07 -2.15
C MET A 100 -7.57 -0.06 -1.91
N ALA A 101 -7.73 -0.45 -0.66
CA ALA A 101 -8.63 -1.53 -0.31
C ALA A 101 -9.96 -0.96 0.13
N ASN A 102 -11.04 -1.62 -0.27
CA ASN A 102 -12.37 -1.15 0.03
C ASN A 102 -13.34 -2.31 0.15
N ALA A 103 -14.51 -2.02 0.71
CA ALA A 103 -15.54 -3.03 0.86
C ALA A 103 -16.11 -3.41 -0.50
N GLY A 104 -16.42 -2.40 -1.31
CA GLY A 104 -16.94 -2.66 -2.63
C GLY A 104 -17.42 -1.41 -3.32
N PRO A 105 -18.75 -1.22 -3.41
CA PRO A 105 -19.34 -0.08 -4.11
C PRO A 105 -18.98 1.25 -3.46
N ASP A 106 -17.86 1.82 -3.92
CA ASP A 106 -17.38 3.14 -3.50
C ASP A 106 -17.37 3.26 -1.98
N THR A 107 -17.16 2.14 -1.32
CA THR A 107 -17.09 2.10 0.12
C THR A 107 -15.64 2.15 0.53
N ASN A 108 -14.97 3.19 0.05
CA ASN A 108 -13.54 3.34 0.21
C ASN A 108 -13.23 4.17 1.46
N GLY A 109 -12.24 3.75 2.23
CA GLY A 109 -11.94 4.45 3.47
C GLY A 109 -10.44 4.61 3.73
N SER A 110 -9.94 3.86 4.69
CA SER A 110 -8.54 3.94 5.07
C SER A 110 -7.89 2.56 5.05
N GLN A 111 -7.96 1.93 3.90
CA GLN A 111 -7.40 0.61 3.71
C GLN A 111 -6.55 0.59 2.44
N PHE A 112 -5.49 -0.20 2.45
CA PHE A 112 -4.67 -0.38 1.26
C PHE A 112 -4.27 -1.84 1.13
N PHE A 113 -3.69 -2.19 -0.01
CA PHE A 113 -3.16 -3.53 -0.19
C PHE A 113 -2.07 -3.53 -1.25
N VAL A 114 -1.10 -4.40 -1.08
CA VAL A 114 0.00 -4.51 -2.04
C VAL A 114 -0.10 -5.84 -2.76
N THR A 115 0.18 -5.82 -4.04
CA THR A 115 0.12 -7.03 -4.83
C THR A 115 1.50 -7.67 -4.92
N LEU A 116 1.57 -8.95 -4.61
CA LEU A 116 2.81 -9.70 -4.69
C LEU A 116 3.04 -10.19 -6.10
N ALA A 117 2.02 -10.01 -6.93
CA ALA A 117 2.08 -10.37 -8.34
C ALA A 117 1.14 -9.47 -9.14
N PRO A 118 1.40 -9.30 -10.45
CA PRO A 118 0.55 -8.48 -11.31
C PRO A 118 -0.88 -9.05 -11.43
N THR A 119 -1.86 -8.22 -11.11
CA THR A 119 -3.25 -8.64 -11.16
C THR A 119 -4.04 -7.72 -12.07
N GLN A 120 -4.67 -8.27 -13.10
CA GLN A 120 -5.33 -7.47 -14.11
C GLN A 120 -6.85 -7.52 -13.95
N TRP A 121 -7.30 -8.17 -12.89
CA TRP A 121 -8.71 -8.41 -12.71
C TRP A 121 -9.29 -7.55 -11.59
N LEU A 122 -8.43 -6.79 -10.93
CA LEU A 122 -8.84 -5.96 -9.81
C LEU A 122 -8.98 -4.50 -10.21
N ASP A 123 -8.79 -4.26 -11.49
CA ASP A 123 -8.75 -2.89 -12.01
C ASP A 123 -10.13 -2.23 -11.96
N GLY A 124 -11.15 -3.05 -11.79
CA GLY A 124 -12.50 -2.54 -11.65
C GLY A 124 -13.12 -2.95 -10.33
N LYS A 125 -12.27 -3.38 -9.41
CA LYS A 125 -12.72 -3.87 -8.11
C LYS A 125 -12.16 -2.98 -7.00
N HIS A 126 -10.89 -2.61 -7.13
CA HIS A 126 -10.22 -1.75 -6.18
C HIS A 126 -9.31 -0.81 -6.96
N THR A 127 -9.43 0.49 -6.76
CA THR A 127 -8.62 1.42 -7.52
C THR A 127 -7.17 1.37 -7.05
N ILE A 128 -6.25 1.50 -7.98
CA ILE A 128 -4.84 1.34 -7.70
C ILE A 128 -4.11 2.65 -7.91
N PHE A 129 -3.48 3.15 -6.85
CA PHE A 129 -2.69 4.38 -6.93
C PHE A 129 -1.67 4.42 -5.80
N GLY A 130 -0.60 3.64 -5.94
CA GLY A 130 0.43 3.61 -4.93
C GLY A 130 1.73 3.01 -5.45
N ARG A 131 2.81 3.34 -4.77
CA ARG A 131 4.13 2.81 -5.10
C ARG A 131 4.85 2.38 -3.83
N VAL A 132 5.11 1.10 -3.67
CA VAL A 132 5.83 0.63 -2.49
C VAL A 132 7.33 0.87 -2.67
N CYS A 133 7.94 1.46 -1.67
CA CYS A 133 9.32 1.90 -1.76
C CYS A 133 10.05 1.64 -0.44
N GLN A 134 11.30 1.19 -0.53
CA GLN A 134 12.15 1.00 0.64
C GLN A 134 11.49 0.09 1.69
N GLY A 135 10.87 -0.98 1.23
CA GLY A 135 10.26 -1.92 2.14
C GLY A 135 9.63 -3.09 1.43
N ILE A 136 10.32 -3.58 0.40
CA ILE A 136 9.75 -4.63 -0.43
C ILE A 136 10.13 -6.02 0.10
N GLY A 137 11.32 -6.13 0.67
CA GLY A 137 11.77 -7.39 1.22
C GLY A 137 10.86 -7.85 2.35
N MET A 138 10.38 -6.90 3.13
CA MET A 138 9.48 -7.21 4.23
C MET A 138 8.15 -7.69 3.71
N VAL A 139 7.56 -6.93 2.78
CA VAL A 139 6.31 -7.32 2.14
C VAL A 139 6.43 -8.72 1.50
N ASN A 140 7.64 -9.04 1.05
CA ASN A 140 7.91 -10.31 0.42
C ASN A 140 7.85 -11.45 1.44
N ARG A 141 8.62 -11.32 2.50
CA ARG A 141 8.68 -12.36 3.53
C ARG A 141 7.38 -12.40 4.33
N VAL A 142 6.60 -11.33 4.27
CA VAL A 142 5.32 -11.29 4.94
C VAL A 142 4.25 -11.95 4.07
N GLY A 143 4.35 -11.72 2.78
CA GLY A 143 3.36 -12.23 1.86
C GLY A 143 3.60 -13.67 1.47
N MET A 144 4.74 -14.20 1.87
CA MET A 144 5.08 -15.59 1.55
C MET A 144 4.80 -16.52 2.72
N VAL A 145 4.34 -15.95 3.83
CA VAL A 145 4.06 -16.75 5.03
C VAL A 145 2.95 -17.76 4.78
N GLU A 146 2.95 -18.83 5.55
CA GLU A 146 1.94 -19.87 5.41
C GLU A 146 0.76 -19.58 6.32
N THR A 147 -0.01 -20.61 6.60
CA THR A 147 -1.14 -20.51 7.48
C THR A 147 -0.86 -21.18 8.82
N ASN A 148 -1.17 -20.48 9.90
CA ASN A 148 -0.82 -20.92 11.24
C ASN A 148 -1.64 -22.13 11.64
N SER A 149 -2.91 -21.91 11.93
CA SER A 149 -3.79 -22.96 12.36
C SER A 149 -4.42 -23.66 11.16
N GLN A 150 -5.40 -23.00 10.55
CA GLN A 150 -6.16 -23.61 9.46
C GLN A 150 -6.10 -22.73 8.21
N ASP A 151 -6.95 -21.72 8.18
CA ASP A 151 -7.11 -20.86 7.02
C ASP A 151 -6.59 -19.46 7.34
N ARG A 152 -5.97 -19.34 8.51
CA ARG A 152 -5.48 -18.06 8.99
C ARG A 152 -3.96 -17.99 8.86
N PRO A 153 -3.42 -16.83 8.44
CA PRO A 153 -1.98 -16.64 8.27
C PRO A 153 -1.21 -16.86 9.58
N VAL A 154 0.03 -17.33 9.46
CA VAL A 154 0.87 -17.59 10.64
C VAL A 154 1.03 -16.35 11.50
N ASP A 155 1.62 -15.30 10.94
CA ASP A 155 1.92 -14.09 11.70
C ASP A 155 0.99 -12.96 11.32
N ASP A 156 0.15 -12.56 12.27
CA ASP A 156 -0.72 -11.41 12.09
C ASP A 156 0.10 -10.14 12.33
N VAL A 157 0.45 -9.46 11.26
CA VAL A 157 1.29 -8.27 11.34
C VAL A 157 0.46 -7.00 11.34
N LYS A 158 0.86 -6.04 12.18
CA LYS A 158 0.16 -4.78 12.29
C LYS A 158 1.11 -3.63 11.97
N ILE A 159 0.55 -2.48 11.70
CA ILE A 159 1.35 -1.27 11.55
C ILE A 159 1.49 -0.62 12.92
N ILE A 160 2.67 -0.80 13.51
CA ILE A 160 2.94 -0.32 14.85
C ILE A 160 2.93 1.21 14.89
N LYS A 161 3.79 1.80 14.05
CA LYS A 161 3.87 3.25 13.93
C LYS A 161 3.77 3.67 12.47
N ALA A 162 3.01 4.70 12.22
CA ALA A 162 2.84 5.21 10.86
C ALA A 162 3.01 6.72 10.84
N TYR A 163 3.92 7.18 10.01
CA TYR A 163 4.29 8.59 9.98
C TYR A 163 4.70 9.00 8.57
N PRO A 164 4.21 10.16 8.11
CA PRO A 164 4.56 10.70 6.78
C PRO A 164 5.98 11.24 6.75
N SER A 165 6.69 10.99 5.66
CA SER A 165 8.08 11.40 5.53
C SER A 165 8.54 11.20 4.08
N GLY A 166 9.84 11.08 3.88
CA GLY A 166 10.37 10.85 2.54
C GLY A 166 11.86 11.08 2.48
N GLY A 167 12.63 10.18 3.09
CA GLY A 167 14.07 10.35 3.11
C GLY A 167 14.80 9.09 2.70
N GLY A 168 14.18 8.29 1.85
CA GLY A 168 14.78 7.05 1.42
C GLY A 168 15.81 7.25 0.32
N GLY A 169 17.03 6.81 0.58
CA GLY A 169 18.09 6.94 -0.41
C GLY A 169 18.75 5.61 -0.70
N SER A 170 19.28 5.45 -1.91
CA SER A 170 19.93 4.21 -2.30
C SER A 170 21.19 4.50 -3.11
N GLY A 171 21.84 5.61 -2.82
CA GLY A 171 23.04 5.99 -3.56
C GLY A 171 24.27 5.22 -3.11
N GLY A 172 24.25 3.91 -3.32
CA GLY A 172 25.38 3.08 -2.96
C GLY A 172 26.10 2.57 -4.19
N GLY A 173 27.37 2.22 -4.03
CA GLY A 173 28.16 1.80 -5.18
C GLY A 173 28.81 0.45 -4.99
N SER A 174 28.33 -0.55 -5.70
CA SER A 174 28.93 -1.87 -5.68
C SER A 174 29.47 -2.24 -7.07
N GLY A 175 30.76 -2.05 -7.26
CA GLY A 175 31.35 -2.28 -8.56
C GLY A 175 32.03 -3.63 -8.66
N GLY A 176 32.96 -3.74 -9.59
CA GLY A 176 33.66 -4.99 -9.81
C GLY A 176 32.87 -5.95 -10.68
N GLY A 177 31.74 -6.41 -10.15
CA GLY A 177 30.89 -7.33 -10.89
C GLY A 177 29.46 -7.26 -10.42
N SER A 178 29.11 -8.11 -9.47
CA SER A 178 27.75 -8.19 -8.99
C SER A 178 27.58 -7.41 -7.69
N GLY A 179 26.36 -6.93 -7.45
CA GLY A 179 26.07 -6.15 -6.27
C GLY A 179 24.63 -5.73 -6.21
N GLY A 180 24.41 -4.42 -6.15
CA GLY A 180 23.06 -3.91 -6.11
C GLY A 180 22.98 -2.47 -6.57
N GLY A 181 23.52 -1.57 -5.75
CA GLY A 181 23.51 -0.16 -6.09
C GLY A 181 22.21 0.51 -5.71
N SER A 182 21.37 -0.22 -5.00
CA SER A 182 20.08 0.28 -4.56
C SER A 182 19.61 -0.49 -3.32
N GLY A 183 18.59 0.02 -2.65
CA GLY A 183 18.06 -0.65 -1.47
C GLY A 183 16.80 -1.41 -1.78
N ASP A 184 15.73 -1.13 -1.05
CA ASP A 184 14.46 -1.78 -1.27
C ASP A 184 13.55 -0.93 -2.14
N GLY A 185 12.42 -1.51 -2.47
CA GLY A 185 11.44 -0.86 -3.31
C GLY A 185 10.77 -1.85 -4.21
N GLY A 186 9.49 -1.65 -4.48
CA GLY A 186 8.76 -2.57 -5.31
C GLY A 186 8.88 -2.22 -6.76
N ALA A 187 8.07 -2.84 -7.59
CA ALA A 187 8.05 -2.55 -9.00
C ALA A 187 7.35 -1.22 -9.23
N PHE A 188 7.54 -0.64 -10.41
CA PHE A 188 7.00 0.67 -10.69
C PHE A 188 5.76 0.56 -11.54
N PRO A 189 4.59 0.73 -10.92
CA PRO A 189 3.31 0.63 -11.62
C PRO A 189 3.03 1.89 -12.42
N GLU A 190 3.73 2.96 -12.07
CA GLU A 190 3.46 4.28 -12.63
C GLU A 190 3.98 4.36 -14.05
N ILE A 191 5.08 3.66 -14.31
CA ILE A 191 5.63 3.56 -15.64
C ILE A 191 5.00 2.38 -16.35
N HIS A 192 5.01 2.38 -17.66
CA HIS A 192 4.37 1.29 -18.39
C HIS A 192 5.42 0.37 -19.01
N VAL A 193 5.82 -0.63 -18.24
CA VAL A 193 6.79 -1.61 -18.69
C VAL A 193 6.63 -2.88 -17.85
N ALA A 194 7.53 -3.83 -17.98
CA ALA A 194 7.50 -5.03 -17.17
C ALA A 194 8.81 -5.21 -16.42
N GLN A 195 8.74 -5.18 -15.09
CA GLN A 195 9.92 -5.40 -14.26
C GLN A 195 9.49 -5.89 -12.88
N TYR A 196 10.39 -6.59 -12.20
CA TYR A 196 10.10 -7.12 -10.89
C TYR A 196 11.04 -6.51 -9.85
N PRO A 197 10.56 -6.37 -8.61
CA PRO A 197 11.34 -5.76 -7.53
C PRO A 197 12.54 -6.63 -7.13
N LEU A 198 12.27 -7.82 -6.60
CA LEU A 198 13.35 -8.75 -6.27
C LEU A 198 13.02 -10.15 -6.79
N ASP A 199 12.24 -10.18 -7.88
CA ASP A 199 11.92 -11.42 -8.61
C ASP A 199 10.96 -12.34 -7.85
N MET A 200 10.46 -11.88 -6.71
CA MET A 200 9.60 -12.69 -5.86
C MET A 200 8.29 -13.06 -6.56
N GLY A 201 7.62 -12.06 -7.10
CA GLY A 201 6.33 -12.29 -7.76
C GLY A 201 6.43 -12.92 -9.14
N ARG A 202 7.59 -13.49 -9.45
CA ARG A 202 7.76 -14.26 -10.69
C ARG A 202 7.24 -15.67 -10.52
N LYS A 203 7.07 -16.05 -9.26
CA LYS A 203 6.56 -17.36 -8.89
C LYS A 203 5.22 -17.63 -9.58
N MET A 1 -3.65 20.25 13.36
CA MET A 1 -4.45 20.60 14.56
C MET A 1 -5.93 20.44 14.26
N ALA A 2 -6.36 20.99 13.14
CA ALA A 2 -7.73 20.78 12.67
C ALA A 2 -7.85 19.39 12.05
N ALA A 3 -9.08 18.96 11.80
CA ALA A 3 -9.33 17.64 11.24
C ALA A 3 -8.76 17.53 9.84
N ILE A 4 -9.20 18.42 8.96
CA ILE A 4 -8.80 18.38 7.56
C ILE A 4 -8.15 19.69 7.15
N PRO A 5 -6.98 19.62 6.48
CA PRO A 5 -6.27 20.80 6.00
C PRO A 5 -7.05 21.53 4.91
N PRO A 6 -7.27 22.84 5.08
CA PRO A 6 -8.00 23.66 4.12
C PRO A 6 -7.33 23.68 2.75
N ASP A 7 -6.00 23.67 2.75
CA ASP A 7 -5.23 23.60 1.51
C ASP A 7 -3.93 22.87 1.76
N SER A 8 -3.56 21.99 0.83
CA SER A 8 -2.30 21.26 0.88
C SER A 8 -2.21 20.35 -0.33
N TRP A 9 -0.98 19.95 -0.65
CA TRP A 9 -0.75 19.05 -1.77
C TRP A 9 -0.62 17.60 -1.29
N GLN A 10 -0.13 17.44 -0.05
CA GLN A 10 0.12 16.12 0.55
C GLN A 10 1.26 15.37 -0.15
N PRO A 11 2.15 14.76 0.65
CA PRO A 11 3.27 13.97 0.12
C PRO A 11 2.79 12.79 -0.72
N PRO A 12 3.38 12.61 -1.91
CA PRO A 12 2.96 11.57 -2.86
C PRO A 12 3.33 10.16 -2.41
N ASN A 13 4.25 10.06 -1.46
CA ASN A 13 4.80 8.79 -1.03
C ASN A 13 4.80 8.71 0.50
N VAL A 14 4.62 7.51 1.04
CA VAL A 14 4.58 7.33 2.49
C VAL A 14 5.33 6.07 2.91
N TYR A 15 5.85 6.10 4.13
CA TYR A 15 6.58 4.99 4.71
C TYR A 15 5.72 4.24 5.71
N LEU A 16 5.52 2.95 5.47
CA LEU A 16 4.79 2.11 6.41
C LEU A 16 5.74 1.15 7.11
N GLU A 17 6.07 1.46 8.35
CA GLU A 17 6.95 0.61 9.14
C GLU A 17 6.13 -0.50 9.79
N THR A 18 6.48 -1.75 9.53
CA THR A 18 5.70 -2.86 10.04
C THR A 18 6.50 -3.71 11.04
N SER A 19 5.83 -4.71 11.61
CA SER A 19 6.45 -5.63 12.56
C SER A 19 7.34 -6.63 11.81
N MET A 20 7.36 -6.52 10.49
CA MET A 20 8.20 -7.37 9.66
C MET A 20 9.38 -6.57 9.11
N GLY A 21 9.10 -5.33 8.73
CA GLY A 21 10.14 -4.47 8.19
C GLY A 21 9.61 -3.09 7.88
N ILE A 22 9.81 -2.63 6.66
CA ILE A 22 9.27 -1.36 6.24
C ILE A 22 8.76 -1.47 4.81
N ILE A 23 7.60 -0.88 4.57
CA ILE A 23 6.98 -0.92 3.26
C ILE A 23 6.79 0.50 2.76
N VAL A 24 7.42 0.83 1.65
CA VAL A 24 7.29 2.16 1.08
C VAL A 24 6.41 2.09 -0.17
N LEU A 25 5.42 2.97 -0.25
CA LEU A 25 4.56 3.01 -1.42
C LEU A 25 4.11 4.43 -1.69
N GLU A 26 3.59 4.64 -2.88
CA GLU A 26 3.10 5.95 -3.27
C GLU A 26 1.76 5.82 -3.98
N LEU A 27 1.08 6.93 -4.13
CA LEU A 27 -0.23 6.94 -4.78
C LEU A 27 -0.08 7.47 -6.21
N TYR A 28 -1.04 7.18 -7.06
CA TYR A 28 -1.00 7.68 -8.43
C TYR A 28 -1.55 9.08 -8.53
N TRP A 29 -0.68 10.06 -8.41
CA TRP A 29 -1.08 11.46 -8.44
C TRP A 29 -1.18 11.95 -9.87
N LYS A 30 -1.03 11.02 -10.81
CA LYS A 30 -1.16 11.32 -12.21
C LYS A 30 -2.62 11.54 -12.59
N HIS A 31 -3.44 10.50 -12.44
CA HIS A 31 -4.84 10.58 -12.82
C HIS A 31 -5.77 10.07 -11.73
N ALA A 32 -5.26 9.96 -10.51
CA ALA A 32 -6.09 9.56 -9.38
C ALA A 32 -5.85 10.46 -8.17
N PRO A 33 -6.03 11.79 -8.32
CA PRO A 33 -5.74 12.74 -7.24
C PRO A 33 -6.71 12.62 -6.08
N LYS A 34 -7.91 12.13 -6.38
CA LYS A 34 -8.96 11.95 -5.38
C LYS A 34 -8.55 10.88 -4.37
N THR A 35 -8.20 9.71 -4.90
CA THR A 35 -7.81 8.59 -4.08
C THR A 35 -6.52 8.89 -3.33
N CYS A 36 -5.61 9.55 -4.02
CA CYS A 36 -4.35 9.97 -3.44
C CYS A 36 -4.59 10.86 -2.23
N LYS A 37 -5.48 11.84 -2.39
CA LYS A 37 -5.76 12.79 -1.32
C LYS A 37 -6.27 12.06 -0.09
N ASN A 38 -7.12 11.07 -0.31
CA ASN A 38 -7.74 10.32 0.79
C ASN A 38 -6.66 9.62 1.62
N PHE A 39 -5.86 8.80 0.95
CA PHE A 39 -4.82 8.03 1.61
C PHE A 39 -3.73 8.93 2.18
N ALA A 40 -3.33 9.93 1.41
CA ALA A 40 -2.29 10.87 1.83
C ALA A 40 -2.73 11.68 3.07
N GLU A 41 -3.98 12.12 3.08
CA GLU A 41 -4.51 12.86 4.22
C GLU A 41 -4.48 11.98 5.47
N LEU A 42 -4.88 10.73 5.31
CA LEU A 42 -4.91 9.78 6.42
C LEU A 42 -3.51 9.38 6.85
N ALA A 43 -2.56 9.49 5.93
CA ALA A 43 -1.17 9.25 6.26
C ALA A 43 -0.66 10.32 7.22
N ARG A 44 -1.07 11.55 6.98
CA ARG A 44 -0.72 12.66 7.87
C ARG A 44 -1.54 12.59 9.15
N ARG A 45 -2.77 12.13 9.01
CA ARG A 45 -3.66 11.93 10.15
C ARG A 45 -3.10 10.84 11.07
N GLY A 46 -2.69 9.73 10.48
CA GLY A 46 -1.99 8.70 11.22
C GLY A 46 -2.84 7.47 11.50
N TYR A 47 -3.79 7.19 10.62
CA TYR A 47 -4.71 6.07 10.83
C TYR A 47 -4.13 4.78 10.30
N TYR A 48 -2.97 4.85 9.68
CA TYR A 48 -2.23 3.66 9.25
C TYR A 48 -1.56 3.01 10.45
N ASN A 49 -1.52 3.73 11.56
CA ASN A 49 -0.87 3.21 12.77
C ASN A 49 -1.80 2.24 13.49
N GLY A 50 -2.95 1.99 12.87
CA GLY A 50 -3.90 1.05 13.42
C GLY A 50 -4.39 0.06 12.39
N THR A 51 -3.69 -0.04 11.27
CA THR A 51 -4.07 -0.97 10.22
C THR A 51 -3.22 -2.24 10.30
N LYS A 52 -3.86 -3.39 10.12
CA LYS A 52 -3.18 -4.68 10.24
C LYS A 52 -3.45 -5.54 9.01
N PHE A 53 -2.40 -5.99 8.33
CA PHE A 53 -2.56 -6.87 7.18
C PHE A 53 -3.03 -8.23 7.65
N HIS A 54 -4.32 -8.52 7.47
CA HIS A 54 -4.87 -9.78 7.99
C HIS A 54 -5.31 -10.71 6.87
N ARG A 55 -5.46 -10.19 5.65
CA ARG A 55 -5.79 -11.06 4.52
C ARG A 55 -4.55 -11.25 3.66
N ILE A 56 -3.90 -12.39 3.80
CA ILE A 56 -2.66 -12.66 3.11
C ILE A 56 -2.80 -13.96 2.34
N ILE A 57 -3.16 -13.85 1.08
CA ILE A 57 -3.26 -15.02 0.24
C ILE A 57 -1.93 -15.24 -0.46
N LYS A 58 -1.40 -16.46 -0.35
CA LYS A 58 -0.13 -16.83 -0.95
C LYS A 58 -0.02 -16.40 -2.40
N ASP A 59 0.85 -15.44 -2.66
CA ASP A 59 1.13 -14.93 -4.01
C ASP A 59 -0.16 -14.45 -4.69
N PHE A 60 -1.02 -13.79 -3.91
CA PHE A 60 -2.27 -13.26 -4.42
C PHE A 60 -2.41 -11.80 -4.05
N MET A 61 -2.74 -11.54 -2.79
CA MET A 61 -2.92 -10.18 -2.31
C MET A 61 -2.81 -10.13 -0.78
N ILE A 62 -2.46 -8.95 -0.27
CA ILE A 62 -2.29 -8.75 1.16
C ILE A 62 -3.10 -7.52 1.59
N GLN A 63 -4.21 -7.79 2.26
CA GLN A 63 -5.13 -6.73 2.66
C GLN A 63 -4.73 -6.10 3.98
N GLY A 64 -4.63 -4.78 3.99
CA GLY A 64 -4.45 -4.06 5.22
C GLY A 64 -5.79 -3.74 5.85
N GLY A 65 -6.00 -4.28 7.03
CA GLY A 65 -7.30 -4.24 7.67
C GLY A 65 -7.65 -2.91 8.28
N ASP A 66 -8.96 -2.64 8.22
CA ASP A 66 -9.58 -1.46 8.83
C ASP A 66 -9.10 -1.24 10.27
N PRO A 67 -8.62 -0.03 10.58
CA PRO A 67 -8.20 0.37 11.93
C PRO A 67 -9.35 0.37 12.93
N THR A 68 -10.56 0.66 12.45
CA THR A 68 -11.72 0.72 13.31
C THR A 68 -12.31 -0.68 13.50
N GLY A 69 -12.18 -1.49 12.46
CA GLY A 69 -12.64 -2.86 12.51
C GLY A 69 -14.13 -3.00 12.23
N THR A 70 -14.73 -1.97 11.66
CA THR A 70 -16.16 -2.01 11.38
C THR A 70 -16.43 -2.19 9.88
N GLY A 71 -15.49 -1.77 9.04
CA GLY A 71 -15.65 -1.96 7.61
C GLY A 71 -15.60 -0.66 6.83
N ARG A 72 -15.54 0.46 7.53
CA ARG A 72 -15.51 1.77 6.86
C ARG A 72 -14.10 2.33 6.82
N GLY A 73 -13.26 1.87 7.73
CA GLY A 73 -11.92 2.40 7.84
C GLY A 73 -11.87 3.65 8.69
N GLY A 74 -10.66 4.15 8.93
CA GLY A 74 -10.49 5.33 9.75
C GLY A 74 -10.59 6.60 8.94
N ALA A 75 -11.36 6.52 7.88
CA ALA A 75 -11.53 7.62 6.95
C ALA A 75 -12.73 8.47 7.34
N SER A 76 -13.08 8.43 8.60
CA SER A 76 -14.18 9.20 9.13
C SER A 76 -13.79 10.67 9.28
N ILE A 77 -12.51 10.95 9.03
CA ILE A 77 -11.98 12.30 9.09
C ILE A 77 -12.77 13.24 8.20
N TYR A 78 -13.14 12.76 7.01
CA TYR A 78 -13.90 13.58 6.06
C TYR A 78 -15.38 13.20 6.07
N GLY A 79 -15.70 12.12 6.76
CA GLY A 79 -17.06 11.63 6.77
C GLY A 79 -17.12 10.17 6.37
N LYS A 80 -17.83 9.87 5.29
CA LYS A 80 -17.87 8.50 4.78
C LYS A 80 -17.75 8.45 3.28
N GLN A 81 -17.11 7.39 2.84
CA GLN A 81 -16.96 7.01 1.43
C GLN A 81 -16.75 8.19 0.46
N PHE A 82 -16.89 7.87 -0.81
CA PHE A 82 -16.86 8.86 -1.89
C PHE A 82 -17.65 8.31 -3.06
N GLU A 83 -17.49 8.92 -4.23
CA GLU A 83 -18.05 8.38 -5.45
C GLU A 83 -17.14 7.27 -5.94
N ASP A 84 -17.66 6.39 -6.80
CA ASP A 84 -16.84 5.30 -7.31
C ASP A 84 -15.81 5.83 -8.30
N GLU A 85 -14.55 5.55 -8.03
CA GLU A 85 -13.46 6.03 -8.86
C GLU A 85 -12.78 4.85 -9.54
N LEU A 86 -13.56 3.81 -9.81
CA LEU A 86 -13.04 2.59 -10.39
C LEU A 86 -12.53 2.85 -11.80
N HIS A 87 -11.22 3.02 -11.92
CA HIS A 87 -10.60 3.31 -13.20
C HIS A 87 -9.10 3.11 -13.08
N PRO A 88 -8.63 1.89 -13.37
CA PRO A 88 -7.20 1.60 -13.44
C PRO A 88 -6.52 2.40 -14.55
N ASP A 89 -5.94 3.52 -14.18
CA ASP A 89 -5.16 4.34 -15.11
C ASP A 89 -3.83 3.63 -15.37
N LEU A 90 -3.52 2.72 -14.47
CA LEU A 90 -2.37 1.87 -14.57
C LEU A 90 -2.81 0.46 -14.95
N LYS A 91 -1.88 -0.40 -15.27
CA LYS A 91 -2.23 -1.76 -15.67
C LYS A 91 -1.43 -2.76 -14.86
N PHE A 92 -2.07 -3.88 -14.53
CA PHE A 92 -1.38 -4.98 -13.88
C PHE A 92 -0.20 -5.41 -14.73
N THR A 93 0.96 -5.36 -14.14
CA THR A 93 2.18 -5.71 -14.85
C THR A 93 2.86 -6.89 -14.17
N GLY A 94 2.94 -6.80 -12.86
CA GLY A 94 3.44 -7.90 -12.07
C GLY A 94 2.92 -7.85 -10.65
N ALA A 95 3.80 -8.14 -9.71
CA ALA A 95 3.45 -8.09 -8.30
C ALA A 95 3.84 -6.75 -7.69
N GLY A 96 3.04 -6.27 -6.77
CA GLY A 96 3.34 -5.00 -6.12
C GLY A 96 2.35 -3.93 -6.50
N ILE A 97 1.16 -4.33 -6.91
CA ILE A 97 0.15 -3.37 -7.31
C ILE A 97 -0.65 -2.93 -6.08
N LEU A 98 -0.46 -1.69 -5.70
CA LEU A 98 -1.10 -1.14 -4.52
C LEU A 98 -2.49 -0.60 -4.88
N ALA A 99 -3.52 -1.19 -4.29
CA ALA A 99 -4.89 -0.80 -4.56
C ALA A 99 -5.67 -0.61 -3.26
N MET A 100 -6.90 -0.11 -3.38
CA MET A 100 -7.75 0.11 -2.20
C MET A 100 -8.67 -1.08 -1.95
N ALA A 101 -8.96 -1.31 -0.68
CA ALA A 101 -9.94 -2.31 -0.30
C ALA A 101 -11.26 -1.63 0.00
N ASN A 102 -12.30 -2.03 -0.70
CA ASN A 102 -13.60 -1.39 -0.59
C ASN A 102 -14.70 -2.45 -0.49
N ALA A 103 -15.89 -2.02 -0.10
CA ALA A 103 -17.00 -2.95 0.10
C ALA A 103 -17.88 -2.98 -1.13
N GLY A 104 -17.91 -1.87 -1.83
CA GLY A 104 -18.66 -1.75 -3.06
C GLY A 104 -18.03 -0.70 -3.94
N PRO A 105 -18.58 -0.46 -5.13
CA PRO A 105 -18.03 0.52 -6.09
C PRO A 105 -17.75 1.87 -5.44
N ASP A 106 -18.73 2.42 -4.73
CA ASP A 106 -18.59 3.73 -4.13
C ASP A 106 -18.32 3.63 -2.65
N THR A 107 -18.28 2.41 -2.12
CA THR A 107 -17.98 2.22 -0.72
C THR A 107 -16.48 2.11 -0.54
N ASN A 108 -15.79 3.11 -1.06
CA ASN A 108 -14.35 3.24 -0.90
C ASN A 108 -14.03 3.89 0.43
N GLY A 109 -12.82 3.68 0.92
CA GLY A 109 -12.44 4.20 2.21
C GLY A 109 -10.94 4.28 2.41
N SER A 110 -10.47 3.73 3.52
CA SER A 110 -9.07 3.86 3.90
C SER A 110 -8.35 2.50 3.87
N GLN A 111 -9.09 1.44 3.55
CA GLN A 111 -8.50 0.11 3.50
C GLN A 111 -7.73 -0.07 2.22
N PHE A 112 -6.70 -0.88 2.23
CA PHE A 112 -5.86 -1.06 1.05
C PHE A 112 -5.31 -2.47 1.00
N PHE A 113 -4.79 -2.87 -0.15
CA PHE A 113 -4.18 -4.17 -0.30
C PHE A 113 -3.15 -4.14 -1.42
N VAL A 114 -2.15 -4.99 -1.30
CA VAL A 114 -1.13 -5.13 -2.33
C VAL A 114 -1.30 -6.47 -3.02
N THR A 115 -1.10 -6.51 -4.31
CA THR A 115 -1.23 -7.75 -5.06
C THR A 115 0.13 -8.41 -5.22
N LEU A 116 0.23 -9.65 -4.80
CA LEU A 116 1.44 -10.44 -4.93
C LEU A 116 1.55 -11.03 -6.32
N ALA A 117 0.47 -10.90 -7.08
CA ALA A 117 0.44 -11.33 -8.47
C ALA A 117 -0.46 -10.40 -9.28
N PRO A 118 -0.30 -10.38 -10.61
CA PRO A 118 -1.13 -9.54 -11.49
C PRO A 118 -2.59 -10.00 -11.49
N THR A 119 -3.48 -9.10 -11.09
CA THR A 119 -4.89 -9.39 -11.05
C THR A 119 -5.63 -8.65 -12.16
N GLN A 120 -6.22 -9.40 -13.09
CA GLN A 120 -6.85 -8.79 -14.24
C GLN A 120 -8.37 -8.81 -14.11
N TRP A 121 -8.83 -9.13 -12.91
CA TRP A 121 -10.25 -9.29 -12.65
C TRP A 121 -10.74 -8.29 -11.62
N LEU A 122 -9.84 -7.45 -11.14
CA LEU A 122 -10.17 -6.44 -10.15
C LEU A 122 -10.25 -5.07 -10.81
N ASP A 123 -10.21 -5.07 -12.13
CA ASP A 123 -10.18 -3.85 -12.92
C ASP A 123 -11.44 -3.01 -12.72
N GLY A 124 -12.50 -3.66 -12.27
CA GLY A 124 -13.74 -2.96 -12.02
C GLY A 124 -14.30 -3.31 -10.66
N LYS A 125 -13.45 -3.79 -9.77
CA LYS A 125 -13.87 -4.21 -8.45
C LYS A 125 -13.21 -3.35 -7.38
N HIS A 126 -11.99 -2.92 -7.67
CA HIS A 126 -11.24 -2.08 -6.75
C HIS A 126 -10.50 -0.98 -7.49
N THR A 127 -10.63 0.24 -7.02
CA THR A 127 -9.84 1.33 -7.55
C THR A 127 -8.37 1.14 -7.17
N ILE A 128 -7.51 1.03 -8.18
CA ILE A 128 -6.10 0.80 -7.97
C ILE A 128 -5.33 2.09 -8.16
N PHE A 129 -4.49 2.44 -7.20
CA PHE A 129 -3.70 3.66 -7.28
C PHE A 129 -2.49 3.60 -6.34
N GLY A 130 -1.51 2.78 -6.67
CA GLY A 130 -0.31 2.72 -5.85
C GLY A 130 0.87 2.06 -6.53
N ARG A 131 2.06 2.43 -6.09
CA ARG A 131 3.29 1.75 -6.48
C ARG A 131 4.13 1.46 -5.25
N VAL A 132 4.38 0.18 -4.99
CA VAL A 132 5.25 -0.19 -3.87
C VAL A 132 6.72 -0.05 -4.27
N CYS A 133 7.53 0.46 -3.34
CA CYS A 133 8.93 0.74 -3.61
C CYS A 133 9.80 0.40 -2.40
N GLN A 134 11.05 0.02 -2.69
CA GLN A 134 12.08 -0.32 -1.69
C GLN A 134 11.53 -1.09 -0.48
N GLY A 135 10.62 -2.01 -0.74
CA GLY A 135 10.08 -2.85 0.31
C GLY A 135 9.35 -4.05 -0.23
N ILE A 136 9.70 -4.44 -1.46
CA ILE A 136 8.99 -5.52 -2.13
C ILE A 136 9.44 -6.86 -1.57
N GLY A 137 10.70 -6.94 -1.16
CA GLY A 137 11.22 -8.15 -0.57
C GLY A 137 10.45 -8.54 0.68
N MET A 138 10.04 -7.52 1.44
CA MET A 138 9.28 -7.76 2.66
C MET A 138 7.87 -8.21 2.33
N VAL A 139 7.20 -7.48 1.45
CA VAL A 139 5.85 -7.84 1.01
C VAL A 139 5.84 -9.24 0.41
N ASN A 140 6.96 -9.64 -0.16
CA ASN A 140 7.10 -10.94 -0.78
C ASN A 140 7.15 -12.03 0.28
N ARG A 141 8.08 -11.90 1.20
CA ARG A 141 8.28 -12.91 2.24
C ARG A 141 7.12 -12.90 3.24
N VAL A 142 6.36 -11.82 3.24
CA VAL A 142 5.17 -11.72 4.08
C VAL A 142 3.98 -12.30 3.34
N GLY A 143 3.97 -12.13 2.03
CA GLY A 143 2.88 -12.63 1.23
C GLY A 143 2.99 -14.12 0.95
N MET A 144 4.15 -14.68 1.23
CA MET A 144 4.36 -16.11 1.05
C MET A 144 3.91 -16.90 2.27
N VAL A 145 3.45 -16.20 3.29
CA VAL A 145 2.99 -16.87 4.50
C VAL A 145 1.57 -17.39 4.31
N GLU A 146 1.34 -18.62 4.74
CA GLU A 146 0.02 -19.22 4.67
C GLU A 146 -0.36 -19.81 6.02
N THR A 147 0.48 -20.70 6.53
CA THR A 147 0.27 -21.27 7.84
C THR A 147 1.54 -21.15 8.67
N ASN A 148 1.35 -20.87 9.95
CA ASN A 148 2.44 -20.59 10.89
C ASN A 148 3.50 -21.69 10.87
N SER A 149 3.09 -22.90 11.22
CA SER A 149 3.98 -24.06 11.25
C SER A 149 3.11 -25.31 11.28
N GLN A 150 2.10 -25.27 12.13
CA GLN A 150 1.08 -26.29 12.15
C GLN A 150 -0.08 -25.82 11.28
N ASP A 151 -1.23 -26.50 11.36
CA ASP A 151 -2.40 -26.09 10.59
C ASP A 151 -3.07 -24.91 11.27
N ARG A 152 -2.32 -23.84 11.42
CA ARG A 152 -2.81 -22.59 12.00
C ARG A 152 -2.37 -21.42 11.14
N PRO A 153 -3.29 -20.50 10.82
CA PRO A 153 -2.97 -19.31 10.03
C PRO A 153 -1.97 -18.41 10.76
N VAL A 154 -1.02 -17.88 10.01
CA VAL A 154 0.03 -17.03 10.56
C VAL A 154 -0.55 -15.77 11.21
N ASP A 155 0.17 -15.24 12.20
CA ASP A 155 -0.23 -14.00 12.85
C ASP A 155 -0.10 -12.83 11.89
N ASP A 156 -1.08 -11.94 11.92
CA ASP A 156 -1.14 -10.81 11.01
C ASP A 156 -0.01 -9.80 11.29
N VAL A 157 0.38 -9.07 10.26
CA VAL A 157 1.43 -8.07 10.38
C VAL A 157 0.83 -6.67 10.44
N LYS A 158 1.34 -5.86 11.34
CA LYS A 158 0.76 -4.56 11.62
C LYS A 158 1.69 -3.45 11.16
N ILE A 159 1.09 -2.32 10.81
CA ILE A 159 1.86 -1.11 10.56
C ILE A 159 2.14 -0.45 11.90
N ILE A 160 3.34 -0.66 12.40
CA ILE A 160 3.74 -0.16 13.71
C ILE A 160 3.72 1.37 13.71
N LYS A 161 4.37 1.95 12.72
CA LYS A 161 4.36 3.39 12.53
C LYS A 161 4.31 3.73 11.05
N ALA A 162 3.76 4.88 10.73
CA ALA A 162 3.66 5.32 9.35
C ALA A 162 4.04 6.79 9.26
N TYR A 163 4.89 7.11 8.29
CA TYR A 163 5.43 8.45 8.15
C TYR A 163 5.35 8.89 6.71
N PRO A 164 4.73 10.03 6.42
CA PRO A 164 4.73 10.61 5.08
C PRO A 164 6.16 10.95 4.64
N SER A 165 6.49 10.62 3.39
CA SER A 165 7.82 10.85 2.86
C SER A 165 8.14 12.34 2.85
N GLY A 166 9.39 12.68 3.15
CA GLY A 166 9.79 14.07 3.25
C GLY A 166 10.10 14.46 4.67
N GLY A 167 10.07 13.48 5.57
CA GLY A 167 10.39 13.73 6.95
C GLY A 167 10.51 12.44 7.74
N GLY A 168 11.08 11.42 7.11
CA GLY A 168 11.22 10.14 7.76
C GLY A 168 12.35 10.13 8.78
N GLY A 169 13.50 10.63 8.38
CA GLY A 169 14.65 10.69 9.27
C GLY A 169 15.92 10.96 8.52
N SER A 170 17.01 11.18 9.24
CA SER A 170 18.30 11.44 8.62
C SER A 170 19.36 10.45 9.11
N GLY A 171 19.21 9.99 10.35
CA GLY A 171 20.16 9.05 10.91
C GLY A 171 20.60 9.43 12.29
N GLY A 172 21.71 8.89 12.73
CA GLY A 172 22.21 9.18 14.06
C GLY A 172 23.72 9.21 14.11
N GLY A 173 24.32 10.08 13.32
CA GLY A 173 25.76 10.16 13.27
C GLY A 173 26.28 10.06 11.84
N SER A 174 27.25 10.90 11.51
CA SER A 174 27.83 10.90 10.17
C SER A 174 29.23 10.29 10.20
N GLY A 175 29.34 9.06 9.74
CA GLY A 175 30.63 8.39 9.72
C GLY A 175 31.04 7.95 8.33
N GLY A 176 31.84 6.91 8.25
CA GLY A 176 32.30 6.43 6.96
C GLY A 176 31.54 5.18 6.55
N GLY A 177 30.35 5.01 7.10
CA GLY A 177 29.54 3.85 6.78
C GLY A 177 28.60 4.14 5.64
N SER A 178 28.98 3.72 4.46
CA SER A 178 28.17 3.92 3.27
C SER A 178 27.56 2.60 2.83
N GLY A 179 26.42 2.26 3.42
CA GLY A 179 25.75 1.02 3.10
C GLY A 179 24.60 1.22 2.14
N GLY A 180 24.61 0.49 1.05
CA GLY A 180 23.56 0.58 0.08
C GLY A 180 23.29 -0.75 -0.60
N GLY A 181 22.23 -1.42 -0.18
CA GLY A 181 21.88 -2.69 -0.77
C GLY A 181 21.18 -2.52 -2.10
N SER A 182 20.54 -3.58 -2.57
CA SER A 182 19.82 -3.54 -3.82
C SER A 182 18.55 -2.70 -3.67
N GLY A 183 18.23 -1.93 -4.71
CA GLY A 183 17.03 -1.13 -4.68
C GLY A 183 15.79 -1.96 -4.92
N ASP A 184 14.98 -2.10 -3.88
CA ASP A 184 13.75 -2.86 -3.98
C ASP A 184 12.69 -2.05 -4.69
N GLY A 185 11.58 -2.69 -4.94
CA GLY A 185 10.47 -2.05 -5.58
C GLY A 185 9.59 -3.05 -6.27
N GLY A 186 8.30 -2.77 -6.29
CA GLY A 186 7.38 -3.67 -6.94
C GLY A 186 7.36 -3.46 -8.43
N ALA A 187 6.53 -4.20 -9.10
CA ALA A 187 6.40 -4.08 -10.54
C ALA A 187 5.74 -2.75 -10.87
N PHE A 188 6.20 -2.12 -11.93
CA PHE A 188 5.73 -0.79 -12.30
C PHE A 188 4.51 -0.90 -13.20
N PRO A 189 3.31 -0.64 -12.66
CA PRO A 189 2.07 -0.75 -13.41
C PRO A 189 1.81 0.51 -14.24
N GLU A 190 2.68 1.50 -14.03
CA GLU A 190 2.54 2.80 -14.65
C GLU A 190 3.00 2.76 -16.10
N ILE A 191 4.01 1.95 -16.36
CA ILE A 191 4.64 1.88 -17.68
C ILE A 191 3.81 1.04 -18.64
N HIS A 192 2.86 0.30 -18.10
CA HIS A 192 1.88 -0.45 -18.89
C HIS A 192 2.53 -1.55 -19.72
N VAL A 193 3.49 -2.22 -19.13
CA VAL A 193 4.21 -3.29 -19.83
C VAL A 193 4.55 -4.43 -18.87
N ALA A 194 4.53 -5.64 -19.38
CA ALA A 194 4.74 -6.84 -18.59
C ALA A 194 6.16 -6.92 -18.04
N GLN A 195 6.25 -7.00 -16.72
CA GLN A 195 7.51 -7.19 -16.01
C GLN A 195 7.22 -7.55 -14.57
N TYR A 196 8.17 -8.17 -13.89
CA TYR A 196 7.97 -8.60 -12.53
C TYR A 196 9.06 -8.07 -11.63
N PRO A 197 8.74 -7.79 -10.36
CA PRO A 197 9.69 -7.27 -9.39
C PRO A 197 10.80 -8.28 -9.08
N LEU A 198 10.40 -9.45 -8.57
CA LEU A 198 11.35 -10.51 -8.27
C LEU A 198 10.75 -11.88 -8.64
N ASP A 199 9.93 -11.89 -9.70
CA ASP A 199 9.31 -13.12 -10.23
C ASP A 199 8.28 -13.72 -9.28
N MET A 200 8.02 -13.05 -8.17
CA MET A 200 7.06 -13.55 -7.18
C MET A 200 5.68 -13.78 -7.79
N GLY A 201 5.33 -13.00 -8.81
CA GLY A 201 4.04 -13.15 -9.46
C GLY A 201 4.04 -14.23 -10.52
N ARG A 202 5.20 -14.85 -10.73
CA ARG A 202 5.33 -15.95 -11.68
C ARG A 202 5.35 -17.28 -10.96
N LYS A 203 5.50 -17.19 -9.65
CA LYS A 203 5.61 -18.34 -8.77
C LYS A 203 4.41 -19.27 -8.92
N MET A 1 -19.23 24.87 0.54
CA MET A 1 -18.60 23.71 -0.16
C MET A 1 -17.27 23.34 0.51
N ALA A 2 -16.98 23.95 1.64
CA ALA A 2 -15.76 23.65 2.37
C ALA A 2 -15.93 22.40 3.21
N ALA A 3 -15.71 21.26 2.58
CA ALA A 3 -15.85 19.97 3.25
C ALA A 3 -14.50 19.47 3.74
N ILE A 4 -13.63 19.12 2.80
CA ILE A 4 -12.36 18.50 3.13
C ILE A 4 -11.19 19.33 2.61
N PRO A 5 -10.60 20.17 3.47
CA PRO A 5 -9.44 20.97 3.14
C PRO A 5 -8.14 20.33 3.62
N PRO A 6 -7.20 20.07 2.70
CA PRO A 6 -5.86 19.58 3.05
C PRO A 6 -5.11 20.60 3.89
N ASP A 7 -4.33 20.13 4.86
CA ASP A 7 -3.61 21.02 5.76
C ASP A 7 -2.51 21.77 5.01
N SER A 8 -1.54 21.04 4.51
CA SER A 8 -0.43 21.61 3.78
C SER A 8 -0.18 20.78 2.52
N TRP A 9 1.07 20.68 2.11
CA TRP A 9 1.41 19.80 0.99
C TRP A 9 1.42 18.35 1.48
N GLN A 10 1.42 17.41 0.56
CA GLN A 10 1.22 16.01 0.89
C GLN A 10 2.54 15.24 0.83
N PRO A 11 2.81 14.42 1.86
CA PRO A 11 3.90 13.44 1.83
C PRO A 11 3.66 12.40 0.74
N PRO A 12 4.53 12.35 -0.28
CA PRO A 12 4.34 11.51 -1.45
C PRO A 12 4.60 10.02 -1.18
N ASN A 13 5.30 9.75 -0.11
CA ASN A 13 5.71 8.39 0.22
C ASN A 13 5.59 8.17 1.72
N VAL A 14 5.37 6.93 2.14
CA VAL A 14 5.28 6.61 3.56
C VAL A 14 6.05 5.32 3.89
N TYR A 15 6.64 5.31 5.06
CA TYR A 15 7.37 4.15 5.56
C TYR A 15 6.49 3.34 6.53
N LEU A 16 6.31 2.07 6.23
CA LEU A 16 5.51 1.17 7.07
C LEU A 16 6.40 0.18 7.80
N GLU A 17 6.65 0.42 9.08
CA GLU A 17 7.44 -0.51 9.88
C GLU A 17 6.51 -1.52 10.53
N THR A 18 6.55 -2.76 10.06
CA THR A 18 5.60 -3.77 10.48
C THR A 18 6.20 -4.73 11.50
N SER A 19 5.39 -5.68 11.93
CA SER A 19 5.81 -6.71 12.88
C SER A 19 6.74 -7.72 12.20
N MET A 20 6.83 -7.65 10.88
CA MET A 20 7.67 -8.55 10.12
C MET A 20 8.95 -7.84 9.68
N GLY A 21 8.81 -6.60 9.27
CA GLY A 21 9.95 -5.83 8.81
C GLY A 21 9.57 -4.41 8.50
N ILE A 22 9.94 -3.95 7.32
CA ILE A 22 9.58 -2.62 6.87
C ILE A 22 9.20 -2.65 5.41
N ILE A 23 8.16 -1.92 5.07
CA ILE A 23 7.72 -1.81 3.68
C ILE A 23 7.50 -0.34 3.34
N VAL A 24 8.08 0.08 2.23
CA VAL A 24 7.96 1.45 1.78
C VAL A 24 7.00 1.50 0.59
N LEU A 25 6.08 2.45 0.60
CA LEU A 25 5.10 2.55 -0.47
C LEU A 25 4.77 3.99 -0.79
N GLU A 26 4.22 4.20 -1.97
CA GLU A 26 3.87 5.54 -2.42
C GLU A 26 2.61 5.50 -3.28
N LEU A 27 2.07 6.68 -3.58
CA LEU A 27 0.81 6.77 -4.28
C LEU A 27 1.04 7.15 -5.74
N TYR A 28 -0.01 7.08 -6.54
CA TYR A 28 0.08 7.50 -7.94
C TYR A 28 -0.22 8.98 -8.07
N TRP A 29 0.82 9.75 -8.30
CA TRP A 29 0.68 11.19 -8.42
C TRP A 29 0.33 11.56 -9.87
N LYS A 30 0.23 10.53 -10.71
CA LYS A 30 -0.12 10.71 -12.12
C LYS A 30 -1.59 11.09 -12.27
N HIS A 31 -2.47 10.13 -11.98
CA HIS A 31 -3.89 10.34 -12.22
C HIS A 31 -4.70 10.12 -10.96
N ALA A 32 -4.03 10.04 -9.81
CA ALA A 32 -4.73 9.85 -8.56
C ALA A 32 -4.31 10.85 -7.50
N PRO A 33 -4.64 12.14 -7.67
CA PRO A 33 -4.38 13.13 -6.64
C PRO A 33 -5.22 12.83 -5.40
N LYS A 34 -6.41 12.29 -5.64
CA LYS A 34 -7.33 11.90 -4.58
C LYS A 34 -6.66 10.91 -3.64
N THR A 35 -6.18 9.80 -4.19
CA THR A 35 -5.53 8.76 -3.41
C THR A 35 -4.26 9.31 -2.74
N CYS A 36 -3.56 10.20 -3.45
CA CYS A 36 -2.35 10.80 -2.92
C CYS A 36 -2.66 11.64 -1.68
N LYS A 37 -3.68 12.50 -1.77
CA LYS A 37 -4.04 13.35 -0.63
C LYS A 37 -4.65 12.52 0.48
N ASN A 38 -5.42 11.50 0.09
CA ASN A 38 -6.09 10.61 1.04
C ASN A 38 -5.08 9.99 1.99
N PHE A 39 -4.16 9.23 1.42
CA PHE A 39 -3.19 8.48 2.22
C PHE A 39 -2.28 9.43 2.98
N ALA A 40 -1.80 10.44 2.28
CA ALA A 40 -0.87 11.41 2.84
C ALA A 40 -1.44 12.09 4.09
N GLU A 41 -2.68 12.58 4.00
CA GLU A 41 -3.30 13.27 5.13
C GLU A 41 -3.52 12.30 6.30
N LEU A 42 -3.91 11.07 5.99
CA LEU A 42 -4.12 10.06 7.02
C LEU A 42 -2.78 9.64 7.64
N ALA A 43 -1.70 9.82 6.88
CA ALA A 43 -0.37 9.47 7.36
C ALA A 43 0.15 10.49 8.36
N ARG A 44 -0.01 11.78 8.06
CA ARG A 44 0.49 12.83 8.94
C ARG A 44 -0.24 12.77 10.28
N ARG A 45 -1.48 12.31 10.24
CA ARG A 45 -2.25 12.11 11.45
C ARG A 45 -1.83 10.82 12.14
N GLY A 46 -1.79 9.74 11.37
CA GLY A 46 -1.23 8.50 11.87
C GLY A 46 -2.27 7.44 12.16
N TYR A 47 -3.11 7.16 11.18
CA TYR A 47 -4.19 6.19 11.35
C TYR A 47 -3.64 4.77 11.30
N TYR A 48 -2.52 4.61 10.62
CA TYR A 48 -1.94 3.30 10.37
C TYR A 48 -1.23 2.71 11.58
N ASN A 49 -1.09 3.51 12.63
CA ASN A 49 -0.46 3.03 13.86
C ASN A 49 -1.37 2.05 14.59
N GLY A 50 -2.59 1.90 14.07
CA GLY A 50 -3.52 0.93 14.60
C GLY A 50 -4.13 0.09 13.50
N THR A 51 -3.35 -0.18 12.48
CA THR A 51 -3.84 -0.96 11.34
C THR A 51 -3.12 -2.29 11.22
N LYS A 52 -3.78 -3.27 10.63
CA LYS A 52 -3.21 -4.60 10.50
C LYS A 52 -3.67 -5.23 9.19
N PHE A 53 -2.96 -6.25 8.75
CA PHE A 53 -3.35 -6.97 7.53
C PHE A 53 -4.34 -8.07 7.90
N HIS A 54 -5.51 -8.05 7.26
CA HIS A 54 -6.58 -8.96 7.65
C HIS A 54 -6.74 -10.08 6.62
N ARG A 55 -6.48 -9.78 5.36
CA ARG A 55 -6.57 -10.79 4.32
C ARG A 55 -5.23 -11.01 3.65
N ILE A 56 -4.60 -12.14 3.94
CA ILE A 56 -3.30 -12.46 3.37
C ILE A 56 -3.43 -13.74 2.58
N ILE A 57 -3.72 -13.60 1.29
CA ILE A 57 -3.89 -14.76 0.45
C ILE A 57 -2.57 -15.10 -0.23
N LYS A 58 -2.19 -16.37 -0.12
CA LYS A 58 -0.93 -16.89 -0.63
C LYS A 58 -0.75 -16.53 -2.11
N ASP A 59 0.20 -15.63 -2.39
CA ASP A 59 0.52 -15.18 -3.75
C ASP A 59 -0.75 -14.71 -4.47
N PHE A 60 -1.49 -13.83 -3.80
CA PHE A 60 -2.74 -13.31 -4.32
C PHE A 60 -2.81 -11.82 -4.05
N MET A 61 -3.13 -11.49 -2.80
CA MET A 61 -3.24 -10.12 -2.36
C MET A 61 -3.18 -10.06 -0.84
N ILE A 62 -2.75 -8.93 -0.32
CA ILE A 62 -2.64 -8.73 1.12
C ILE A 62 -3.35 -7.45 1.52
N GLN A 63 -4.54 -7.62 2.07
CA GLN A 63 -5.37 -6.50 2.48
C GLN A 63 -4.94 -6.03 3.87
N GLY A 64 -4.66 -4.74 3.99
CA GLY A 64 -4.18 -4.22 5.25
C GLY A 64 -4.71 -2.85 5.58
N GLY A 65 -4.92 -2.61 6.85
CA GLY A 65 -5.36 -1.31 7.30
C GLY A 65 -6.56 -1.40 8.22
N ASP A 66 -7.49 -0.47 8.01
CA ASP A 66 -8.74 -0.38 8.77
C ASP A 66 -8.54 -0.51 10.29
N PRO A 67 -8.28 0.62 10.96
CA PRO A 67 -8.23 0.68 12.42
C PRO A 67 -9.62 0.63 13.04
N THR A 68 -10.63 0.81 12.20
CA THR A 68 -12.01 0.92 12.68
C THR A 68 -12.76 -0.40 12.60
N GLY A 69 -12.46 -1.20 11.59
CA GLY A 69 -13.10 -2.49 11.41
C GLY A 69 -14.50 -2.36 10.86
N THR A 70 -14.76 -1.24 10.19
CA THR A 70 -16.09 -0.97 9.65
C THR A 70 -16.03 -0.79 8.12
N GLY A 71 -14.85 -0.95 7.56
CA GLY A 71 -14.70 -0.84 6.11
C GLY A 71 -14.28 0.54 5.66
N ARG A 72 -14.19 1.46 6.61
CA ARG A 72 -13.76 2.82 6.32
C ARG A 72 -12.25 2.92 6.43
N GLY A 73 -11.73 2.36 7.52
CA GLY A 73 -10.29 2.39 7.74
C GLY A 73 -9.80 3.76 8.14
N GLY A 74 -10.18 4.21 9.32
CA GLY A 74 -9.81 5.53 9.78
C GLY A 74 -10.53 6.61 9.02
N ALA A 75 -9.82 7.26 8.11
CA ALA A 75 -10.39 8.33 7.30
C ALA A 75 -11.05 9.40 8.15
N SER A 76 -10.46 9.67 9.31
CA SER A 76 -11.01 10.60 10.28
C SER A 76 -11.24 11.99 9.67
N ILE A 77 -10.38 12.36 8.73
CA ILE A 77 -10.49 13.65 8.07
C ILE A 77 -11.71 13.70 7.14
N TYR A 78 -11.78 12.77 6.20
CA TYR A 78 -12.87 12.75 5.22
C TYR A 78 -14.17 12.37 5.88
N GLY A 79 -14.09 11.41 6.79
CA GLY A 79 -15.26 10.94 7.50
C GLY A 79 -16.06 9.95 6.67
N LYS A 80 -16.66 10.42 5.60
CA LYS A 80 -17.56 9.61 4.79
C LYS A 80 -16.99 9.34 3.41
N GLN A 81 -17.77 8.62 2.60
CA GLN A 81 -17.38 8.32 1.22
C GLN A 81 -18.18 9.21 0.29
N PHE A 82 -17.71 9.35 -0.95
CA PHE A 82 -18.37 10.25 -1.88
C PHE A 82 -18.65 9.56 -3.22
N GLU A 83 -17.59 9.24 -3.95
CA GLU A 83 -17.73 8.62 -5.25
C GLU A 83 -16.81 7.42 -5.37
N ASP A 84 -16.85 6.77 -6.52
CA ASP A 84 -15.95 5.68 -6.82
C ASP A 84 -14.70 6.21 -7.49
N GLU A 85 -13.55 5.72 -7.07
CA GLU A 85 -12.29 6.12 -7.65
C GLU A 85 -11.83 5.05 -8.64
N LEU A 86 -12.76 4.18 -9.02
CA LEU A 86 -12.46 3.03 -9.85
C LEU A 86 -12.08 3.43 -11.28
N HIS A 87 -10.79 3.35 -11.57
CA HIS A 87 -10.29 3.59 -12.91
C HIS A 87 -8.80 3.26 -12.97
N PRO A 88 -8.44 1.98 -13.11
CA PRO A 88 -7.05 1.55 -13.23
C PRO A 88 -6.42 1.99 -14.55
N ASP A 89 -5.77 3.15 -14.54
CA ASP A 89 -5.05 3.64 -15.71
C ASP A 89 -3.84 2.75 -16.00
N LEU A 90 -3.20 2.31 -14.93
CA LEU A 90 -2.02 1.47 -15.03
C LEU A 90 -2.41 0.02 -15.26
N LYS A 91 -1.41 -0.86 -15.30
CA LYS A 91 -1.67 -2.27 -15.47
C LYS A 91 -1.07 -3.05 -14.32
N PHE A 92 -1.75 -4.10 -13.90
CA PHE A 92 -1.21 -5.04 -12.93
C PHE A 92 -0.10 -5.87 -13.57
N THR A 93 1.04 -5.22 -13.71
CA THR A 93 2.18 -5.78 -14.41
C THR A 93 2.69 -7.06 -13.75
N GLY A 94 2.83 -7.01 -12.43
CA GLY A 94 3.21 -8.20 -11.69
C GLY A 94 2.81 -8.11 -10.24
N ALA A 95 3.68 -8.59 -9.36
CA ALA A 95 3.44 -8.51 -7.93
C ALA A 95 3.98 -7.21 -7.36
N GLY A 96 3.22 -6.59 -6.48
CA GLY A 96 3.65 -5.35 -5.87
C GLY A 96 2.79 -4.19 -6.30
N ILE A 97 1.59 -4.50 -6.77
CA ILE A 97 0.68 -3.47 -7.23
C ILE A 97 -0.13 -2.96 -6.05
N LEU A 98 0.06 -1.71 -5.70
CA LEU A 98 -0.66 -1.13 -4.59
C LEU A 98 -2.01 -0.59 -5.04
N ALA A 99 -3.05 -1.02 -4.35
CA ALA A 99 -4.38 -0.56 -4.61
C ALA A 99 -5.05 -0.13 -3.31
N MET A 100 -6.13 0.61 -3.43
CA MET A 100 -6.82 1.13 -2.26
C MET A 100 -8.00 0.21 -1.91
N ALA A 101 -8.20 -0.02 -0.62
CA ALA A 101 -9.25 -0.90 -0.18
C ALA A 101 -10.54 -0.13 0.07
N ASN A 102 -11.65 -0.70 -0.36
CA ASN A 102 -12.95 -0.06 -0.24
C ASN A 102 -13.99 -1.07 0.21
N ALA A 103 -15.08 -0.57 0.76
CA ALA A 103 -16.13 -1.43 1.29
C ALA A 103 -17.27 -1.56 0.28
N GLY A 104 -17.10 -0.84 -0.83
CA GLY A 104 -18.03 -0.89 -1.91
C GLY A 104 -17.48 -0.08 -3.06
N PRO A 105 -18.11 -0.11 -4.24
CA PRO A 105 -17.62 0.62 -5.41
C PRO A 105 -17.31 2.08 -5.09
N ASP A 106 -18.21 2.74 -4.37
CA ASP A 106 -18.04 4.14 -4.01
C ASP A 106 -17.72 4.28 -2.53
N THR A 107 -17.73 3.16 -1.81
CA THR A 107 -17.44 3.18 -0.40
C THR A 107 -15.94 3.10 -0.18
N ASN A 108 -15.24 4.01 -0.85
CA ASN A 108 -13.79 4.07 -0.79
C ASN A 108 -13.35 4.76 0.49
N GLY A 109 -12.42 4.15 1.20
CA GLY A 109 -11.95 4.70 2.45
C GLY A 109 -10.48 5.07 2.40
N SER A 110 -9.77 4.78 3.48
CA SER A 110 -8.35 5.11 3.57
C SER A 110 -7.50 3.85 3.77
N GLN A 111 -8.09 2.69 3.53
CA GLN A 111 -7.37 1.43 3.66
C GLN A 111 -6.79 1.02 2.30
N PHE A 112 -5.90 0.03 2.30
CA PHE A 112 -5.21 -0.36 1.08
C PHE A 112 -4.95 -1.87 1.05
N PHE A 113 -4.37 -2.35 -0.05
CA PHE A 113 -3.93 -3.72 -0.13
C PHE A 113 -2.90 -3.88 -1.25
N VAL A 114 -2.02 -4.87 -1.09
CA VAL A 114 -0.99 -5.15 -2.08
C VAL A 114 -1.35 -6.41 -2.84
N THR A 115 -0.99 -6.47 -4.10
CA THR A 115 -1.23 -7.66 -4.90
C THR A 115 0.06 -8.45 -5.05
N LEU A 116 -0.01 -9.74 -4.71
CA LEU A 116 1.13 -10.63 -4.85
C LEU A 116 1.16 -11.24 -6.25
N ALA A 117 0.11 -10.99 -7.00
CA ALA A 117 -0.02 -11.49 -8.36
C ALA A 117 -0.88 -10.53 -9.18
N PRO A 118 -0.86 -10.66 -10.52
CA PRO A 118 -1.71 -9.85 -11.41
C PRO A 118 -3.19 -10.04 -11.08
N THR A 119 -3.83 -8.99 -10.61
CA THR A 119 -5.21 -9.07 -10.20
C THR A 119 -6.14 -8.51 -11.26
N GLN A 120 -6.56 -9.37 -12.19
CA GLN A 120 -7.43 -8.96 -13.28
C GLN A 120 -8.87 -9.28 -12.91
N TRP A 121 -9.06 -9.45 -11.62
CA TRP A 121 -10.36 -9.77 -11.07
C TRP A 121 -10.79 -8.70 -10.08
N LEU A 122 -9.93 -7.69 -9.92
CA LEU A 122 -10.20 -6.58 -9.02
C LEU A 122 -10.19 -5.26 -9.78
N ASP A 123 -10.07 -5.38 -11.09
CA ASP A 123 -9.89 -4.23 -11.98
C ASP A 123 -11.11 -3.33 -11.98
N GLY A 124 -12.22 -3.87 -11.52
CA GLY A 124 -13.44 -3.08 -11.45
C GLY A 124 -14.10 -3.21 -10.09
N LYS A 125 -13.31 -3.64 -9.12
CA LYS A 125 -13.83 -3.88 -7.77
C LYS A 125 -13.09 -3.01 -6.76
N HIS A 126 -11.83 -2.73 -7.06
CA HIS A 126 -11.00 -1.88 -6.21
C HIS A 126 -10.17 -0.97 -7.08
N THR A 127 -9.99 0.27 -6.66
CA THR A 127 -9.17 1.20 -7.41
C THR A 127 -7.69 0.93 -7.13
N ILE A 128 -6.87 1.11 -8.14
CA ILE A 128 -5.45 0.80 -8.04
C ILE A 128 -4.61 2.01 -8.35
N PHE A 129 -3.91 2.52 -7.35
CA PHE A 129 -3.02 3.66 -7.52
C PHE A 129 -1.94 3.67 -6.45
N GLY A 130 -0.94 2.83 -6.61
CA GLY A 130 0.14 2.76 -5.65
C GLY A 130 1.36 2.04 -6.19
N ARG A 131 2.49 2.21 -5.52
CA ARG A 131 3.72 1.53 -5.89
C ARG A 131 4.49 1.11 -4.63
N VAL A 132 4.84 -0.17 -4.53
CA VAL A 132 5.64 -0.65 -3.41
C VAL A 132 7.13 -0.63 -3.76
N CYS A 133 7.95 -0.19 -2.81
CA CYS A 133 9.38 -0.05 -3.02
C CYS A 133 10.14 -0.40 -1.74
N GLN A 134 11.32 -0.99 -1.90
CA GLN A 134 12.20 -1.32 -0.78
C GLN A 134 11.46 -2.09 0.33
N GLY A 135 10.60 -3.01 -0.08
CA GLY A 135 9.90 -3.83 0.90
C GLY A 135 9.21 -5.02 0.27
N ILE A 136 9.61 -5.37 -0.94
CA ILE A 136 8.95 -6.44 -1.69
C ILE A 136 9.31 -7.79 -1.11
N GLY A 137 10.55 -7.92 -0.63
CA GLY A 137 10.97 -9.17 -0.04
C GLY A 137 10.15 -9.50 1.19
N MET A 138 9.82 -8.47 1.97
CA MET A 138 9.02 -8.67 3.17
C MET A 138 7.61 -9.05 2.79
N VAL A 139 6.98 -8.26 1.91
CA VAL A 139 5.63 -8.55 1.42
C VAL A 139 5.57 -9.96 0.83
N ASN A 140 6.69 -10.41 0.26
CA ASN A 140 6.77 -11.73 -0.36
C ASN A 140 6.76 -12.82 0.69
N ARG A 141 7.67 -12.70 1.64
CA ARG A 141 7.83 -13.71 2.67
C ARG A 141 6.68 -13.65 3.68
N VAL A 142 5.92 -12.56 3.64
CA VAL A 142 4.73 -12.44 4.46
C VAL A 142 3.52 -13.01 3.72
N GLY A 143 3.46 -12.74 2.44
CA GLY A 143 2.33 -13.18 1.64
C GLY A 143 2.39 -14.65 1.27
N MET A 144 3.52 -15.29 1.57
CA MET A 144 3.68 -16.71 1.31
C MET A 144 3.39 -17.53 2.56
N VAL A 145 3.32 -16.87 3.71
CA VAL A 145 3.14 -17.57 4.96
C VAL A 145 1.75 -17.30 5.55
N GLU A 146 1.03 -18.37 5.85
CA GLU A 146 -0.19 -18.25 6.63
C GLU A 146 -0.11 -19.14 7.86
N THR A 147 0.35 -20.36 7.64
CA THR A 147 0.41 -21.36 8.71
C THR A 147 1.69 -22.16 8.59
N ASN A 148 2.17 -22.69 9.71
CA ASN A 148 3.39 -23.48 9.73
C ASN A 148 3.07 -24.97 9.61
N SER A 149 3.85 -25.80 10.29
CA SER A 149 3.61 -27.24 10.29
C SER A 149 2.26 -27.55 10.91
N GLN A 150 1.80 -26.64 11.78
CA GLN A 150 0.49 -26.72 12.38
C GLN A 150 -0.47 -25.83 11.60
N ASP A 151 -1.76 -25.95 11.88
CA ASP A 151 -2.75 -25.12 11.18
C ASP A 151 -2.89 -23.77 11.87
N ARG A 152 -1.85 -23.40 12.60
CA ARG A 152 -1.81 -22.12 13.29
C ARG A 152 -0.94 -21.14 12.52
N PRO A 153 -1.27 -19.84 12.58
CA PRO A 153 -0.50 -18.79 11.92
C PRO A 153 0.95 -18.75 12.41
N VAL A 154 1.89 -18.64 11.46
CA VAL A 154 3.30 -18.54 11.80
C VAL A 154 3.57 -17.24 12.56
N ASP A 155 3.44 -16.14 11.86
CA ASP A 155 3.58 -14.82 12.43
C ASP A 155 2.49 -13.91 11.91
N ASP A 156 2.04 -12.98 12.74
CA ASP A 156 1.06 -12.00 12.28
C ASP A 156 1.77 -10.85 11.61
N VAL A 157 1.00 -9.87 11.14
CA VAL A 157 1.58 -8.75 10.45
C VAL A 157 0.67 -7.54 10.51
N LYS A 158 1.11 -6.59 11.29
CA LYS A 158 0.41 -5.33 11.44
C LYS A 158 1.39 -4.17 11.33
N ILE A 159 0.88 -3.01 11.03
CA ILE A 159 1.70 -1.82 10.92
C ILE A 159 1.96 -1.27 12.31
N ILE A 160 3.16 -1.53 12.82
CA ILE A 160 3.52 -1.11 14.16
C ILE A 160 3.60 0.41 14.23
N LYS A 161 4.55 0.96 13.51
CA LYS A 161 4.72 2.40 13.40
C LYS A 161 4.91 2.76 11.94
N ALA A 162 4.24 3.81 11.50
CA ALA A 162 4.39 4.26 10.13
C ALA A 162 4.65 5.76 10.10
N TYR A 163 5.48 6.18 9.18
CA TYR A 163 5.96 7.55 9.15
C TYR A 163 5.87 8.08 7.73
N PRO A 164 5.26 9.25 7.55
CA PRO A 164 5.20 9.88 6.23
C PRO A 164 6.50 10.60 5.90
N SER A 165 7.04 10.33 4.72
CA SER A 165 8.28 10.95 4.31
C SER A 165 8.02 12.40 3.90
N GLY A 166 8.55 13.33 4.68
CA GLY A 166 8.33 14.73 4.41
C GLY A 166 9.58 15.56 4.63
N GLY A 167 9.86 15.89 5.88
CA GLY A 167 10.98 16.74 6.20
C GLY A 167 12.30 15.99 6.26
N GLY A 168 12.27 14.69 6.08
CA GLY A 168 13.48 13.90 6.10
C GLY A 168 13.79 13.35 7.47
N GLY A 169 13.35 14.06 8.50
CA GLY A 169 13.59 13.65 9.87
C GLY A 169 13.94 14.83 10.75
N SER A 170 15.23 15.08 10.91
CA SER A 170 15.71 16.23 11.66
C SER A 170 17.09 16.63 11.18
N GLY A 171 17.29 17.93 10.94
CA GLY A 171 18.57 18.42 10.47
C GLY A 171 19.53 18.70 11.61
N GLY A 172 19.75 17.70 12.45
CA GLY A 172 20.61 17.87 13.60
C GLY A 172 21.09 16.54 14.14
N GLY A 173 21.72 16.57 15.30
CA GLY A 173 22.25 15.37 15.90
C GLY A 173 23.52 14.89 15.22
N SER A 174 23.37 14.26 14.07
CA SER A 174 24.49 13.75 13.31
C SER A 174 24.15 13.71 11.83
N GLY A 175 24.93 14.42 11.02
CA GLY A 175 24.72 14.40 9.59
C GLY A 175 25.17 13.10 8.95
N GLY A 176 24.37 12.07 9.13
CA GLY A 176 24.67 10.77 8.55
C GLY A 176 23.70 10.42 7.44
N GLY A 177 24.23 10.23 6.25
CA GLY A 177 23.40 9.93 5.11
C GLY A 177 24.21 9.88 3.84
N SER A 178 24.85 8.75 3.58
CA SER A 178 25.66 8.57 2.40
C SER A 178 25.35 7.22 1.74
N GLY A 179 24.11 6.81 1.86
CA GLY A 179 23.67 5.57 1.25
C GLY A 179 23.37 5.75 -0.23
N GLY A 180 23.31 4.64 -0.95
CA GLY A 180 23.05 4.70 -2.37
C GLY A 180 22.47 3.41 -2.90
N GLY A 181 21.16 3.27 -2.81
CA GLY A 181 20.50 2.10 -3.32
C GLY A 181 19.17 1.85 -2.65
N SER A 182 18.31 1.10 -3.31
CA SER A 182 17.01 0.75 -2.75
C SER A 182 17.01 -0.71 -2.27
N GLY A 183 17.41 -1.61 -3.16
CA GLY A 183 17.48 -3.02 -2.79
C GLY A 183 16.24 -3.77 -3.19
N ASP A 184 15.15 -3.48 -2.51
CA ASP A 184 13.87 -4.12 -2.79
C ASP A 184 12.99 -3.21 -3.64
N GLY A 185 11.89 -3.76 -4.09
CA GLY A 185 10.91 -3.01 -4.84
C GLY A 185 9.99 -3.92 -5.60
N GLY A 186 8.73 -3.53 -5.70
CA GLY A 186 7.76 -4.36 -6.39
C GLY A 186 7.84 -4.20 -7.89
N ALA A 187 6.91 -4.83 -8.58
CA ALA A 187 6.85 -4.73 -10.03
C ALA A 187 6.41 -3.33 -10.42
N PHE A 188 6.89 -2.88 -11.56
CA PHE A 188 6.60 -1.54 -12.02
C PHE A 188 5.33 -1.51 -12.84
N PRO A 189 4.22 -1.04 -12.26
CA PRO A 189 2.94 -0.96 -12.95
C PRO A 189 2.88 0.25 -13.85
N GLU A 190 3.90 1.08 -13.74
CA GLU A 190 3.96 2.35 -14.43
C GLU A 190 4.31 2.15 -15.91
N ILE A 191 5.03 1.06 -16.19
CA ILE A 191 5.50 0.79 -17.55
C ILE A 191 4.47 -0.01 -18.35
N HIS A 192 3.48 -0.55 -17.66
CA HIS A 192 2.35 -1.25 -18.29
C HIS A 192 2.83 -2.42 -19.13
N VAL A 193 3.73 -3.22 -18.59
CA VAL A 193 4.28 -4.35 -19.31
C VAL A 193 4.48 -5.53 -18.35
N ALA A 194 4.33 -6.74 -18.86
CA ALA A 194 4.43 -7.95 -18.05
C ALA A 194 5.86 -8.18 -17.54
N GLN A 195 6.04 -7.96 -16.25
CA GLN A 195 7.31 -8.21 -15.57
C GLN A 195 7.04 -8.38 -14.09
N TYR A 196 7.95 -9.05 -13.39
CA TYR A 196 7.75 -9.34 -11.98
C TYR A 196 8.94 -8.89 -11.15
N PRO A 197 8.71 -8.55 -9.88
CA PRO A 197 9.77 -8.10 -8.98
C PRO A 197 10.75 -9.22 -8.66
N LEU A 198 10.23 -10.31 -8.11
CA LEU A 198 11.04 -11.48 -7.84
C LEU A 198 10.40 -12.73 -8.47
N ASP A 199 9.47 -12.48 -9.41
CA ASP A 199 8.88 -13.54 -10.24
C ASP A 199 8.09 -14.58 -9.46
N MET A 200 7.62 -14.21 -8.27
CA MET A 200 6.85 -15.14 -7.46
C MET A 200 5.44 -15.37 -8.02
N GLY A 201 4.76 -14.28 -8.38
CA GLY A 201 3.37 -14.36 -8.78
C GLY A 201 3.16 -14.85 -10.20
N ARG A 202 4.26 -15.14 -10.90
CA ARG A 202 4.16 -15.65 -12.26
C ARG A 202 4.23 -17.17 -12.29
N LYS A 203 4.74 -17.72 -11.20
CA LYS A 203 4.96 -19.15 -11.11
C LYS A 203 4.17 -19.73 -9.94
N MET A 1 -12.89 26.69 9.19
CA MET A 1 -13.20 25.57 8.26
C MET A 1 -12.18 24.46 8.44
N ALA A 2 -12.60 23.38 9.10
CA ALA A 2 -11.72 22.25 9.35
C ALA A 2 -12.49 20.94 9.35
N ALA A 3 -12.42 20.25 8.23
CA ALA A 3 -12.98 18.91 8.10
C ALA A 3 -11.95 18.02 7.44
N ILE A 4 -11.60 18.38 6.22
CA ILE A 4 -10.58 17.71 5.46
C ILE A 4 -9.56 18.72 4.95
N PRO A 5 -8.28 18.54 5.29
CA PRO A 5 -7.21 19.43 4.84
C PRO A 5 -7.22 19.65 3.33
N PRO A 6 -6.80 20.84 2.88
CA PRO A 6 -6.76 21.18 1.45
C PRO A 6 -5.97 20.17 0.64
N ASP A 7 -6.35 20.02 -0.63
CA ASP A 7 -5.68 19.08 -1.53
C ASP A 7 -4.34 19.64 -1.99
N SER A 8 -3.50 19.98 -1.04
CA SER A 8 -2.16 20.48 -1.31
C SER A 8 -1.23 19.32 -1.65
N TRP A 9 0.07 19.55 -1.59
CA TRP A 9 1.05 18.54 -1.96
C TRP A 9 0.88 17.25 -1.12
N GLN A 10 1.11 17.35 0.18
CA GLN A 10 1.01 16.20 1.10
C GLN A 10 2.12 15.18 0.84
N PRO A 11 2.41 14.33 1.84
CA PRO A 11 3.44 13.29 1.72
C PRO A 11 3.24 12.37 0.53
N PRO A 12 4.21 12.35 -0.40
CA PRO A 12 4.13 11.52 -1.60
C PRO A 12 4.48 10.06 -1.33
N ASN A 13 5.06 9.82 -0.16
CA ASN A 13 5.57 8.50 0.18
C ASN A 13 5.51 8.31 1.70
N VAL A 14 5.18 7.11 2.14
CA VAL A 14 5.08 6.82 3.57
C VAL A 14 5.77 5.51 3.90
N TYR A 15 6.30 5.43 5.11
CA TYR A 15 7.01 4.23 5.57
C TYR A 15 6.17 3.49 6.61
N LEU A 16 6.06 2.19 6.42
CA LEU A 16 5.29 1.32 7.32
C LEU A 16 6.21 0.29 7.94
N GLU A 17 6.59 0.50 9.18
CA GLU A 17 7.42 -0.48 9.89
C GLU A 17 6.52 -1.54 10.49
N THR A 18 6.58 -2.75 9.93
CA THR A 18 5.70 -3.81 10.37
C THR A 18 6.42 -4.72 11.35
N SER A 19 5.70 -5.71 11.84
CA SER A 19 6.24 -6.67 12.78
C SER A 19 7.24 -7.61 12.08
N MET A 20 7.04 -7.83 10.79
CA MET A 20 7.91 -8.72 10.03
C MET A 20 9.07 -7.94 9.40
N GLY A 21 8.80 -6.77 8.86
CA GLY A 21 9.84 -5.94 8.29
C GLY A 21 9.38 -4.52 8.10
N ILE A 22 9.80 -3.89 7.03
CA ILE A 22 9.38 -2.55 6.73
C ILE A 22 8.85 -2.47 5.30
N ILE A 23 7.77 -1.73 5.12
CA ILE A 23 7.13 -1.62 3.82
C ILE A 23 7.00 -0.15 3.44
N VAL A 24 7.38 0.20 2.24
CA VAL A 24 7.18 1.56 1.74
C VAL A 24 6.31 1.54 0.50
N LEU A 25 5.40 2.50 0.39
CA LEU A 25 4.59 2.64 -0.83
C LEU A 25 4.23 4.10 -1.06
N GLU A 26 3.85 4.41 -2.28
CA GLU A 26 3.55 5.78 -2.67
C GLU A 26 2.21 5.83 -3.38
N LEU A 27 1.68 7.02 -3.57
CA LEU A 27 0.36 7.20 -4.16
C LEU A 27 0.47 7.72 -5.58
N TYR A 28 -0.57 7.50 -6.37
CA TYR A 28 -0.62 8.02 -7.73
C TYR A 28 -1.01 9.49 -7.76
N TRP A 29 -0.02 10.35 -7.94
CA TRP A 29 -0.26 11.78 -8.07
C TRP A 29 -0.72 12.13 -9.48
N LYS A 30 -0.68 11.12 -10.35
CA LYS A 30 -0.92 11.32 -11.77
C LYS A 30 -2.40 11.57 -12.06
N HIS A 31 -3.26 10.68 -11.59
CA HIS A 31 -4.68 10.78 -11.87
C HIS A 31 -5.52 10.69 -10.60
N ALA A 32 -4.87 10.67 -9.45
CA ALA A 32 -5.59 10.51 -8.19
C ALA A 32 -5.13 11.54 -7.15
N PRO A 33 -5.61 12.78 -7.26
CA PRO A 33 -5.25 13.83 -6.32
C PRO A 33 -5.91 13.63 -4.96
N LYS A 34 -7.17 13.21 -4.99
CA LYS A 34 -7.94 13.02 -3.78
C LYS A 34 -7.53 11.72 -3.09
N THR A 35 -7.38 10.67 -3.88
CA THR A 35 -6.94 9.37 -3.36
C THR A 35 -5.59 9.52 -2.65
N CYS A 36 -4.69 10.30 -3.25
CA CYS A 36 -3.40 10.59 -2.66
C CYS A 36 -3.57 11.32 -1.32
N LYS A 37 -4.42 12.34 -1.32
CA LYS A 37 -4.67 13.12 -0.12
C LYS A 37 -5.30 12.27 0.97
N ASN A 38 -6.15 11.33 0.57
CA ASN A 38 -6.81 10.43 1.50
C ASN A 38 -5.79 9.66 2.34
N PHE A 39 -4.86 9.01 1.66
CA PHE A 39 -3.81 8.25 2.35
C PHE A 39 -2.85 9.19 3.10
N ALA A 40 -2.46 10.27 2.44
CA ALA A 40 -1.54 11.23 3.02
C ALA A 40 -2.10 11.89 4.28
N GLU A 41 -3.41 12.13 4.29
CA GLU A 41 -4.06 12.74 5.45
C GLU A 41 -4.02 11.79 6.63
N LEU A 42 -4.30 10.52 6.39
CA LEU A 42 -4.26 9.52 7.45
C LEU A 42 -2.84 9.29 7.92
N ALA A 43 -1.88 9.63 7.06
CA ALA A 43 -0.46 9.55 7.42
C ALA A 43 -0.08 10.73 8.31
N ARG A 44 -0.79 11.84 8.16
CA ARG A 44 -0.60 13.01 9.02
C ARG A 44 -0.98 12.67 10.46
N ARG A 45 -2.15 12.06 10.61
CA ARG A 45 -2.66 11.71 11.92
C ARG A 45 -1.94 10.49 12.48
N GLY A 46 -1.88 9.43 11.68
CA GLY A 46 -1.21 8.22 12.11
C GLY A 46 -2.14 7.02 12.12
N TYR A 47 -2.92 6.89 11.06
CA TYR A 47 -3.94 5.84 10.96
C TYR A 47 -3.30 4.47 10.79
N TYR A 48 -2.10 4.47 10.23
CA TYR A 48 -1.42 3.23 9.88
C TYR A 48 -0.81 2.57 11.12
N ASN A 49 -0.69 3.32 12.22
CA ASN A 49 -0.07 2.80 13.43
C ASN A 49 -1.04 1.85 14.15
N GLY A 50 -2.19 1.62 13.55
CA GLY A 50 -3.13 0.67 14.09
C GLY A 50 -3.67 -0.27 13.02
N THR A 51 -3.04 -0.25 11.85
CA THR A 51 -3.49 -1.07 10.74
C THR A 51 -2.81 -2.43 10.76
N LYS A 52 -3.58 -3.47 10.49
CA LYS A 52 -3.07 -4.83 10.50
C LYS A 52 -3.47 -5.53 9.22
N PHE A 53 -2.65 -6.47 8.78
CA PHE A 53 -2.97 -7.24 7.59
C PHE A 53 -4.02 -8.31 7.93
N HIS A 54 -5.14 -8.27 7.23
CA HIS A 54 -6.25 -9.15 7.56
C HIS A 54 -6.41 -10.25 6.51
N ARG A 55 -6.03 -9.96 5.27
CA ARG A 55 -6.10 -10.95 4.21
C ARG A 55 -4.71 -11.18 3.63
N ILE A 56 -4.15 -12.35 3.89
CA ILE A 56 -2.81 -12.67 3.41
C ILE A 56 -2.86 -13.98 2.65
N ILE A 57 -3.01 -13.89 1.34
CA ILE A 57 -3.03 -15.06 0.50
C ILE A 57 -1.72 -15.19 -0.24
N LYS A 58 -1.09 -16.36 -0.09
CA LYS A 58 0.16 -16.63 -0.80
C LYS A 58 0.06 -16.34 -2.29
N ASP A 59 1.03 -15.56 -2.78
CA ASP A 59 1.10 -15.14 -4.19
C ASP A 59 -0.27 -14.72 -4.75
N PHE A 60 -1.01 -13.95 -3.94
CA PHE A 60 -2.31 -13.46 -4.35
C PHE A 60 -2.46 -11.98 -3.99
N MET A 61 -2.72 -11.73 -2.72
CA MET A 61 -2.92 -10.37 -2.24
C MET A 61 -2.71 -10.30 -0.73
N ILE A 62 -2.38 -9.11 -0.25
CA ILE A 62 -2.22 -8.86 1.17
C ILE A 62 -2.98 -7.59 1.55
N GLN A 63 -4.15 -7.79 2.14
CA GLN A 63 -5.01 -6.69 2.54
C GLN A 63 -4.65 -6.24 3.95
N GLY A 64 -4.44 -4.95 4.12
CA GLY A 64 -4.07 -4.43 5.41
C GLY A 64 -4.81 -3.15 5.75
N GLY A 65 -5.13 -2.98 7.01
CA GLY A 65 -5.79 -1.77 7.45
C GLY A 65 -6.76 -2.02 8.59
N ASP A 66 -7.87 -1.28 8.55
CA ASP A 66 -8.94 -1.35 9.55
C ASP A 66 -8.40 -1.32 10.99
N PRO A 67 -8.02 -0.12 11.46
CA PRO A 67 -7.60 0.07 12.85
C PRO A 67 -8.78 0.05 13.80
N THR A 68 -9.97 0.12 13.24
CA THR A 68 -11.20 0.20 14.01
C THR A 68 -11.79 -1.18 14.27
N GLY A 69 -11.79 -2.04 13.27
CA GLY A 69 -12.39 -3.34 13.40
C GLY A 69 -13.84 -3.35 12.94
N THR A 70 -14.20 -2.37 12.12
CA THR A 70 -15.56 -2.27 11.59
C THR A 70 -15.55 -2.24 10.07
N GLY A 71 -14.36 -2.25 9.48
CA GLY A 71 -14.26 -2.28 8.04
C GLY A 71 -13.98 -0.91 7.42
N ARG A 72 -14.54 0.14 8.01
CA ARG A 72 -14.36 1.50 7.47
C ARG A 72 -12.99 2.06 7.86
N GLY A 73 -12.49 1.61 8.99
CA GLY A 73 -11.17 2.01 9.43
C GLY A 73 -11.10 3.45 9.89
N GLY A 74 -9.89 3.98 9.97
CA GLY A 74 -9.68 5.34 10.42
C GLY A 74 -9.95 6.37 9.33
N ALA A 75 -10.45 5.89 8.20
CA ALA A 75 -10.73 6.74 7.07
C ALA A 75 -12.13 7.33 7.17
N SER A 76 -12.60 7.37 8.39
CA SER A 76 -13.90 7.91 8.69
C SER A 76 -13.80 9.42 8.87
N ILE A 77 -12.61 9.95 8.61
CA ILE A 77 -12.33 11.37 8.77
C ILE A 77 -13.17 12.21 7.83
N TYR A 78 -13.53 11.63 6.68
CA TYR A 78 -14.37 12.33 5.72
C TYR A 78 -15.81 11.88 5.83
N GLY A 79 -16.09 11.14 6.89
CA GLY A 79 -17.44 10.73 7.19
C GLY A 79 -17.75 9.35 6.63
N LYS A 80 -18.60 9.31 5.62
CA LYS A 80 -19.00 8.06 4.99
C LYS A 80 -18.15 7.81 3.75
N GLN A 81 -18.56 6.83 2.95
CA GLN A 81 -17.88 6.54 1.70
C GLN A 81 -18.07 7.71 0.74
N PHE A 82 -17.19 7.80 -0.24
CA PHE A 82 -17.16 8.97 -1.11
C PHE A 82 -17.83 8.67 -2.45
N GLU A 83 -17.06 8.11 -3.38
CA GLU A 83 -17.53 7.83 -4.72
C GLU A 83 -16.59 6.82 -5.35
N ASP A 84 -17.07 6.09 -6.36
CA ASP A 84 -16.24 5.10 -7.02
C ASP A 84 -15.16 5.78 -7.84
N GLU A 85 -13.91 5.64 -7.40
CA GLU A 85 -12.79 6.23 -8.10
C GLU A 85 -12.15 5.18 -9.00
N LEU A 86 -12.98 4.24 -9.44
CA LEU A 86 -12.55 3.14 -10.28
C LEU A 86 -12.08 3.67 -11.63
N HIS A 87 -10.77 3.77 -11.79
CA HIS A 87 -10.17 4.31 -13.00
C HIS A 87 -8.72 3.86 -13.10
N PRO A 88 -8.48 2.58 -13.41
CA PRO A 88 -7.13 2.03 -13.51
C PRO A 88 -6.34 2.64 -14.68
N ASP A 89 -5.51 3.63 -14.38
CA ASP A 89 -4.63 4.23 -15.37
C ASP A 89 -3.33 3.43 -15.48
N LEU A 90 -3.42 2.16 -15.10
CA LEU A 90 -2.26 1.30 -15.02
C LEU A 90 -2.59 -0.06 -15.60
N LYS A 91 -1.68 -1.01 -15.38
CA LYS A 91 -1.90 -2.37 -15.83
C LYS A 91 -1.39 -3.34 -14.77
N PHE A 92 -2.00 -4.52 -14.72
CA PHE A 92 -1.56 -5.59 -13.84
C PHE A 92 -0.26 -6.21 -14.37
N THR A 93 0.80 -5.44 -14.29
CA THR A 93 2.08 -5.83 -14.83
C THR A 93 2.70 -6.99 -14.06
N GLY A 94 2.57 -6.96 -12.74
CA GLY A 94 3.11 -8.02 -11.91
C GLY A 94 2.71 -7.89 -10.46
N ALA A 95 3.64 -8.23 -9.57
CA ALA A 95 3.41 -8.19 -8.14
C ALA A 95 3.87 -6.87 -7.54
N GLY A 96 3.12 -6.35 -6.59
CA GLY A 96 3.47 -5.10 -5.96
C GLY A 96 2.51 -3.98 -6.32
N ILE A 97 1.31 -4.37 -6.72
CA ILE A 97 0.31 -3.40 -7.12
C ILE A 97 -0.48 -2.95 -5.90
N LEU A 98 -0.30 -1.70 -5.51
CA LEU A 98 -0.98 -1.16 -4.34
C LEU A 98 -2.32 -0.58 -4.75
N ALA A 99 -3.38 -1.13 -4.20
CA ALA A 99 -4.73 -0.68 -4.53
C ALA A 99 -5.52 -0.39 -3.26
N MET A 100 -6.71 0.17 -3.43
CA MET A 100 -7.52 0.56 -2.29
C MET A 100 -8.65 -0.44 -2.08
N ALA A 101 -8.89 -0.79 -0.83
CA ALA A 101 -9.90 -1.77 -0.48
C ALA A 101 -11.25 -1.10 -0.27
N ASN A 102 -12.31 -1.80 -0.66
CA ASN A 102 -13.66 -1.26 -0.61
C ASN A 102 -14.69 -2.37 -0.47
N ALA A 103 -15.87 -2.02 0.01
CA ALA A 103 -16.92 -3.01 0.25
C ALA A 103 -17.89 -3.01 -0.93
N GLY A 104 -17.79 -1.96 -1.71
CA GLY A 104 -18.54 -1.82 -2.93
C GLY A 104 -17.82 -0.84 -3.83
N PRO A 105 -18.29 -0.65 -5.07
CA PRO A 105 -17.62 0.26 -6.03
C PRO A 105 -17.36 1.63 -5.43
N ASP A 106 -18.37 2.19 -4.79
CA ASP A 106 -18.27 3.52 -4.21
C ASP A 106 -18.13 3.44 -2.70
N THR A 107 -18.23 2.23 -2.15
CA THR A 107 -18.08 2.03 -0.72
C THR A 107 -16.61 1.83 -0.40
N ASN A 108 -15.80 2.73 -0.93
CA ASN A 108 -14.36 2.69 -0.76
C ASN A 108 -13.91 3.54 0.42
N GLY A 109 -12.88 3.06 1.10
CA GLY A 109 -12.27 3.80 2.17
C GLY A 109 -10.78 3.86 1.97
N SER A 110 -10.03 4.27 2.99
CA SER A 110 -8.59 4.39 2.85
C SER A 110 -7.93 3.06 3.19
N GLN A 111 -8.73 2.01 3.23
CA GLN A 111 -8.21 0.66 3.39
C GLN A 111 -7.44 0.31 2.13
N PHE A 112 -6.37 -0.46 2.26
CA PHE A 112 -5.55 -0.77 1.10
C PHE A 112 -5.14 -2.23 1.07
N PHE A 113 -4.63 -2.68 -0.07
CA PHE A 113 -4.10 -4.01 -0.19
C PHE A 113 -3.06 -4.06 -1.31
N VAL A 114 -2.11 -4.97 -1.19
CA VAL A 114 -1.10 -5.16 -2.21
C VAL A 114 -1.31 -6.49 -2.89
N THR A 115 -1.06 -6.54 -4.19
CA THR A 115 -1.24 -7.77 -4.93
C THR A 115 0.10 -8.46 -5.11
N LEU A 116 0.16 -9.72 -4.71
CA LEU A 116 1.36 -10.52 -4.87
C LEU A 116 1.44 -11.12 -6.26
N ALA A 117 0.37 -10.92 -7.02
CA ALA A 117 0.32 -11.36 -8.41
C ALA A 117 -0.51 -10.38 -9.24
N PRO A 118 -0.37 -10.41 -10.57
CA PRO A 118 -1.15 -9.55 -11.47
C PRO A 118 -2.65 -9.83 -11.36
N THR A 119 -3.38 -8.86 -10.84
CA THR A 119 -4.80 -9.02 -10.62
C THR A 119 -5.62 -8.42 -11.76
N GLN A 120 -6.12 -9.28 -12.63
CA GLN A 120 -6.87 -8.84 -13.80
C GLN A 120 -8.35 -9.11 -13.60
N TRP A 121 -8.73 -9.31 -12.35
CA TRP A 121 -10.09 -9.68 -12.02
C TRP A 121 -10.73 -8.68 -11.07
N LEU A 122 -9.97 -7.68 -10.64
CA LEU A 122 -10.50 -6.71 -9.69
C LEU A 122 -10.19 -5.26 -10.10
N ASP A 123 -9.66 -5.09 -11.30
CA ASP A 123 -9.28 -3.76 -11.78
C ASP A 123 -10.50 -2.84 -11.88
N GLY A 124 -11.67 -3.44 -12.09
CA GLY A 124 -12.89 -2.67 -12.17
C GLY A 124 -13.77 -2.87 -10.96
N LYS A 125 -13.22 -3.50 -9.93
CA LYS A 125 -13.97 -3.79 -8.72
C LYS A 125 -13.33 -3.06 -7.54
N HIS A 126 -12.02 -2.82 -7.66
CA HIS A 126 -11.26 -2.07 -6.68
C HIS A 126 -10.36 -1.09 -7.41
N THR A 127 -10.37 0.17 -7.02
CA THR A 127 -9.53 1.15 -7.66
C THR A 127 -8.08 0.97 -7.21
N ILE A 128 -7.16 1.19 -8.14
CA ILE A 128 -5.76 0.93 -7.89
C ILE A 128 -4.94 2.18 -8.12
N PHE A 129 -4.30 2.67 -7.06
CA PHE A 129 -3.45 3.86 -7.16
C PHE A 129 -2.35 3.81 -6.10
N GLY A 130 -1.37 2.96 -6.32
CA GLY A 130 -0.26 2.86 -5.42
C GLY A 130 0.93 2.16 -6.03
N ARG A 131 2.11 2.45 -5.51
CA ARG A 131 3.34 1.81 -5.96
C ARG A 131 4.18 1.39 -4.75
N VAL A 132 4.44 0.10 -4.61
CA VAL A 132 5.26 -0.38 -3.50
C VAL A 132 6.75 -0.17 -3.80
N CYS A 133 7.47 0.30 -2.80
CA CYS A 133 8.87 0.65 -2.96
C CYS A 133 9.65 0.25 -1.73
N GLN A 134 10.90 -0.15 -1.93
CA GLN A 134 11.81 -0.51 -0.83
C GLN A 134 11.13 -1.36 0.25
N GLY A 135 10.42 -2.39 -0.17
CA GLY A 135 9.81 -3.30 0.79
C GLY A 135 9.21 -4.52 0.16
N ILE A 136 9.54 -4.76 -1.12
CA ILE A 136 8.92 -5.86 -1.85
C ILE A 136 9.48 -7.19 -1.38
N GLY A 137 10.74 -7.19 -0.95
CA GLY A 137 11.34 -8.39 -0.41
C GLY A 137 10.64 -8.83 0.85
N MET A 138 10.21 -7.87 1.65
CA MET A 138 9.48 -8.16 2.86
C MET A 138 8.07 -8.62 2.52
N VAL A 139 7.38 -7.84 1.67
CA VAL A 139 6.03 -8.20 1.23
C VAL A 139 6.01 -9.59 0.62
N ASN A 140 7.13 -9.99 0.03
CA ASN A 140 7.24 -11.30 -0.59
C ASN A 140 7.26 -12.39 0.48
N ARG A 141 8.15 -12.24 1.44
CA ARG A 141 8.28 -13.23 2.50
C ARG A 141 7.11 -13.14 3.49
N VAL A 142 6.40 -12.02 3.47
CA VAL A 142 5.21 -11.86 4.31
C VAL A 142 4.01 -12.48 3.62
N GLY A 143 3.98 -12.40 2.31
CA GLY A 143 2.87 -12.92 1.55
C GLY A 143 3.05 -14.36 1.14
N MET A 144 4.22 -14.92 1.46
CA MET A 144 4.50 -16.31 1.10
C MET A 144 4.20 -17.23 2.28
N VAL A 145 4.00 -16.66 3.46
CA VAL A 145 3.70 -17.46 4.64
C VAL A 145 2.21 -17.80 4.69
N GLU A 146 1.92 -19.08 4.59
CA GLU A 146 0.54 -19.53 4.53
C GLU A 146 -0.04 -19.74 5.94
N THR A 147 0.55 -20.65 6.70
CA THR A 147 0.04 -20.95 8.03
C THR A 147 1.17 -21.24 9.01
N ASN A 148 0.84 -21.18 10.28
CA ASN A 148 1.74 -21.57 11.35
C ASN A 148 1.54 -23.07 11.63
N SER A 149 2.42 -23.67 12.41
CA SER A 149 2.45 -25.12 12.62
C SER A 149 1.13 -25.67 13.18
N GLN A 150 0.30 -24.82 13.76
CA GLN A 150 -0.98 -25.23 14.31
C GLN A 150 -2.08 -25.27 13.24
N ASP A 151 -1.66 -25.20 11.98
CA ASP A 151 -2.59 -25.24 10.84
C ASP A 151 -3.54 -24.05 10.87
N ARG A 152 -2.99 -22.92 11.28
CA ARG A 152 -3.75 -21.67 11.34
C ARG A 152 -2.90 -20.55 10.78
N PRO A 153 -3.50 -19.49 10.23
CA PRO A 153 -2.75 -18.35 9.68
C PRO A 153 -1.71 -17.83 10.67
N VAL A 154 -0.58 -17.38 10.15
CA VAL A 154 0.51 -16.88 11.01
C VAL A 154 0.01 -15.75 11.92
N ASP A 155 -1.05 -15.07 11.47
CA ASP A 155 -1.88 -14.23 12.33
C ASP A 155 -1.29 -12.84 12.57
N ASP A 156 -0.35 -12.75 13.49
CA ASP A 156 0.14 -11.44 13.93
C ASP A 156 1.17 -10.85 12.97
N VAL A 157 0.68 -10.08 12.03
CA VAL A 157 1.52 -9.23 11.20
C VAL A 157 0.78 -7.94 10.87
N LYS A 158 1.36 -6.83 11.28
CA LYS A 158 0.69 -5.54 11.22
C LYS A 158 1.70 -4.42 11.17
N ILE A 159 1.22 -3.20 11.03
CA ILE A 159 2.09 -2.04 10.97
C ILE A 159 2.32 -1.50 12.38
N ILE A 160 3.54 -1.68 12.87
CA ILE A 160 3.89 -1.27 14.22
C ILE A 160 4.06 0.24 14.31
N LYS A 161 4.83 0.79 13.38
CA LYS A 161 5.06 2.23 13.31
C LYS A 161 4.89 2.70 11.88
N ALA A 162 4.28 3.86 11.72
CA ALA A 162 4.09 4.43 10.40
C ALA A 162 4.23 5.94 10.41
N TYR A 163 4.96 6.46 9.43
CA TYR A 163 5.16 7.89 9.30
C TYR A 163 5.60 8.24 7.88
N PRO A 164 5.29 9.46 7.41
CA PRO A 164 5.66 9.91 6.06
C PRO A 164 7.15 10.16 5.93
N SER A 165 7.70 9.82 4.77
CA SER A 165 9.12 9.97 4.50
C SER A 165 9.36 9.94 2.99
N GLY A 166 10.59 9.71 2.57
CA GLY A 166 10.88 9.60 1.15
C GLY A 166 11.50 10.85 0.59
N GLY A 167 11.90 11.76 1.47
CA GLY A 167 12.55 12.98 1.04
C GLY A 167 14.00 12.76 0.70
N GLY A 168 14.32 12.71 -0.59
CA GLY A 168 15.69 12.49 -1.02
C GLY A 168 16.63 13.56 -0.53
N GLY A 169 17.73 13.13 0.07
CA GLY A 169 18.69 14.06 0.63
C GLY A 169 20.05 13.44 0.80
N SER A 170 21.07 14.27 0.96
CA SER A 170 22.43 13.80 1.14
C SER A 170 22.73 13.60 2.62
N GLY A 171 22.40 14.61 3.42
CA GLY A 171 22.63 14.54 4.85
C GLY A 171 24.08 14.80 5.21
N GLY A 172 24.95 13.91 4.77
CA GLY A 172 26.35 14.02 5.10
C GLY A 172 26.74 13.00 6.14
N GLY A 173 26.63 13.36 7.41
CA GLY A 173 26.92 12.45 8.49
C GLY A 173 28.33 12.57 9.01
N SER A 174 28.56 12.03 10.19
CA SER A 174 29.88 12.08 10.82
C SER A 174 30.86 11.14 10.13
N GLY A 175 30.35 9.98 9.70
CA GLY A 175 31.19 9.01 9.01
C GLY A 175 30.51 8.45 7.79
N GLY A 176 30.38 9.26 6.76
CA GLY A 176 29.66 8.84 5.58
C GLY A 176 30.58 8.73 4.37
N GLY A 177 29.99 8.77 3.19
CA GLY A 177 30.75 8.66 1.96
C GLY A 177 30.76 7.24 1.43
N SER A 178 30.22 6.32 2.22
CA SER A 178 30.17 4.92 1.84
C SER A 178 29.00 4.64 0.89
N GLY A 179 28.99 3.45 0.31
CA GLY A 179 27.95 3.08 -0.62
C GLY A 179 26.62 2.82 0.07
N GLY A 180 25.55 3.35 -0.50
CA GLY A 180 24.24 3.18 0.08
C GLY A 180 23.13 3.52 -0.91
N GLY A 181 23.10 2.78 -2.02
CA GLY A 181 22.06 2.98 -3.01
C GLY A 181 21.19 1.76 -3.15
N SER A 182 21.14 0.97 -2.08
CA SER A 182 20.35 -0.25 -2.08
C SER A 182 18.91 0.04 -1.71
N GLY A 183 17.98 -0.61 -2.39
CA GLY A 183 16.57 -0.39 -2.15
C GLY A 183 15.70 -1.36 -2.91
N ASP A 184 14.63 -1.80 -2.29
CA ASP A 184 13.71 -2.74 -2.91
C ASP A 184 12.69 -2.00 -3.76
N GLY A 185 11.74 -2.73 -4.32
CA GLY A 185 10.66 -2.11 -5.05
C GLY A 185 9.83 -3.13 -5.78
N GLY A 186 8.53 -2.91 -5.84
CA GLY A 186 7.66 -3.84 -6.52
C GLY A 186 7.63 -3.59 -8.01
N ALA A 187 6.66 -4.16 -8.68
CA ALA A 187 6.51 -3.99 -10.11
C ALA A 187 5.92 -2.62 -10.41
N PHE A 188 5.97 -2.22 -11.67
CA PHE A 188 5.51 -0.90 -12.06
C PHE A 188 4.32 -1.02 -12.99
N PRO A 189 3.11 -0.93 -12.42
CA PRO A 189 1.88 -1.02 -13.19
C PRO A 189 1.65 0.21 -14.05
N GLU A 190 2.35 1.27 -13.68
CA GLU A 190 2.15 2.58 -14.28
C GLU A 190 2.72 2.64 -15.70
N ILE A 191 3.86 1.98 -15.90
CA ILE A 191 4.60 2.07 -17.16
C ILE A 191 3.91 1.25 -18.27
N HIS A 192 2.98 0.40 -17.85
CA HIS A 192 2.17 -0.40 -18.79
C HIS A 192 3.04 -1.36 -19.59
N VAL A 193 3.56 -2.38 -18.93
CA VAL A 193 4.37 -3.39 -19.59
C VAL A 193 4.65 -4.54 -18.63
N ALA A 194 4.60 -5.76 -19.14
CA ALA A 194 4.80 -6.94 -18.31
C ALA A 194 6.22 -7.00 -17.76
N GLN A 195 6.33 -6.94 -16.44
CA GLN A 195 7.60 -7.09 -15.76
C GLN A 195 7.35 -7.38 -14.28
N TYR A 196 8.24 -8.12 -13.66
CA TYR A 196 8.04 -8.56 -12.29
C TYR A 196 9.16 -8.05 -11.39
N PRO A 197 8.85 -7.77 -10.11
CA PRO A 197 9.82 -7.25 -9.16
C PRO A 197 10.95 -8.24 -8.89
N LEU A 198 10.61 -9.38 -8.30
CA LEU A 198 11.58 -10.45 -8.06
C LEU A 198 10.99 -11.79 -8.50
N ASP A 199 10.06 -11.71 -9.45
CA ASP A 199 9.40 -12.89 -10.05
C ASP A 199 8.45 -13.57 -9.06
N MET A 200 8.26 -12.95 -7.91
CA MET A 200 7.39 -13.47 -6.86
C MET A 200 5.98 -13.77 -7.36
N GLY A 201 5.50 -12.97 -8.30
CA GLY A 201 4.14 -13.12 -8.77
C GLY A 201 4.02 -13.99 -10.00
N ARG A 202 5.09 -14.68 -10.37
CA ARG A 202 5.05 -15.60 -11.49
C ARG A 202 5.55 -16.97 -11.06
N LYS A 203 6.60 -17.00 -10.25
CA LYS A 203 7.16 -18.23 -9.74
C LYS A 203 7.39 -18.13 -8.23
N MET A 1 -18.64 25.39 7.15
CA MET A 1 -18.06 24.49 8.16
C MET A 1 -16.89 23.71 7.57
N ALA A 2 -15.68 24.10 7.93
CA ALA A 2 -14.49 23.41 7.45
C ALA A 2 -14.21 22.19 8.30
N ALA A 3 -14.75 21.06 7.87
CA ALA A 3 -14.54 19.80 8.56
C ALA A 3 -13.33 19.08 8.01
N ILE A 4 -13.16 19.20 6.71
CA ILE A 4 -12.09 18.52 6.00
C ILE A 4 -11.32 19.52 5.13
N PRO A 5 -9.99 19.56 5.29
CA PRO A 5 -9.15 20.47 4.52
C PRO A 5 -9.16 20.18 3.02
N PRO A 6 -9.19 21.22 2.19
CA PRO A 6 -9.15 21.07 0.73
C PRO A 6 -7.82 20.51 0.25
N ASP A 7 -7.77 20.06 -1.00
CA ASP A 7 -6.57 19.49 -1.59
C ASP A 7 -5.38 20.44 -1.44
N SER A 8 -4.50 20.09 -0.50
CA SER A 8 -3.33 20.90 -0.20
C SER A 8 -2.08 20.02 -0.21
N TRP A 9 -1.03 20.44 0.48
CA TRP A 9 0.18 19.65 0.50
C TRP A 9 0.09 18.55 1.54
N GLN A 10 -0.39 17.42 1.09
CA GLN A 10 -0.49 16.23 1.92
C GLN A 10 0.66 15.30 1.58
N PRO A 11 1.32 14.74 2.62
CA PRO A 11 2.49 13.87 2.44
C PRO A 11 2.30 12.80 1.36
N PRO A 12 3.20 12.80 0.36
CA PRO A 12 3.10 11.91 -0.80
C PRO A 12 3.44 10.46 -0.48
N ASN A 13 4.24 10.26 0.56
CA ASN A 13 4.71 8.93 0.95
C ASN A 13 4.51 8.73 2.45
N VAL A 14 4.22 7.51 2.86
CA VAL A 14 4.01 7.22 4.28
C VAL A 14 4.80 6.01 4.73
N TYR A 15 5.28 6.07 5.96
CA TYR A 15 6.01 4.96 6.56
C TYR A 15 5.08 4.13 7.44
N LEU A 16 4.94 2.86 7.11
CA LEU A 16 4.13 1.95 7.92
C LEU A 16 5.03 0.99 8.69
N GLU A 17 5.17 1.24 9.98
CA GLU A 17 5.98 0.39 10.82
C GLU A 17 5.11 -0.69 11.45
N THR A 18 5.33 -1.93 11.07
CA THR A 18 4.46 -3.01 11.47
C THR A 18 5.07 -3.85 12.58
N SER A 19 4.34 -4.86 13.03
CA SER A 19 4.81 -5.77 14.07
C SER A 19 5.87 -6.72 13.52
N MET A 20 5.91 -6.85 12.19
CA MET A 20 6.86 -7.75 11.54
C MET A 20 8.09 -6.99 11.04
N GLY A 21 7.86 -5.76 10.57
CA GLY A 21 8.96 -4.94 10.11
C GLY A 21 8.52 -3.54 9.79
N ILE A 22 8.95 -3.03 8.66
CA ILE A 22 8.57 -1.70 8.24
C ILE A 22 8.34 -1.71 6.72
N ILE A 23 7.24 -1.11 6.31
CA ILE A 23 6.89 -1.03 4.90
C ILE A 23 6.60 0.42 4.52
N VAL A 24 7.28 0.88 3.49
CA VAL A 24 7.08 2.23 3.01
C VAL A 24 6.34 2.22 1.69
N LEU A 25 5.35 3.07 1.54
CA LEU A 25 4.65 3.18 0.27
C LEU A 25 4.18 4.60 0.04
N GLU A 26 3.88 4.88 -1.20
CA GLU A 26 3.41 6.19 -1.61
C GLU A 26 2.31 6.04 -2.63
N LEU A 27 1.58 7.11 -2.86
CA LEU A 27 0.38 7.05 -3.68
C LEU A 27 0.65 7.53 -5.10
N TYR A 28 -0.35 7.43 -5.95
CA TYR A 28 -0.24 7.98 -7.30
C TYR A 28 -0.71 9.43 -7.33
N TRP A 29 0.24 10.32 -7.35
CA TRP A 29 -0.03 11.74 -7.36
C TRP A 29 -0.34 12.21 -8.78
N LYS A 30 -0.25 11.28 -9.73
CA LYS A 30 -0.50 11.60 -11.13
C LYS A 30 -1.98 11.77 -11.40
N HIS A 31 -2.73 10.68 -11.29
CA HIS A 31 -4.14 10.68 -11.68
C HIS A 31 -5.03 10.39 -10.48
N ALA A 32 -4.46 10.45 -9.29
CA ALA A 32 -5.23 10.22 -8.08
C ALA A 32 -4.85 11.23 -7.00
N PRO A 33 -5.08 12.54 -7.26
CA PRO A 33 -4.69 13.61 -6.33
C PRO A 33 -5.47 13.55 -5.03
N LYS A 34 -6.79 13.47 -5.14
CA LYS A 34 -7.67 13.48 -3.97
C LYS A 34 -7.59 12.14 -3.25
N THR A 35 -7.45 11.08 -4.03
CA THR A 35 -7.32 9.74 -3.49
C THR A 35 -6.05 9.65 -2.63
N CYS A 36 -4.99 10.31 -3.10
CA CYS A 36 -3.75 10.39 -2.34
C CYS A 36 -3.95 11.14 -1.03
N LYS A 37 -4.75 12.20 -1.06
CA LYS A 37 -5.01 13.00 0.13
C LYS A 37 -5.71 12.16 1.18
N ASN A 38 -6.65 11.33 0.71
CA ASN A 38 -7.40 10.42 1.59
C ASN A 38 -6.44 9.58 2.44
N PHE A 39 -5.57 8.85 1.76
CA PHE A 39 -4.61 7.98 2.43
C PHE A 39 -3.71 8.79 3.37
N ALA A 40 -3.16 9.87 2.83
CA ALA A 40 -2.26 10.74 3.58
C ALA A 40 -2.92 11.29 4.85
N GLU A 41 -4.13 11.81 4.72
CA GLU A 41 -4.84 12.39 5.86
C GLU A 41 -5.14 11.34 6.92
N LEU A 42 -5.54 10.15 6.51
CA LEU A 42 -5.84 9.10 7.49
C LEU A 42 -4.55 8.61 8.14
N ALA A 43 -3.45 8.73 7.44
CA ALA A 43 -2.15 8.35 7.99
C ALA A 43 -1.76 9.28 9.13
N ARG A 44 -1.85 10.58 8.89
CA ARG A 44 -1.47 11.58 9.88
C ARG A 44 -2.52 11.70 10.99
N ARG A 45 -3.78 11.42 10.65
CA ARG A 45 -4.86 11.48 11.64
C ARG A 45 -4.65 10.39 12.69
N GLY A 46 -4.17 9.25 12.25
CA GLY A 46 -3.89 8.16 13.17
C GLY A 46 -4.80 6.98 12.94
N TYR A 47 -5.18 6.79 11.69
CA TYR A 47 -6.09 5.73 11.31
C TYR A 47 -5.33 4.44 11.07
N TYR A 48 -4.21 4.54 10.36
CA TYR A 48 -3.42 3.38 10.03
C TYR A 48 -2.58 2.93 11.21
N ASN A 49 -2.55 3.75 12.25
CA ASN A 49 -1.82 3.43 13.47
C ASN A 49 -2.60 2.42 14.31
N GLY A 50 -3.69 1.90 13.74
CA GLY A 50 -4.46 0.87 14.38
C GLY A 50 -5.03 -0.12 13.38
N THR A 51 -4.49 -0.12 12.17
CA THR A 51 -4.97 -1.00 11.11
C THR A 51 -4.10 -2.24 11.00
N LYS A 52 -4.64 -3.29 10.40
CA LYS A 52 -3.91 -4.54 10.29
C LYS A 52 -4.13 -5.20 8.93
N PHE A 53 -3.11 -5.89 8.45
CA PHE A 53 -3.21 -6.72 7.26
C PHE A 53 -3.89 -8.02 7.64
N HIS A 54 -5.16 -8.14 7.36
CA HIS A 54 -5.95 -9.24 7.88
C HIS A 54 -6.33 -10.22 6.78
N ARG A 55 -6.19 -9.82 5.52
CA ARG A 55 -6.41 -10.74 4.41
C ARG A 55 -5.08 -11.05 3.75
N ILE A 56 -4.63 -12.29 3.87
CA ILE A 56 -3.31 -12.67 3.45
C ILE A 56 -3.40 -13.82 2.46
N ILE A 57 -3.44 -13.50 1.19
CA ILE A 57 -3.45 -14.52 0.17
C ILE A 57 -2.07 -14.63 -0.45
N LYS A 58 -1.43 -15.79 -0.27
CA LYS A 58 -0.08 -16.02 -0.78
C LYS A 58 -0.02 -15.80 -2.28
N ASP A 59 0.95 -14.98 -2.70
CA ASP A 59 1.20 -14.71 -4.11
C ASP A 59 -0.01 -14.06 -4.77
N PHE A 60 -0.81 -13.36 -3.97
CA PHE A 60 -2.01 -12.72 -4.47
C PHE A 60 -2.04 -11.26 -4.04
N MET A 61 -2.48 -11.03 -2.82
CA MET A 61 -2.60 -9.69 -2.28
C MET A 61 -2.66 -9.73 -0.76
N ILE A 62 -2.37 -8.60 -0.15
CA ILE A 62 -2.36 -8.47 1.30
C ILE A 62 -3.20 -7.27 1.70
N GLN A 63 -4.39 -7.55 2.18
CA GLN A 63 -5.35 -6.51 2.53
C GLN A 63 -5.11 -5.99 3.95
N GLY A 64 -4.93 -4.70 4.06
CA GLY A 64 -4.68 -4.10 5.35
C GLY A 64 -5.58 -2.91 5.60
N GLY A 65 -6.07 -2.81 6.83
CA GLY A 65 -6.87 -1.67 7.22
C GLY A 65 -8.00 -2.04 8.15
N ASP A 66 -9.04 -1.22 8.12
CA ASP A 66 -10.24 -1.38 8.94
C ASP A 66 -9.93 -1.44 10.44
N PRO A 67 -10.17 -0.34 11.15
CA PRO A 67 -10.00 -0.27 12.60
C PRO A 67 -11.19 -0.88 13.34
N THR A 68 -12.29 -1.04 12.61
CA THR A 68 -13.51 -1.55 13.20
C THR A 68 -13.55 -3.07 13.07
N GLY A 69 -13.08 -3.57 11.94
CA GLY A 69 -13.15 -4.99 11.67
C GLY A 69 -14.54 -5.40 11.23
N THR A 70 -15.27 -4.46 10.66
CA THR A 70 -16.63 -4.70 10.22
C THR A 70 -16.67 -5.00 8.72
N GLY A 71 -15.80 -4.35 7.98
CA GLY A 71 -15.80 -4.49 6.54
C GLY A 71 -15.91 -3.15 5.83
N ARG A 72 -16.41 -2.13 6.54
CA ARG A 72 -16.53 -0.80 5.95
C ARG A 72 -15.30 0.05 6.28
N GLY A 73 -14.67 -0.25 7.41
CA GLY A 73 -13.55 0.54 7.85
C GLY A 73 -14.01 1.79 8.60
N GLY A 74 -13.05 2.59 9.05
CA GLY A 74 -13.38 3.82 9.73
C GLY A 74 -13.74 4.93 8.75
N ALA A 75 -12.72 5.66 8.29
CA ALA A 75 -12.91 6.78 7.35
C ALA A 75 -13.94 7.77 7.86
N SER A 76 -14.07 7.82 9.17
CA SER A 76 -15.13 8.56 9.82
C SER A 76 -14.74 10.01 10.03
N ILE A 77 -13.71 10.47 9.32
CA ILE A 77 -13.33 11.87 9.40
C ILE A 77 -14.21 12.71 8.47
N TYR A 78 -14.69 12.10 7.39
CA TYR A 78 -15.60 12.76 6.48
C TYR A 78 -16.94 12.04 6.44
N GLY A 79 -17.12 11.16 7.40
CA GLY A 79 -18.41 10.52 7.62
C GLY A 79 -18.57 9.23 6.83
N LYS A 80 -18.84 9.38 5.55
CA LYS A 80 -19.10 8.24 4.67
C LYS A 80 -17.98 8.07 3.67
N GLN A 81 -18.25 7.30 2.61
CA GLN A 81 -17.30 7.18 1.52
C GLN A 81 -17.54 8.30 0.51
N PHE A 82 -16.62 8.48 -0.42
CA PHE A 82 -16.72 9.59 -1.36
C PHE A 82 -17.31 9.15 -2.69
N GLU A 83 -16.48 8.55 -3.53
CA GLU A 83 -16.87 8.17 -4.88
C GLU A 83 -15.89 7.14 -5.42
N ASP A 84 -16.26 6.44 -6.47
CA ASP A 84 -15.37 5.48 -7.10
C ASP A 84 -14.37 6.20 -7.98
N GLU A 85 -13.16 5.69 -8.02
CA GLU A 85 -12.11 6.23 -8.87
C GLU A 85 -11.53 5.11 -9.72
N LEU A 86 -12.33 4.06 -9.91
CA LEU A 86 -11.89 2.86 -10.62
C LEU A 86 -11.33 3.20 -12.00
N HIS A 87 -10.01 3.24 -12.07
CA HIS A 87 -9.30 3.46 -13.32
C HIS A 87 -7.82 3.24 -13.11
N PRO A 88 -7.35 2.01 -13.33
CA PRO A 88 -5.93 1.70 -13.30
C PRO A 88 -5.14 2.55 -14.30
N ASP A 89 -4.64 3.68 -13.81
CA ASP A 89 -3.91 4.62 -14.65
C ASP A 89 -2.43 4.20 -14.70
N LEU A 90 -2.22 2.93 -14.45
CA LEU A 90 -0.91 2.34 -14.42
C LEU A 90 -1.01 0.91 -14.96
N LYS A 91 0.09 0.17 -14.94
CA LYS A 91 0.06 -1.21 -15.35
C LYS A 91 0.36 -2.12 -14.17
N PHE A 92 -0.25 -3.29 -14.20
CA PHE A 92 0.08 -4.36 -13.27
C PHE A 92 1.36 -5.03 -13.74
N THR A 93 2.46 -4.38 -13.43
CA THR A 93 3.76 -4.77 -13.92
C THR A 93 4.30 -6.00 -13.19
N GLY A 94 4.11 -6.03 -11.88
CA GLY A 94 4.56 -7.15 -11.09
C GLY A 94 4.02 -7.12 -9.68
N ALA A 95 4.88 -7.44 -8.72
CA ALA A 95 4.50 -7.43 -7.32
C ALA A 95 4.88 -6.12 -6.65
N GLY A 96 4.09 -5.69 -5.68
CA GLY A 96 4.35 -4.46 -4.98
C GLY A 96 3.40 -3.37 -5.41
N ILE A 97 2.26 -3.78 -5.93
CA ILE A 97 1.27 -2.84 -6.41
C ILE A 97 0.32 -2.48 -5.28
N LEU A 98 0.41 -1.24 -4.83
CA LEU A 98 -0.43 -0.76 -3.74
C LEU A 98 -1.76 -0.26 -4.31
N ALA A 99 -2.85 -0.89 -3.91
CA ALA A 99 -4.17 -0.53 -4.43
C ALA A 99 -5.16 -0.25 -3.29
N MET A 100 -6.31 0.28 -3.68
CA MET A 100 -7.35 0.64 -2.73
C MET A 100 -8.30 -0.54 -2.54
N ALA A 101 -8.66 -0.81 -1.30
CA ALA A 101 -9.61 -1.85 -0.99
C ALA A 101 -10.99 -1.25 -0.80
N ASN A 102 -12.00 -2.01 -1.13
CA ASN A 102 -13.38 -1.51 -1.11
C ASN A 102 -14.37 -2.67 -1.12
N ALA A 103 -15.59 -2.37 -0.68
CA ALA A 103 -16.64 -3.38 -0.67
C ALA A 103 -17.47 -3.28 -1.95
N GLY A 104 -17.61 -2.07 -2.42
CA GLY A 104 -18.28 -1.79 -3.66
C GLY A 104 -17.48 -0.76 -4.43
N PRO A 105 -17.91 -0.40 -5.64
CA PRO A 105 -17.16 0.54 -6.50
C PRO A 105 -16.75 1.81 -5.76
N ASP A 106 -17.71 2.45 -5.10
CA ASP A 106 -17.46 3.73 -4.44
C ASP A 106 -17.26 3.53 -2.95
N THR A 107 -17.44 2.32 -2.48
CA THR A 107 -17.36 2.05 -1.06
C THR A 107 -15.93 1.73 -0.67
N ASN A 108 -15.03 2.61 -1.11
CA ASN A 108 -13.61 2.49 -0.80
C ASN A 108 -13.33 2.87 0.65
N GLY A 109 -13.52 4.14 0.98
CA GLY A 109 -13.33 4.59 2.34
C GLY A 109 -11.88 4.85 2.68
N SER A 110 -11.25 3.90 3.36
CA SER A 110 -9.86 4.05 3.78
C SER A 110 -9.19 2.68 3.91
N GLN A 111 -9.55 1.75 3.04
CA GLN A 111 -8.95 0.42 3.02
C GLN A 111 -7.93 0.32 1.90
N PHE A 112 -6.87 -0.45 2.11
CA PHE A 112 -5.85 -0.62 1.07
C PHE A 112 -5.32 -2.04 1.05
N PHE A 113 -4.59 -2.40 0.00
CA PHE A 113 -3.94 -3.70 -0.07
C PHE A 113 -2.78 -3.68 -1.06
N VAL A 114 -1.82 -4.56 -0.83
CA VAL A 114 -0.67 -4.70 -1.73
C VAL A 114 -0.79 -6.02 -2.50
N THR A 115 -0.37 -6.03 -3.74
CA THR A 115 -0.44 -7.24 -4.54
C THR A 115 0.91 -7.93 -4.58
N LEU A 116 0.89 -9.22 -4.29
CA LEU A 116 2.10 -10.04 -4.32
C LEU A 116 2.38 -10.55 -5.73
N ALA A 117 1.43 -10.34 -6.61
CA ALA A 117 1.58 -10.72 -8.02
C ALA A 117 0.85 -9.72 -8.91
N PRO A 118 1.15 -9.71 -10.23
CA PRO A 118 0.46 -8.83 -11.19
C PRO A 118 -1.04 -9.13 -11.23
N THR A 119 -1.83 -8.17 -10.81
CA THR A 119 -3.26 -8.37 -10.69
C THR A 119 -3.99 -7.77 -11.89
N GLN A 120 -4.25 -8.59 -12.89
CA GLN A 120 -4.90 -8.11 -14.12
C GLN A 120 -6.39 -8.41 -14.07
N TRP A 121 -6.85 -8.73 -12.87
CA TRP A 121 -8.23 -9.14 -12.68
C TRP A 121 -8.94 -8.17 -11.73
N LEU A 122 -8.18 -7.20 -11.23
CA LEU A 122 -8.73 -6.19 -10.34
C LEU A 122 -8.88 -4.88 -11.08
N ASP A 123 -8.67 -4.98 -12.39
CA ASP A 123 -8.65 -3.83 -13.29
C ASP A 123 -9.98 -3.07 -13.24
N GLY A 124 -11.03 -3.76 -12.83
CA GLY A 124 -12.34 -3.14 -12.72
C GLY A 124 -13.04 -3.50 -11.44
N LYS A 125 -12.25 -3.88 -10.44
CA LYS A 125 -12.82 -4.30 -9.16
C LYS A 125 -12.28 -3.43 -8.04
N HIS A 126 -11.04 -2.98 -8.18
CA HIS A 126 -10.42 -2.14 -7.17
C HIS A 126 -9.58 -1.06 -7.83
N THR A 127 -9.63 0.15 -7.29
CA THR A 127 -8.81 1.23 -7.77
C THR A 127 -7.38 1.05 -7.31
N ILE A 128 -6.43 1.26 -8.20
CA ILE A 128 -5.03 1.05 -7.86
C ILE A 128 -4.26 2.38 -7.92
N PHE A 129 -3.60 2.73 -6.83
CA PHE A 129 -2.80 3.95 -6.79
C PHE A 129 -1.72 3.87 -5.69
N GLY A 130 -0.68 3.10 -5.93
CA GLY A 130 0.36 3.01 -4.95
C GLY A 130 1.66 2.45 -5.49
N ARG A 131 2.74 2.85 -4.86
CA ARG A 131 4.07 2.32 -5.16
C ARG A 131 4.84 2.09 -3.88
N VAL A 132 5.06 0.82 -3.57
CA VAL A 132 5.77 0.44 -2.35
C VAL A 132 7.29 0.55 -2.55
N CYS A 133 7.97 1.05 -1.53
CA CYS A 133 9.41 1.22 -1.56
C CYS A 133 10.01 0.90 -0.20
N GLN A 134 11.27 0.45 -0.21
CA GLN A 134 11.99 0.06 1.00
C GLN A 134 11.10 -0.74 1.97
N GLY A 135 10.61 -1.88 1.51
CA GLY A 135 9.85 -2.75 2.39
C GLY A 135 9.15 -3.86 1.65
N ILE A 136 9.66 -4.22 0.47
CA ILE A 136 9.00 -5.21 -0.36
C ILE A 136 9.30 -6.61 0.18
N GLY A 137 10.49 -6.78 0.75
CA GLY A 137 10.87 -8.05 1.34
C GLY A 137 9.98 -8.42 2.49
N MET A 138 9.59 -7.43 3.29
CA MET A 138 8.72 -7.67 4.43
C MET A 138 7.36 -8.11 3.94
N VAL A 139 6.78 -7.33 3.03
CA VAL A 139 5.51 -7.69 2.39
C VAL A 139 5.58 -9.08 1.77
N ASN A 140 6.77 -9.44 1.29
CA ASN A 140 6.99 -10.71 0.64
C ASN A 140 6.94 -11.84 1.66
N ARG A 141 7.78 -11.76 2.68
CA ARG A 141 7.88 -12.81 3.68
C ARG A 141 6.66 -12.83 4.59
N VAL A 142 5.87 -11.77 4.54
CA VAL A 142 4.62 -11.70 5.29
C VAL A 142 3.48 -12.28 4.47
N GLY A 143 3.51 -12.02 3.18
CA GLY A 143 2.44 -12.47 2.31
C GLY A 143 2.59 -13.91 1.87
N MET A 144 3.80 -14.44 1.96
CA MET A 144 4.07 -15.81 1.55
C MET A 144 3.85 -16.82 2.66
N VAL A 145 3.64 -16.34 3.88
CA VAL A 145 3.40 -17.25 5.00
C VAL A 145 1.91 -17.58 5.11
N GLU A 146 1.60 -18.67 5.79
CA GLU A 146 0.21 -19.07 5.97
C GLU A 146 0.02 -19.64 7.37
N THR A 147 0.87 -20.57 7.77
CA THR A 147 0.78 -21.20 9.07
C THR A 147 2.03 -20.94 9.90
N ASN A 148 1.85 -20.81 11.20
CA ASN A 148 2.94 -20.37 12.09
C ASN A 148 3.72 -21.54 12.68
N SER A 149 3.06 -22.66 12.92
CA SER A 149 3.71 -23.83 13.48
C SER A 149 3.07 -25.10 12.94
N GLN A 150 1.83 -25.33 13.32
CA GLN A 150 1.05 -26.45 12.79
C GLN A 150 0.09 -25.92 11.73
N ASP A 151 -0.99 -26.64 11.48
CA ASP A 151 -1.99 -26.21 10.51
C ASP A 151 -2.88 -25.14 11.13
N ARG A 152 -2.23 -24.06 11.54
CA ARG A 152 -2.90 -22.92 12.14
C ARG A 152 -2.26 -21.65 11.58
N PRO A 153 -3.07 -20.66 11.20
CA PRO A 153 -2.60 -19.47 10.49
C PRO A 153 -1.66 -18.59 11.32
N VAL A 154 -0.73 -17.93 10.64
CA VAL A 154 0.18 -16.99 11.26
C VAL A 154 -0.59 -15.78 11.80
N ASP A 155 -0.08 -15.16 12.86
CA ASP A 155 -0.64 -13.93 13.39
C ASP A 155 -0.72 -12.87 12.30
N ASP A 156 -1.82 -12.15 12.26
CA ASP A 156 -2.00 -11.11 11.26
C ASP A 156 -1.10 -9.93 11.61
N VAL A 157 -0.60 -9.26 10.59
CA VAL A 157 0.38 -8.20 10.77
C VAL A 157 -0.30 -6.84 10.77
N LYS A 158 -0.06 -6.06 11.80
CA LYS A 158 -0.70 -4.76 11.92
C LYS A 158 0.31 -3.65 11.83
N ILE A 159 -0.19 -2.47 11.50
CA ILE A 159 0.61 -1.28 11.40
C ILE A 159 0.69 -0.63 12.77
N ILE A 160 1.81 -0.82 13.44
CA ILE A 160 2.00 -0.32 14.78
C ILE A 160 2.06 1.21 14.76
N LYS A 161 2.99 1.74 13.97
CA LYS A 161 3.12 3.18 13.80
C LYS A 161 3.11 3.53 12.33
N ALA A 162 2.40 4.57 11.97
CA ALA A 162 2.32 5.01 10.59
C ALA A 162 2.52 6.52 10.51
N TYR A 163 3.58 6.92 9.86
CA TYR A 163 3.93 8.33 9.75
C TYR A 163 4.09 8.75 8.30
N PRO A 164 3.23 9.66 7.84
CA PRO A 164 3.37 10.23 6.51
C PRO A 164 4.53 11.20 6.42
N SER A 165 5.41 10.99 5.46
CA SER A 165 6.61 11.81 5.33
C SER A 165 7.18 11.74 3.91
N GLY A 166 7.91 10.67 3.62
CA GLY A 166 8.57 10.54 2.34
C GLY A 166 10.01 10.11 2.50
N GLY A 167 10.60 9.60 1.43
CA GLY A 167 11.98 9.16 1.50
C GLY A 167 12.70 9.32 0.17
N GLY A 168 12.33 8.50 -0.81
CA GLY A 168 12.95 8.57 -2.11
C GLY A 168 14.33 7.95 -2.12
N GLY A 169 15.33 8.72 -1.70
CA GLY A 169 16.69 8.22 -1.68
C GLY A 169 17.69 9.30 -1.35
N SER A 170 18.81 8.91 -0.78
CA SER A 170 19.86 9.85 -0.43
C SER A 170 21.05 9.68 -1.39
N GLY A 171 21.29 8.45 -1.79
CA GLY A 171 22.37 8.17 -2.72
C GLY A 171 23.57 7.56 -2.03
N GLY A 172 24.73 8.19 -2.23
CA GLY A 172 25.96 7.67 -1.66
C GLY A 172 26.34 6.35 -2.27
N GLY A 173 26.68 5.38 -1.43
CA GLY A 173 26.97 4.05 -1.91
C GLY A 173 28.45 3.84 -2.16
N SER A 174 28.99 4.59 -3.12
CA SER A 174 30.40 4.48 -3.55
C SER A 174 30.79 3.03 -3.85
N GLY A 175 30.63 2.64 -5.11
CA GLY A 175 30.99 1.29 -5.51
C GLY A 175 31.45 1.24 -6.95
N GLY A 176 32.55 0.54 -7.19
CA GLY A 176 33.07 0.41 -8.54
C GLY A 176 32.37 -0.69 -9.30
N GLY A 177 31.81 -0.34 -10.45
CA GLY A 177 31.07 -1.31 -11.24
C GLY A 177 29.57 -1.13 -11.11
N SER A 178 28.91 -2.10 -10.50
CA SER A 178 27.47 -2.06 -10.34
C SER A 178 27.11 -1.28 -9.09
N GLY A 179 26.15 -0.37 -9.22
CA GLY A 179 25.70 0.40 -8.09
C GLY A 179 24.88 -0.42 -7.12
N GLY A 180 25.01 -0.13 -5.84
CA GLY A 180 24.27 -0.85 -4.83
C GLY A 180 22.94 -0.20 -4.52
N GLY A 181 21.98 -0.99 -4.06
CA GLY A 181 20.67 -0.46 -3.72
C GLY A 181 20.57 -0.10 -2.26
N SER A 182 21.07 -1.00 -1.41
CA SER A 182 21.12 -0.78 0.04
C SER A 182 19.72 -0.68 0.65
N GLY A 183 18.70 -1.03 -0.13
CA GLY A 183 17.34 -0.95 0.33
C GLY A 183 16.39 -1.72 -0.55
N ASP A 184 15.15 -1.84 -0.12
CA ASP A 184 14.16 -2.60 -0.87
C ASP A 184 13.27 -1.69 -1.70
N GLY A 185 12.27 -2.29 -2.30
CA GLY A 185 11.32 -1.55 -3.11
C GLY A 185 10.54 -2.46 -4.03
N GLY A 186 9.28 -2.15 -4.27
CA GLY A 186 8.47 -2.98 -5.13
C GLY A 186 8.79 -2.74 -6.60
N ALA A 187 7.87 -3.15 -7.45
CA ALA A 187 8.05 -2.99 -8.89
C ALA A 187 7.62 -1.58 -9.32
N PHE A 188 7.68 -1.31 -10.61
CA PHE A 188 7.36 0.02 -11.11
C PHE A 188 6.11 -0.04 -11.98
N PRO A 189 4.93 0.17 -11.37
CA PRO A 189 3.65 0.04 -12.06
C PRO A 189 3.34 1.26 -12.92
N GLU A 190 4.11 2.32 -12.73
CA GLU A 190 3.89 3.56 -13.46
C GLU A 190 4.29 3.40 -14.91
N ILE A 191 5.35 2.64 -15.13
CA ILE A 191 5.79 2.32 -16.48
C ILE A 191 5.07 1.07 -16.96
N HIS A 192 4.96 0.91 -18.26
CA HIS A 192 4.25 -0.24 -18.80
C HIS A 192 5.24 -1.27 -19.34
N VAL A 193 5.68 -2.17 -18.47
CA VAL A 193 6.60 -3.23 -18.83
C VAL A 193 6.58 -4.30 -17.74
N ALA A 194 7.21 -5.43 -17.99
CA ALA A 194 7.29 -6.48 -16.98
C ALA A 194 8.60 -6.37 -16.20
N GLN A 195 8.49 -6.11 -14.90
CA GLN A 195 9.63 -6.12 -14.01
C GLN A 195 9.18 -6.65 -12.66
N TYR A 196 10.10 -7.24 -11.92
CA TYR A 196 9.77 -7.81 -10.63
C TYR A 196 10.71 -7.32 -9.55
N PRO A 197 10.16 -7.02 -8.37
CA PRO A 197 10.94 -6.51 -7.23
C PRO A 197 11.98 -7.53 -6.75
N LEU A 198 11.52 -8.74 -6.44
CA LEU A 198 12.43 -9.81 -6.03
C LEU A 198 11.93 -11.18 -6.49
N ASP A 199 11.32 -11.21 -7.68
CA ASP A 199 10.88 -12.47 -8.34
C ASP A 199 9.61 -13.02 -7.70
N MET A 200 9.27 -12.49 -6.52
CA MET A 200 8.17 -13.00 -5.68
C MET A 200 6.87 -13.27 -6.45
N GLY A 201 6.64 -12.52 -7.52
CA GLY A 201 5.38 -12.66 -8.23
C GLY A 201 5.53 -13.27 -9.60
N ARG A 202 6.72 -13.81 -9.91
CA ARG A 202 6.93 -14.42 -11.21
C ARG A 202 6.20 -15.75 -11.34
N LYS A 203 6.18 -16.51 -10.26
CA LYS A 203 5.51 -17.81 -10.28
C LYS A 203 4.18 -17.74 -9.53
N MET A 1 -15.63 21.77 -5.29
CA MET A 1 -15.82 21.99 -3.85
C MET A 1 -15.39 20.74 -3.07
N ALA A 2 -14.23 20.82 -2.46
CA ALA A 2 -13.68 19.71 -1.70
C ALA A 2 -13.93 19.90 -0.20
N ALA A 3 -13.86 18.83 0.55
CA ALA A 3 -14.09 18.87 1.99
C ALA A 3 -12.80 18.59 2.74
N ILE A 4 -12.50 19.43 3.72
CA ILE A 4 -11.32 19.29 4.57
C ILE A 4 -10.03 19.56 3.79
N PRO A 5 -9.49 20.78 3.94
CA PRO A 5 -8.27 21.20 3.27
C PRO A 5 -7.00 20.89 4.06
N PRO A 6 -6.00 20.29 3.40
CA PRO A 6 -4.71 19.99 4.03
C PRO A 6 -3.81 21.24 4.12
N ASP A 7 -3.79 22.02 3.04
CA ASP A 7 -3.03 23.28 2.97
C ASP A 7 -1.55 23.08 3.24
N SER A 8 -1.14 23.29 4.49
CA SER A 8 0.26 23.27 4.86
C SER A 8 0.81 21.84 4.95
N TRP A 9 -0.07 20.89 5.23
CA TRP A 9 0.36 19.53 5.41
C TRP A 9 -0.02 18.68 4.20
N GLN A 10 0.99 18.21 3.49
CA GLN A 10 0.78 17.39 2.30
C GLN A 10 1.90 16.36 2.14
N PRO A 11 1.67 15.16 2.67
CA PRO A 11 2.64 14.07 2.65
C PRO A 11 2.59 13.24 1.37
N PRO A 12 3.66 13.30 0.57
CA PRO A 12 3.76 12.52 -0.66
C PRO A 12 4.07 11.04 -0.39
N ASN A 13 5.01 10.81 0.52
CA ASN A 13 5.44 9.45 0.86
C ASN A 13 5.32 9.23 2.37
N VAL A 14 4.96 8.01 2.75
CA VAL A 14 4.76 7.65 4.15
C VAL A 14 5.47 6.34 4.47
N TYR A 15 5.67 6.07 5.75
CA TYR A 15 6.27 4.80 6.15
C TYR A 15 5.34 4.06 7.11
N LEU A 16 5.17 2.77 6.87
CA LEU A 16 4.37 1.92 7.74
C LEU A 16 5.28 0.93 8.45
N GLU A 17 5.49 1.13 9.74
CA GLU A 17 6.32 0.23 10.51
C GLU A 17 5.45 -0.86 11.14
N THR A 18 5.72 -2.10 10.80
CA THR A 18 4.89 -3.20 11.26
C THR A 18 5.64 -4.05 12.28
N SER A 19 4.95 -5.07 12.79
CA SER A 19 5.56 -6.02 13.71
C SER A 19 6.63 -6.86 13.00
N MET A 20 6.60 -6.82 11.68
CA MET A 20 7.53 -7.60 10.88
C MET A 20 8.74 -6.77 10.47
N GLY A 21 8.50 -5.49 10.23
CA GLY A 21 9.57 -4.60 9.85
C GLY A 21 9.04 -3.24 9.49
N ILE A 22 9.46 -2.72 8.36
CA ILE A 22 8.96 -1.44 7.89
C ILE A 22 8.68 -1.49 6.40
N ILE A 23 7.57 -0.92 6.01
CA ILE A 23 7.19 -0.82 4.62
C ILE A 23 6.89 0.63 4.27
N VAL A 24 7.71 1.19 3.41
CA VAL A 24 7.53 2.56 2.97
C VAL A 24 6.79 2.57 1.64
N LEU A 25 5.88 3.51 1.45
CA LEU A 25 5.15 3.58 0.20
C LEU A 25 4.77 5.02 -0.13
N GLU A 26 4.41 5.24 -1.38
CA GLU A 26 4.01 6.56 -1.82
C GLU A 26 2.75 6.45 -2.65
N LEU A 27 2.09 7.58 -2.83
CA LEU A 27 0.84 7.61 -3.57
C LEU A 27 1.09 8.18 -4.95
N TYR A 28 0.13 8.02 -5.84
CA TYR A 28 0.26 8.60 -7.16
C TYR A 28 -0.21 10.04 -7.19
N TRP A 29 0.73 10.94 -7.00
CA TRP A 29 0.42 12.38 -7.06
C TRP A 29 0.35 12.81 -8.51
N LYS A 30 0.74 11.89 -9.38
CA LYS A 30 0.86 12.16 -10.81
C LYS A 30 -0.50 12.34 -11.47
N HIS A 31 -1.45 11.46 -11.14
CA HIS A 31 -2.77 11.54 -11.73
C HIS A 31 -3.86 11.29 -10.69
N ALA A 32 -3.49 11.23 -9.41
CA ALA A 32 -4.50 11.01 -8.37
C ALA A 32 -4.13 11.72 -7.06
N PRO A 33 -4.14 13.07 -7.03
CA PRO A 33 -3.96 13.82 -5.79
C PRO A 33 -5.12 13.58 -4.83
N LYS A 34 -6.28 13.28 -5.40
CA LYS A 34 -7.48 12.97 -4.63
C LYS A 34 -7.28 11.72 -3.78
N THR A 35 -6.99 10.62 -4.44
CA THR A 35 -6.72 9.36 -3.75
C THR A 35 -5.49 9.49 -2.86
N CYS A 36 -4.51 10.26 -3.35
CA CYS A 36 -3.29 10.53 -2.62
C CYS A 36 -3.59 11.10 -1.23
N LYS A 37 -4.39 12.16 -1.19
CA LYS A 37 -4.63 12.86 0.05
C LYS A 37 -5.46 12.03 1.01
N ASN A 38 -6.29 11.14 0.49
CA ASN A 38 -7.09 10.28 1.34
C ASN A 38 -6.17 9.43 2.22
N PHE A 39 -5.17 8.80 1.61
CA PHE A 39 -4.19 8.05 2.37
C PHE A 39 -3.32 8.99 3.18
N ALA A 40 -2.77 9.99 2.50
CA ALA A 40 -1.83 10.93 3.11
C ALA A 40 -2.39 11.62 4.35
N GLU A 41 -3.63 12.08 4.28
CA GLU A 41 -4.22 12.82 5.38
C GLU A 41 -4.66 11.90 6.52
N LEU A 42 -4.98 10.64 6.21
CA LEU A 42 -5.25 9.68 7.27
C LEU A 42 -3.95 9.17 7.87
N ALA A 43 -2.86 9.31 7.13
CA ALA A 43 -1.54 8.93 7.62
C ALA A 43 -1.00 9.98 8.58
N ARG A 44 -1.15 11.26 8.23
CA ARG A 44 -0.68 12.35 9.10
C ARG A 44 -1.43 12.36 10.43
N ARG A 45 -2.71 12.03 10.41
CA ARG A 45 -3.45 11.88 11.66
C ARG A 45 -3.01 10.60 12.34
N GLY A 46 -2.96 9.52 11.58
CA GLY A 46 -2.38 8.29 12.09
C GLY A 46 -3.40 7.19 12.29
N TYR A 47 -4.31 7.02 11.33
CA TYR A 47 -5.32 5.97 11.44
C TYR A 47 -4.73 4.62 11.08
N TYR A 48 -3.56 4.66 10.46
CA TYR A 48 -2.88 3.43 10.05
C TYR A 48 -2.04 2.88 11.20
N ASN A 49 -2.07 3.56 12.33
CA ASN A 49 -1.39 3.07 13.53
C ASN A 49 -2.25 2.03 14.23
N GLY A 50 -3.39 1.72 13.63
CA GLY A 50 -4.27 0.70 14.18
C GLY A 50 -4.78 -0.25 13.10
N THR A 51 -4.15 -0.20 11.94
CA THR A 51 -4.53 -1.07 10.84
C THR A 51 -3.78 -2.39 10.91
N LYS A 52 -4.40 -3.46 10.44
CA LYS A 52 -3.80 -4.79 10.53
C LYS A 52 -4.02 -5.57 9.24
N PHE A 53 -2.96 -6.11 8.68
CA PHE A 53 -3.08 -6.96 7.50
C PHE A 53 -3.81 -8.23 7.88
N HIS A 54 -5.02 -8.40 7.39
CA HIS A 54 -5.85 -9.53 7.79
C HIS A 54 -6.05 -10.50 6.63
N ARG A 55 -5.82 -10.03 5.41
CA ARG A 55 -5.85 -10.91 4.26
C ARG A 55 -4.46 -11.09 3.71
N ILE A 56 -3.86 -12.25 3.95
CA ILE A 56 -2.51 -12.50 3.53
C ILE A 56 -2.50 -13.75 2.65
N ILE A 57 -2.64 -13.53 1.37
CA ILE A 57 -2.62 -14.62 0.42
C ILE A 57 -1.27 -14.66 -0.27
N LYS A 58 -0.55 -15.76 -0.11
CA LYS A 58 0.75 -15.92 -0.73
C LYS A 58 0.66 -15.64 -2.22
N ASP A 59 1.67 -14.94 -2.73
CA ASP A 59 1.76 -14.56 -4.17
C ASP A 59 0.43 -14.02 -4.71
N PHE A 60 -0.33 -13.34 -3.86
CA PHE A 60 -1.61 -12.76 -4.27
C PHE A 60 -1.69 -11.31 -3.83
N MET A 61 -2.07 -11.12 -2.57
CA MET A 61 -2.31 -9.79 -2.03
C MET A 61 -2.25 -9.81 -0.52
N ILE A 62 -1.97 -8.65 0.06
CA ILE A 62 -1.93 -8.48 1.50
C ILE A 62 -2.78 -7.27 1.88
N GLN A 63 -3.97 -7.55 2.39
CA GLN A 63 -4.95 -6.51 2.67
C GLN A 63 -4.77 -5.92 4.06
N GLY A 64 -4.61 -4.61 4.12
CA GLY A 64 -4.55 -3.93 5.40
C GLY A 64 -5.93 -3.54 5.87
N GLY A 65 -6.35 -4.17 6.96
CA GLY A 65 -7.68 -3.98 7.48
C GLY A 65 -7.83 -2.68 8.24
N ASP A 66 -9.06 -2.22 8.35
CA ASP A 66 -9.37 -0.93 8.97
C ASP A 66 -9.11 -0.96 10.47
N PRO A 67 -8.87 0.23 11.07
CA PRO A 67 -8.52 0.36 12.49
C PRO A 67 -9.55 -0.21 13.44
N THR A 68 -10.79 -0.35 12.97
CA THR A 68 -11.85 -0.89 13.82
C THR A 68 -11.85 -2.40 13.73
N GLY A 69 -11.44 -2.91 12.57
CA GLY A 69 -11.45 -4.34 12.34
C GLY A 69 -12.81 -4.82 11.92
N THR A 70 -13.66 -3.89 11.51
CA THR A 70 -14.99 -4.22 11.02
C THR A 70 -14.92 -4.49 9.52
N GLY A 71 -14.01 -3.78 8.88
CA GLY A 71 -13.85 -3.90 7.45
C GLY A 71 -14.40 -2.69 6.73
N ARG A 72 -15.19 -1.88 7.44
CA ARG A 72 -15.82 -0.73 6.84
C ARG A 72 -15.39 0.57 7.52
N GLY A 73 -14.58 0.46 8.57
CA GLY A 73 -14.13 1.64 9.28
C GLY A 73 -12.98 2.34 8.59
N GLY A 74 -12.19 3.08 9.35
CA GLY A 74 -11.14 3.88 8.78
C GLY A 74 -11.66 5.22 8.30
N ALA A 75 -10.74 6.13 7.98
CA ALA A 75 -11.08 7.47 7.54
C ALA A 75 -11.97 8.17 8.56
N SER A 76 -13.28 8.12 8.30
CA SER A 76 -14.31 8.63 9.23
C SER A 76 -14.31 10.16 9.34
N ILE A 77 -13.13 10.77 9.20
CA ILE A 77 -12.95 12.21 9.36
C ILE A 77 -13.86 13.02 8.43
N TYR A 78 -13.98 12.59 7.18
CA TYR A 78 -14.80 13.32 6.22
C TYR A 78 -16.19 12.71 6.13
N GLY A 79 -16.48 11.82 7.06
CA GLY A 79 -17.79 11.22 7.14
C GLY A 79 -17.77 9.75 6.80
N LYS A 80 -18.25 9.43 5.61
CA LYS A 80 -18.31 8.06 5.13
C LYS A 80 -17.60 7.96 3.79
N GLN A 81 -17.87 6.90 3.05
CA GLN A 81 -17.35 6.76 1.70
C GLN A 81 -17.97 7.83 0.82
N PHE A 82 -17.31 8.18 -0.27
CA PHE A 82 -17.70 9.33 -1.05
C PHE A 82 -18.13 8.94 -2.46
N GLU A 83 -17.24 8.23 -3.15
CA GLU A 83 -17.50 7.82 -4.53
C GLU A 83 -16.48 6.76 -4.92
N ASP A 84 -16.53 6.34 -6.18
CA ASP A 84 -15.55 5.37 -6.68
C ASP A 84 -14.28 6.09 -7.11
N GLU A 85 -13.15 5.56 -6.66
CA GLU A 85 -11.85 6.10 -7.06
C GLU A 85 -11.29 5.28 -8.22
N LEU A 86 -12.12 4.39 -8.76
CA LEU A 86 -11.68 3.40 -9.74
C LEU A 86 -11.14 4.07 -11.00
N HIS A 87 -9.82 4.04 -11.14
CA HIS A 87 -9.15 4.58 -12.32
C HIS A 87 -7.74 4.04 -12.38
N PRO A 88 -7.56 2.81 -12.87
CA PRO A 88 -6.23 2.25 -13.08
C PRO A 88 -5.45 3.01 -14.15
N ASP A 89 -4.75 4.05 -13.72
CA ASP A 89 -3.94 4.86 -14.64
C ASP A 89 -2.59 4.20 -14.85
N LEU A 90 -2.27 3.31 -13.93
CA LEU A 90 -1.08 2.49 -14.02
C LEU A 90 -1.47 1.11 -14.51
N LYS A 91 -0.51 0.22 -14.62
CA LYS A 91 -0.83 -1.16 -14.91
C LYS A 91 0.03 -2.09 -14.08
N PHE A 92 -0.53 -3.23 -13.72
CA PHE A 92 0.16 -4.24 -12.95
C PHE A 92 1.37 -4.77 -13.72
N THR A 93 2.54 -4.42 -13.24
CA THR A 93 3.78 -4.83 -13.87
C THR A 93 4.38 -6.02 -13.15
N GLY A 94 4.40 -5.94 -11.82
CA GLY A 94 4.88 -7.05 -11.02
C GLY A 94 4.28 -7.06 -9.64
N ALA A 95 5.11 -7.37 -8.65
CA ALA A 95 4.68 -7.39 -7.25
C ALA A 95 5.05 -6.10 -6.56
N GLY A 96 4.20 -5.66 -5.64
CA GLY A 96 4.45 -4.43 -4.92
C GLY A 96 3.52 -3.33 -5.37
N ILE A 97 2.39 -3.73 -5.93
CA ILE A 97 1.42 -2.78 -6.42
C ILE A 97 0.51 -2.35 -5.27
N LEU A 98 0.67 -1.11 -4.84
CA LEU A 98 -0.09 -0.59 -3.73
C LEU A 98 -1.45 -0.08 -4.22
N ALA A 99 -2.51 -0.74 -3.78
CA ALA A 99 -3.85 -0.36 -4.18
C ALA A 99 -4.75 -0.18 -2.97
N MET A 100 -5.99 0.22 -3.22
CA MET A 100 -6.92 0.53 -2.15
C MET A 100 -7.94 -0.58 -1.95
N ALA A 101 -8.29 -0.86 -0.70
CA ALA A 101 -9.26 -1.89 -0.40
C ALA A 101 -10.63 -1.27 -0.17
N ASN A 102 -11.66 -1.96 -0.64
CA ASN A 102 -13.01 -1.44 -0.62
C ASN A 102 -14.01 -2.59 -0.68
N ALA A 103 -15.25 -2.30 -0.28
CA ALA A 103 -16.28 -3.34 -0.24
C ALA A 103 -17.16 -3.24 -1.47
N GLY A 104 -16.96 -2.18 -2.22
CA GLY A 104 -17.68 -1.95 -3.44
C GLY A 104 -16.99 -0.86 -4.22
N PRO A 105 -17.36 -0.64 -5.49
CA PRO A 105 -16.71 0.35 -6.35
C PRO A 105 -16.60 1.73 -5.68
N ASP A 106 -17.65 2.14 -5.00
CA ASP A 106 -17.69 3.46 -4.37
C ASP A 106 -17.48 3.36 -2.86
N THR A 107 -17.41 2.14 -2.35
CA THR A 107 -17.28 1.94 -0.92
C THR A 107 -15.81 2.01 -0.51
N ASN A 108 -15.15 3.06 -0.98
CA ASN A 108 -13.74 3.28 -0.67
C ASN A 108 -13.62 4.11 0.60
N GLY A 109 -12.94 3.57 1.60
CA GLY A 109 -12.78 4.28 2.86
C GLY A 109 -11.34 4.71 3.09
N SER A 110 -10.61 3.89 3.83
CA SER A 110 -9.21 4.18 4.15
C SER A 110 -8.39 2.90 4.09
N GLN A 111 -9.01 1.82 3.64
CA GLN A 111 -8.37 0.52 3.58
C GLN A 111 -7.48 0.41 2.35
N PHE A 112 -6.37 -0.28 2.48
CA PHE A 112 -5.41 -0.41 1.38
C PHE A 112 -4.77 -1.79 1.40
N PHE A 113 -4.17 -2.19 0.28
CA PHE A 113 -3.52 -3.50 0.19
C PHE A 113 -2.41 -3.50 -0.85
N VAL A 114 -1.48 -4.42 -0.70
CA VAL A 114 -0.40 -4.58 -1.67
C VAL A 114 -0.57 -5.91 -2.40
N THR A 115 -0.20 -5.95 -3.65
CA THR A 115 -0.30 -7.17 -4.43
C THR A 115 1.07 -7.84 -4.51
N LEU A 116 1.09 -9.13 -4.20
CA LEU A 116 2.31 -9.92 -4.29
C LEU A 116 2.54 -10.43 -5.70
N ALA A 117 1.55 -10.20 -6.56
CA ALA A 117 1.64 -10.57 -7.96
C ALA A 117 0.71 -9.67 -8.79
N PRO A 118 0.91 -9.62 -10.12
CA PRO A 118 0.06 -8.82 -11.01
C PRO A 118 -1.37 -9.36 -11.09
N THR A 119 -2.31 -8.59 -10.57
CA THR A 119 -3.70 -9.00 -10.56
C THR A 119 -4.48 -8.28 -11.65
N GLN A 120 -4.91 -9.02 -12.67
CA GLN A 120 -5.50 -8.40 -13.86
C GLN A 120 -7.01 -8.47 -13.81
N TRP A 121 -7.53 -8.74 -12.62
CA TRP A 121 -8.95 -8.93 -12.44
C TRP A 121 -9.52 -7.93 -11.44
N LEU A 122 -8.64 -7.11 -10.87
CA LEU A 122 -9.05 -6.13 -9.88
C LEU A 122 -9.10 -4.74 -10.51
N ASP A 123 -8.94 -4.72 -11.83
CA ASP A 123 -8.83 -3.47 -12.58
C ASP A 123 -10.14 -2.67 -12.54
N GLY A 124 -11.22 -3.32 -12.13
CA GLY A 124 -12.49 -2.65 -12.02
C GLY A 124 -13.20 -3.00 -10.72
N LYS A 125 -12.42 -3.50 -9.76
CA LYS A 125 -12.97 -3.89 -8.47
C LYS A 125 -12.31 -3.09 -7.36
N HIS A 126 -11.06 -2.70 -7.60
CA HIS A 126 -10.30 -1.91 -6.67
C HIS A 126 -9.52 -0.84 -7.41
N THR A 127 -9.39 0.32 -6.81
CA THR A 127 -8.57 1.36 -7.41
C THR A 127 -7.12 1.15 -7.00
N ILE A 128 -6.21 1.47 -7.90
CA ILE A 128 -4.80 1.24 -7.64
C ILE A 128 -4.00 2.52 -7.85
N PHE A 129 -3.40 3.02 -6.78
CA PHE A 129 -2.57 4.22 -6.85
C PHE A 129 -1.53 4.23 -5.73
N GLY A 130 -0.51 3.40 -5.86
CA GLY A 130 0.53 3.36 -4.86
C GLY A 130 1.80 2.70 -5.36
N ARG A 131 2.91 3.02 -4.72
CA ARG A 131 4.20 2.43 -5.02
C ARG A 131 4.94 2.11 -3.73
N VAL A 132 5.24 0.83 -3.51
CA VAL A 132 6.00 0.44 -2.32
C VAL A 132 7.50 0.64 -2.56
N CYS A 133 8.17 1.15 -1.55
CA CYS A 133 9.58 1.47 -1.67
C CYS A 133 10.30 1.17 -0.36
N GLN A 134 11.53 0.67 -0.45
CA GLN A 134 12.38 0.43 0.72
C GLN A 134 11.68 -0.44 1.78
N GLY A 135 10.89 -1.41 1.32
CA GLY A 135 10.22 -2.31 2.24
C GLY A 135 9.52 -3.45 1.54
N ILE A 136 10.05 -3.85 0.40
CA ILE A 136 9.43 -4.88 -0.40
C ILE A 136 9.82 -6.26 0.11
N GLY A 137 11.01 -6.34 0.68
CA GLY A 137 11.48 -7.59 1.24
C GLY A 137 10.65 -8.00 2.43
N MET A 138 10.13 -7.01 3.15
CA MET A 138 9.28 -7.28 4.29
C MET A 138 7.92 -7.76 3.82
N VAL A 139 7.34 -7.04 2.86
CA VAL A 139 6.09 -7.47 2.22
C VAL A 139 6.23 -8.87 1.65
N ASN A 140 7.44 -9.20 1.22
CA ASN A 140 7.72 -10.50 0.62
C ASN A 140 7.68 -11.59 1.69
N ARG A 141 8.41 -11.38 2.77
CA ARG A 141 8.48 -12.37 3.83
C ARG A 141 7.19 -12.40 4.65
N VAL A 142 6.37 -11.37 4.48
CA VAL A 142 5.06 -11.34 5.12
C VAL A 142 4.02 -12.02 4.25
N GLY A 143 4.14 -11.82 2.94
CA GLY A 143 3.16 -12.36 2.03
C GLY A 143 3.48 -13.78 1.60
N MET A 144 4.71 -14.23 1.88
CA MET A 144 5.11 -15.58 1.52
C MET A 144 4.61 -16.59 2.54
N VAL A 145 4.23 -16.12 3.72
CA VAL A 145 3.79 -17.03 4.77
C VAL A 145 2.36 -17.50 4.51
N GLU A 146 1.98 -18.57 5.19
CA GLU A 146 0.65 -19.13 5.01
C GLU A 146 0.09 -19.64 6.34
N THR A 147 0.76 -20.61 6.94
CA THR A 147 0.27 -21.21 8.16
C THR A 147 1.36 -21.28 9.23
N ASN A 148 0.95 -21.16 10.48
CA ASN A 148 1.88 -21.20 11.60
C ASN A 148 1.92 -22.59 12.24
N SER A 149 2.96 -23.35 11.89
CA SER A 149 3.19 -24.69 12.44
C SER A 149 2.14 -25.69 11.94
N GLN A 150 0.89 -25.51 12.37
CA GLN A 150 -0.20 -26.35 11.88
C GLN A 150 -0.81 -25.70 10.65
N ASP A 151 -1.87 -26.30 10.12
CA ASP A 151 -2.61 -25.71 9.02
C ASP A 151 -3.56 -24.63 9.54
N ARG A 152 -2.98 -23.71 10.29
CA ARG A 152 -3.71 -22.57 10.82
C ARG A 152 -3.03 -21.30 10.33
N PRO A 153 -3.81 -20.35 9.79
CA PRO A 153 -3.27 -19.09 9.26
C PRO A 153 -2.46 -18.33 10.29
N VAL A 154 -1.37 -17.71 9.84
CA VAL A 154 -0.55 -16.88 10.71
C VAL A 154 -1.39 -15.69 11.22
N ASP A 155 -1.07 -15.19 12.41
CA ASP A 155 -1.88 -14.16 13.03
C ASP A 155 -1.64 -12.80 12.38
N ASP A 156 -2.43 -11.83 12.83
CA ASP A 156 -2.48 -10.50 12.22
C ASP A 156 -1.11 -9.83 12.16
N VAL A 157 -0.77 -9.32 11.00
CA VAL A 157 0.40 -8.48 10.82
C VAL A 157 -0.05 -7.03 10.80
N LYS A 158 0.28 -6.28 11.82
CA LYS A 158 -0.32 -4.98 11.99
C LYS A 158 0.72 -3.87 11.92
N ILE A 159 0.25 -2.69 11.57
CA ILE A 159 1.10 -1.52 11.46
C ILE A 159 1.25 -0.88 12.84
N ILE A 160 2.44 -0.99 13.40
CA ILE A 160 2.73 -0.46 14.72
C ILE A 160 2.78 1.07 14.68
N LYS A 161 3.55 1.60 13.74
CA LYS A 161 3.67 3.04 13.55
C LYS A 161 3.51 3.42 12.09
N ALA A 162 2.66 4.38 11.82
CA ALA A 162 2.49 4.86 10.47
C ALA A 162 2.50 6.38 10.44
N TYR A 163 3.54 6.94 9.82
CA TYR A 163 3.72 8.37 9.75
C TYR A 163 4.27 8.77 8.39
N PRO A 164 3.98 10.00 7.94
CA PRO A 164 4.53 10.51 6.68
C PRO A 164 6.03 10.72 6.76
N SER A 165 6.75 10.23 5.75
CA SER A 165 8.20 10.29 5.75
C SER A 165 8.69 11.33 4.73
N GLY A 166 7.76 11.99 4.07
CA GLY A 166 8.11 12.99 3.09
C GLY A 166 8.38 12.37 1.74
N GLY A 167 9.56 11.79 1.59
CA GLY A 167 9.90 11.13 0.35
C GLY A 167 11.11 11.77 -0.33
N GLY A 168 11.19 11.60 -1.64
CA GLY A 168 12.30 12.15 -2.40
C GLY A 168 13.47 11.18 -2.45
N GLY A 169 14.53 11.49 -1.70
CA GLY A 169 15.69 10.63 -1.67
C GLY A 169 16.98 11.43 -1.66
N SER A 170 18.09 10.73 -1.55
CA SER A 170 19.39 11.37 -1.55
C SER A 170 20.46 10.37 -2.02
N GLY A 171 20.92 10.53 -3.24
CA GLY A 171 21.95 9.67 -3.77
C GLY A 171 21.77 9.41 -5.25
N GLY A 172 21.90 8.14 -5.65
CA GLY A 172 21.76 7.80 -7.05
C GLY A 172 23.10 7.71 -7.75
N GLY A 173 23.14 7.02 -8.87
CA GLY A 173 24.37 6.89 -9.62
C GLY A 173 24.47 5.55 -10.33
N SER A 174 25.42 5.45 -11.23
CA SER A 174 25.64 4.21 -11.97
C SER A 174 27.11 3.80 -11.87
N GLY A 175 27.35 2.70 -11.17
CA GLY A 175 28.72 2.27 -10.94
C GLY A 175 29.15 1.17 -11.89
N GLY A 176 30.43 0.87 -11.89
CA GLY A 176 30.97 -0.17 -12.74
C GLY A 176 31.46 -1.36 -11.95
N GLY A 177 30.63 -1.82 -11.02
CA GLY A 177 31.00 -2.95 -10.20
C GLY A 177 29.78 -3.59 -9.57
N SER A 178 29.97 -4.75 -8.96
CA SER A 178 28.89 -5.47 -8.32
C SER A 178 28.50 -4.82 -7.01
N GLY A 179 27.21 -4.74 -6.75
CA GLY A 179 26.73 -4.16 -5.51
C GLY A 179 26.26 -2.73 -5.70
N GLY A 180 27.07 -1.79 -5.23
CA GLY A 180 26.73 -0.39 -5.38
C GLY A 180 25.75 0.06 -4.32
N GLY A 181 24.46 -0.12 -4.59
CA GLY A 181 23.45 0.29 -3.65
C GLY A 181 22.05 0.01 -4.17
N SER A 182 21.70 -1.26 -4.25
CA SER A 182 20.36 -1.65 -4.65
C SER A 182 19.63 -2.20 -3.44
N GLY A 183 18.68 -1.42 -2.94
CA GLY A 183 17.98 -1.79 -1.73
C GLY A 183 16.63 -2.41 -2.01
N ASP A 184 15.60 -1.90 -1.37
CA ASP A 184 14.26 -2.42 -1.54
C ASP A 184 13.46 -1.54 -2.49
N GLY A 185 12.25 -1.97 -2.74
CA GLY A 185 11.37 -1.27 -3.65
C GLY A 185 10.55 -2.23 -4.46
N GLY A 186 9.27 -1.95 -4.59
CA GLY A 186 8.41 -2.83 -5.34
C GLY A 186 8.50 -2.56 -6.82
N ALA A 187 7.69 -3.27 -7.57
CA ALA A 187 7.65 -3.11 -9.00
C ALA A 187 6.97 -1.80 -9.35
N PHE A 188 7.43 -1.17 -10.41
CA PHE A 188 6.95 0.15 -10.76
C PHE A 188 5.88 0.04 -11.84
N PRO A 189 4.61 0.23 -11.44
CA PRO A 189 3.48 0.11 -12.34
C PRO A 189 3.25 1.40 -13.11
N GLU A 190 3.99 2.42 -12.74
CA GLU A 190 3.82 3.76 -13.27
C GLU A 190 4.60 3.93 -14.57
N ILE A 191 5.76 3.28 -14.63
CA ILE A 191 6.64 3.39 -15.79
C ILE A 191 6.09 2.58 -16.95
N HIS A 192 5.10 1.73 -16.63
CA HIS A 192 4.36 0.97 -17.61
C HIS A 192 5.27 0.02 -18.39
N VAL A 193 5.99 -0.80 -17.67
CA VAL A 193 6.87 -1.79 -18.29
C VAL A 193 6.99 -3.01 -17.38
N ALA A 194 7.01 -4.19 -17.99
CA ALA A 194 7.04 -5.43 -17.25
C ALA A 194 8.38 -5.64 -16.55
N GLN A 195 8.36 -5.55 -15.23
CA GLN A 195 9.55 -5.80 -14.42
C GLN A 195 9.12 -6.16 -12.99
N TYR A 196 9.97 -6.87 -12.28
CA TYR A 196 9.65 -7.33 -10.94
C TYR A 196 10.62 -6.76 -9.91
N PRO A 197 10.16 -6.63 -8.66
CA PRO A 197 10.99 -6.11 -7.57
C PRO A 197 12.14 -7.06 -7.21
N LEU A 198 11.83 -8.15 -6.51
CA LEU A 198 12.84 -9.13 -6.12
C LEU A 198 12.41 -10.54 -6.55
N ASP A 199 11.67 -10.63 -7.65
CA ASP A 199 11.27 -11.92 -8.24
C ASP A 199 10.12 -12.58 -7.47
N MET A 200 9.75 -11.98 -6.35
CA MET A 200 8.70 -12.52 -5.46
C MET A 200 7.41 -12.90 -6.22
N GLY A 201 7.13 -12.22 -7.33
CA GLY A 201 5.91 -12.49 -8.06
C GLY A 201 6.15 -13.25 -9.36
N ARG A 202 7.41 -13.61 -9.64
CA ARG A 202 7.70 -14.40 -10.84
C ARG A 202 7.50 -15.85 -10.56
N LYS A 203 8.33 -16.31 -9.64
CA LYS A 203 8.43 -17.71 -9.25
C LYS A 203 8.37 -18.64 -10.45
N MET A 1 -22.41 17.86 -1.90
CA MET A 1 -21.27 18.68 -1.43
C MET A 1 -20.03 17.83 -1.24
N ALA A 2 -18.87 18.46 -1.27
CA ALA A 2 -17.61 17.79 -0.97
C ALA A 2 -17.22 18.04 0.47
N ALA A 3 -16.24 17.30 0.97
CA ALA A 3 -15.83 17.41 2.36
C ALA A 3 -14.33 17.59 2.47
N ILE A 4 -13.89 18.05 3.64
CA ILE A 4 -12.47 18.20 3.95
C ILE A 4 -11.85 19.40 3.20
N PRO A 5 -11.41 20.42 3.94
CA PRO A 5 -10.79 21.62 3.36
C PRO A 5 -9.44 21.30 2.71
N PRO A 6 -9.09 22.06 1.65
CA PRO A 6 -7.86 21.84 0.87
C PRO A 6 -6.59 22.30 1.60
N ASP A 7 -6.54 22.09 2.91
CA ASP A 7 -5.36 22.45 3.70
C ASP A 7 -4.41 21.28 3.81
N SER A 8 -4.86 20.12 3.36
CA SER A 8 -4.06 18.90 3.44
C SER A 8 -2.87 18.97 2.48
N TRP A 9 -1.71 19.32 3.02
CA TRP A 9 -0.46 19.36 2.26
C TRP A 9 0.53 18.36 2.81
N GLN A 10 0.07 17.60 3.79
CA GLN A 10 0.91 16.64 4.51
C GLN A 10 1.65 15.69 3.56
N PRO A 11 2.91 15.36 3.92
CA PRO A 11 3.82 14.51 3.13
C PRO A 11 3.12 13.37 2.39
N PRO A 12 3.31 13.32 1.06
CA PRO A 12 2.66 12.34 0.17
C PRO A 12 3.31 10.96 0.21
N ASN A 13 4.16 10.75 1.19
CA ASN A 13 4.81 9.46 1.42
C ASN A 13 4.72 9.08 2.89
N VAL A 14 4.46 7.81 3.16
CA VAL A 14 4.29 7.34 4.52
C VAL A 14 4.97 5.98 4.72
N TYR A 15 5.31 5.66 5.96
CA TYR A 15 5.93 4.39 6.27
C TYR A 15 5.13 3.63 7.33
N LEU A 16 5.02 2.32 7.15
CA LEU A 16 4.34 1.46 8.10
C LEU A 16 5.35 0.56 8.80
N GLU A 17 5.58 0.79 10.07
CA GLU A 17 6.43 -0.10 10.84
C GLU A 17 5.57 -1.20 11.42
N THR A 18 5.80 -2.41 10.96
CA THR A 18 4.97 -3.53 11.34
C THR A 18 5.67 -4.40 12.37
N SER A 19 5.00 -5.46 12.78
CA SER A 19 5.58 -6.42 13.71
C SER A 19 6.59 -7.32 13.00
N MET A 20 6.54 -7.31 11.67
CA MET A 20 7.42 -8.14 10.86
C MET A 20 8.62 -7.33 10.38
N GLY A 21 8.38 -6.08 10.02
CA GLY A 21 9.45 -5.20 9.61
C GLY A 21 8.94 -3.79 9.36
N ILE A 22 9.42 -3.16 8.32
CA ILE A 22 9.00 -1.82 7.98
C ILE A 22 8.77 -1.71 6.48
N ILE A 23 7.63 -1.16 6.11
CA ILE A 23 7.26 -1.01 4.71
C ILE A 23 6.92 0.45 4.41
N VAL A 24 7.51 0.99 3.35
CA VAL A 24 7.26 2.36 2.95
C VAL A 24 6.55 2.38 1.60
N LEU A 25 5.65 3.34 1.41
CA LEU A 25 4.96 3.47 0.14
C LEU A 25 4.56 4.91 -0.11
N GLU A 26 4.22 5.19 -1.35
CA GLU A 26 3.77 6.50 -1.75
C GLU A 26 2.53 6.36 -2.61
N LEU A 27 1.80 7.43 -2.76
CA LEU A 27 0.55 7.39 -3.50
C LEU A 27 0.78 7.87 -4.92
N TYR A 28 -0.24 7.80 -5.77
CA TYR A 28 -0.12 8.29 -7.14
C TYR A 28 -0.23 9.80 -7.19
N TRP A 29 0.90 10.45 -7.29
CA TRP A 29 0.92 11.91 -7.33
C TRP A 29 0.58 12.40 -8.73
N LYS A 30 0.48 11.46 -9.67
CA LYS A 30 0.15 11.79 -11.05
C LYS A 30 -1.33 12.12 -11.20
N HIS A 31 -2.17 11.12 -10.97
CA HIS A 31 -3.60 11.23 -11.24
C HIS A 31 -4.36 11.61 -9.98
N ALA A 32 -3.71 11.44 -8.83
CA ALA A 32 -4.42 11.54 -7.57
C ALA A 32 -3.72 12.46 -6.57
N PRO A 33 -3.76 13.78 -6.80
CA PRO A 33 -3.22 14.76 -5.85
C PRO A 33 -4.07 14.82 -4.58
N LYS A 34 -5.31 14.37 -4.73
CA LYS A 34 -6.25 14.32 -3.62
C LYS A 34 -6.01 13.07 -2.78
N THR A 35 -5.86 11.94 -3.44
CA THR A 35 -5.73 10.66 -2.77
C THR A 35 -4.45 10.58 -1.95
N CYS A 36 -3.36 11.14 -2.48
CA CYS A 36 -2.08 11.08 -1.79
C CYS A 36 -2.11 11.86 -0.49
N LYS A 37 -2.76 13.00 -0.48
CA LYS A 37 -2.81 13.81 0.72
C LYS A 37 -4.00 13.46 1.58
N ASN A 38 -4.88 12.64 1.02
CA ASN A 38 -5.96 12.05 1.79
C ASN A 38 -5.40 10.98 2.72
N PHE A 39 -4.68 10.02 2.15
CA PHE A 39 -4.08 8.95 2.93
C PHE A 39 -3.03 9.51 3.90
N ALA A 40 -2.25 10.47 3.41
CA ALA A 40 -1.30 11.18 4.25
C ALA A 40 -1.96 11.72 5.52
N GLU A 41 -3.16 12.28 5.37
CA GLU A 41 -3.96 12.73 6.51
C GLU A 41 -4.23 11.59 7.49
N LEU A 42 -4.71 10.45 6.98
CA LEU A 42 -5.05 9.31 7.82
C LEU A 42 -3.83 8.77 8.55
N ALA A 43 -2.66 8.94 7.95
CA ALA A 43 -1.42 8.44 8.51
C ALA A 43 -1.03 9.24 9.74
N ARG A 44 -0.99 10.56 9.60
CA ARG A 44 -0.55 11.42 10.69
C ARG A 44 -1.58 11.48 11.81
N ARG A 45 -2.86 11.34 11.47
CA ARG A 45 -3.91 11.35 12.48
C ARG A 45 -3.80 10.10 13.35
N GLY A 46 -3.75 8.95 12.72
CA GLY A 46 -3.46 7.74 13.44
C GLY A 46 -4.43 6.61 13.13
N TYR A 47 -4.77 6.44 11.86
CA TYR A 47 -5.69 5.39 11.48
C TYR A 47 -4.96 4.10 11.12
N TYR A 48 -3.77 4.23 10.55
CA TYR A 48 -2.99 3.05 10.16
C TYR A 48 -2.25 2.48 11.36
N ASN A 49 -2.12 3.28 12.41
CA ASN A 49 -1.40 2.86 13.62
C ASN A 49 -2.18 1.79 14.37
N GLY A 50 -3.34 1.45 13.85
CA GLY A 50 -4.15 0.39 14.43
C GLY A 50 -4.77 -0.48 13.35
N THR A 51 -4.05 -0.67 12.26
CA THR A 51 -4.54 -1.47 11.16
C THR A 51 -3.86 -2.84 11.13
N LYS A 52 -4.57 -3.84 10.65
CA LYS A 52 -4.06 -5.21 10.61
C LYS A 52 -4.24 -5.76 9.20
N PHE A 53 -3.33 -6.64 8.80
CA PHE A 53 -3.45 -7.31 7.52
C PHE A 53 -4.44 -8.47 7.64
N HIS A 54 -5.49 -8.44 6.83
CA HIS A 54 -6.54 -9.44 6.94
C HIS A 54 -6.49 -10.45 5.80
N ARG A 55 -6.20 -9.99 4.59
CA ARG A 55 -6.12 -10.88 3.45
C ARG A 55 -4.68 -11.06 3.00
N ILE A 56 -4.12 -12.21 3.30
CA ILE A 56 -2.75 -12.49 2.94
C ILE A 56 -2.71 -13.75 2.11
N ILE A 57 -2.79 -13.58 0.81
CA ILE A 57 -2.73 -14.71 -0.09
C ILE A 57 -1.30 -14.86 -0.60
N LYS A 58 -0.79 -16.09 -0.52
CA LYS A 58 0.59 -16.40 -0.84
C LYS A 58 0.97 -15.92 -2.24
N ASP A 59 1.78 -14.87 -2.29
CA ASP A 59 2.25 -14.29 -3.54
C ASP A 59 1.07 -13.90 -4.44
N PHE A 60 0.09 -13.26 -3.82
CA PHE A 60 -1.11 -12.82 -4.51
C PHE A 60 -1.36 -11.35 -4.18
N MET A 61 -1.87 -11.12 -2.96
CA MET A 61 -2.14 -9.78 -2.48
C MET A 61 -2.23 -9.79 -0.97
N ILE A 62 -1.96 -8.64 -0.36
CA ILE A 62 -2.01 -8.49 1.09
C ILE A 62 -2.85 -7.27 1.45
N GLN A 63 -4.08 -7.52 1.86
CA GLN A 63 -4.98 -6.45 2.25
C GLN A 63 -4.78 -6.07 3.72
N GLY A 64 -4.47 -4.82 3.96
CA GLY A 64 -4.25 -4.34 5.30
C GLY A 64 -5.12 -3.17 5.64
N GLY A 65 -5.59 -3.11 6.88
CA GLY A 65 -6.41 -2.00 7.30
C GLY A 65 -7.41 -2.40 8.36
N ASP A 66 -8.60 -1.82 8.25
CA ASP A 66 -9.69 -2.06 9.21
C ASP A 66 -9.28 -1.85 10.65
N PRO A 67 -9.20 -0.59 11.10
CA PRO A 67 -9.03 -0.27 12.51
C PRO A 67 -10.33 -0.53 13.26
N THR A 68 -11.39 -0.72 12.51
CA THR A 68 -12.71 -0.98 13.05
C THR A 68 -13.07 -2.46 12.93
N GLY A 69 -12.86 -3.01 11.74
CA GLY A 69 -13.25 -4.38 11.48
C GLY A 69 -14.65 -4.46 10.91
N THR A 70 -15.15 -3.33 10.45
CA THR A 70 -16.50 -3.22 9.93
C THR A 70 -16.57 -3.71 8.48
N GLY A 71 -15.57 -3.32 7.71
CA GLY A 71 -15.58 -3.61 6.29
C GLY A 71 -15.23 -2.38 5.48
N ARG A 72 -15.32 -1.22 6.12
CA ARG A 72 -14.89 0.02 5.50
C ARG A 72 -13.61 0.56 6.17
N GLY A 73 -13.46 0.26 7.45
CA GLY A 73 -12.35 0.80 8.21
C GLY A 73 -12.70 2.16 8.78
N GLY A 74 -11.68 2.97 9.06
CA GLY A 74 -11.91 4.30 9.57
C GLY A 74 -12.31 5.28 8.49
N ALA A 75 -11.37 6.15 8.11
CA ALA A 75 -11.60 7.17 7.08
C ALA A 75 -12.84 7.99 7.36
N SER A 76 -13.07 8.26 8.63
CA SER A 76 -14.26 8.95 9.07
C SER A 76 -14.03 10.46 9.12
N ILE A 77 -12.93 10.91 8.54
CA ILE A 77 -12.58 12.32 8.56
C ILE A 77 -13.46 13.12 7.61
N TYR A 78 -14.04 12.44 6.63
CA TYR A 78 -14.97 13.07 5.70
C TYR A 78 -16.39 12.55 5.94
N GLY A 79 -16.53 11.70 6.95
CA GLY A 79 -17.82 11.16 7.33
C GLY A 79 -17.98 9.72 6.92
N LYS A 80 -18.91 9.46 6.02
CA LYS A 80 -19.01 8.16 5.38
C LYS A 80 -17.92 8.06 4.33
N GLN A 81 -17.84 6.95 3.66
CA GLN A 81 -16.92 6.85 2.54
C GLN A 81 -17.55 7.53 1.34
N PHE A 82 -16.73 8.09 0.47
CA PHE A 82 -17.18 9.16 -0.39
C PHE A 82 -17.47 8.72 -1.82
N GLU A 83 -16.46 8.67 -2.66
CA GLU A 83 -16.67 8.51 -4.09
C GLU A 83 -15.76 7.43 -4.65
N ASP A 84 -16.16 6.86 -5.78
CA ASP A 84 -15.35 5.86 -6.46
C ASP A 84 -14.18 6.52 -7.16
N GLU A 85 -12.99 6.03 -6.86
CA GLU A 85 -11.78 6.53 -7.49
C GLU A 85 -11.27 5.50 -8.50
N LEU A 86 -12.16 4.59 -8.90
CA LEU A 86 -11.80 3.52 -9.83
C LEU A 86 -11.37 4.08 -11.17
N HIS A 87 -10.06 4.06 -11.41
CA HIS A 87 -9.50 4.53 -12.66
C HIS A 87 -8.02 4.14 -12.73
N PRO A 88 -7.74 2.89 -13.10
CA PRO A 88 -6.37 2.40 -13.23
C PRO A 88 -5.61 3.11 -14.35
N ASP A 89 -4.79 4.08 -13.97
CA ASP A 89 -3.96 4.81 -14.92
C ASP A 89 -2.72 3.99 -15.25
N LEU A 90 -2.61 2.87 -14.57
CA LEU A 90 -1.44 2.04 -14.62
C LEU A 90 -1.72 0.73 -15.36
N LYS A 91 -0.76 -0.17 -15.29
CA LYS A 91 -0.91 -1.52 -15.79
C LYS A 91 -0.09 -2.45 -14.91
N PHE A 92 -0.57 -3.67 -14.72
CA PHE A 92 0.20 -4.65 -13.97
C PHE A 92 1.55 -4.88 -14.63
N THR A 93 2.60 -4.70 -13.87
CA THR A 93 3.95 -4.85 -14.37
C THR A 93 4.69 -5.91 -13.57
N GLY A 94 4.55 -5.83 -12.25
CA GLY A 94 5.11 -6.84 -11.38
C GLY A 94 4.45 -6.84 -10.01
N ALA A 95 5.20 -7.24 -9.00
CA ALA A 95 4.72 -7.24 -7.62
C ALA A 95 5.04 -5.92 -6.95
N GLY A 96 4.21 -5.52 -6.00
CA GLY A 96 4.45 -4.29 -5.28
C GLY A 96 3.49 -3.21 -5.68
N ILE A 97 2.35 -3.62 -6.21
CA ILE A 97 1.33 -2.68 -6.64
C ILE A 97 0.47 -2.29 -5.46
N LEU A 98 0.61 -1.05 -5.02
CA LEU A 98 -0.16 -0.56 -3.89
C LEU A 98 -1.51 -0.05 -4.35
N ALA A 99 -2.57 -0.64 -3.83
CA ALA A 99 -3.92 -0.27 -4.21
C ALA A 99 -4.78 0.01 -2.99
N MET A 100 -5.99 0.47 -3.22
CA MET A 100 -6.92 0.80 -2.15
C MET A 100 -7.99 -0.28 -2.05
N ALA A 101 -8.32 -0.67 -0.83
CA ALA A 101 -9.32 -1.71 -0.64
C ALA A 101 -10.68 -1.07 -0.36
N ASN A 102 -11.72 -1.69 -0.90
CA ASN A 102 -13.06 -1.15 -0.81
C ASN A 102 -14.08 -2.27 -0.85
N ALA A 103 -15.29 -1.97 -0.40
CA ALA A 103 -16.37 -2.97 -0.39
C ALA A 103 -17.21 -2.82 -1.65
N GLY A 104 -17.21 -1.61 -2.17
CA GLY A 104 -17.90 -1.31 -3.40
C GLY A 104 -17.18 -0.20 -4.11
N PRO A 105 -17.63 0.20 -5.30
CA PRO A 105 -16.97 1.25 -6.09
C PRO A 105 -16.65 2.49 -5.27
N ASP A 106 -17.65 3.02 -4.59
CA ASP A 106 -17.49 4.23 -3.80
C ASP A 106 -17.35 3.89 -2.33
N THR A 107 -17.47 2.61 -2.01
CA THR A 107 -17.41 2.17 -0.64
C THR A 107 -15.96 1.90 -0.24
N ASN A 108 -15.10 2.84 -0.59
CA ASN A 108 -13.69 2.76 -0.27
C ASN A 108 -13.39 3.50 1.02
N GLY A 109 -12.69 2.84 1.94
CA GLY A 109 -12.49 3.42 3.25
C GLY A 109 -11.03 3.61 3.61
N SER A 110 -10.61 2.99 4.69
CA SER A 110 -9.27 3.20 5.21
C SER A 110 -8.38 1.98 4.94
N GLN A 111 -8.86 1.10 4.07
CA GLN A 111 -8.16 -0.13 3.76
C GLN A 111 -7.29 0.03 2.51
N PHE A 112 -6.18 -0.67 2.48
CA PHE A 112 -5.30 -0.70 1.32
C PHE A 112 -4.77 -2.11 1.14
N PHE A 113 -4.16 -2.39 0.00
CA PHE A 113 -3.54 -3.69 -0.20
C PHE A 113 -2.43 -3.63 -1.22
N VAL A 114 -1.46 -4.51 -1.06
CA VAL A 114 -0.36 -4.61 -2.00
C VAL A 114 -0.45 -5.94 -2.72
N THR A 115 -0.17 -5.93 -4.00
CA THR A 115 -0.22 -7.16 -4.77
C THR A 115 1.16 -7.80 -4.85
N LEU A 116 1.22 -9.06 -4.48
CA LEU A 116 2.47 -9.81 -4.52
C LEU A 116 2.71 -10.36 -5.92
N ALA A 117 1.72 -10.20 -6.77
CA ALA A 117 1.84 -10.58 -8.17
C ALA A 117 1.05 -9.60 -9.05
N PRO A 118 1.37 -9.52 -10.35
CA PRO A 118 0.66 -8.65 -11.29
C PRO A 118 -0.80 -9.07 -11.50
N THR A 119 -1.70 -8.23 -11.01
CA THR A 119 -3.12 -8.53 -11.08
C THR A 119 -3.82 -7.68 -12.14
N GLN A 120 -4.77 -8.27 -12.85
CA GLN A 120 -5.57 -7.53 -13.82
C GLN A 120 -7.06 -7.83 -13.63
N TRP A 121 -7.35 -8.68 -12.65
CA TRP A 121 -8.71 -9.12 -12.39
C TRP A 121 -9.41 -8.27 -11.33
N LEU A 122 -8.74 -7.24 -10.82
CA LEU A 122 -9.32 -6.43 -9.75
C LEU A 122 -9.20 -4.93 -10.00
N ASP A 123 -8.72 -4.55 -11.17
CA ASP A 123 -8.52 -3.14 -11.50
C ASP A 123 -9.85 -2.40 -11.54
N GLY A 124 -10.91 -3.12 -11.87
CA GLY A 124 -12.23 -2.52 -11.92
C GLY A 124 -13.04 -2.89 -10.70
N LYS A 125 -12.37 -3.43 -9.70
CA LYS A 125 -13.02 -3.84 -8.47
C LYS A 125 -12.48 -3.02 -7.31
N HIS A 126 -11.18 -2.79 -7.34
CA HIS A 126 -10.50 -2.01 -6.33
C HIS A 126 -9.52 -1.08 -7.02
N THR A 127 -9.63 0.22 -6.76
CA THR A 127 -8.80 1.19 -7.44
C THR A 127 -7.35 1.09 -6.96
N ILE A 128 -6.43 1.37 -7.86
CA ILE A 128 -5.02 1.22 -7.58
C ILE A 128 -4.29 2.55 -7.75
N PHE A 129 -3.61 3.01 -6.70
CA PHE A 129 -2.81 4.22 -6.78
C PHE A 129 -1.76 4.27 -5.67
N GLY A 130 -0.70 3.49 -5.83
CA GLY A 130 0.38 3.49 -4.88
C GLY A 130 1.64 2.86 -5.43
N ARG A 131 2.78 3.21 -4.82
CA ARG A 131 4.05 2.57 -5.14
C ARG A 131 4.74 2.19 -3.85
N VAL A 132 5.10 0.92 -3.70
CA VAL A 132 5.84 0.49 -2.53
C VAL A 132 7.34 0.72 -2.71
N CYS A 133 7.99 1.22 -1.67
CA CYS A 133 9.39 1.61 -1.76
C CYS A 133 10.15 1.24 -0.50
N GLN A 134 11.44 0.91 -0.67
CA GLN A 134 12.36 0.56 0.43
C GLN A 134 11.74 -0.34 1.49
N GLY A 135 10.87 -1.25 1.05
CA GLY A 135 10.26 -2.19 1.98
C GLY A 135 9.47 -3.26 1.25
N ILE A 136 10.05 -3.77 0.17
CA ILE A 136 9.37 -4.77 -0.64
C ILE A 136 9.72 -6.18 -0.17
N GLY A 137 10.94 -6.35 0.30
CA GLY A 137 11.39 -7.64 0.78
C GLY A 137 10.57 -8.12 1.96
N MET A 138 10.15 -7.18 2.81
CA MET A 138 9.33 -7.53 3.95
C MET A 138 7.97 -8.02 3.48
N VAL A 139 7.32 -7.25 2.62
CA VAL A 139 6.03 -7.62 2.05
C VAL A 139 6.10 -9.00 1.38
N ASN A 140 7.28 -9.33 0.87
CA ASN A 140 7.49 -10.60 0.19
C ASN A 140 7.47 -11.75 1.19
N ARG A 141 8.32 -11.66 2.21
CA ARG A 141 8.43 -12.72 3.20
C ARG A 141 7.23 -12.72 4.15
N VAL A 142 6.49 -11.62 4.17
CA VAL A 142 5.27 -11.52 4.96
C VAL A 142 4.09 -12.09 4.18
N GLY A 143 4.16 -11.96 2.87
CA GLY A 143 3.10 -12.45 2.02
C GLY A 143 3.27 -13.91 1.67
N MET A 144 4.41 -14.49 2.04
CA MET A 144 4.65 -15.90 1.77
C MET A 144 4.32 -16.78 2.98
N VAL A 145 4.11 -16.15 4.14
CA VAL A 145 3.76 -16.94 5.33
C VAL A 145 2.31 -17.40 5.26
N GLU A 146 2.10 -18.65 5.62
CA GLU A 146 0.76 -19.20 5.67
C GLU A 146 0.37 -19.60 7.08
N THR A 147 1.21 -20.42 7.69
CA THR A 147 0.94 -20.96 9.00
C THR A 147 2.16 -20.81 9.90
N ASN A 148 1.95 -20.91 11.20
CA ASN A 148 3.05 -20.85 12.15
C ASN A 148 3.52 -22.28 12.45
N SER A 149 4.16 -22.50 13.60
CA SER A 149 4.61 -23.84 13.99
C SER A 149 3.43 -24.82 14.00
N GLN A 150 2.27 -24.33 14.41
CA GLN A 150 1.06 -25.15 14.41
C GLN A 150 0.29 -24.97 13.11
N ASP A 151 -0.74 -25.77 12.91
CA ASP A 151 -1.53 -25.71 11.69
C ASP A 151 -2.58 -24.60 11.81
N ARG A 152 -2.08 -23.39 11.97
CA ARG A 152 -2.92 -22.22 12.03
C ARG A 152 -2.17 -21.04 11.41
N PRO A 153 -2.89 -20.15 10.74
CA PRO A 153 -2.29 -19.05 10.00
C PRO A 153 -1.50 -18.09 10.89
N VAL A 154 -0.41 -17.58 10.36
CA VAL A 154 0.37 -16.54 11.02
C VAL A 154 0.06 -15.19 10.36
N ASP A 155 -1.17 -15.11 9.85
CA ASP A 155 -1.65 -13.98 9.05
C ASP A 155 -1.88 -12.74 9.90
N ASP A 156 -1.89 -12.91 11.22
CA ASP A 156 -2.15 -11.80 12.13
C ASP A 156 -0.97 -10.85 12.19
N VAL A 157 -0.86 -10.00 11.18
CA VAL A 157 0.20 -9.01 11.09
C VAL A 157 -0.39 -7.62 11.24
N LYS A 158 0.27 -6.76 12.01
CA LYS A 158 -0.29 -5.46 12.35
C LYS A 158 0.67 -4.36 11.94
N ILE A 159 0.12 -3.18 11.71
CA ILE A 159 0.93 -1.99 11.56
C ILE A 159 1.09 -1.33 12.92
N ILE A 160 2.26 -1.55 13.52
CA ILE A 160 2.53 -1.09 14.88
C ILE A 160 2.53 0.43 14.96
N LYS A 161 3.25 1.04 14.03
CA LYS A 161 3.31 2.49 13.94
C LYS A 161 3.38 2.92 12.49
N ALA A 162 2.65 3.98 12.16
CA ALA A 162 2.56 4.44 10.78
C ALA A 162 2.54 5.96 10.74
N TYR A 163 3.54 6.52 10.09
CA TYR A 163 3.69 7.96 10.04
C TYR A 163 4.17 8.38 8.66
N PRO A 164 3.96 9.65 8.29
CA PRO A 164 4.49 10.20 7.05
C PRO A 164 6.02 10.23 7.08
N SER A 165 6.64 9.86 5.97
CA SER A 165 8.09 9.74 5.92
C SER A 165 8.68 10.67 4.86
N GLY A 166 9.91 11.11 5.12
CA GLY A 166 10.63 11.89 4.15
C GLY A 166 11.44 10.99 3.23
N GLY A 167 12.24 11.58 2.35
CA GLY A 167 13.02 10.80 1.41
C GLY A 167 14.49 11.12 1.48
N GLY A 168 15.28 10.17 1.96
CA GLY A 168 16.71 10.36 2.04
C GLY A 168 17.43 9.85 0.80
N GLY A 169 17.27 10.57 -0.30
CA GLY A 169 17.84 10.12 -1.57
C GLY A 169 19.23 10.67 -1.81
N SER A 170 19.93 11.02 -0.74
CA SER A 170 21.28 11.52 -0.83
C SER A 170 22.29 10.41 -0.52
N GLY A 171 22.29 9.38 -1.34
CA GLY A 171 23.17 8.26 -1.11
C GLY A 171 24.42 8.31 -1.96
N GLY A 172 24.22 8.37 -3.27
CA GLY A 172 25.34 8.42 -4.18
C GLY A 172 25.38 7.24 -5.12
N GLY A 173 26.38 6.38 -4.95
CA GLY A 173 26.53 5.23 -5.82
C GLY A 173 26.77 3.95 -5.04
N SER A 174 27.16 4.09 -3.77
CA SER A 174 27.41 2.95 -2.89
C SER A 174 28.42 1.98 -3.53
N GLY A 175 29.62 2.48 -3.78
CA GLY A 175 30.63 1.66 -4.41
C GLY A 175 30.59 1.77 -5.92
N GLY A 176 29.40 1.59 -6.48
CA GLY A 176 29.24 1.67 -7.91
C GLY A 176 28.07 0.85 -8.41
N GLY A 177 26.89 1.11 -7.86
CA GLY A 177 25.71 0.40 -8.30
C GLY A 177 25.09 1.01 -9.54
N SER A 178 24.93 0.20 -10.58
CA SER A 178 24.38 0.69 -11.84
C SER A 178 22.86 0.67 -11.82
N GLY A 179 22.28 1.57 -11.04
CA GLY A 179 20.84 1.65 -10.96
C GLY A 179 20.37 2.40 -9.73
N GLY A 180 19.06 2.59 -9.61
CA GLY A 180 18.52 3.30 -8.46
C GLY A 180 18.39 2.40 -7.25
N GLY A 181 19.53 1.95 -6.74
CA GLY A 181 19.53 1.08 -5.59
C GLY A 181 19.75 1.84 -4.30
N SER A 182 18.66 2.27 -3.68
CA SER A 182 18.72 2.98 -2.42
C SER A 182 18.46 2.00 -1.28
N GLY A 183 17.92 0.84 -1.64
CA GLY A 183 17.65 -0.20 -0.67
C GLY A 183 16.69 -1.23 -1.21
N ASP A 184 15.42 -0.90 -1.17
CA ASP A 184 14.36 -1.80 -1.65
C ASP A 184 13.39 -1.03 -2.52
N GLY A 185 12.31 -1.68 -2.89
CA GLY A 185 11.29 -1.05 -3.70
C GLY A 185 10.53 -2.04 -4.54
N GLY A 186 9.24 -1.80 -4.72
CA GLY A 186 8.44 -2.69 -5.52
C GLY A 186 8.49 -2.34 -6.99
N ALA A 187 7.62 -2.94 -7.76
CA ALA A 187 7.57 -2.69 -9.19
C ALA A 187 6.75 -1.45 -9.48
N PHE A 188 7.08 -0.80 -10.58
CA PHE A 188 6.37 0.41 -10.99
C PHE A 188 5.35 0.05 -12.05
N PRO A 189 4.06 0.17 -11.72
CA PRO A 189 2.99 -0.20 -12.62
C PRO A 189 2.61 0.93 -13.57
N GLU A 190 3.21 2.09 -13.37
CA GLU A 190 2.86 3.27 -14.15
C GLU A 190 3.63 3.30 -15.47
N ILE A 191 4.72 2.54 -15.53
CA ILE A 191 5.56 2.50 -16.72
C ILE A 191 4.93 1.63 -17.81
N HIS A 192 3.97 0.80 -17.42
CA HIS A 192 3.18 -0.01 -18.35
C HIS A 192 4.04 -1.04 -19.07
N VAL A 193 5.07 -1.51 -18.42
CA VAL A 193 5.99 -2.46 -19.05
C VAL A 193 6.46 -3.53 -18.06
N ALA A 194 6.74 -4.72 -18.57
CA ALA A 194 7.14 -5.84 -17.73
C ALA A 194 8.38 -5.53 -16.91
N GLN A 195 8.25 -5.67 -15.60
CA GLN A 195 9.32 -5.36 -14.67
C GLN A 195 8.95 -5.85 -13.28
N TYR A 196 9.85 -6.59 -12.64
CA TYR A 196 9.59 -7.16 -11.33
C TYR A 196 10.53 -6.56 -10.29
N PRO A 197 10.06 -6.40 -9.05
CA PRO A 197 10.88 -5.86 -7.97
C PRO A 197 12.02 -6.80 -7.59
N LEU A 198 11.67 -8.00 -7.13
CA LEU A 198 12.62 -9.04 -6.83
C LEU A 198 12.18 -10.36 -7.46
N ASP A 199 11.36 -10.24 -8.51
CA ASP A 199 10.88 -11.39 -9.29
C ASP A 199 9.89 -12.25 -8.50
N MET A 200 9.51 -11.77 -7.33
CA MET A 200 8.54 -12.46 -6.48
C MET A 200 7.22 -12.73 -7.20
N GLY A 201 6.84 -11.84 -8.12
CA GLY A 201 5.54 -11.96 -8.76
C GLY A 201 5.56 -12.81 -10.01
N ARG A 202 6.70 -13.42 -10.31
CA ARG A 202 6.80 -14.33 -11.45
C ARG A 202 7.11 -15.74 -10.98
N LYS A 203 7.31 -15.84 -9.68
CA LYS A 203 7.62 -17.08 -9.01
C LYS A 203 6.39 -18.00 -8.97
N MET A 1 -14.46 26.62 9.60
CA MET A 1 -14.20 25.19 9.88
C MET A 1 -15.35 24.33 9.38
N ALA A 2 -15.24 23.86 8.14
CA ALA A 2 -16.26 23.03 7.54
C ALA A 2 -15.79 21.58 7.46
N ALA A 3 -16.51 20.77 6.71
CA ALA A 3 -16.10 19.39 6.50
C ALA A 3 -15.00 19.32 5.47
N ILE A 4 -13.94 18.57 5.79
CA ILE A 4 -12.80 18.39 4.90
C ILE A 4 -12.02 19.70 4.73
N PRO A 5 -10.81 19.76 5.30
CA PRO A 5 -9.96 20.96 5.24
C PRO A 5 -9.55 21.32 3.81
N PRO A 6 -9.13 22.58 3.59
CA PRO A 6 -8.64 23.02 2.28
C PRO A 6 -7.51 22.14 1.77
N ASP A 7 -7.54 21.84 0.48
CA ASP A 7 -6.62 20.89 -0.14
C ASP A 7 -5.17 21.27 0.11
N SER A 8 -4.53 20.47 0.95
CA SER A 8 -3.12 20.61 1.26
C SER A 8 -2.47 19.24 1.16
N TRP A 9 -1.26 19.15 0.64
CA TRP A 9 -0.68 17.85 0.32
C TRP A 9 -0.11 17.13 1.55
N GLN A 10 0.78 17.79 2.28
CA GLN A 10 1.50 17.16 3.40
C GLN A 10 2.43 16.06 2.88
N PRO A 11 3.24 15.42 3.76
CA PRO A 11 4.06 14.27 3.37
C PRO A 11 3.25 13.20 2.64
N PRO A 12 3.53 13.01 1.34
CA PRO A 12 2.75 12.12 0.47
C PRO A 12 3.25 10.67 0.49
N ASN A 13 4.18 10.41 1.38
CA ASN A 13 4.73 9.09 1.59
C ASN A 13 4.62 8.74 3.07
N VAL A 14 4.38 7.48 3.39
CA VAL A 14 4.21 7.06 4.77
C VAL A 14 4.97 5.79 5.06
N TYR A 15 5.28 5.57 6.33
CA TYR A 15 5.93 4.34 6.74
C TYR A 15 5.08 3.61 7.79
N LEU A 16 4.86 2.33 7.55
CA LEU A 16 4.07 1.51 8.44
C LEU A 16 4.96 0.52 9.16
N GLU A 17 5.27 0.80 10.41
CA GLU A 17 6.08 -0.09 11.23
C GLU A 17 5.18 -1.19 11.78
N THR A 18 5.37 -2.39 11.30
CA THR A 18 4.48 -3.48 11.62
C THR A 18 5.09 -4.41 12.66
N SER A 19 4.34 -5.45 13.02
CA SER A 19 4.83 -6.46 13.94
C SER A 19 5.96 -7.26 13.29
N MET A 20 5.96 -7.29 11.98
CA MET A 20 6.96 -8.03 11.21
C MET A 20 8.19 -7.18 10.99
N GLY A 21 7.99 -5.93 10.60
CA GLY A 21 9.10 -5.04 10.31
C GLY A 21 8.63 -3.64 10.01
N ILE A 22 9.04 -3.10 8.87
CA ILE A 22 8.60 -1.79 8.46
C ILE A 22 8.27 -1.79 6.97
N ILE A 23 7.17 -1.15 6.62
CA ILE A 23 6.73 -1.09 5.24
C ILE A 23 6.54 0.36 4.82
N VAL A 24 7.32 0.82 3.86
CA VAL A 24 7.17 2.18 3.38
C VAL A 24 6.44 2.17 2.04
N LEU A 25 5.51 3.09 1.85
CA LEU A 25 4.77 3.17 0.60
C LEU A 25 4.38 4.60 0.31
N GLU A 26 4.02 4.85 -0.93
CA GLU A 26 3.53 6.15 -1.34
C GLU A 26 2.23 5.99 -2.07
N LEU A 27 1.55 7.10 -2.26
CA LEU A 27 0.31 7.10 -3.01
C LEU A 27 0.60 7.66 -4.39
N TYR A 28 -0.32 7.48 -5.31
CA TYR A 28 -0.12 8.05 -6.63
C TYR A 28 -0.68 9.45 -6.72
N TRP A 29 0.16 10.40 -6.42
CA TRP A 29 -0.19 11.81 -6.53
C TRP A 29 -0.18 12.19 -8.00
N LYS A 30 0.37 11.25 -8.77
CA LYS A 30 0.56 11.40 -10.20
C LYS A 30 -0.79 11.37 -10.92
N HIS A 31 -1.71 10.58 -10.41
CA HIS A 31 -3.03 10.43 -11.03
C HIS A 31 -4.12 10.73 -10.02
N ALA A 32 -3.80 10.65 -8.74
CA ALA A 32 -4.81 10.69 -7.70
C ALA A 32 -4.45 11.67 -6.58
N PRO A 33 -4.78 12.95 -6.75
CA PRO A 33 -4.54 13.96 -5.72
C PRO A 33 -5.48 13.77 -4.53
N LYS A 34 -6.74 13.48 -4.84
CA LYS A 34 -7.76 13.32 -3.81
C LYS A 34 -7.63 11.98 -3.10
N THR A 35 -7.41 10.94 -3.89
CA THR A 35 -7.25 9.60 -3.39
C THR A 35 -6.01 9.51 -2.47
N CYS A 36 -4.95 10.20 -2.88
CA CYS A 36 -3.77 10.32 -2.04
C CYS A 36 -4.13 11.02 -0.74
N LYS A 37 -4.88 12.11 -0.85
CA LYS A 37 -5.28 12.89 0.31
C LYS A 37 -6.08 12.04 1.29
N ASN A 38 -6.88 11.12 0.75
CA ASN A 38 -7.60 10.15 1.57
C ASN A 38 -6.64 9.48 2.55
N PHE A 39 -5.65 8.79 2.00
CA PHE A 39 -4.68 8.08 2.83
C PHE A 39 -3.80 9.03 3.63
N ALA A 40 -3.37 10.10 2.98
CA ALA A 40 -2.52 11.11 3.63
C ALA A 40 -3.18 11.68 4.89
N GLU A 41 -4.46 12.02 4.80
CA GLU A 41 -5.17 12.57 5.95
C GLU A 41 -5.34 11.52 7.03
N LEU A 42 -5.67 10.30 6.65
CA LEU A 42 -5.82 9.22 7.62
C LEU A 42 -4.47 8.89 8.25
N ALA A 43 -3.39 9.16 7.53
CA ALA A 43 -2.05 8.97 8.07
C ALA A 43 -1.78 9.98 9.18
N ARG A 44 -2.13 11.24 8.94
CA ARG A 44 -1.97 12.29 9.94
C ARG A 44 -2.90 12.04 11.13
N ARG A 45 -4.13 11.67 10.83
CA ARG A 45 -5.14 11.38 11.84
C ARG A 45 -4.72 10.21 12.72
N GLY A 46 -4.21 9.17 12.09
CA GLY A 46 -3.84 7.97 12.81
C GLY A 46 -4.77 6.83 12.48
N TYR A 47 -4.75 6.40 11.24
CA TYR A 47 -5.60 5.32 10.76
C TYR A 47 -4.94 3.98 11.02
N TYR A 48 -3.69 3.87 10.59
CA TYR A 48 -2.99 2.60 10.57
C TYR A 48 -2.54 2.17 11.96
N ASN A 49 -2.62 3.10 12.91
CA ASN A 49 -2.15 2.84 14.28
C ASN A 49 -2.93 1.71 14.93
N GLY A 50 -4.11 1.42 14.39
CA GLY A 50 -4.91 0.34 14.91
C GLY A 50 -5.48 -0.53 13.82
N THR A 51 -4.66 -0.80 12.80
CA THR A 51 -5.11 -1.59 11.67
C THR A 51 -4.28 -2.86 11.53
N LYS A 52 -4.85 -3.86 10.89
CA LYS A 52 -4.20 -5.16 10.76
C LYS A 52 -4.46 -5.75 9.37
N PHE A 53 -3.66 -6.73 9.01
CA PHE A 53 -3.84 -7.43 7.74
C PHE A 53 -4.82 -8.57 7.92
N HIS A 54 -5.78 -8.70 7.01
CA HIS A 54 -6.82 -9.71 7.17
C HIS A 54 -6.82 -10.69 6.01
N ARG A 55 -6.41 -10.25 4.83
CA ARG A 55 -6.33 -11.14 3.68
C ARG A 55 -4.89 -11.36 3.28
N ILE A 56 -4.38 -12.55 3.52
CA ILE A 56 -3.00 -12.86 3.22
C ILE A 56 -2.95 -14.02 2.25
N ILE A 57 -2.98 -13.72 0.96
CA ILE A 57 -2.90 -14.76 -0.03
C ILE A 57 -1.52 -14.79 -0.64
N LYS A 58 -0.85 -15.92 -0.49
CA LYS A 58 0.48 -16.11 -1.06
C LYS A 58 0.47 -15.81 -2.55
N ASP A 59 1.52 -15.11 -3.00
CA ASP A 59 1.71 -14.71 -4.40
C ASP A 59 0.44 -14.17 -5.04
N PHE A 60 -0.37 -13.49 -4.24
CA PHE A 60 -1.61 -12.91 -4.72
C PHE A 60 -1.71 -11.46 -4.27
N MET A 61 -2.18 -11.26 -3.05
CA MET A 61 -2.39 -9.92 -2.52
C MET A 61 -2.50 -9.96 -1.00
N ILE A 62 -2.24 -8.83 -0.39
CA ILE A 62 -2.27 -8.69 1.06
C ILE A 62 -3.14 -7.51 1.45
N GLN A 63 -4.34 -7.80 1.92
CA GLN A 63 -5.28 -6.76 2.31
C GLN A 63 -5.04 -6.36 3.77
N GLY A 64 -4.76 -5.09 3.98
CA GLY A 64 -4.47 -4.62 5.31
C GLY A 64 -5.16 -3.31 5.63
N GLY A 65 -5.64 -3.19 6.85
CA GLY A 65 -6.26 -1.96 7.27
C GLY A 65 -7.51 -2.20 8.10
N ASP A 66 -8.43 -1.25 8.04
CA ASP A 66 -9.69 -1.29 8.76
C ASP A 66 -9.48 -1.42 10.27
N PRO A 67 -9.51 -0.28 10.98
CA PRO A 67 -9.36 -0.25 12.43
C PRO A 67 -10.60 -0.79 13.15
N THR A 68 -11.71 -0.85 12.43
CA THR A 68 -12.98 -1.28 13.01
C THR A 68 -13.18 -2.78 12.84
N GLY A 69 -12.67 -3.31 11.74
CA GLY A 69 -12.80 -4.72 11.45
C GLY A 69 -14.19 -5.07 10.96
N THR A 70 -14.89 -4.09 10.41
CA THR A 70 -16.27 -4.29 9.97
C THR A 70 -16.37 -4.32 8.44
N GLY A 71 -15.38 -3.75 7.75
CA GLY A 71 -15.38 -3.78 6.30
C GLY A 71 -15.23 -2.41 5.67
N ARG A 72 -15.41 -1.36 6.46
CA ARG A 72 -15.32 0.01 5.90
C ARG A 72 -14.33 0.90 6.66
N GLY A 73 -13.70 0.36 7.69
CA GLY A 73 -12.66 1.09 8.40
C GLY A 73 -13.18 2.31 9.13
N GLY A 74 -12.28 3.19 9.53
CA GLY A 74 -12.66 4.40 10.23
C GLY A 74 -13.14 5.46 9.25
N ALA A 75 -12.19 6.16 8.63
CA ALA A 75 -12.48 7.16 7.61
C ALA A 75 -13.38 8.27 8.16
N SER A 76 -13.18 8.57 9.43
CA SER A 76 -14.05 9.45 10.18
C SER A 76 -14.02 10.89 9.67
N ILE A 77 -12.93 11.28 9.04
CA ILE A 77 -12.76 12.66 8.59
C ILE A 77 -13.76 13.03 7.49
N TYR A 78 -14.01 12.10 6.56
CA TYR A 78 -14.96 12.35 5.48
C TYR A 78 -16.25 11.57 5.69
N GLY A 79 -16.19 10.55 6.55
CA GLY A 79 -17.40 9.83 6.93
C GLY A 79 -17.78 8.73 5.96
N LYS A 80 -18.11 9.11 4.73
CA LYS A 80 -18.60 8.16 3.75
C LYS A 80 -17.67 8.07 2.55
N GLN A 81 -18.02 7.19 1.61
CA GLN A 81 -17.19 6.98 0.42
C GLN A 81 -17.30 8.17 -0.51
N PHE A 82 -16.39 8.26 -1.45
CA PHE A 82 -16.28 9.44 -2.31
C PHE A 82 -16.70 9.13 -3.74
N GLU A 83 -15.89 8.33 -4.42
CA GLU A 83 -16.11 8.01 -5.82
C GLU A 83 -15.20 6.86 -6.22
N ASP A 84 -15.58 6.12 -7.27
CA ASP A 84 -14.71 5.05 -7.77
C ASP A 84 -13.77 5.61 -8.82
N GLU A 85 -12.50 5.28 -8.67
CA GLU A 85 -11.45 5.84 -9.51
C GLU A 85 -10.97 4.79 -10.52
N LEU A 86 -11.68 3.67 -10.57
CA LEU A 86 -11.27 2.49 -11.31
C LEU A 86 -10.79 2.81 -12.72
N HIS A 87 -9.48 2.93 -12.87
CA HIS A 87 -8.86 3.21 -14.15
C HIS A 87 -7.36 3.27 -13.96
N PRO A 88 -6.69 2.11 -14.05
CA PRO A 88 -5.24 2.03 -13.96
C PRO A 88 -4.55 2.78 -15.08
N ASP A 89 -4.15 4.02 -14.79
CA ASP A 89 -3.34 4.79 -15.72
C ASP A 89 -1.90 4.31 -15.66
N LEU A 90 -1.64 3.51 -14.65
CA LEU A 90 -0.39 2.79 -14.52
C LEU A 90 -0.66 1.33 -14.86
N LYS A 91 0.37 0.52 -14.99
CA LYS A 91 0.16 -0.87 -15.37
C LYS A 91 0.82 -1.81 -14.38
N PHE A 92 0.24 -2.99 -14.23
CA PHE A 92 0.86 -4.03 -13.44
C PHE A 92 2.18 -4.46 -14.08
N THR A 93 3.25 -4.33 -13.34
CA THR A 93 4.57 -4.63 -13.86
C THR A 93 5.18 -5.82 -13.13
N GLY A 94 4.95 -5.87 -11.83
CA GLY A 94 5.38 -6.98 -11.03
C GLY A 94 4.70 -7.01 -9.68
N ALA A 95 5.42 -7.44 -8.66
CA ALA A 95 4.89 -7.48 -7.31
C ALA A 95 5.19 -6.20 -6.56
N GLY A 96 4.27 -5.81 -5.69
CA GLY A 96 4.46 -4.60 -4.90
C GLY A 96 3.55 -3.49 -5.34
N ILE A 97 2.42 -3.84 -5.93
CA ILE A 97 1.48 -2.86 -6.41
C ILE A 97 0.49 -2.52 -5.30
N LEU A 98 0.58 -1.30 -4.80
CA LEU A 98 -0.28 -0.84 -3.72
C LEU A 98 -1.59 -0.29 -4.31
N ALA A 99 -2.71 -0.92 -3.96
CA ALA A 99 -4.00 -0.51 -4.49
C ALA A 99 -5.02 -0.30 -3.39
N MET A 100 -6.22 0.12 -3.77
CA MET A 100 -7.27 0.51 -2.83
C MET A 100 -8.21 -0.65 -2.53
N ALA A 101 -8.59 -0.80 -1.27
CA ALA A 101 -9.56 -1.81 -0.87
C ALA A 101 -10.94 -1.20 -0.74
N ASN A 102 -11.94 -1.87 -1.32
CA ASN A 102 -13.30 -1.35 -1.33
C ASN A 102 -14.29 -2.48 -1.18
N ALA A 103 -15.51 -2.15 -0.81
CA ALA A 103 -16.57 -3.15 -0.61
C ALA A 103 -17.22 -3.52 -1.95
N GLY A 104 -17.17 -2.59 -2.89
CA GLY A 104 -17.71 -2.83 -4.21
C GLY A 104 -17.79 -1.58 -5.03
N PRO A 105 -18.93 -1.35 -5.71
CA PRO A 105 -19.12 -0.17 -6.57
C PRO A 105 -18.97 1.12 -5.80
N ASP A 106 -17.74 1.63 -5.83
CA ASP A 106 -17.35 2.92 -5.24
C ASP A 106 -17.55 2.97 -3.73
N THR A 107 -17.85 1.82 -3.15
CA THR A 107 -17.96 1.71 -1.71
C THR A 107 -16.58 1.57 -1.09
N ASN A 108 -15.72 2.55 -1.36
CA ASN A 108 -14.36 2.55 -0.85
C ASN A 108 -14.27 3.35 0.43
N GLY A 109 -13.45 2.87 1.36
CA GLY A 109 -13.27 3.57 2.61
C GLY A 109 -11.89 4.17 2.74
N SER A 110 -11.02 3.48 3.45
CA SER A 110 -9.65 3.95 3.66
C SER A 110 -8.68 2.77 3.75
N GLN A 111 -9.15 1.57 3.42
CA GLN A 111 -8.31 0.38 3.46
C GLN A 111 -7.60 0.15 2.13
N PHE A 112 -6.51 -0.60 2.17
CA PHE A 112 -5.69 -0.83 0.99
C PHE A 112 -5.21 -2.28 0.93
N PHE A 113 -4.53 -2.63 -0.14
CA PHE A 113 -3.91 -3.94 -0.26
C PHE A 113 -2.73 -3.89 -1.22
N VAL A 114 -1.75 -4.75 -0.99
CA VAL A 114 -0.59 -4.85 -1.88
C VAL A 114 -0.67 -6.15 -2.66
N THR A 115 -0.24 -6.13 -3.90
CA THR A 115 -0.26 -7.31 -4.73
C THR A 115 1.10 -7.99 -4.71
N LEU A 116 1.10 -9.29 -4.45
CA LEU A 116 2.33 -10.08 -4.45
C LEU A 116 2.66 -10.56 -5.85
N ALA A 117 1.74 -10.33 -6.76
CA ALA A 117 1.93 -10.67 -8.17
C ALA A 117 1.25 -9.63 -9.05
N PRO A 118 1.66 -9.53 -10.33
CA PRO A 118 1.02 -8.64 -11.30
C PRO A 118 -0.44 -9.04 -11.55
N THR A 119 -1.35 -8.20 -11.11
CA THR A 119 -2.76 -8.54 -11.14
C THR A 119 -3.48 -7.88 -12.32
N GLN A 120 -4.10 -8.69 -13.16
CA GLN A 120 -4.92 -8.18 -14.26
C GLN A 120 -6.33 -8.71 -14.13
N TRP A 121 -6.70 -9.05 -12.90
CA TRP A 121 -8.03 -9.58 -12.61
C TRP A 121 -8.81 -8.63 -11.69
N LEU A 122 -8.17 -7.55 -11.26
CA LEU A 122 -8.81 -6.59 -10.37
C LEU A 122 -8.50 -5.16 -10.79
N ASP A 123 -7.95 -5.03 -11.98
CA ASP A 123 -7.50 -3.74 -12.50
C ASP A 123 -8.67 -2.78 -12.66
N GLY A 124 -9.85 -3.32 -12.90
CA GLY A 124 -11.04 -2.51 -13.02
C GLY A 124 -12.01 -2.78 -11.90
N LYS A 125 -11.49 -3.39 -10.84
CA LYS A 125 -12.30 -3.77 -9.70
C LYS A 125 -11.85 -3.01 -8.47
N HIS A 126 -10.54 -2.78 -8.39
CA HIS A 126 -9.96 -2.00 -7.32
C HIS A 126 -8.98 -1.01 -7.92
N THR A 127 -9.17 0.27 -7.67
CA THR A 127 -8.31 1.28 -8.26
C THR A 127 -6.93 1.22 -7.64
N ILE A 128 -5.92 1.46 -8.45
CA ILE A 128 -4.55 1.29 -8.01
C ILE A 128 -3.81 2.62 -7.95
N PHE A 129 -3.26 2.94 -6.79
CA PHE A 129 -2.49 4.16 -6.62
C PHE A 129 -1.51 4.02 -5.44
N GLY A 130 -0.46 3.24 -5.65
CA GLY A 130 0.52 3.08 -4.61
C GLY A 130 1.82 2.48 -5.08
N ARG A 131 2.87 2.74 -4.33
CA ARG A 131 4.18 2.11 -4.58
C ARG A 131 4.82 1.74 -3.25
N VAL A 132 5.13 0.46 -3.09
CA VAL A 132 5.84 0.01 -1.89
C VAL A 132 7.35 0.14 -2.09
N CYS A 133 8.02 0.63 -1.06
CA CYS A 133 9.47 0.82 -1.12
C CYS A 133 10.07 0.64 0.27
N GLN A 134 11.30 0.14 0.31
CA GLN A 134 11.98 -0.17 1.56
C GLN A 134 11.05 -0.97 2.47
N GLY A 135 10.77 -2.18 2.05
CA GLY A 135 9.93 -3.07 2.85
C GLY A 135 9.28 -4.18 2.04
N ILE A 136 9.84 -4.48 0.88
CA ILE A 136 9.27 -5.48 0.00
C ILE A 136 9.70 -6.86 0.47
N GLY A 137 10.90 -6.94 1.05
CA GLY A 137 11.36 -8.18 1.61
C GLY A 137 10.47 -8.65 2.74
N MET A 138 9.98 -7.68 3.51
CA MET A 138 9.05 -7.97 4.60
C MET A 138 7.72 -8.39 4.03
N VAL A 139 7.19 -7.62 3.08
CA VAL A 139 5.92 -7.93 2.43
C VAL A 139 5.97 -9.31 1.79
N ASN A 140 7.16 -9.74 1.39
CA ASN A 140 7.33 -11.04 0.77
C ASN A 140 7.13 -12.15 1.79
N ARG A 141 7.92 -12.10 2.86
CA ARG A 141 7.87 -13.14 3.88
C ARG A 141 6.57 -13.05 4.68
N VAL A 142 5.88 -11.93 4.57
CA VAL A 142 4.57 -11.78 5.18
C VAL A 142 3.48 -12.34 4.27
N GLY A 143 3.63 -12.12 2.98
CA GLY A 143 2.64 -12.57 2.02
C GLY A 143 2.76 -14.05 1.72
N MET A 144 3.96 -14.59 1.86
CA MET A 144 4.20 -16.00 1.58
C MET A 144 3.66 -16.90 2.70
N VAL A 145 3.32 -16.30 3.84
CA VAL A 145 2.78 -17.04 4.95
C VAL A 145 1.27 -16.78 5.10
N GLU A 146 0.48 -17.81 4.96
CA GLU A 146 -0.95 -17.67 5.18
C GLU A 146 -1.32 -18.33 6.51
N THR A 147 -0.69 -19.45 6.81
CA THR A 147 -0.95 -20.15 8.06
C THR A 147 0.26 -20.97 8.52
N ASN A 148 0.20 -21.36 9.77
CA ASN A 148 1.18 -22.22 10.41
C ASN A 148 0.94 -23.67 9.94
N SER A 149 1.68 -24.63 10.50
CA SER A 149 1.40 -26.04 10.27
C SER A 149 0.01 -26.35 10.80
N GLN A 150 -0.41 -25.58 11.80
CA GLN A 150 -1.77 -25.63 12.31
C GLN A 150 -2.62 -24.62 11.56
N ASP A 151 -3.93 -24.70 11.72
CA ASP A 151 -4.83 -23.78 11.06
C ASP A 151 -4.92 -22.50 11.86
N ARG A 152 -3.80 -21.81 11.89
CA ARG A 152 -3.65 -20.55 12.57
C ARG A 152 -2.64 -19.70 11.82
N PRO A 153 -2.84 -18.38 11.76
CA PRO A 153 -1.83 -17.49 11.20
C PRO A 153 -0.52 -17.65 11.96
N VAL A 154 0.58 -17.83 11.24
CA VAL A 154 1.89 -18.10 11.84
C VAL A 154 2.16 -17.16 13.01
N ASP A 155 2.03 -15.87 12.77
CA ASP A 155 2.07 -14.88 13.82
C ASP A 155 1.14 -13.73 13.46
N ASP A 156 0.54 -13.12 14.47
CA ASP A 156 -0.45 -12.06 14.26
C ASP A 156 0.22 -10.78 13.77
N VAL A 157 -0.14 -10.35 12.57
CA VAL A 157 0.53 -9.23 11.92
C VAL A 157 -0.39 -8.03 11.77
N LYS A 158 0.10 -6.88 12.21
CA LYS A 158 -0.64 -5.64 12.16
C LYS A 158 0.33 -4.47 12.11
N ILE A 159 -0.21 -3.27 11.92
CA ILE A 159 0.61 -2.07 11.89
C ILE A 159 0.73 -1.51 13.30
N ILE A 160 1.95 -1.53 13.82
CA ILE A 160 2.21 -1.10 15.18
C ILE A 160 2.28 0.43 15.25
N LYS A 161 3.21 1.01 14.49
CA LYS A 161 3.34 2.45 14.40
C LYS A 161 3.26 2.89 12.95
N ALA A 162 2.54 3.95 12.69
CA ALA A 162 2.38 4.44 11.33
C ALA A 162 2.40 5.95 11.30
N TYR A 163 3.32 6.51 10.54
CA TYR A 163 3.47 7.95 10.43
C TYR A 163 3.89 8.33 9.02
N PRO A 164 3.56 9.56 8.59
CA PRO A 164 4.06 10.09 7.32
C PRO A 164 5.59 10.08 7.27
N SER A 165 6.13 9.72 6.12
CA SER A 165 7.55 9.50 5.95
C SER A 165 8.14 10.45 4.92
N GLY A 166 9.42 10.76 5.08
CA GLY A 166 10.12 11.60 4.15
C GLY A 166 11.37 10.91 3.63
N GLY A 167 11.18 9.74 3.04
CA GLY A 167 12.30 8.94 2.57
C GLY A 167 12.85 9.44 1.25
N GLY A 168 14.07 9.02 0.93
CA GLY A 168 14.70 9.44 -0.30
C GLY A 168 16.03 10.12 -0.04
N GLY A 169 15.98 11.27 0.61
CA GLY A 169 17.19 12.00 0.90
C GLY A 169 17.81 12.60 -0.33
N SER A 170 19.11 12.44 -0.49
CA SER A 170 19.82 12.94 -1.66
C SER A 170 19.75 11.92 -2.80
N GLY A 171 19.19 10.75 -2.52
CA GLY A 171 19.04 9.73 -3.53
C GLY A 171 20.30 8.90 -3.71
N GLY A 172 21.43 9.57 -3.86
CA GLY A 172 22.69 8.88 -4.07
C GLY A 172 22.85 8.42 -5.50
N GLY A 173 22.98 7.11 -5.69
CA GLY A 173 23.14 6.58 -7.02
C GLY A 173 24.52 6.01 -7.26
N SER A 174 24.58 5.00 -8.11
CA SER A 174 25.85 4.38 -8.47
C SER A 174 25.75 3.74 -9.85
N GLY A 175 26.44 4.34 -10.82
CA GLY A 175 26.39 3.84 -12.18
C GLY A 175 27.73 3.92 -12.86
N GLY A 176 27.72 4.27 -14.15
CA GLY A 176 28.94 4.32 -14.92
C GLY A 176 29.38 2.96 -15.38
N GLY A 177 29.77 2.12 -14.43
CA GLY A 177 30.17 0.76 -14.73
C GLY A 177 29.26 -0.24 -14.08
N SER A 178 29.36 -0.35 -12.77
CA SER A 178 28.51 -1.24 -12.00
C SER A 178 27.89 -0.50 -10.82
N GLY A 179 26.79 -1.03 -10.30
CA GLY A 179 26.14 -0.41 -9.16
C GLY A 179 24.70 -0.84 -9.04
N GLY A 180 23.84 0.09 -8.67
CA GLY A 180 22.43 -0.22 -8.54
C GLY A 180 21.78 0.54 -7.40
N GLY A 181 20.53 0.23 -7.11
CA GLY A 181 19.84 0.85 -6.01
C GLY A 181 19.89 0.01 -4.75
N SER A 182 20.60 0.49 -3.74
CA SER A 182 20.71 -0.22 -2.48
C SER A 182 19.49 0.06 -1.61
N GLY A 183 19.08 -0.93 -0.83
CA GLY A 183 17.91 -0.79 0.00
C GLY A 183 16.90 -1.89 -0.28
N ASP A 184 15.63 -1.52 -0.40
CA ASP A 184 14.58 -2.46 -0.72
C ASP A 184 13.43 -1.72 -1.36
N GLY A 185 12.44 -2.46 -1.80
CA GLY A 185 11.29 -1.85 -2.44
C GLY A 185 10.68 -2.72 -3.50
N GLY A 186 9.43 -2.45 -3.83
CA GLY A 186 8.72 -3.26 -4.78
C GLY A 186 9.04 -2.86 -6.21
N ALA A 187 8.23 -3.37 -7.13
CA ALA A 187 8.44 -3.08 -8.54
C ALA A 187 7.88 -1.70 -8.89
N PHE A 188 8.13 -1.25 -10.12
CA PHE A 188 7.69 0.07 -10.54
C PHE A 188 6.55 -0.06 -11.54
N PRO A 189 5.30 0.16 -11.07
CA PRO A 189 4.13 0.14 -11.94
C PRO A 189 3.96 1.45 -12.69
N GLU A 190 4.82 2.41 -12.35
CA GLU A 190 4.78 3.74 -12.94
C GLU A 190 5.38 3.69 -14.33
N ILE A 191 6.45 2.91 -14.47
CA ILE A 191 7.02 2.65 -15.78
C ILE A 191 6.30 1.44 -16.37
N HIS A 192 6.24 1.35 -17.68
CA HIS A 192 5.52 0.27 -18.30
C HIS A 192 6.47 -0.77 -18.87
N VAL A 193 6.93 -1.64 -17.98
CA VAL A 193 7.80 -2.74 -18.35
C VAL A 193 7.69 -3.83 -17.30
N ALA A 194 7.81 -5.09 -17.70
CA ALA A 194 7.73 -6.19 -16.76
C ALA A 194 9.02 -6.32 -15.97
N GLN A 195 8.93 -6.14 -14.66
CA GLN A 195 10.06 -6.32 -13.78
C GLN A 195 9.56 -6.68 -12.39
N TYR A 196 10.34 -7.44 -11.66
CA TYR A 196 9.91 -7.91 -10.35
C TYR A 196 10.90 -7.49 -9.28
N PRO A 197 10.39 -7.13 -8.09
CA PRO A 197 11.24 -6.65 -6.99
C PRO A 197 12.23 -7.72 -6.55
N LEU A 198 11.70 -8.83 -6.03
CA LEU A 198 12.52 -9.97 -5.69
C LEU A 198 12.03 -11.20 -6.44
N ASP A 199 11.24 -10.96 -7.48
CA ASP A 199 10.81 -11.99 -8.44
C ASP A 199 9.82 -12.99 -7.84
N MET A 200 9.35 -12.72 -6.62
CA MET A 200 8.41 -13.64 -5.94
C MET A 200 7.10 -13.78 -6.72
N GLY A 201 6.80 -12.81 -7.58
CA GLY A 201 5.55 -12.83 -8.32
C GLY A 201 5.64 -13.65 -9.60
N ARG A 202 6.84 -14.12 -9.94
CA ARG A 202 7.04 -14.95 -11.12
C ARG A 202 6.69 -16.39 -10.82
N LYS A 203 6.70 -16.71 -9.53
CA LYS A 203 6.49 -18.07 -9.06
C LYS A 203 5.07 -18.54 -9.34
N MET A 1 -16.32 23.28 7.01
CA MET A 1 -16.23 22.22 8.04
C MET A 1 -14.81 22.13 8.57
N ALA A 2 -14.67 21.59 9.78
CA ALA A 2 -13.36 21.47 10.42
C ALA A 2 -12.95 20.01 10.52
N ALA A 3 -13.59 19.18 9.73
CA ALA A 3 -13.22 17.77 9.63
C ALA A 3 -11.89 17.64 8.92
N ILE A 4 -11.76 18.39 7.84
CA ILE A 4 -10.54 18.39 7.04
C ILE A 4 -10.10 19.83 6.82
N PRO A 5 -9.07 20.27 7.55
CA PRO A 5 -8.59 21.65 7.52
C PRO A 5 -8.05 22.07 6.14
N PRO A 6 -8.37 23.30 5.70
CA PRO A 6 -7.87 23.84 4.44
C PRO A 6 -6.34 23.81 4.38
N ASP A 7 -5.72 24.10 5.52
CA ASP A 7 -4.27 23.98 5.64
C ASP A 7 -3.89 22.50 5.64
N SER A 8 -3.40 22.04 4.50
CA SER A 8 -3.18 20.62 4.30
C SER A 8 -1.72 20.33 3.98
N TRP A 9 -1.09 19.50 4.79
CA TRP A 9 0.24 19.03 4.49
C TRP A 9 0.14 17.71 3.73
N GLN A 10 0.46 17.77 2.45
CA GLN A 10 0.39 16.59 1.59
C GLN A 10 1.74 15.88 1.51
N PRO A 11 1.86 14.72 2.16
CA PRO A 11 3.03 13.88 2.06
C PRO A 11 2.90 12.87 0.93
N PRO A 12 3.79 12.96 -0.07
CA PRO A 12 3.73 12.08 -1.24
C PRO A 12 4.06 10.64 -0.91
N ASN A 13 4.71 10.44 0.22
CA ASN A 13 5.20 9.15 0.64
C ASN A 13 4.97 8.94 2.13
N VAL A 14 4.70 7.73 2.55
CA VAL A 14 4.47 7.44 3.96
C VAL A 14 5.23 6.20 4.41
N TYR A 15 5.70 6.24 5.65
CA TYR A 15 6.43 5.12 6.23
C TYR A 15 5.51 4.29 7.13
N LEU A 16 5.42 3.00 6.83
CA LEU A 16 4.63 2.08 7.65
C LEU A 16 5.57 1.10 8.35
N GLU A 17 5.80 1.30 9.64
CA GLU A 17 6.64 0.40 10.40
C GLU A 17 5.78 -0.71 11.00
N THR A 18 6.02 -1.94 10.60
CA THR A 18 5.16 -3.04 10.98
C THR A 18 5.84 -3.96 12.00
N SER A 19 5.11 -4.99 12.40
CA SER A 19 5.63 -6.02 13.29
C SER A 19 6.78 -6.78 12.64
N MET A 20 6.77 -6.82 11.32
CA MET A 20 7.78 -7.57 10.58
C MET A 20 8.97 -6.71 10.22
N GLY A 21 8.71 -5.45 9.90
CA GLY A 21 9.78 -4.55 9.52
C GLY A 21 9.25 -3.18 9.20
N ILE A 22 9.62 -2.66 8.06
CA ILE A 22 9.10 -1.38 7.60
C ILE A 22 8.80 -1.45 6.12
N ILE A 23 7.65 -0.90 5.76
CA ILE A 23 7.24 -0.83 4.36
C ILE A 23 6.90 0.60 4.03
N VAL A 24 7.61 1.14 3.06
CA VAL A 24 7.37 2.49 2.61
C VAL A 24 6.55 2.46 1.33
N LEU A 25 5.63 3.39 1.18
CA LEU A 25 4.84 3.45 -0.04
C LEU A 25 4.47 4.87 -0.38
N GLU A 26 4.10 5.07 -1.62
CA GLU A 26 3.69 6.38 -2.10
C GLU A 26 2.39 6.27 -2.89
N LEU A 27 1.73 7.39 -3.10
CA LEU A 27 0.50 7.43 -3.84
C LEU A 27 0.76 7.88 -5.27
N TYR A 28 -0.23 7.74 -6.14
CA TYR A 28 -0.13 8.27 -7.49
C TYR A 28 -0.66 9.68 -7.56
N TRP A 29 0.25 10.64 -7.51
CA TRP A 29 -0.12 12.05 -7.49
C TRP A 29 -0.21 12.55 -8.92
N LYS A 30 -0.26 11.59 -9.83
CA LYS A 30 -0.29 11.85 -11.24
C LYS A 30 -1.72 11.94 -11.74
N HIS A 31 -2.50 10.91 -11.46
CA HIS A 31 -3.84 10.79 -12.03
C HIS A 31 -4.89 10.46 -10.97
N ALA A 32 -4.50 10.51 -9.70
CA ALA A 32 -5.44 10.25 -8.61
C ALA A 32 -5.30 11.29 -7.51
N PRO A 33 -5.75 12.53 -7.77
CA PRO A 33 -5.56 13.66 -6.85
C PRO A 33 -6.33 13.50 -5.55
N LYS A 34 -7.57 13.03 -5.64
CA LYS A 34 -8.41 12.89 -4.45
C LYS A 34 -7.93 11.73 -3.61
N THR A 35 -7.69 10.61 -4.27
CA THR A 35 -7.31 9.38 -3.60
C THR A 35 -6.03 9.58 -2.79
N CYS A 36 -5.07 10.30 -3.36
CA CYS A 36 -3.83 10.64 -2.68
C CYS A 36 -4.10 11.26 -1.32
N LYS A 37 -4.95 12.28 -1.30
CA LYS A 37 -5.19 13.03 -0.09
C LYS A 37 -6.03 12.23 0.89
N ASN A 38 -6.79 11.26 0.40
CA ASN A 38 -7.52 10.35 1.28
C ASN A 38 -6.53 9.67 2.22
N PHE A 39 -5.46 9.16 1.64
CA PHE A 39 -4.40 8.50 2.41
C PHE A 39 -3.51 9.53 3.12
N ALA A 40 -3.17 10.59 2.40
CA ALA A 40 -2.38 11.68 2.98
C ALA A 40 -3.02 12.26 4.23
N GLU A 41 -4.31 12.59 4.15
CA GLU A 41 -5.06 13.12 5.28
C GLU A 41 -5.06 12.14 6.45
N LEU A 42 -5.27 10.87 6.14
CA LEU A 42 -5.27 9.83 7.15
C LEU A 42 -3.88 9.62 7.75
N ALA A 43 -2.87 9.88 6.94
CA ALA A 43 -1.48 9.76 7.38
C ALA A 43 -1.12 10.84 8.38
N ARG A 44 -1.57 12.08 8.15
CA ARG A 44 -1.27 13.15 9.07
C ARG A 44 -2.21 13.15 10.28
N ARG A 45 -3.22 12.28 10.24
CA ARG A 45 -4.06 12.05 11.40
C ARG A 45 -3.47 10.93 12.25
N GLY A 46 -3.14 9.81 11.60
CA GLY A 46 -2.53 8.69 12.28
C GLY A 46 -3.37 7.43 12.16
N TYR A 47 -3.91 7.21 10.98
CA TYR A 47 -4.87 6.14 10.73
C TYR A 47 -4.21 4.78 10.77
N TYR A 48 -2.99 4.71 10.25
CA TYR A 48 -2.34 3.43 10.01
C TYR A 48 -1.82 2.81 11.31
N ASN A 49 -1.72 3.61 12.36
CA ASN A 49 -1.15 3.14 13.63
C ASN A 49 -2.05 2.12 14.31
N GLY A 50 -3.26 1.93 13.77
CA GLY A 50 -4.17 0.96 14.33
C GLY A 50 -4.69 -0.01 13.29
N THR A 51 -4.02 -0.08 12.15
CA THR A 51 -4.46 -0.94 11.06
C THR A 51 -3.63 -2.22 11.00
N LYS A 52 -4.25 -3.30 10.54
CA LYS A 52 -3.58 -4.59 10.47
C LYS A 52 -3.77 -5.21 9.09
N PHE A 53 -2.84 -6.05 8.69
CA PHE A 53 -2.99 -6.85 7.48
C PHE A 53 -3.66 -8.16 7.86
N HIS A 54 -4.92 -8.33 7.47
CA HIS A 54 -5.68 -9.48 7.94
C HIS A 54 -5.95 -10.46 6.81
N ARG A 55 -5.63 -10.06 5.58
CA ARG A 55 -5.72 -10.98 4.46
C ARG A 55 -4.37 -11.10 3.79
N ILE A 56 -3.72 -12.23 4.01
CA ILE A 56 -2.41 -12.47 3.45
C ILE A 56 -2.46 -13.72 2.60
N ILE A 57 -2.77 -13.56 1.33
CA ILE A 57 -2.77 -14.67 0.43
C ILE A 57 -1.40 -14.77 -0.19
N LYS A 58 -0.75 -15.91 0.01
CA LYS A 58 0.60 -16.11 -0.46
C LYS A 58 0.70 -15.93 -1.98
N ASP A 59 1.50 -14.94 -2.37
CA ASP A 59 1.71 -14.59 -3.77
C ASP A 59 0.41 -14.15 -4.44
N PHE A 60 -0.38 -13.38 -3.70
CA PHE A 60 -1.63 -12.85 -4.23
C PHE A 60 -1.79 -11.40 -3.84
N MET A 61 -2.19 -11.17 -2.58
CA MET A 61 -2.47 -9.84 -2.08
C MET A 61 -2.43 -9.81 -0.56
N ILE A 62 -2.17 -8.64 -0.01
CA ILE A 62 -2.12 -8.45 1.43
C ILE A 62 -3.02 -7.28 1.81
N GLN A 63 -4.19 -7.60 2.35
CA GLN A 63 -5.17 -6.59 2.73
C GLN A 63 -4.82 -5.99 4.08
N GLY A 64 -4.73 -4.68 4.14
CA GLY A 64 -4.42 -4.02 5.39
C GLY A 64 -5.39 -2.89 5.69
N GLY A 65 -5.77 -2.76 6.94
CA GLY A 65 -6.64 -1.67 7.33
C GLY A 65 -7.48 -1.98 8.56
N ASP A 66 -8.67 -1.38 8.59
CA ASP A 66 -9.62 -1.47 9.70
C ASP A 66 -8.97 -1.24 11.06
N PRO A 67 -8.88 0.03 11.47
CA PRO A 67 -8.37 0.40 12.80
C PRO A 67 -9.41 0.13 13.87
N THR A 68 -10.64 -0.01 13.40
CA THR A 68 -11.80 -0.13 14.25
C THR A 68 -12.03 -1.56 14.72
N GLY A 69 -11.86 -2.50 13.81
CA GLY A 69 -12.17 -3.89 14.10
C GLY A 69 -13.63 -4.18 13.86
N THR A 70 -14.23 -3.47 12.91
CA THR A 70 -15.66 -3.63 12.62
C THR A 70 -15.90 -4.24 11.24
N GLY A 71 -15.03 -3.92 10.27
CA GLY A 71 -15.21 -4.49 8.94
C GLY A 71 -15.37 -3.43 7.87
N ARG A 72 -15.36 -2.16 8.27
CA ARG A 72 -15.48 -1.06 7.33
C ARG A 72 -14.33 -0.06 7.49
N GLY A 73 -13.73 -0.02 8.67
CA GLY A 73 -12.59 0.84 8.89
C GLY A 73 -12.97 2.15 9.56
N GLY A 74 -12.01 3.06 9.63
CA GLY A 74 -12.25 4.37 10.20
C GLY A 74 -12.55 5.42 9.15
N ALA A 75 -11.52 6.19 8.78
CA ALA A 75 -11.64 7.26 7.78
C ALA A 75 -12.67 8.28 8.20
N SER A 76 -12.75 8.50 9.50
CA SER A 76 -13.74 9.38 10.12
C SER A 76 -13.36 10.84 9.93
N ILE A 77 -12.43 11.07 9.01
CA ILE A 77 -11.95 12.41 8.74
C ILE A 77 -12.72 13.04 7.57
N TYR A 78 -13.02 12.24 6.56
CA TYR A 78 -13.72 12.79 5.39
C TYR A 78 -15.18 12.35 5.36
N GLY A 79 -15.51 11.31 6.11
CA GLY A 79 -16.90 10.89 6.21
C GLY A 79 -17.21 9.64 5.42
N LYS A 80 -17.87 9.80 4.28
CA LYS A 80 -18.31 8.66 3.48
C LYS A 80 -17.81 8.74 2.05
N GLN A 81 -18.08 7.68 1.29
CA GLN A 81 -17.52 7.50 -0.05
C GLN A 81 -18.39 8.19 -1.11
N PHE A 82 -19.27 7.42 -1.76
CA PHE A 82 -20.28 7.95 -2.68
C PHE A 82 -19.69 8.28 -4.05
N GLU A 83 -18.51 7.77 -4.29
CA GLU A 83 -17.86 7.92 -5.58
C GLU A 83 -16.83 6.83 -5.77
N ASP A 84 -16.93 6.10 -6.88
CA ASP A 84 -15.89 5.18 -7.26
C ASP A 84 -14.79 5.95 -7.98
N GLU A 85 -13.59 5.88 -7.46
CA GLU A 85 -12.46 6.55 -8.06
C GLU A 85 -11.66 5.54 -8.87
N LEU A 86 -12.34 4.44 -9.18
CA LEU A 86 -11.75 3.35 -9.95
C LEU A 86 -11.29 3.87 -11.31
N HIS A 87 -10.01 4.12 -11.45
CA HIS A 87 -9.49 4.65 -12.68
C HIS A 87 -8.01 4.28 -12.82
N PRO A 88 -7.74 3.02 -13.15
CA PRO A 88 -6.37 2.52 -13.33
C PRO A 88 -5.66 3.19 -14.50
N ASP A 89 -4.95 4.26 -14.21
CA ASP A 89 -4.10 4.91 -15.20
C ASP A 89 -2.90 4.02 -15.46
N LEU A 90 -2.48 3.34 -14.40
CA LEU A 90 -1.42 2.37 -14.48
C LEU A 90 -2.03 0.98 -14.67
N LYS A 91 -1.19 -0.03 -14.80
CA LYS A 91 -1.67 -1.39 -14.97
C LYS A 91 -0.75 -2.37 -14.25
N PHE A 92 -1.26 -3.56 -13.98
CA PHE A 92 -0.47 -4.60 -13.32
C PHE A 92 0.79 -4.91 -14.10
N THR A 93 1.92 -4.70 -13.46
CA THR A 93 3.20 -4.93 -14.10
C THR A 93 3.96 -6.05 -13.38
N GLY A 94 3.92 -5.99 -12.06
CA GLY A 94 4.51 -7.04 -11.25
C GLY A 94 3.98 -6.99 -9.83
N ALA A 95 4.75 -7.52 -8.90
CA ALA A 95 4.38 -7.48 -7.49
C ALA A 95 4.78 -6.16 -6.86
N GLY A 96 3.93 -5.65 -5.99
CA GLY A 96 4.22 -4.41 -5.31
C GLY A 96 3.25 -3.32 -5.69
N ILE A 97 2.07 -3.70 -6.14
CA ILE A 97 1.08 -2.72 -6.56
C ILE A 97 0.20 -2.35 -5.37
N LEU A 98 0.27 -1.10 -4.97
CA LEU A 98 -0.50 -0.60 -3.83
C LEU A 98 -1.85 -0.05 -4.32
N ALA A 99 -2.93 -0.58 -3.76
CA ALA A 99 -4.27 -0.17 -4.15
C ALA A 99 -5.19 -0.10 -2.93
N MET A 100 -6.38 0.48 -3.12
CA MET A 100 -7.37 0.54 -2.04
C MET A 100 -8.30 -0.65 -2.10
N ALA A 101 -8.90 -0.98 -0.99
CA ALA A 101 -9.88 -2.03 -0.92
C ALA A 101 -11.28 -1.43 -0.85
N ASN A 102 -12.30 -2.26 -1.05
CA ASN A 102 -13.67 -1.78 -1.08
C ASN A 102 -14.49 -2.48 0.00
N ALA A 103 -15.75 -2.10 0.09
CA ALA A 103 -16.67 -2.75 1.01
C ALA A 103 -18.07 -2.81 0.42
N GLY A 104 -18.16 -2.65 -0.88
CA GLY A 104 -19.44 -2.73 -1.56
C GLY A 104 -19.62 -1.65 -2.59
N PRO A 105 -20.84 -1.11 -2.73
CA PRO A 105 -21.19 -0.13 -3.74
C PRO A 105 -20.35 1.13 -3.64
N ASP A 106 -19.26 1.12 -4.40
CA ASP A 106 -18.33 2.26 -4.52
C ASP A 106 -17.90 2.75 -3.14
N THR A 107 -17.82 1.81 -2.22
CA THR A 107 -17.38 2.07 -0.86
C THR A 107 -15.85 2.13 -0.82
N ASN A 108 -15.29 3.01 -1.64
CA ASN A 108 -13.86 3.27 -1.65
C ASN A 108 -13.48 4.07 -0.41
N GLY A 109 -12.94 3.37 0.57
CA GLY A 109 -12.68 4.01 1.84
C GLY A 109 -11.20 4.06 2.19
N SER A 110 -10.89 3.74 3.43
CA SER A 110 -9.52 3.84 3.92
C SER A 110 -8.81 2.49 3.87
N GLN A 111 -9.56 1.46 3.49
CA GLN A 111 -9.00 0.12 3.37
C GLN A 111 -8.06 0.05 2.17
N PHE A 112 -6.98 -0.69 2.29
CA PHE A 112 -6.01 -0.82 1.21
C PHE A 112 -5.42 -2.23 1.17
N PHE A 113 -4.71 -2.53 0.10
CA PHE A 113 -4.02 -3.80 -0.02
C PHE A 113 -2.86 -3.71 -1.00
N VAL A 114 -1.88 -4.57 -0.83
CA VAL A 114 -0.77 -4.67 -1.77
C VAL A 114 -0.87 -5.99 -2.53
N THR A 115 -0.50 -5.97 -3.79
CA THR A 115 -0.55 -7.17 -4.61
C THR A 115 0.82 -7.83 -4.67
N LEU A 116 0.86 -9.10 -4.29
CA LEU A 116 2.08 -9.90 -4.35
C LEU A 116 2.27 -10.47 -5.75
N ALA A 117 1.24 -10.31 -6.56
CA ALA A 117 1.25 -10.77 -7.93
C ALA A 117 0.40 -9.85 -8.79
N PRO A 118 0.65 -9.81 -10.11
CA PRO A 118 -0.14 -8.97 -11.03
C PRO A 118 -1.54 -9.53 -11.25
N THR A 119 -2.53 -8.80 -10.79
CA THR A 119 -3.92 -9.19 -10.98
C THR A 119 -4.52 -8.40 -12.13
N GLN A 120 -5.43 -9.01 -12.88
CA GLN A 120 -6.07 -8.33 -13.99
C GLN A 120 -7.58 -8.36 -13.83
N TRP A 121 -8.02 -8.63 -12.61
CA TRP A 121 -9.44 -8.78 -12.33
C TRP A 121 -9.88 -7.83 -11.22
N LEU A 122 -8.94 -7.07 -10.67
CA LEU A 122 -9.23 -6.14 -9.59
C LEU A 122 -9.04 -4.71 -10.03
N ASP A 123 -8.52 -4.56 -11.23
CA ASP A 123 -8.15 -3.28 -11.80
C ASP A 123 -9.36 -2.37 -11.95
N GLY A 124 -10.54 -2.97 -11.95
CA GLY A 124 -11.75 -2.20 -12.10
C GLY A 124 -12.68 -2.37 -10.92
N LYS A 125 -12.14 -2.96 -9.86
CA LYS A 125 -12.92 -3.19 -8.65
C LYS A 125 -12.28 -2.46 -7.47
N HIS A 126 -10.98 -2.21 -7.59
CA HIS A 126 -10.24 -1.53 -6.55
C HIS A 126 -9.43 -0.40 -7.15
N THR A 127 -9.61 0.80 -6.62
CA THR A 127 -8.86 1.96 -7.07
C THR A 127 -7.37 1.80 -6.72
N ILE A 128 -6.55 1.63 -7.75
CA ILE A 128 -5.13 1.42 -7.56
C ILE A 128 -4.37 2.72 -7.72
N PHE A 129 -3.67 3.14 -6.68
CA PHE A 129 -2.82 4.31 -6.77
C PHE A 129 -1.69 4.21 -5.75
N GLY A 130 -0.74 3.35 -5.99
CA GLY A 130 0.33 3.21 -5.06
C GLY A 130 1.55 2.53 -5.61
N ARG A 131 2.68 2.87 -5.05
CA ARG A 131 3.93 2.20 -5.34
C ARG A 131 4.64 1.87 -4.05
N VAL A 132 4.96 0.61 -3.84
CA VAL A 132 5.74 0.21 -2.68
C VAL A 132 7.22 0.51 -2.92
N CYS A 133 7.83 1.15 -1.94
CA CYS A 133 9.19 1.65 -2.07
C CYS A 133 10.00 1.30 -0.83
N GLN A 134 11.26 0.90 -1.03
CA GLN A 134 12.18 0.59 0.06
C GLN A 134 11.54 -0.33 1.12
N GLY A 135 10.86 -1.38 0.69
CA GLY A 135 10.29 -2.30 1.64
C GLY A 135 9.63 -3.49 0.96
N ILE A 136 10.12 -3.85 -0.22
CA ILE A 136 9.50 -4.91 -0.99
C ILE A 136 9.88 -6.28 -0.40
N GLY A 137 11.09 -6.37 0.13
CA GLY A 137 11.54 -7.60 0.74
C GLY A 137 10.69 -7.98 1.93
N MET A 138 10.23 -6.98 2.67
CA MET A 138 9.37 -7.23 3.81
C MET A 138 8.01 -7.73 3.35
N VAL A 139 7.38 -6.99 2.44
CA VAL A 139 6.10 -7.39 1.86
C VAL A 139 6.20 -8.80 1.27
N ASN A 140 7.38 -9.15 0.79
CA ASN A 140 7.62 -10.45 0.19
C ASN A 140 7.60 -11.55 1.23
N ARG A 141 8.40 -11.38 2.27
CA ARG A 141 8.51 -12.37 3.32
C ARG A 141 7.27 -12.36 4.23
N VAL A 142 6.49 -11.29 4.13
CA VAL A 142 5.23 -11.21 4.86
C VAL A 142 4.11 -11.89 4.06
N GLY A 143 4.16 -11.72 2.76
CA GLY A 143 3.11 -12.26 1.92
C GLY A 143 3.32 -13.73 1.59
N MET A 144 4.52 -14.23 1.85
CA MET A 144 4.83 -15.62 1.54
C MET A 144 4.67 -16.50 2.78
N VAL A 145 4.27 -15.89 3.88
CA VAL A 145 4.14 -16.61 5.15
C VAL A 145 3.17 -17.78 5.05
N GLU A 146 3.40 -18.76 5.89
CA GLU A 146 2.56 -19.95 5.94
C GLU A 146 1.54 -19.82 7.07
N THR A 147 0.84 -20.89 7.36
CA THR A 147 -0.19 -20.86 8.39
C THR A 147 0.40 -21.10 9.77
N ASN A 148 -0.23 -20.49 10.77
CA ASN A 148 0.27 -20.56 12.14
C ASN A 148 0.02 -21.94 12.75
N SER A 149 -1.23 -22.37 12.73
CA SER A 149 -1.59 -23.71 13.21
C SER A 149 -2.82 -24.21 12.45
N GLN A 150 -3.86 -23.40 12.43
CA GLN A 150 -5.03 -23.69 11.62
C GLN A 150 -4.78 -23.24 10.19
N ASP A 151 -5.84 -23.16 9.39
CA ASP A 151 -5.73 -22.73 8.00
C ASP A 151 -5.55 -21.21 7.93
N ARG A 152 -5.25 -20.59 9.07
CA ARG A 152 -5.05 -19.16 9.12
C ARG A 152 -3.57 -18.84 8.98
N PRO A 153 -3.21 -18.05 7.97
CA PRO A 153 -1.83 -17.60 7.78
C PRO A 153 -1.35 -16.87 9.02
N VAL A 154 -0.05 -16.93 9.28
CA VAL A 154 0.53 -16.24 10.43
C VAL A 154 0.07 -14.77 10.47
N ASP A 155 -0.87 -14.50 11.35
CA ASP A 155 -1.53 -13.21 11.42
C ASP A 155 -1.04 -12.41 12.61
N ASP A 156 -0.04 -11.58 12.37
CA ASP A 156 0.48 -10.68 13.39
C ASP A 156 1.06 -9.44 12.75
N VAL A 157 0.77 -9.24 11.48
CA VAL A 157 1.36 -8.14 10.75
C VAL A 157 0.44 -6.93 10.81
N LYS A 158 0.76 -6.05 11.72
CA LYS A 158 0.03 -4.80 11.87
C LYS A 158 0.99 -3.66 11.69
N ILE A 159 0.47 -2.47 11.51
CA ILE A 159 1.29 -1.30 11.40
C ILE A 159 1.51 -0.73 12.79
N ILE A 160 2.70 -0.97 13.32
CA ILE A 160 3.05 -0.58 14.67
C ILE A 160 3.10 0.94 14.78
N LYS A 161 3.98 1.54 13.98
CA LYS A 161 4.10 3.00 13.91
C LYS A 161 4.04 3.45 12.46
N ALA A 162 3.23 4.46 12.21
CA ALA A 162 3.11 5.01 10.87
C ALA A 162 3.29 6.51 10.89
N TYR A 163 4.06 7.00 9.94
CA TYR A 163 4.39 8.40 9.86
C TYR A 163 4.73 8.80 8.43
N PRO A 164 4.07 9.86 7.93
CA PRO A 164 4.26 10.34 6.57
C PRO A 164 5.50 11.20 6.40
N SER A 165 6.09 11.15 5.21
CA SER A 165 7.26 11.96 4.90
C SER A 165 7.31 12.25 3.40
N GLY A 166 8.51 12.46 2.88
CA GLY A 166 8.67 12.70 1.46
C GLY A 166 9.81 11.89 0.87
N GLY A 167 10.93 11.88 1.57
CA GLY A 167 12.10 11.14 1.11
C GLY A 167 13.34 12.01 1.10
N GLY A 168 14.22 11.76 0.15
CA GLY A 168 15.44 12.55 0.05
C GLY A 168 16.63 11.87 0.70
N GLY A 169 17.63 11.51 -0.09
CA GLY A 169 18.82 10.90 0.45
C GLY A 169 19.44 9.91 -0.51
N SER A 170 20.64 10.23 -0.99
CA SER A 170 21.37 9.35 -1.89
C SER A 170 22.83 9.80 -1.98
N GLY A 171 23.58 9.24 -2.91
CA GLY A 171 24.97 9.60 -3.07
C GLY A 171 25.76 8.52 -3.76
N GLY A 172 26.82 8.07 -3.11
CA GLY A 172 27.66 7.03 -3.67
C GLY A 172 28.50 6.34 -2.62
N GLY A 173 29.19 5.28 -3.01
CA GLY A 173 30.03 4.56 -2.09
C GLY A 173 31.02 3.67 -2.80
N SER A 174 32.26 3.68 -2.34
CA SER A 174 33.34 2.91 -2.94
C SER A 174 33.53 3.27 -4.42
N GLY A 175 34.25 4.36 -4.65
CA GLY A 175 34.47 4.83 -6.01
C GLY A 175 35.50 4.00 -6.75
N GLY A 176 35.08 2.87 -7.26
CA GLY A 176 35.97 2.00 -7.99
C GLY A 176 35.66 0.54 -7.73
N GLY A 177 35.34 0.22 -6.49
CA GLY A 177 35.01 -1.14 -6.13
C GLY A 177 33.52 -1.40 -6.21
N SER A 178 33.04 -2.30 -5.36
CA SER A 178 31.64 -2.68 -5.36
C SER A 178 30.87 -1.88 -4.31
N GLY A 179 30.04 -0.96 -4.78
CA GLY A 179 29.26 -0.15 -3.88
C GLY A 179 28.47 0.92 -4.61
N GLY A 180 27.69 1.69 -3.88
CA GLY A 180 26.91 2.75 -4.48
C GLY A 180 25.79 3.21 -3.58
N GLY A 181 25.08 2.25 -3.01
CA GLY A 181 23.96 2.57 -2.14
C GLY A 181 22.64 2.23 -2.78
N SER A 182 22.27 0.96 -2.71
CA SER A 182 21.01 0.49 -3.29
C SER A 182 19.91 0.47 -2.25
N GLY A 183 18.81 -0.20 -2.58
CA GLY A 183 17.69 -0.29 -1.66
C GLY A 183 16.61 -1.19 -2.20
N ASP A 184 15.49 -1.22 -1.52
CA ASP A 184 14.35 -2.04 -1.93
C ASP A 184 13.38 -1.23 -2.78
N GLY A 185 12.33 -1.89 -3.20
CA GLY A 185 11.27 -1.23 -3.94
C GLY A 185 10.50 -2.24 -4.76
N GLY A 186 9.20 -2.00 -4.92
CA GLY A 186 8.39 -2.90 -5.70
C GLY A 186 8.60 -2.71 -7.19
N ALA A 187 7.73 -3.30 -7.97
CA ALA A 187 7.80 -3.21 -9.42
C ALA A 187 7.41 -1.82 -9.88
N PHE A 188 7.61 -1.54 -11.16
CA PHE A 188 7.28 -0.24 -11.71
C PHE A 188 6.03 -0.33 -12.57
N PRO A 189 4.87 -0.05 -11.98
CA PRO A 189 3.60 -0.09 -12.70
C PRO A 189 3.39 1.14 -13.59
N GLU A 190 4.27 2.14 -13.47
CA GLU A 190 4.11 3.37 -14.25
C GLU A 190 4.51 3.14 -15.70
N ILE A 191 5.51 2.30 -15.90
CA ILE A 191 6.08 2.07 -17.23
C ILE A 191 5.21 1.13 -18.05
N HIS A 192 4.27 0.46 -17.39
CA HIS A 192 3.25 -0.36 -18.04
C HIS A 192 3.87 -1.59 -18.73
N VAL A 193 4.96 -2.09 -18.18
CA VAL A 193 5.62 -3.24 -18.76
C VAL A 193 5.74 -4.36 -17.72
N ALA A 194 5.71 -5.59 -18.18
CA ALA A 194 5.77 -6.75 -17.30
C ALA A 194 7.17 -6.97 -16.76
N GLN A 195 7.28 -6.91 -15.43
CA GLN A 195 8.55 -7.11 -14.74
C GLN A 195 8.29 -7.33 -13.26
N TYR A 196 9.22 -7.99 -12.59
CA TYR A 196 9.07 -8.23 -11.17
C TYR A 196 10.21 -7.60 -10.37
N PRO A 197 9.92 -7.14 -9.15
CA PRO A 197 10.92 -6.51 -8.28
C PRO A 197 12.04 -7.48 -7.90
N LEU A 198 11.67 -8.58 -7.25
CA LEU A 198 12.63 -9.62 -6.92
C LEU A 198 12.11 -10.98 -7.39
N ASP A 199 11.19 -10.95 -8.36
CA ASP A 199 10.58 -12.16 -8.93
C ASP A 199 9.79 -12.94 -7.88
N MET A 200 9.45 -12.25 -6.80
CA MET A 200 8.69 -12.83 -5.69
C MET A 200 7.39 -13.49 -6.17
N GLY A 201 6.58 -12.74 -6.90
CA GLY A 201 5.27 -13.20 -7.30
C GLY A 201 5.30 -14.27 -8.37
N ARG A 202 6.47 -14.52 -8.92
CA ARG A 202 6.63 -15.58 -9.90
C ARG A 202 6.76 -16.92 -9.21
N LYS A 203 7.54 -16.92 -8.14
CA LYS A 203 7.89 -18.11 -7.39
C LYS A 203 8.14 -19.31 -8.30
N MET A 1 -19.23 26.29 6.29
CA MET A 1 -18.01 25.57 6.71
C MET A 1 -17.56 24.60 5.64
N ALA A 2 -16.34 24.12 5.76
CA ALA A 2 -15.77 23.16 4.81
C ALA A 2 -15.42 21.86 5.51
N ALA A 3 -15.46 20.77 4.76
CA ALA A 3 -15.14 19.45 5.29
C ALA A 3 -13.74 19.03 4.88
N ILE A 4 -12.86 18.88 5.87
CA ILE A 4 -11.48 18.45 5.64
C ILE A 4 -10.65 19.58 5.02
N PRO A 5 -9.53 19.94 5.64
CA PRO A 5 -8.64 20.99 5.13
C PRO A 5 -7.93 20.54 3.84
N PRO A 6 -8.31 21.12 2.69
CA PRO A 6 -7.77 20.74 1.40
C PRO A 6 -6.43 21.40 1.12
N ASP A 7 -5.93 22.15 2.08
CA ASP A 7 -4.69 22.86 1.92
C ASP A 7 -3.76 22.61 3.10
N SER A 8 -2.96 21.57 2.96
CA SER A 8 -2.00 21.18 3.98
C SER A 8 -0.93 20.33 3.30
N TRP A 9 0.27 20.30 3.86
CA TRP A 9 1.36 19.57 3.23
C TRP A 9 1.63 18.26 3.96
N GLN A 10 1.46 17.17 3.24
CA GLN A 10 1.74 15.85 3.77
C GLN A 10 2.95 15.28 3.06
N PRO A 11 3.81 14.56 3.77
CA PRO A 11 4.84 13.76 3.14
C PRO A 11 4.23 12.74 2.19
N PRO A 12 4.52 12.85 0.89
CA PRO A 12 3.87 12.04 -0.16
C PRO A 12 4.25 10.56 -0.10
N ASN A 13 5.07 10.23 0.86
CA ASN A 13 5.54 8.87 1.06
C ASN A 13 5.49 8.55 2.55
N VAL A 14 4.87 7.42 2.89
CA VAL A 14 4.66 7.07 4.29
C VAL A 14 5.11 5.63 4.55
N TYR A 15 5.31 5.29 5.81
CA TYR A 15 5.73 3.94 6.15
C TYR A 15 4.87 3.34 7.26
N LEU A 16 4.71 2.02 7.19
CA LEU A 16 3.94 1.26 8.16
C LEU A 16 4.87 0.32 8.92
N GLU A 17 5.01 0.53 10.21
CA GLU A 17 5.75 -0.39 11.06
C GLU A 17 4.82 -1.53 11.48
N THR A 18 5.10 -2.72 11.00
CA THR A 18 4.21 -3.85 11.24
C THR A 18 4.77 -4.79 12.29
N SER A 19 4.01 -5.84 12.61
CA SER A 19 4.44 -6.85 13.57
C SER A 19 5.52 -7.73 12.95
N MET A 20 5.71 -7.62 11.64
CA MET A 20 6.69 -8.41 10.93
C MET A 20 7.95 -7.60 10.68
N GLY A 21 7.76 -6.34 10.34
CA GLY A 21 8.88 -5.48 10.04
C GLY A 21 8.44 -4.06 9.77
N ILE A 22 8.85 -3.52 8.64
CA ILE A 22 8.48 -2.17 8.28
C ILE A 22 8.32 -2.09 6.76
N ILE A 23 7.21 -1.51 6.35
CA ILE A 23 6.89 -1.39 4.93
C ILE A 23 6.59 0.07 4.57
N VAL A 24 7.25 0.57 3.54
CA VAL A 24 7.04 1.94 3.10
C VAL A 24 6.32 1.96 1.76
N LEU A 25 5.41 2.92 1.57
CA LEU A 25 4.74 3.06 0.28
C LEU A 25 4.39 4.51 0.00
N GLU A 26 4.18 4.81 -1.26
CA GLU A 26 3.85 6.16 -1.68
C GLU A 26 2.66 6.12 -2.64
N LEU A 27 2.04 7.26 -2.84
CA LEU A 27 0.84 7.35 -3.66
C LEU A 27 1.20 7.82 -5.06
N TYR A 28 0.27 7.67 -5.99
CA TYR A 28 0.48 8.19 -7.33
C TYR A 28 0.04 9.63 -7.44
N TRP A 29 1.02 10.52 -7.36
CA TRP A 29 0.76 11.94 -7.49
C TRP A 29 0.67 12.30 -8.97
N LYS A 30 0.82 11.29 -9.81
CA LYS A 30 0.81 11.47 -11.25
C LYS A 30 -0.57 11.87 -11.74
N HIS A 31 -1.52 10.95 -11.67
CA HIS A 31 -2.86 11.22 -12.16
C HIS A 31 -3.91 10.87 -11.12
N ALA A 32 -3.49 10.76 -9.86
CA ALA A 32 -4.42 10.48 -8.77
C ALA A 32 -4.21 11.46 -7.61
N PRO A 33 -4.43 12.77 -7.82
CA PRO A 33 -4.22 13.79 -6.80
C PRO A 33 -5.25 13.68 -5.67
N LYS A 34 -6.50 13.48 -6.05
CA LYS A 34 -7.59 13.34 -5.08
C LYS A 34 -7.33 12.13 -4.20
N THR A 35 -6.99 11.05 -4.84
CA THR A 35 -6.77 9.78 -4.18
C THR A 35 -5.56 9.85 -3.24
N CYS A 36 -4.51 10.51 -3.73
CA CYS A 36 -3.31 10.75 -2.93
C CYS A 36 -3.67 11.51 -1.66
N LYS A 37 -4.55 12.50 -1.80
CA LYS A 37 -5.03 13.29 -0.66
C LYS A 37 -5.69 12.39 0.37
N ASN A 38 -6.54 11.49 -0.09
CA ASN A 38 -7.31 10.61 0.80
C ASN A 38 -6.38 9.88 1.76
N PHE A 39 -5.37 9.21 1.21
CA PHE A 39 -4.43 8.45 2.03
C PHE A 39 -3.57 9.39 2.87
N ALA A 40 -3.09 10.45 2.24
CA ALA A 40 -2.24 11.44 2.91
C ALA A 40 -2.92 12.00 4.17
N GLU A 41 -4.14 12.50 4.01
CA GLU A 41 -4.85 13.10 5.14
C GLU A 41 -5.18 12.04 6.19
N LEU A 42 -5.39 10.81 5.73
CA LEU A 42 -5.64 9.69 6.61
C LEU A 42 -4.40 9.38 7.45
N ALA A 43 -3.23 9.52 6.82
CA ALA A 43 -1.95 9.37 7.49
C ALA A 43 -1.76 10.50 8.51
N ARG A 44 -2.24 11.69 8.15
CA ARG A 44 -2.20 12.84 9.05
C ARG A 44 -3.00 12.57 10.32
N ARG A 45 -4.19 12.00 10.16
CA ARG A 45 -5.06 11.72 11.29
C ARG A 45 -4.50 10.56 12.11
N GLY A 46 -4.13 9.48 11.43
CA GLY A 46 -3.50 8.37 12.12
C GLY A 46 -4.44 7.21 12.34
N TYR A 47 -5.22 6.89 11.32
CA TYR A 47 -6.19 5.81 11.40
C TYR A 47 -5.53 4.45 11.29
N TYR A 48 -4.31 4.45 10.77
CA TYR A 48 -3.57 3.21 10.55
C TYR A 48 -2.97 2.67 11.86
N ASN A 49 -3.10 3.45 12.92
CA ASN A 49 -2.55 3.07 14.22
C ASN A 49 -3.29 1.88 14.82
N GLY A 50 -4.39 1.48 14.19
CA GLY A 50 -5.15 0.35 14.67
C GLY A 50 -5.60 -0.55 13.53
N THR A 51 -4.86 -0.54 12.44
CA THR A 51 -5.22 -1.33 11.28
C THR A 51 -4.44 -2.64 11.22
N LYS A 52 -5.07 -3.67 10.68
CA LYS A 52 -4.43 -4.97 10.52
C LYS A 52 -4.74 -5.52 9.14
N PHE A 53 -3.96 -6.49 8.69
CA PHE A 53 -4.20 -7.09 7.39
C PHE A 53 -5.30 -8.13 7.50
N HIS A 54 -6.41 -7.89 6.81
CA HIS A 54 -7.62 -8.68 6.97
C HIS A 54 -7.71 -9.74 5.88
N ARG A 55 -7.01 -9.51 4.78
CA ARG A 55 -7.00 -10.46 3.66
C ARG A 55 -5.57 -10.84 3.31
N ILE A 56 -5.24 -12.11 3.47
CA ILE A 56 -3.91 -12.58 3.15
C ILE A 56 -4.01 -13.73 2.17
N ILE A 57 -4.04 -13.42 0.89
CA ILE A 57 -4.13 -14.45 -0.13
C ILE A 57 -2.73 -14.74 -0.66
N LYS A 58 -2.36 -16.01 -0.63
CA LYS A 58 -1.00 -16.42 -0.96
C LYS A 58 -0.68 -16.09 -2.41
N ASP A 59 0.33 -15.25 -2.61
CA ASP A 59 0.75 -14.81 -3.95
C ASP A 59 -0.40 -14.16 -4.70
N PHE A 60 -1.19 -13.35 -3.99
CA PHE A 60 -2.34 -12.69 -4.59
C PHE A 60 -2.35 -11.23 -4.21
N MET A 61 -2.84 -10.95 -3.01
CA MET A 61 -2.95 -9.59 -2.51
C MET A 61 -3.08 -9.60 -0.99
N ILE A 62 -2.72 -8.49 -0.38
CA ILE A 62 -2.75 -8.36 1.07
C ILE A 62 -3.54 -7.11 1.44
N GLN A 63 -4.77 -7.32 1.89
CA GLN A 63 -5.62 -6.19 2.27
C GLN A 63 -5.37 -5.78 3.71
N GLY A 64 -5.05 -4.51 3.90
CA GLY A 64 -4.80 -3.99 5.22
C GLY A 64 -5.77 -2.88 5.57
N GLY A 65 -6.20 -2.87 6.82
CA GLY A 65 -7.10 -1.84 7.29
C GLY A 65 -7.89 -2.29 8.50
N ASP A 66 -9.17 -1.98 8.49
CA ASP A 66 -10.09 -2.34 9.59
C ASP A 66 -9.56 -1.96 10.97
N PRO A 67 -9.66 -0.69 11.35
CA PRO A 67 -9.41 -0.27 12.73
C PRO A 67 -10.61 -0.63 13.61
N THR A 68 -11.73 -0.88 12.95
CA THR A 68 -12.97 -1.21 13.63
C THR A 68 -13.18 -2.73 13.70
N GLY A 69 -12.92 -3.40 12.58
CA GLY A 69 -13.12 -4.84 12.52
C GLY A 69 -14.47 -5.20 11.93
N THR A 70 -15.13 -4.21 11.35
CA THR A 70 -16.45 -4.40 10.79
C THR A 70 -16.38 -4.62 9.27
N GLY A 71 -15.21 -4.37 8.70
CA GLY A 71 -15.01 -4.60 7.28
C GLY A 71 -15.09 -3.33 6.45
N ARG A 72 -15.62 -2.27 7.04
CA ARG A 72 -15.82 -1.03 6.31
C ARG A 72 -15.59 0.19 7.19
N GLY A 73 -14.90 -0.01 8.30
CA GLY A 73 -14.61 1.11 9.18
C GLY A 73 -13.35 1.86 8.75
N GLY A 74 -12.86 2.74 9.61
CA GLY A 74 -11.67 3.49 9.27
C GLY A 74 -11.93 4.98 9.12
N ALA A 75 -11.68 5.48 7.92
CA ALA A 75 -11.74 6.89 7.62
C ALA A 75 -13.13 7.49 7.87
N SER A 76 -13.32 8.03 9.05
CA SER A 76 -14.54 8.74 9.39
C SER A 76 -14.30 10.24 9.25
N ILE A 77 -13.12 10.56 8.72
CA ILE A 77 -12.70 11.95 8.55
C ILE A 77 -13.61 12.70 7.59
N TYR A 78 -14.04 12.02 6.54
CA TYR A 78 -14.88 12.64 5.54
C TYR A 78 -16.36 12.30 5.75
N GLY A 79 -16.62 11.46 6.75
CA GLY A 79 -17.99 11.10 7.08
C GLY A 79 -18.56 10.04 6.17
N LYS A 80 -18.88 10.42 4.94
CA LYS A 80 -19.44 9.50 3.97
C LYS A 80 -18.47 9.28 2.82
N GLN A 81 -18.80 8.33 1.96
CA GLN A 81 -17.98 8.03 0.81
C GLN A 81 -18.16 9.08 -0.28
N PHE A 82 -17.21 9.13 -1.20
CA PHE A 82 -17.22 10.12 -2.27
C PHE A 82 -16.98 9.45 -3.61
N GLU A 83 -16.74 10.27 -4.64
CA GLU A 83 -16.55 9.79 -6.01
C GLU A 83 -15.58 8.61 -6.07
N ASP A 84 -15.91 7.63 -6.90
CA ASP A 84 -15.03 6.52 -7.13
C ASP A 84 -13.87 6.97 -8.01
N GLU A 85 -12.67 6.57 -7.64
CA GLU A 85 -11.47 7.02 -8.31
C GLU A 85 -10.96 5.92 -9.23
N LEU A 86 -11.84 4.99 -9.57
CA LEU A 86 -11.48 3.83 -10.38
C LEU A 86 -10.91 4.27 -11.72
N HIS A 87 -9.60 4.27 -11.83
CA HIS A 87 -8.91 4.77 -13.00
C HIS A 87 -7.44 4.37 -12.95
N PRO A 88 -7.15 3.13 -13.36
CA PRO A 88 -5.77 2.63 -13.41
C PRO A 88 -4.92 3.36 -14.43
N ASP A 89 -4.24 4.40 -13.98
CA ASP A 89 -3.26 5.10 -14.81
C ASP A 89 -2.04 4.22 -15.00
N LEU A 90 -1.71 3.50 -13.94
CA LEU A 90 -0.69 2.49 -13.97
C LEU A 90 -1.29 1.18 -14.47
N LYS A 91 -0.48 0.15 -14.58
CA LYS A 91 -1.01 -1.16 -14.90
C LYS A 91 -0.30 -2.22 -14.08
N PHE A 92 -0.82 -3.43 -14.10
CA PHE A 92 -0.15 -4.55 -13.50
C PHE A 92 1.17 -4.81 -14.23
N THR A 93 2.25 -4.79 -13.49
CA THR A 93 3.57 -4.97 -14.05
C THR A 93 4.29 -6.10 -13.33
N GLY A 94 4.12 -6.12 -12.02
CA GLY A 94 4.64 -7.19 -11.21
C GLY A 94 4.00 -7.21 -9.84
N ALA A 95 4.78 -7.53 -8.83
CA ALA A 95 4.29 -7.52 -7.45
C ALA A 95 4.67 -6.22 -6.76
N GLY A 96 3.86 -5.80 -5.81
CA GLY A 96 4.12 -4.58 -5.10
C GLY A 96 3.21 -3.46 -5.54
N ILE A 97 2.07 -3.83 -6.10
CA ILE A 97 1.13 -2.85 -6.60
C ILE A 97 0.20 -2.43 -5.46
N LEU A 98 0.39 -1.21 -4.98
CA LEU A 98 -0.41 -0.70 -3.88
C LEU A 98 -1.72 -0.13 -4.40
N ALA A 99 -2.83 -0.66 -3.89
CA ALA A 99 -4.15 -0.23 -4.35
C ALA A 99 -5.09 0.03 -3.17
N MET A 100 -6.25 0.57 -3.47
CA MET A 100 -7.26 0.89 -2.47
C MET A 100 -8.42 -0.10 -2.56
N ALA A 101 -8.98 -0.47 -1.42
CA ALA A 101 -10.08 -1.40 -1.38
C ALA A 101 -11.40 -0.68 -1.11
N ASN A 102 -12.43 -1.06 -1.84
CA ASN A 102 -13.73 -0.41 -1.77
C ASN A 102 -14.83 -1.46 -1.83
N ALA A 103 -16.04 -1.05 -1.50
CA ALA A 103 -17.17 -1.98 -1.48
C ALA A 103 -17.80 -2.09 -2.87
N GLY A 104 -17.81 -0.98 -3.60
CA GLY A 104 -18.37 -0.99 -4.94
C GLY A 104 -18.55 0.40 -5.50
N PRO A 105 -19.78 0.76 -5.90
CA PRO A 105 -20.07 2.06 -6.50
C PRO A 105 -19.74 3.22 -5.56
N ASP A 106 -18.50 3.67 -5.67
CA ASP A 106 -17.97 4.84 -4.94
C ASP A 106 -18.03 4.64 -3.42
N THR A 107 -18.32 3.43 -3.00
CA THR A 107 -18.33 3.10 -1.60
C THR A 107 -16.91 2.84 -1.14
N ASN A 108 -16.09 3.87 -1.27
CA ASN A 108 -14.70 3.84 -0.84
C ASN A 108 -14.64 3.91 0.69
N GLY A 109 -13.60 3.32 1.25
CA GLY A 109 -13.45 3.32 2.68
C GLY A 109 -12.02 3.59 3.09
N SER A 110 -11.55 2.89 4.11
CA SER A 110 -10.19 3.07 4.59
C SER A 110 -9.36 1.81 4.34
N GLN A 111 -9.94 0.87 3.61
CA GLN A 111 -9.28 -0.38 3.29
C GLN A 111 -8.33 -0.19 2.11
N PHE A 112 -7.15 -0.79 2.20
CA PHE A 112 -6.17 -0.76 1.13
C PHE A 112 -5.57 -2.14 0.96
N PHE A 113 -4.84 -2.38 -0.13
CA PHE A 113 -4.19 -3.67 -0.32
C PHE A 113 -3.01 -3.57 -1.26
N VAL A 114 -2.08 -4.49 -1.09
CA VAL A 114 -0.94 -4.63 -1.99
C VAL A 114 -1.04 -5.95 -2.72
N THR A 115 -0.67 -5.97 -3.98
CA THR A 115 -0.75 -7.19 -4.77
C THR A 115 0.59 -7.91 -4.77
N LEU A 116 0.54 -9.19 -4.45
CA LEU A 116 1.72 -10.04 -4.45
C LEU A 116 2.03 -10.54 -5.86
N ALA A 117 1.09 -10.31 -6.76
CA ALA A 117 1.27 -10.68 -8.15
C ALA A 117 0.53 -9.67 -9.05
N PRO A 118 0.83 -9.64 -10.36
CA PRO A 118 0.15 -8.77 -11.31
C PRO A 118 -1.34 -9.10 -11.44
N THR A 119 -2.18 -8.18 -11.02
CA THR A 119 -3.62 -8.38 -11.07
C THR A 119 -4.23 -7.66 -12.27
N GLN A 120 -4.74 -8.44 -13.22
CA GLN A 120 -5.30 -7.88 -14.45
C GLN A 120 -6.80 -8.17 -14.50
N TRP A 121 -7.39 -8.30 -13.32
CA TRP A 121 -8.81 -8.54 -13.18
C TRP A 121 -9.45 -7.56 -12.20
N LEU A 122 -8.65 -6.63 -11.69
CA LEU A 122 -9.11 -5.65 -10.71
C LEU A 122 -9.11 -4.25 -11.30
N ASP A 123 -8.86 -4.19 -12.58
CA ASP A 123 -8.73 -2.93 -13.32
C ASP A 123 -9.98 -2.06 -13.18
N GLY A 124 -11.10 -2.71 -12.96
CA GLY A 124 -12.36 -2.00 -12.80
C GLY A 124 -13.07 -2.41 -11.54
N LYS A 125 -12.29 -2.87 -10.58
CA LYS A 125 -12.85 -3.34 -9.32
C LYS A 125 -12.36 -2.48 -8.18
N HIS A 126 -11.09 -2.11 -8.23
CA HIS A 126 -10.47 -1.34 -7.15
C HIS A 126 -9.49 -0.32 -7.70
N THR A 127 -9.54 0.88 -7.14
CA THR A 127 -8.65 1.96 -7.53
C THR A 127 -7.21 1.65 -7.11
N ILE A 128 -6.30 1.62 -8.06
CA ILE A 128 -4.91 1.32 -7.76
C ILE A 128 -4.05 2.58 -7.90
N PHE A 129 -3.39 2.98 -6.83
CA PHE A 129 -2.53 4.16 -6.85
C PHE A 129 -1.48 4.10 -5.73
N GLY A 130 -0.50 3.26 -5.89
CA GLY A 130 0.52 3.15 -4.87
C GLY A 130 1.78 2.48 -5.33
N ARG A 131 2.89 2.86 -4.73
CA ARG A 131 4.17 2.24 -4.99
C ARG A 131 4.79 1.80 -3.68
N VAL A 132 5.04 0.51 -3.53
CA VAL A 132 5.72 0.02 -2.34
C VAL A 132 7.22 0.26 -2.47
N CYS A 133 7.80 0.80 -1.42
CA CYS A 133 9.18 1.27 -1.44
C CYS A 133 9.93 0.78 -0.21
N GLN A 134 11.20 0.40 -0.42
CA GLN A 134 12.13 -0.02 0.65
C GLN A 134 11.49 -0.92 1.72
N GLY A 135 10.58 -1.78 1.30
CA GLY A 135 9.94 -2.69 2.23
C GLY A 135 9.15 -3.78 1.52
N ILE A 136 9.69 -4.25 0.40
CA ILE A 136 9.00 -5.23 -0.42
C ILE A 136 9.27 -6.64 0.09
N GLY A 137 10.47 -6.86 0.62
CA GLY A 137 10.84 -8.17 1.12
C GLY A 137 9.91 -8.64 2.23
N MET A 138 9.45 -7.70 3.05
CA MET A 138 8.56 -8.02 4.14
C MET A 138 7.18 -8.40 3.60
N VAL A 139 6.62 -7.55 2.74
CA VAL A 139 5.34 -7.83 2.10
C VAL A 139 5.34 -9.20 1.44
N ASN A 140 6.51 -9.61 0.95
CA ASN A 140 6.65 -10.88 0.26
C ASN A 140 6.51 -12.04 1.24
N ARG A 141 7.29 -12.00 2.30
CA ARG A 141 7.26 -13.07 3.29
C ARG A 141 6.00 -12.99 4.15
N VAL A 142 5.31 -11.86 4.10
CA VAL A 142 4.06 -11.68 4.82
C VAL A 142 2.90 -12.23 3.98
N GLY A 143 2.99 -12.03 2.68
CA GLY A 143 1.94 -12.53 1.80
C GLY A 143 1.99 -14.02 1.61
N MET A 144 3.13 -14.60 1.91
CA MET A 144 3.32 -16.03 1.75
C MET A 144 3.17 -16.79 3.07
N VAL A 145 2.86 -16.06 4.15
CA VAL A 145 2.78 -16.67 5.48
C VAL A 145 1.85 -17.88 5.50
N GLU A 146 2.28 -18.92 6.16
CA GLU A 146 1.46 -20.11 6.32
C GLU A 146 1.16 -20.36 7.79
N THR A 147 2.20 -20.57 8.58
CA THR A 147 2.05 -20.80 10.00
C THR A 147 3.00 -19.95 10.82
N ASN A 148 2.59 -19.60 12.03
CA ASN A 148 3.41 -18.75 12.90
C ASN A 148 4.38 -19.60 13.70
N SER A 149 4.15 -20.90 13.69
CA SER A 149 5.05 -21.85 14.33
C SER A 149 4.98 -23.19 13.60
N GLN A 150 3.87 -23.90 13.78
CA GLN A 150 3.64 -25.16 13.11
C GLN A 150 2.20 -25.62 13.35
N ASP A 151 1.50 -25.96 12.27
CA ASP A 151 0.12 -26.44 12.33
C ASP A 151 -0.82 -25.35 12.88
N ARG A 152 -0.32 -24.12 12.92
CA ARG A 152 -1.08 -22.99 13.40
C ARG A 152 -0.73 -21.75 12.55
N PRO A 153 -1.74 -21.16 11.90
CA PRO A 153 -1.53 -20.19 10.81
C PRO A 153 -1.22 -18.76 11.26
N VAL A 154 -0.70 -17.98 10.33
CA VAL A 154 -0.51 -16.54 10.54
C VAL A 154 -1.63 -15.75 9.83
N ASP A 155 -2.32 -14.92 10.57
CA ASP A 155 -3.32 -14.04 9.99
C ASP A 155 -3.40 -12.74 10.79
N ASP A 156 -2.43 -12.55 11.68
CA ASP A 156 -2.45 -11.44 12.61
C ASP A 156 -1.39 -10.40 12.30
N VAL A 157 -1.01 -10.30 11.04
CA VAL A 157 -0.08 -9.25 10.63
C VAL A 157 -0.81 -7.91 10.64
N LYS A 158 -0.36 -7.01 11.50
CA LYS A 158 -1.04 -5.73 11.65
C LYS A 158 -0.10 -4.57 11.42
N ILE A 159 -0.67 -3.39 11.33
CA ILE A 159 0.11 -2.16 11.32
C ILE A 159 0.20 -1.65 12.74
N ILE A 160 1.32 -1.91 13.39
CA ILE A 160 1.50 -1.53 14.78
C ILE A 160 1.45 -0.01 14.90
N LYS A 161 2.39 0.66 14.25
CA LYS A 161 2.39 2.11 14.14
C LYS A 161 2.77 2.50 12.73
N ALA A 162 2.34 3.67 12.31
CA ALA A 162 2.64 4.16 10.98
C ALA A 162 2.88 5.65 11.03
N TYR A 163 3.73 6.14 10.13
CA TYR A 163 4.15 7.53 10.13
C TYR A 163 4.58 7.92 8.72
N PRO A 164 4.33 9.17 8.32
CA PRO A 164 4.79 9.68 7.04
C PRO A 164 6.29 9.97 7.04
N SER A 165 6.93 9.69 5.92
CA SER A 165 8.37 9.95 5.77
C SER A 165 8.60 11.17 4.89
N GLY A 166 9.52 12.02 5.29
CA GLY A 166 9.76 13.26 4.57
C GLY A 166 10.40 13.04 3.22
N GLY A 167 11.33 12.09 3.16
CA GLY A 167 12.04 11.83 1.93
C GLY A 167 11.98 10.37 1.52
N GLY A 168 12.41 10.09 0.29
CA GLY A 168 12.40 8.74 -0.22
C GLY A 168 12.97 8.67 -1.62
N GLY A 169 13.46 7.50 -2.01
CA GLY A 169 14.01 7.34 -3.34
C GLY A 169 15.46 6.89 -3.29
N SER A 170 15.84 6.05 -4.24
CA SER A 170 17.19 5.51 -4.31
C SER A 170 18.15 6.51 -4.97
N GLY A 171 17.58 7.46 -5.71
CA GLY A 171 18.38 8.49 -6.34
C GLY A 171 18.98 8.02 -7.66
N GLY A 172 19.94 7.10 -7.58
CA GLY A 172 20.61 6.63 -8.77
C GLY A 172 21.10 5.19 -8.62
N GLY A 173 22.25 4.91 -9.19
CA GLY A 173 22.79 3.57 -9.14
C GLY A 173 24.05 3.49 -8.31
N SER A 174 23.93 3.80 -7.03
CA SER A 174 25.06 3.79 -6.12
C SER A 174 25.20 2.43 -5.44
N GLY A 175 26.40 1.86 -5.53
CA GLY A 175 26.65 0.57 -4.90
C GLY A 175 28.01 0.03 -5.27
N GLY A 176 28.06 -0.70 -6.38
CA GLY A 176 29.31 -1.24 -6.86
C GLY A 176 29.60 -0.83 -8.29
N GLY A 177 29.42 0.46 -8.58
CA GLY A 177 29.69 0.97 -9.91
C GLY A 177 28.61 0.59 -10.91
N SER A 178 28.70 -0.63 -11.43
CA SER A 178 27.72 -1.12 -12.39
C SER A 178 26.56 -1.81 -11.67
N GLY A 179 26.74 -2.05 -10.38
CA GLY A 179 25.70 -2.65 -9.58
C GLY A 179 25.24 -1.73 -8.47
N GLY A 180 24.25 -0.90 -8.76
CA GLY A 180 23.78 0.05 -7.79
C GLY A 180 22.35 -0.19 -7.38
N GLY A 181 21.92 -1.45 -7.46
CA GLY A 181 20.58 -1.80 -7.06
C GLY A 181 20.50 -2.08 -5.56
N SER A 182 20.77 -1.07 -4.76
CA SER A 182 20.77 -1.21 -3.32
C SER A 182 19.45 -0.70 -2.73
N GLY A 183 18.88 -1.47 -1.81
CA GLY A 183 17.64 -1.07 -1.18
C GLY A 183 16.47 -1.89 -1.66
N ASP A 184 15.34 -1.79 -0.97
CA ASP A 184 14.14 -2.53 -1.33
C ASP A 184 13.20 -1.66 -2.13
N GLY A 185 12.13 -2.28 -2.60
CA GLY A 185 11.15 -1.57 -3.38
C GLY A 185 10.40 -2.52 -4.28
N GLY A 186 9.12 -2.25 -4.49
CA GLY A 186 8.34 -3.11 -5.35
C GLY A 186 8.58 -2.85 -6.81
N ALA A 187 7.66 -3.29 -7.64
CA ALA A 187 7.76 -3.09 -9.07
C ALA A 187 7.30 -1.68 -9.44
N PHE A 188 7.40 -1.33 -10.71
CA PHE A 188 7.05 0.02 -11.16
C PHE A 188 5.86 -0.05 -12.11
N PRO A 189 4.64 0.07 -11.58
CA PRO A 189 3.41 -0.11 -12.34
C PRO A 189 3.15 1.00 -13.35
N GLU A 190 3.81 2.13 -13.17
CA GLU A 190 3.53 3.31 -13.99
C GLU A 190 4.15 3.21 -15.38
N ILE A 191 5.33 2.61 -15.45
CA ILE A 191 6.12 2.62 -16.68
C ILE A 191 5.53 1.71 -17.74
N HIS A 192 4.59 0.87 -17.32
CA HIS A 192 3.79 0.04 -18.22
C HIS A 192 4.62 -1.04 -18.89
N VAL A 193 5.65 -1.48 -18.20
CA VAL A 193 6.49 -2.57 -18.69
C VAL A 193 6.59 -3.64 -17.60
N ALA A 194 7.05 -4.83 -17.97
CA ALA A 194 7.13 -5.93 -17.02
C ALA A 194 8.44 -5.91 -16.23
N GLN A 195 8.31 -6.01 -14.91
CA GLN A 195 9.46 -6.12 -14.03
C GLN A 195 9.02 -6.73 -12.70
N TYR A 196 9.94 -7.39 -12.02
CA TYR A 196 9.61 -8.00 -10.75
C TYR A 196 10.49 -7.47 -9.64
N PRO A 197 9.89 -7.21 -8.47
CA PRO A 197 10.61 -6.66 -7.32
C PRO A 197 11.67 -7.64 -6.80
N LEU A 198 11.26 -8.89 -6.55
CA LEU A 198 12.18 -9.93 -6.08
C LEU A 198 11.67 -11.32 -6.46
N ASP A 199 11.15 -11.45 -7.68
CA ASP A 199 10.72 -12.75 -8.25
C ASP A 199 9.41 -13.24 -7.64
N MET A 200 8.98 -12.61 -6.55
CA MET A 200 7.82 -13.05 -5.77
C MET A 200 6.57 -13.29 -6.61
N GLY A 201 6.40 -12.53 -7.69
CA GLY A 201 5.18 -12.66 -8.47
C GLY A 201 5.35 -13.49 -9.73
N ARG A 202 6.54 -14.06 -9.94
CA ARG A 202 6.79 -14.85 -11.14
C ARG A 202 7.16 -16.28 -10.81
N LYS A 203 7.16 -16.57 -9.53
CA LYS A 203 7.39 -17.92 -9.04
C LYS A 203 6.45 -18.91 -9.72
#